data_2ROZ
#
_entry.id   2ROZ
#
loop_
_entity.id
_entity.type
_entity.pdbx_description
1 polymer 'peptide from Amyloid beta A4 protein'
2 polymer 'Amyloid beta A4 precursor protein-binding family B member 2'
#
loop_
_entity_poly.entity_id
_entity_poly.type
_entity_poly.pdbx_seq_one_letter_code
_entity_poly.pdbx_strand_id
1 'polypeptide(L)' DAAVTPEERHLSKMQQNGYENPTYKFFEQMQN A
2 'polypeptide(L)'
;GSSGSSGPTPKTELVQKFRVQYLGMLPVDRPVGMDTLNSAIENLMTSSSKEDWPSVNMNVADATVTVISEKNEEEVLVEC
RVRFLSFMGVGKDVHTFAFIMDTGNQRFECHVFWCEPNAANVSEAVQAACSGPSSG
;
B
#
# COMPACT_ATOMS: atom_id res chain seq x y z
N ASP A 1 -25.07 2.46 -23.91
CA ASP A 1 -24.34 2.49 -22.66
C ASP A 1 -23.09 3.36 -22.83
N ALA A 2 -23.10 4.50 -22.16
CA ALA A 2 -21.98 5.41 -22.24
C ALA A 2 -20.81 4.86 -21.40
N ALA A 3 -19.64 5.42 -21.64
CA ALA A 3 -18.45 5.00 -20.93
C ALA A 3 -18.24 5.91 -19.71
N VAL A 4 -18.05 5.27 -18.57
CA VAL A 4 -17.84 6.01 -17.34
C VAL A 4 -16.38 6.51 -17.28
N THR A 5 -16.08 7.23 -16.21
CA THR A 5 -14.74 7.76 -16.04
C THR A 5 -13.70 6.64 -16.13
N PRO A 6 -12.50 7.00 -16.68
CA PRO A 6 -11.43 6.04 -16.83
C PRO A 6 -10.76 5.75 -15.48
N GLU A 7 -10.40 6.82 -14.79
CA GLU A 7 -9.76 6.69 -13.50
C GLU A 7 -10.66 5.90 -12.53
N GLU A 8 -11.87 6.40 -12.36
CA GLU A 8 -12.83 5.77 -11.47
C GLU A 8 -12.73 4.25 -11.60
N ARG A 9 -12.64 3.79 -12.84
CA ARG A 9 -12.54 2.37 -13.12
C ARG A 9 -11.35 1.76 -12.35
N HIS A 10 -10.20 2.40 -12.51
CA HIS A 10 -8.99 1.93 -11.84
C HIS A 10 -9.28 1.73 -10.35
N LEU A 11 -10.07 2.63 -9.81
CA LEU A 11 -10.42 2.57 -8.41
C LEU A 11 -11.49 1.50 -8.19
N SER A 12 -12.67 1.77 -8.74
CA SER A 12 -13.78 0.83 -8.62
C SER A 12 -13.27 -0.60 -8.80
N LYS A 13 -12.29 -0.74 -9.68
CA LYS A 13 -11.71 -2.04 -9.96
C LYS A 13 -11.11 -2.62 -8.68
N MET A 14 -10.20 -1.84 -8.10
CA MET A 14 -9.55 -2.26 -6.87
C MET A 14 -10.56 -2.46 -5.74
N GLN A 15 -11.46 -1.49 -5.62
CA GLN A 15 -12.48 -1.55 -4.59
C GLN A 15 -13.06 -2.96 -4.48
N GLN A 16 -13.00 -3.67 -5.61
CA GLN A 16 -13.51 -5.03 -5.65
C GLN A 16 -12.42 -5.99 -6.12
N ASN A 17 -12.29 -6.11 -7.43
CA ASN A 17 -11.29 -6.99 -8.01
C ASN A 17 -9.99 -6.86 -7.22
N GLY A 18 -9.74 -5.65 -6.75
CA GLY A 18 -8.53 -5.38 -5.98
C GLY A 18 -7.28 -5.49 -6.86
N TYR A 19 -6.24 -6.05 -6.27
CA TYR A 19 -4.99 -6.22 -6.98
C TYR A 19 -4.06 -7.21 -6.25
N GLU A 20 -3.53 -8.14 -7.02
CA GLU A 20 -2.64 -9.14 -6.46
C GLU A 20 -1.26 -9.08 -7.13
N ASN A 21 -0.28 -8.69 -6.35
CA ASN A 21 1.08 -8.58 -6.86
C ASN A 21 1.60 -9.97 -7.23
N PRO A 22 1.95 -10.13 -8.54
CA PRO A 22 2.46 -11.40 -9.03
C PRO A 22 3.90 -11.63 -8.58
N THR A 23 4.70 -10.58 -8.74
CA THR A 23 6.11 -10.65 -8.36
C THR A 23 6.26 -11.40 -7.02
N TYR A 24 5.33 -11.12 -6.12
CA TYR A 24 5.34 -11.76 -4.82
C TYR A 24 5.66 -13.25 -4.93
N LYS A 25 4.87 -13.93 -5.75
CA LYS A 25 5.05 -15.36 -5.95
C LYS A 25 4.77 -16.10 -4.65
N PHE A 26 3.49 -16.21 -4.33
CA PHE A 26 3.08 -16.90 -3.11
C PHE A 26 3.18 -18.41 -3.27
N PHE A 27 4.18 -18.98 -2.62
CA PHE A 27 4.39 -20.42 -2.68
C PHE A 27 3.07 -21.17 -2.69
N GLU A 28 2.98 -22.15 -3.58
CA GLU A 28 1.78 -22.95 -3.69
C GLU A 28 0.60 -22.08 -4.13
N GLN A 29 -0.40 -22.73 -4.69
CA GLN A 29 -1.59 -22.03 -5.15
C GLN A 29 -1.24 -21.12 -6.33
N MET A 30 -1.56 -21.59 -7.53
CA MET A 30 -1.28 -20.83 -8.74
C MET A 30 -2.52 -20.07 -9.19
N GLN A 31 -2.52 -18.77 -8.92
CA GLN A 31 -3.63 -17.92 -9.29
C GLN A 31 -4.11 -18.27 -10.70
N ASN A 32 -5.43 -18.25 -10.87
CA ASN A 32 -6.03 -18.55 -12.16
C ASN A 32 -5.82 -17.38 -13.10
N GLY B 1 24.20 -22.27 17.88
CA GLY B 1 23.96 -20.86 18.08
C GLY B 1 24.84 -20.01 17.16
N SER B 2 24.20 -19.45 16.15
CA SER B 2 24.91 -18.62 15.19
C SER B 2 23.94 -18.07 14.14
N SER B 3 24.34 -16.97 13.53
CA SER B 3 23.51 -16.34 12.51
C SER B 3 24.19 -15.07 11.99
N GLY B 4 23.74 -14.63 10.82
CA GLY B 4 24.30 -13.43 10.21
C GLY B 4 23.47 -13.01 8.99
N SER B 5 23.63 -11.74 8.63
CA SER B 5 22.91 -11.21 7.50
C SER B 5 23.46 -9.82 7.14
N SER B 6 22.99 -9.31 6.01
CA SER B 6 23.42 -7.99 5.55
C SER B 6 22.66 -7.61 4.27
N GLY B 7 22.78 -6.34 3.92
CA GLY B 7 22.11 -5.83 2.73
C GLY B 7 22.66 -4.46 2.34
N PRO B 8 22.48 -4.13 1.03
CA PRO B 8 22.96 -2.85 0.52
C PRO B 8 22.05 -1.71 0.97
N THR B 9 22.39 -0.51 0.53
CA THR B 9 21.62 0.67 0.88
C THR B 9 21.07 1.34 -0.39
N PRO B 10 20.01 2.16 -0.18
CA PRO B 10 19.38 2.86 -1.29
C PRO B 10 20.25 4.03 -1.77
N LYS B 11 19.91 4.54 -2.94
CA LYS B 11 20.65 5.65 -3.51
C LYS B 11 19.72 6.86 -3.64
N THR B 12 20.24 7.90 -4.28
CA THR B 12 19.48 9.13 -4.48
C THR B 12 18.78 9.11 -5.84
N GLU B 13 17.48 9.32 -5.81
CA GLU B 13 16.69 9.34 -7.03
C GLU B 13 15.40 10.14 -6.82
N LEU B 14 14.86 10.63 -7.93
CA LEU B 14 13.64 11.40 -7.88
C LEU B 14 12.46 10.48 -7.55
N VAL B 15 11.85 10.76 -6.41
CA VAL B 15 10.71 9.97 -5.96
C VAL B 15 9.42 10.75 -6.21
N GLN B 16 8.37 10.01 -6.52
CA GLN B 16 7.08 10.62 -6.78
C GLN B 16 6.54 11.29 -5.51
N LYS B 17 6.52 10.52 -4.44
CA LYS B 17 6.05 11.03 -3.16
C LYS B 17 4.54 11.31 -3.26
N PHE B 18 3.86 11.07 -2.16
CA PHE B 18 2.42 11.29 -2.11
C PHE B 18 1.97 11.60 -0.68
N ARG B 19 1.71 12.88 -0.43
CA ARG B 19 1.26 13.32 0.87
C ARG B 19 -0.16 12.84 1.15
N VAL B 20 -0.29 12.03 2.20
CA VAL B 20 -1.59 11.50 2.57
C VAL B 20 -1.64 11.33 4.09
N GLN B 21 -2.60 10.52 4.53
CA GLN B 21 -2.78 10.26 5.95
C GLN B 21 -2.46 8.81 6.27
N TYR B 22 -2.29 8.53 7.56
CA TYR B 22 -1.98 7.19 8.00
C TYR B 22 -3.06 6.68 8.95
N LEU B 23 -3.91 5.81 8.42
CA LEU B 23 -4.99 5.24 9.20
C LEU B 23 -4.39 4.40 10.34
N GLY B 24 -3.28 3.76 10.03
CA GLY B 24 -2.60 2.94 11.02
C GLY B 24 -2.31 1.55 10.46
N MET B 25 -1.88 0.66 11.34
CA MET B 25 -1.56 -0.71 10.95
C MET B 25 -2.62 -1.69 11.46
N LEU B 26 -3.12 -2.49 10.53
CA LEU B 26 -4.13 -3.49 10.87
C LEU B 26 -3.59 -4.88 10.59
N PRO B 27 -3.79 -5.79 11.58
CA PRO B 27 -3.33 -7.16 11.44
C PRO B 27 -4.22 -7.96 10.48
N VAL B 28 -3.60 -8.89 9.79
CA VAL B 28 -4.32 -9.71 8.83
C VAL B 28 -3.92 -11.18 9.03
N ASP B 29 -4.50 -12.03 8.19
CA ASP B 29 -4.21 -13.46 8.26
C ASP B 29 -3.45 -13.88 7.00
N ARG B 30 -4.07 -13.63 5.86
CA ARG B 30 -3.47 -13.98 4.58
C ARG B 30 -2.76 -12.76 3.99
N PRO B 31 -1.81 -13.05 3.06
CA PRO B 31 -1.06 -11.99 2.40
C PRO B 31 -1.91 -11.28 1.35
N VAL B 32 -3.04 -11.89 1.04
CA VAL B 32 -3.95 -11.33 0.06
C VAL B 32 -5.39 -11.52 0.53
N GLY B 33 -6.32 -11.08 -0.30
CA GLY B 33 -7.73 -11.19 0.02
C GLY B 33 -8.37 -9.81 0.15
N MET B 34 -9.52 -9.67 -0.48
CA MET B 34 -10.25 -8.40 -0.45
C MET B 34 -10.89 -8.17 0.92
N ASP B 35 -11.52 -9.22 1.43
CA ASP B 35 -12.17 -9.15 2.73
C ASP B 35 -11.11 -8.99 3.82
N THR B 36 -9.89 -9.35 3.46
CA THR B 36 -8.78 -9.25 4.40
C THR B 36 -8.25 -7.81 4.45
N LEU B 37 -8.46 -7.09 3.36
CA LEU B 37 -8.02 -5.71 3.27
C LEU B 37 -9.09 -4.80 3.85
N ASN B 38 -10.24 -4.78 3.18
CA ASN B 38 -11.35 -3.96 3.62
C ASN B 38 -11.46 -4.01 5.15
N SER B 39 -11.47 -5.25 5.66
CA SER B 39 -11.57 -5.45 7.09
C SER B 39 -10.69 -4.44 7.83
N ALA B 40 -9.46 -4.33 7.35
CA ALA B 40 -8.51 -3.39 7.95
C ALA B 40 -9.08 -1.98 7.88
N ILE B 41 -9.19 -1.49 6.65
CA ILE B 41 -9.71 -0.14 6.44
C ILE B 41 -10.90 0.10 7.38
N GLU B 42 -11.79 -0.88 7.42
CA GLU B 42 -12.96 -0.79 8.27
C GLU B 42 -12.55 -0.71 9.74
N ASN B 43 -11.68 -1.63 10.13
CA ASN B 43 -11.21 -1.67 11.51
C ASN B 43 -10.61 -0.31 11.87
N LEU B 44 -9.52 0.03 11.19
CA LEU B 44 -8.84 1.29 11.43
C LEU B 44 -9.88 2.42 11.43
N MET B 45 -10.66 2.47 10.36
CA MET B 45 -11.68 3.48 10.23
C MET B 45 -12.36 3.77 11.56
N THR B 46 -13.06 2.76 12.07
CA THR B 46 -13.75 2.88 13.33
C THR B 46 -12.74 3.00 14.48
N SER B 47 -11.81 2.06 14.51
CA SER B 47 -10.79 2.05 15.54
C SER B 47 -10.37 3.49 15.88
N SER B 48 -9.43 3.98 15.10
CA SER B 48 -8.92 5.33 15.29
C SER B 48 -9.88 6.34 14.67
N SER B 49 -9.58 7.62 14.90
CA SER B 49 -10.41 8.68 14.36
C SER B 49 -9.82 9.18 13.03
N LYS B 50 -10.56 10.09 12.40
CA LYS B 50 -10.11 10.65 11.14
C LYS B 50 -8.99 11.65 11.39
N GLU B 51 -9.15 12.43 12.45
CA GLU B 51 -8.16 13.43 12.81
C GLU B 51 -6.94 12.76 13.44
N ASP B 52 -7.17 11.58 13.99
CA ASP B 52 -6.10 10.82 14.63
C ASP B 52 -5.05 10.45 13.57
N TRP B 53 -5.55 10.09 12.40
CA TRP B 53 -4.67 9.71 11.31
C TRP B 53 -3.69 10.87 11.06
N PRO B 54 -2.39 10.59 11.39
CA PRO B 54 -1.36 11.59 11.21
C PRO B 54 -0.99 11.75 9.73
N SER B 55 -0.27 12.82 9.44
CA SER B 55 0.15 13.09 8.08
C SER B 55 1.50 12.43 7.80
N VAL B 56 1.58 11.75 6.67
CA VAL B 56 2.80 11.07 6.28
C VAL B 56 3.11 11.38 4.81
N ASN B 57 4.18 10.79 4.33
CA ASN B 57 4.60 10.99 2.95
C ASN B 57 4.87 9.62 2.30
N MET B 58 3.98 9.24 1.41
CA MET B 58 4.10 7.97 0.71
C MET B 58 5.06 8.09 -0.47
N ASN B 59 6.26 7.55 -0.29
CA ASN B 59 7.27 7.60 -1.34
C ASN B 59 7.01 6.47 -2.33
N VAL B 60 6.95 6.84 -3.60
CA VAL B 60 6.71 5.87 -4.65
C VAL B 60 7.74 6.07 -5.77
N ALA B 61 8.70 5.15 -5.82
CA ALA B 61 9.74 5.22 -6.83
C ALA B 61 9.46 4.18 -7.92
N ASP B 62 10.52 3.82 -8.63
CA ASP B 62 10.41 2.84 -9.70
C ASP B 62 9.47 1.71 -9.24
N ALA B 63 9.85 1.08 -8.14
CA ALA B 63 9.07 -0.01 -7.60
C ALA B 63 9.33 -0.13 -6.10
N THR B 64 8.90 0.89 -5.37
CA THR B 64 9.09 0.91 -3.93
C THR B 64 8.09 1.86 -3.27
N VAL B 65 7.47 1.38 -2.20
CA VAL B 65 6.49 2.17 -1.48
C VAL B 65 6.95 2.34 -0.04
N THR B 66 7.49 3.52 0.24
CA THR B 66 7.97 3.83 1.58
C THR B 66 7.15 4.96 2.19
N VAL B 67 6.95 4.87 3.50
CA VAL B 67 6.19 5.89 4.22
C VAL B 67 7.13 6.67 5.14
N ILE B 68 7.52 7.84 4.68
CA ILE B 68 8.41 8.69 5.45
C ILE B 68 7.59 9.77 6.16
N SER B 69 8.05 10.12 7.36
CA SER B 69 7.37 11.14 8.15
C SER B 69 7.18 12.40 7.32
N GLU B 70 6.08 13.09 7.60
CA GLU B 70 5.77 14.32 6.89
C GLU B 70 6.81 15.39 7.21
N LYS B 71 7.00 15.63 8.50
CA LYS B 71 7.96 16.63 8.94
C LYS B 71 9.36 16.24 8.47
N ASN B 72 9.92 15.25 9.15
CA ASN B 72 11.25 14.77 8.82
C ASN B 72 11.20 14.07 7.46
N GLU B 73 12.36 14.03 6.81
CA GLU B 73 12.46 13.40 5.50
C GLU B 73 13.32 12.14 5.60
N GLU B 74 14.22 12.14 6.58
CA GLU B 74 15.10 11.00 6.78
C GLU B 74 14.58 10.13 7.92
N GLU B 75 13.26 10.09 8.04
CA GLU B 75 12.63 9.29 9.08
C GLU B 75 11.59 8.35 8.46
N VAL B 76 12.07 7.20 8.01
CA VAL B 76 11.19 6.21 7.42
C VAL B 76 10.18 5.72 8.45
N LEU B 77 9.03 5.29 7.95
CA LEU B 77 7.98 4.79 8.83
C LEU B 77 7.62 3.36 8.43
N VAL B 78 7.37 3.18 7.13
CA VAL B 78 7.02 1.86 6.62
C VAL B 78 7.66 1.69 5.24
N GLU B 79 8.40 0.60 5.10
CA GLU B 79 9.06 0.30 3.85
C GLU B 79 8.35 -0.85 3.14
N CYS B 80 7.44 -0.47 2.25
CA CYS B 80 6.68 -1.45 1.49
C CYS B 80 7.26 -1.54 0.08
N ARG B 81 8.11 -2.54 -0.12
CA ARG B 81 8.75 -2.74 -1.41
C ARG B 81 7.76 -3.39 -2.39
N VAL B 82 7.57 -2.73 -3.52
CA VAL B 82 6.68 -3.23 -4.54
C VAL B 82 6.92 -4.73 -4.74
N ARG B 83 8.14 -5.14 -4.44
CA ARG B 83 8.52 -6.54 -4.59
C ARG B 83 7.90 -7.37 -3.45
N PHE B 84 7.99 -6.82 -2.25
CA PHE B 84 7.44 -7.50 -1.09
C PHE B 84 5.91 -7.43 -1.07
N LEU B 85 5.40 -6.26 -1.43
CA LEU B 85 3.96 -6.05 -1.47
C LEU B 85 3.28 -7.29 -2.04
N SER B 86 2.13 -7.62 -1.48
CA SER B 86 1.38 -8.77 -1.93
C SER B 86 0.03 -8.33 -2.50
N PHE B 87 -0.74 -7.66 -1.67
CA PHE B 87 -2.05 -7.17 -2.08
C PHE B 87 -2.21 -5.68 -1.76
N MET B 88 -3.11 -5.05 -2.50
CA MET B 88 -3.37 -3.63 -2.30
C MET B 88 -4.65 -3.21 -3.01
N GLY B 89 -5.42 -2.38 -2.31
CA GLY B 89 -6.68 -1.90 -2.87
C GLY B 89 -7.27 -0.78 -2.00
N VAL B 90 -8.58 -0.67 -2.04
CA VAL B 90 -9.27 0.35 -1.27
C VAL B 90 -10.44 -0.30 -0.51
N GLY B 91 -11.01 0.47 0.41
CA GLY B 91 -12.13 -0.02 1.20
C GLY B 91 -13.45 0.36 0.55
N LYS B 92 -14.30 1.03 1.32
CA LYS B 92 -15.60 1.44 0.83
C LYS B 92 -15.48 2.82 0.19
N ASP B 93 -14.37 3.48 0.47
CA ASP B 93 -14.11 4.81 -0.07
C ASP B 93 -12.80 4.79 -0.85
N VAL B 94 -12.87 5.34 -2.06
CA VAL B 94 -11.69 5.40 -2.92
C VAL B 94 -10.67 6.35 -2.30
N HIS B 95 -11.13 7.13 -1.34
CA HIS B 95 -10.26 8.09 -0.67
C HIS B 95 -9.27 7.35 0.23
N THR B 96 -9.55 6.06 0.42
CA THR B 96 -8.69 5.23 1.24
C THR B 96 -7.83 4.31 0.37
N PHE B 97 -6.75 3.84 0.96
CA PHE B 97 -5.83 2.96 0.24
C PHE B 97 -4.99 2.14 1.22
N ALA B 98 -5.21 0.83 1.20
CA ALA B 98 -4.47 -0.06 2.08
C ALA B 98 -3.68 -1.06 1.23
N PHE B 99 -2.68 -1.66 1.86
CA PHE B 99 -1.85 -2.64 1.18
C PHE B 99 -1.20 -3.60 2.18
N ILE B 100 -1.09 -4.85 1.76
CA ILE B 100 -0.50 -5.87 2.60
C ILE B 100 0.99 -6.01 2.26
N MET B 101 1.78 -6.22 3.30
CA MET B 101 3.21 -6.37 3.13
C MET B 101 3.76 -7.46 4.06
N ASP B 102 4.74 -8.20 3.54
CA ASP B 102 5.36 -9.26 4.30
C ASP B 102 6.66 -8.76 4.91
N THR B 103 6.61 -8.52 6.21
CA THR B 103 7.77 -8.04 6.93
C THR B 103 8.90 -9.07 6.89
N GLY B 104 8.56 -10.28 7.32
CA GLY B 104 9.53 -11.36 7.33
C GLY B 104 8.83 -12.72 7.22
N ASN B 105 8.55 -13.29 8.38
CA ASN B 105 7.88 -14.58 8.45
C ASN B 105 6.56 -14.50 7.69
N GLN B 106 5.74 -15.53 7.90
CA GLN B 106 4.45 -15.58 7.25
C GLN B 106 3.57 -14.39 7.68
N ARG B 107 4.03 -13.73 8.73
CA ARG B 107 3.31 -12.58 9.25
C ARG B 107 3.09 -11.54 8.15
N PHE B 108 1.90 -10.97 8.15
CA PHE B 108 1.56 -9.97 7.16
C PHE B 108 0.90 -8.75 7.82
N GLU B 109 1.36 -7.57 7.40
CA GLU B 109 0.83 -6.33 7.94
C GLU B 109 0.18 -5.51 6.82
N CYS B 110 -0.87 -4.79 7.20
CA CYS B 110 -1.58 -3.95 6.25
C CYS B 110 -1.48 -2.50 6.73
N HIS B 111 -1.25 -1.61 5.76
CA HIS B 111 -1.14 -0.19 6.07
C HIS B 111 -2.15 0.59 5.25
N VAL B 112 -3.10 1.19 5.95
CA VAL B 112 -4.14 1.97 5.30
C VAL B 112 -3.72 3.44 5.26
N PHE B 113 -4.41 4.20 4.44
CA PHE B 113 -4.13 5.62 4.30
C PHE B 113 -5.35 6.38 3.80
N TRP B 114 -5.30 7.70 3.98
CA TRP B 114 -6.40 8.55 3.55
C TRP B 114 -5.85 9.54 2.53
N CYS B 115 -6.20 9.30 1.27
CA CYS B 115 -5.75 10.17 0.20
C CYS B 115 -6.85 11.19 -0.10
N GLU B 116 -6.47 12.26 -0.77
CA GLU B 116 -7.41 13.30 -1.13
C GLU B 116 -7.13 13.83 -2.53
N PRO B 117 -8.21 13.89 -3.35
CA PRO B 117 -9.52 13.47 -2.89
C PRO B 117 -9.62 11.94 -2.83
N ASN B 118 -9.48 11.32 -3.98
CA ASN B 118 -9.55 9.87 -4.06
C ASN B 118 -8.12 9.30 -4.04
N ALA B 119 -8.06 7.97 -4.04
CA ALA B 119 -6.78 7.29 -4.02
C ALA B 119 -6.49 6.71 -5.41
N ALA B 120 -6.73 7.54 -6.42
CA ALA B 120 -6.50 7.14 -7.79
C ALA B 120 -5.01 7.26 -8.11
N ASN B 121 -4.45 8.41 -7.76
CA ASN B 121 -3.04 8.67 -8.01
C ASN B 121 -2.20 7.73 -7.14
N VAL B 122 -2.54 7.68 -5.86
CA VAL B 122 -1.83 6.84 -4.92
C VAL B 122 -1.83 5.40 -5.44
N SER B 123 -3.00 4.79 -5.41
CA SER B 123 -3.14 3.43 -5.88
C SER B 123 -2.48 3.26 -7.24
N GLU B 124 -2.56 4.33 -8.03
CA GLU B 124 -1.98 4.32 -9.37
C GLU B 124 -0.45 4.25 -9.27
N ALA B 125 0.11 5.15 -8.47
CA ALA B 125 1.55 5.22 -8.30
C ALA B 125 2.03 3.89 -7.71
N VAL B 126 1.09 3.15 -7.14
CA VAL B 126 1.41 1.86 -6.55
C VAL B 126 1.20 0.75 -7.58
N GLN B 127 0.01 0.76 -8.19
CA GLN B 127 -0.33 -0.23 -9.19
C GLN B 127 0.71 -0.22 -10.31
N ALA B 128 1.08 0.98 -10.72
CA ALA B 128 2.07 1.13 -11.79
C ALA B 128 3.43 0.65 -11.29
N ALA B 129 3.69 0.93 -10.02
CA ALA B 129 4.95 0.53 -9.41
C ALA B 129 5.12 -0.98 -9.54
N CYS B 130 4.13 -1.70 -9.00
CA CYS B 130 4.15 -3.15 -9.04
C CYS B 130 4.65 -3.58 -10.42
N SER B 131 4.05 -3.01 -11.44
CA SER B 131 4.41 -3.32 -12.81
C SER B 131 3.53 -2.54 -13.79
N GLY B 132 2.26 -2.46 -13.45
CA GLY B 132 1.31 -1.75 -14.28
C GLY B 132 1.02 -2.52 -15.57
N PRO B 133 -0.05 -2.06 -16.28
CA PRO B 133 -0.43 -2.71 -17.53
C PRO B 133 0.53 -2.35 -18.66
N SER B 134 1.77 -2.80 -18.50
CA SER B 134 2.80 -2.54 -19.50
C SER B 134 2.93 -1.02 -19.72
N SER B 135 4.01 -0.47 -19.19
CA SER B 135 4.26 0.95 -19.33
C SER B 135 5.13 1.21 -20.56
N GLY B 136 6.29 0.55 -20.59
CA GLY B 136 7.20 0.69 -21.71
C GLY B 136 6.53 0.34 -23.03
N ASP A 1 -25.87 4.11 -15.52
CA ASP A 1 -24.42 3.96 -15.44
C ASP A 1 -23.88 3.45 -16.79
N ALA A 2 -23.43 4.39 -17.60
CA ALA A 2 -22.90 4.04 -18.91
C ALA A 2 -21.48 4.61 -19.04
N ALA A 3 -20.51 3.74 -18.81
CA ALA A 3 -19.12 4.13 -18.90
C ALA A 3 -18.83 5.21 -17.85
N VAL A 4 -18.27 4.76 -16.74
CA VAL A 4 -17.94 5.68 -15.65
C VAL A 4 -16.58 6.32 -15.93
N THR A 5 -16.29 7.37 -15.17
CA THR A 5 -15.04 8.09 -15.33
C THR A 5 -13.89 7.11 -15.52
N PRO A 6 -12.85 7.57 -16.27
CA PRO A 6 -11.68 6.74 -16.53
C PRO A 6 -10.78 6.65 -15.30
N GLU A 7 -11.15 7.43 -14.29
CA GLU A 7 -10.39 7.45 -13.04
C GLU A 7 -11.05 6.55 -12.00
N GLU A 8 -12.38 6.47 -12.08
CA GLU A 8 -13.14 5.66 -11.16
C GLU A 8 -12.96 4.18 -11.48
N ARG A 9 -13.19 3.85 -12.74
CA ARG A 9 -13.06 2.48 -13.20
C ARG A 9 -11.76 1.87 -12.69
N HIS A 10 -10.76 2.73 -12.57
CA HIS A 10 -9.45 2.29 -12.09
C HIS A 10 -9.56 1.88 -10.62
N LEU A 11 -10.29 2.68 -9.87
CA LEU A 11 -10.48 2.42 -8.45
C LEU A 11 -11.52 1.32 -8.28
N SER A 12 -12.70 1.58 -8.81
CA SER A 12 -13.80 0.62 -8.72
C SER A 12 -13.26 -0.80 -8.91
N LYS A 13 -12.21 -0.90 -9.69
CA LYS A 13 -11.59 -2.18 -9.96
C LYS A 13 -10.99 -2.74 -8.67
N MET A 14 -10.05 -2.00 -8.11
CA MET A 14 -9.40 -2.40 -6.88
C MET A 14 -10.38 -2.37 -5.71
N GLN A 15 -11.39 -1.53 -5.84
CA GLN A 15 -12.40 -1.40 -4.80
C GLN A 15 -12.85 -2.77 -4.32
N GLN A 16 -13.04 -3.67 -5.28
CA GLN A 16 -13.47 -5.02 -4.97
C GLN A 16 -12.55 -6.04 -5.66
N ASN A 17 -12.22 -5.75 -6.90
CA ASN A 17 -11.36 -6.62 -7.67
C ASN A 17 -9.93 -6.52 -7.14
N GLY A 18 -9.72 -5.53 -6.30
CA GLY A 18 -8.41 -5.31 -5.71
C GLY A 18 -7.30 -5.52 -6.75
N TYR A 19 -6.10 -5.73 -6.25
CA TYR A 19 -4.95 -5.95 -7.12
C TYR A 19 -3.95 -6.89 -6.47
N GLU A 20 -3.53 -7.89 -7.24
CA GLU A 20 -2.57 -8.87 -6.76
C GLU A 20 -1.24 -8.71 -7.49
N ASN A 21 -0.17 -8.70 -6.70
CA ASN A 21 1.17 -8.56 -7.26
C ASN A 21 1.72 -9.94 -7.60
N PRO A 22 2.11 -10.10 -8.90
CA PRO A 22 2.66 -11.36 -9.36
C PRO A 22 4.09 -11.55 -8.87
N THR A 23 4.81 -10.44 -8.80
CA THR A 23 6.19 -10.48 -8.36
C THR A 23 6.32 -11.30 -7.07
N TYR A 24 5.40 -11.04 -6.16
CA TYR A 24 5.40 -11.75 -4.88
C TYR A 24 5.58 -13.25 -5.10
N LYS A 25 6.39 -13.84 -4.23
CA LYS A 25 6.66 -15.27 -4.31
C LYS A 25 6.95 -15.82 -2.90
N PHE A 26 5.88 -15.95 -2.14
CA PHE A 26 6.00 -16.47 -0.78
C PHE A 26 6.05 -18.00 -0.76
N PHE A 27 6.87 -18.53 -1.64
CA PHE A 27 7.02 -19.97 -1.75
C PHE A 27 5.66 -20.67 -1.72
N GLU A 28 5.13 -20.89 -2.92
CA GLU A 28 3.83 -21.54 -3.06
C GLU A 28 3.78 -22.80 -2.18
N GLN A 29 4.58 -23.78 -2.57
CA GLN A 29 4.63 -25.03 -1.84
C GLN A 29 3.23 -25.63 -1.69
N MET A 30 2.74 -26.16 -2.80
CA MET A 30 1.41 -26.77 -2.81
C MET A 30 1.50 -28.28 -3.00
N GLN A 31 0.72 -28.99 -2.19
CA GLN A 31 0.71 -30.44 -2.27
C GLN A 31 -0.57 -30.98 -1.60
N ASN A 32 -1.15 -31.98 -2.26
CA ASN A 32 -2.36 -32.59 -1.75
C ASN A 32 -3.29 -31.50 -1.19
N GLY B 1 32.10 -8.59 7.04
CA GLY B 1 32.62 -8.56 8.39
C GLY B 1 34.00 -7.91 8.45
N SER B 2 34.00 -6.58 8.43
CA SER B 2 35.24 -5.84 8.47
C SER B 2 34.95 -4.34 8.55
N SER B 3 35.90 -3.62 9.11
CA SER B 3 35.75 -2.17 9.26
C SER B 3 35.64 -1.52 7.88
N GLY B 4 34.39 -1.26 7.49
CA GLY B 4 34.14 -0.64 6.21
C GLY B 4 33.57 0.78 6.38
N SER B 5 32.34 0.95 5.92
CA SER B 5 31.68 2.25 6.02
C SER B 5 30.21 2.11 5.64
N SER B 6 29.36 2.38 6.61
CA SER B 6 27.92 2.30 6.39
C SER B 6 27.40 3.64 5.86
N GLY B 7 27.10 3.65 4.58
CA GLY B 7 26.58 4.85 3.93
C GLY B 7 25.32 4.54 3.11
N PRO B 8 24.76 5.62 2.51
CA PRO B 8 23.56 5.48 1.69
C PRO B 8 23.90 4.85 0.33
N THR B 9 22.91 4.85 -0.55
CA THR B 9 23.09 4.28 -1.87
C THR B 9 23.60 5.35 -2.84
N PRO B 10 24.48 4.90 -3.77
CA PRO B 10 25.06 5.80 -4.76
C PRO B 10 24.03 6.15 -5.84
N LYS B 11 24.43 7.10 -6.69
CA LYS B 11 23.56 7.54 -7.76
C LYS B 11 22.28 8.16 -7.18
N THR B 12 21.95 9.32 -7.68
CA THR B 12 20.76 10.02 -7.22
C THR B 12 19.50 9.41 -7.83
N GLU B 13 18.43 9.47 -7.06
CA GLU B 13 17.16 8.92 -7.50
C GLU B 13 16.04 9.94 -7.31
N LEU B 14 15.01 9.80 -8.14
CA LEU B 14 13.87 10.71 -8.06
C LEU B 14 12.60 9.90 -7.80
N VAL B 15 11.83 10.36 -6.82
CA VAL B 15 10.59 9.70 -6.46
C VAL B 15 9.41 10.61 -6.77
N GLN B 16 8.22 10.07 -6.59
CA GLN B 16 7.01 10.83 -6.85
C GLN B 16 6.47 11.44 -5.54
N LYS B 17 6.57 10.65 -4.49
CA LYS B 17 6.10 11.10 -3.19
C LYS B 17 4.58 11.29 -3.22
N PHE B 18 3.97 11.12 -2.07
CA PHE B 18 2.53 11.27 -1.96
C PHE B 18 2.11 11.56 -0.52
N ARG B 19 1.97 12.85 -0.22
CA ARG B 19 1.58 13.27 1.11
C ARG B 19 0.12 12.89 1.38
N VAL B 20 -0.04 11.82 2.16
CA VAL B 20 -1.37 11.35 2.50
C VAL B 20 -1.47 11.17 4.01
N GLN B 21 -2.54 10.51 4.43
CA GLN B 21 -2.76 10.26 5.84
C GLN B 21 -2.42 8.81 6.19
N TYR B 22 -2.33 8.55 7.49
CA TYR B 22 -2.00 7.22 7.97
C TYR B 22 -3.08 6.70 8.92
N LEU B 23 -3.85 5.74 8.43
CA LEU B 23 -4.92 5.16 9.24
C LEU B 23 -4.30 4.32 10.35
N GLY B 24 -3.22 3.63 10.02
CA GLY B 24 -2.53 2.79 10.98
C GLY B 24 -2.28 1.39 10.42
N MET B 25 -1.79 0.52 11.29
CA MET B 25 -1.48 -0.85 10.89
C MET B 25 -2.54 -1.81 11.43
N LEU B 26 -3.12 -2.59 10.52
CA LEU B 26 -4.13 -3.55 10.89
C LEU B 26 -3.62 -4.97 10.59
N PRO B 27 -3.83 -5.87 11.58
CA PRO B 27 -3.41 -7.26 11.43
C PRO B 27 -4.32 -8.02 10.48
N VAL B 28 -3.71 -8.85 9.65
CA VAL B 28 -4.46 -9.65 8.69
C VAL B 28 -4.07 -11.11 8.84
N ASP B 29 -4.67 -11.94 8.00
CA ASP B 29 -4.39 -13.37 8.01
C ASP B 29 -3.89 -13.82 6.64
N ARG B 30 -4.64 -13.41 5.62
CA ARG B 30 -4.29 -13.75 4.25
C ARG B 30 -3.48 -12.62 3.61
N PRO B 31 -2.56 -13.02 2.70
CA PRO B 31 -1.72 -12.05 2.00
C PRO B 31 -2.51 -11.32 0.93
N VAL B 32 -3.48 -12.01 0.37
CA VAL B 32 -4.32 -11.44 -0.68
C VAL B 32 -5.78 -11.57 -0.28
N GLY B 33 -6.62 -10.75 -0.92
CA GLY B 33 -8.04 -10.77 -0.63
C GLY B 33 -8.49 -9.45 -0.02
N MET B 34 -9.59 -8.94 -0.54
CA MET B 34 -10.14 -7.68 -0.06
C MET B 34 -10.88 -7.88 1.27
N ASP B 35 -11.57 -9.00 1.36
CA ASP B 35 -12.32 -9.32 2.56
C ASP B 35 -11.43 -9.07 3.79
N THR B 36 -10.15 -9.32 3.62
CA THR B 36 -9.19 -9.12 4.69
C THR B 36 -8.69 -7.68 4.70
N LEU B 37 -8.31 -7.21 3.51
CA LEU B 37 -7.81 -5.86 3.37
C LEU B 37 -8.85 -4.87 3.90
N ASN B 38 -10.00 -4.87 3.25
CA ASN B 38 -11.08 -3.98 3.65
C ASN B 38 -11.23 -4.02 5.17
N SER B 39 -11.25 -5.24 5.69
CA SER B 39 -11.40 -5.43 7.13
C SER B 39 -10.55 -4.41 7.88
N ALA B 40 -9.30 -4.27 7.43
CA ALA B 40 -8.38 -3.34 8.05
C ALA B 40 -8.93 -1.91 7.90
N ILE B 41 -9.21 -1.54 6.66
CA ILE B 41 -9.73 -0.22 6.37
C ILE B 41 -10.94 0.06 7.29
N GLU B 42 -11.85 -0.90 7.32
CA GLU B 42 -13.03 -0.78 8.15
C GLU B 42 -12.65 -0.76 9.63
N ASN B 43 -11.63 -1.54 9.96
CA ASN B 43 -11.16 -1.62 11.33
C ASN B 43 -10.58 -0.26 11.75
N LEU B 44 -9.47 0.07 11.15
CA LEU B 44 -8.80 1.34 11.44
C LEU B 44 -9.83 2.47 11.36
N MET B 45 -10.60 2.45 10.29
CA MET B 45 -11.63 3.47 10.08
C MET B 45 -12.27 3.87 11.40
N THR B 46 -12.66 2.86 12.17
CA THR B 46 -13.30 3.10 13.46
C THR B 46 -12.26 3.03 14.58
N SER B 47 -11.32 2.11 14.42
CA SER B 47 -10.27 1.93 15.40
C SER B 47 -9.74 3.29 15.86
N SER B 48 -9.49 4.15 14.88
CA SER B 48 -8.98 5.48 15.17
C SER B 48 -9.91 6.54 14.57
N SER B 49 -9.58 7.79 14.83
CA SER B 49 -10.37 8.90 14.32
C SER B 49 -9.75 9.42 13.02
N LYS B 50 -10.49 10.33 12.38
CA LYS B 50 -10.03 10.92 11.14
C LYS B 50 -8.92 11.93 11.43
N GLU B 51 -9.12 12.67 12.50
CA GLU B 51 -8.14 13.68 12.91
C GLU B 51 -6.91 13.02 13.51
N ASP B 52 -7.10 11.78 13.96
CA ASP B 52 -6.02 11.03 14.57
C ASP B 52 -4.99 10.65 13.49
N TRP B 53 -5.52 10.19 12.37
CA TRP B 53 -4.67 9.80 11.25
C TRP B 53 -3.67 10.93 10.99
N PRO B 54 -2.38 10.64 11.33
CA PRO B 54 -1.33 11.62 11.15
C PRO B 54 -0.96 11.75 9.67
N SER B 55 -0.33 12.87 9.34
CA SER B 55 0.09 13.12 7.97
C SER B 55 1.45 12.48 7.71
N VAL B 56 1.53 11.76 6.60
CA VAL B 56 2.75 11.08 6.23
C VAL B 56 3.01 11.30 4.74
N ASN B 57 4.23 10.96 4.32
CA ASN B 57 4.61 11.10 2.92
C ASN B 57 4.87 9.72 2.32
N MET B 58 4.00 9.32 1.42
CA MET B 58 4.13 8.03 0.77
C MET B 58 5.05 8.12 -0.46
N ASN B 59 6.26 7.62 -0.29
CA ASN B 59 7.24 7.64 -1.37
C ASN B 59 6.93 6.49 -2.35
N VAL B 60 6.84 6.86 -3.61
CA VAL B 60 6.55 5.88 -4.66
C VAL B 60 7.54 6.06 -5.81
N ALA B 61 8.48 5.13 -5.89
CA ALA B 61 9.49 5.18 -6.93
C ALA B 61 9.23 4.06 -7.94
N ASP B 62 10.29 3.63 -8.60
CA ASP B 62 10.19 2.56 -9.58
C ASP B 62 9.21 1.51 -9.08
N ALA B 63 9.64 0.80 -8.04
CA ALA B 63 8.82 -0.25 -7.46
C ALA B 63 9.08 -0.33 -5.96
N THR B 64 8.67 0.73 -5.27
CA THR B 64 8.86 0.80 -3.82
C THR B 64 7.87 1.79 -3.20
N VAL B 65 7.32 1.38 -2.06
CA VAL B 65 6.37 2.23 -1.36
C VAL B 65 6.83 2.43 0.08
N THR B 66 7.44 3.58 0.31
CA THR B 66 7.94 3.92 1.63
C THR B 66 7.12 5.07 2.25
N VAL B 67 6.92 4.97 3.55
CA VAL B 67 6.16 5.99 4.25
C VAL B 67 7.09 6.76 5.18
N ILE B 68 7.46 7.95 4.75
CA ILE B 68 8.34 8.79 5.54
C ILE B 68 7.52 9.87 6.26
N SER B 69 8.00 10.24 7.44
CA SER B 69 7.32 11.25 8.23
C SER B 69 7.19 12.55 7.43
N GLU B 70 5.99 13.11 7.47
CA GLU B 70 5.72 14.34 6.75
C GLU B 70 6.79 15.39 7.06
N LYS B 71 6.95 15.65 8.35
CA LYS B 71 7.93 16.62 8.80
C LYS B 71 9.33 16.16 8.37
N ASN B 72 9.86 15.20 9.13
CA ASN B 72 11.17 14.67 8.85
C ASN B 72 11.13 13.85 7.56
N GLU B 73 11.86 14.33 6.56
CA GLU B 73 11.90 13.65 5.27
C GLU B 73 12.92 12.52 5.31
N GLU B 74 13.67 12.47 6.40
CA GLU B 74 14.70 11.45 6.56
C GLU B 74 14.27 10.45 7.64
N GLU B 75 13.00 10.50 7.99
CA GLU B 75 12.45 9.61 9.00
C GLU B 75 11.52 8.60 8.35
N VAL B 76 12.01 7.37 8.21
CA VAL B 76 11.23 6.30 7.62
C VAL B 76 10.21 5.81 8.64
N LEU B 77 9.04 5.44 8.12
CA LEU B 77 7.96 4.94 8.98
C LEU B 77 7.62 3.51 8.57
N VAL B 78 7.26 3.36 7.31
CA VAL B 78 6.90 2.06 6.77
C VAL B 78 7.56 1.87 5.40
N GLU B 79 8.09 0.67 5.19
CA GLU B 79 8.73 0.35 3.94
C GLU B 79 8.02 -0.80 3.24
N CYS B 80 7.10 -0.44 2.35
CA CYS B 80 6.34 -1.44 1.62
C CYS B 80 6.97 -1.59 0.23
N ARG B 81 7.88 -2.54 0.12
CA ARG B 81 8.55 -2.80 -1.14
C ARG B 81 7.61 -3.50 -2.11
N VAL B 82 7.32 -2.81 -3.21
CA VAL B 82 6.44 -3.36 -4.23
C VAL B 82 6.76 -4.84 -4.44
N ARG B 83 8.05 -5.15 -4.36
CA ARG B 83 8.50 -6.52 -4.54
C ARG B 83 7.91 -7.42 -3.45
N PHE B 84 8.07 -6.98 -2.21
CA PHE B 84 7.56 -7.72 -1.07
C PHE B 84 6.03 -7.69 -1.03
N LEU B 85 5.48 -6.54 -1.42
CA LEU B 85 4.05 -6.37 -1.43
C LEU B 85 3.38 -7.65 -1.93
N SER B 86 2.16 -7.86 -1.48
CA SER B 86 1.41 -9.05 -1.86
C SER B 86 0.05 -8.64 -2.44
N PHE B 87 -0.61 -7.74 -1.74
CA PHE B 87 -1.91 -7.25 -2.18
C PHE B 87 -2.11 -5.78 -1.81
N MET B 88 -2.99 -5.13 -2.55
CA MET B 88 -3.27 -3.72 -2.31
C MET B 88 -4.52 -3.28 -3.08
N GLY B 89 -5.42 -2.62 -2.35
CA GLY B 89 -6.65 -2.15 -2.94
C GLY B 89 -7.30 -1.07 -2.06
N VAL B 90 -8.61 -0.98 -2.17
CA VAL B 90 -9.35 0.00 -1.39
C VAL B 90 -10.57 -0.67 -0.76
N GLY B 91 -11.10 -0.03 0.27
CA GLY B 91 -12.26 -0.55 0.96
C GLY B 91 -13.55 -0.17 0.25
N LYS B 92 -14.38 0.59 0.94
CA LYS B 92 -15.65 1.03 0.38
C LYS B 92 -15.45 2.37 -0.33
N ASP B 93 -14.51 3.15 0.19
CA ASP B 93 -14.22 4.45 -0.37
C ASP B 93 -12.83 4.43 -1.00
N VAL B 94 -12.72 5.07 -2.15
CA VAL B 94 -11.45 5.13 -2.87
C VAL B 94 -10.47 6.03 -2.10
N HIS B 95 -11.03 7.07 -1.51
CA HIS B 95 -10.21 8.01 -0.75
C HIS B 95 -9.22 7.23 0.12
N THR B 96 -9.61 6.02 0.48
CA THR B 96 -8.77 5.18 1.30
C THR B 96 -7.97 4.21 0.42
N PHE B 97 -6.84 3.77 0.96
CA PHE B 97 -5.98 2.83 0.24
C PHE B 97 -5.07 2.07 1.20
N ALA B 98 -5.28 0.76 1.23
CA ALA B 98 -4.49 -0.10 2.10
C ALA B 98 -3.69 -1.08 1.24
N PHE B 99 -2.70 -1.70 1.87
CA PHE B 99 -1.86 -2.67 1.18
C PHE B 99 -1.23 -3.65 2.18
N ILE B 100 -1.12 -4.89 1.74
CA ILE B 100 -0.53 -5.93 2.58
C ILE B 100 0.95 -6.07 2.24
N MET B 101 1.77 -6.14 3.29
CA MET B 101 3.20 -6.28 3.12
C MET B 101 3.74 -7.45 3.95
N ASP B 102 4.75 -8.11 3.40
CA ASP B 102 5.37 -9.24 4.08
C ASP B 102 6.63 -8.76 4.79
N THR B 103 6.54 -8.70 6.11
CA THR B 103 7.67 -8.27 6.92
C THR B 103 8.43 -9.48 7.47
N GLY B 104 8.20 -10.62 6.83
CA GLY B 104 8.85 -11.85 7.24
C GLY B 104 7.82 -12.91 7.63
N ASN B 105 8.21 -14.17 7.46
CA ASN B 105 7.33 -15.28 7.79
C ASN B 105 5.98 -15.08 7.10
N GLN B 106 5.03 -15.93 7.47
CA GLN B 106 3.71 -15.86 6.89
C GLN B 106 2.97 -14.62 7.41
N ARG B 107 3.62 -13.92 8.32
CA ARG B 107 3.04 -12.72 8.90
C ARG B 107 2.90 -11.63 7.83
N PHE B 108 1.78 -10.93 7.89
CA PHE B 108 1.52 -9.87 6.92
C PHE B 108 0.83 -8.68 7.61
N GLU B 109 1.36 -7.50 7.33
CA GLU B 109 0.81 -6.28 7.90
C GLU B 109 0.15 -5.43 6.83
N CYS B 110 -0.98 -4.84 7.18
CA CYS B 110 -1.72 -3.99 6.26
C CYS B 110 -1.64 -2.55 6.75
N HIS B 111 -1.37 -1.65 5.81
CA HIS B 111 -1.27 -0.24 6.14
C HIS B 111 -2.26 0.55 5.29
N VAL B 112 -3.25 1.14 5.97
CA VAL B 112 -4.26 1.92 5.29
C VAL B 112 -3.83 3.39 5.27
N PHE B 113 -4.45 4.14 4.38
CA PHE B 113 -4.15 5.55 4.25
C PHE B 113 -5.36 6.33 3.73
N TRP B 114 -5.33 7.64 3.96
CA TRP B 114 -6.41 8.50 3.53
C TRP B 114 -5.85 9.48 2.50
N CYS B 115 -6.19 9.23 1.25
CA CYS B 115 -5.73 10.08 0.17
C CYS B 115 -6.90 10.96 -0.28
N GLU B 116 -6.55 12.14 -0.79
CA GLU B 116 -7.55 13.09 -1.26
C GLU B 116 -7.17 13.62 -2.63
N PRO B 117 -8.21 13.70 -3.52
CA PRO B 117 -9.56 13.30 -3.14
C PRO B 117 -9.67 11.78 -3.09
N ASN B 118 -9.29 11.14 -4.20
CA ASN B 118 -9.36 9.69 -4.28
C ASN B 118 -7.93 9.13 -4.31
N ALA B 119 -7.85 7.82 -4.16
CA ALA B 119 -6.56 7.14 -4.16
C ALA B 119 -6.24 6.67 -5.58
N ALA B 120 -6.72 7.45 -6.55
CA ALA B 120 -6.50 7.12 -7.95
C ALA B 120 -5.02 7.30 -8.28
N ASN B 121 -4.45 8.37 -7.74
CA ASN B 121 -3.04 8.65 -7.97
C ASN B 121 -2.19 7.73 -7.11
N VAL B 122 -2.62 7.55 -5.86
CA VAL B 122 -1.91 6.70 -4.93
C VAL B 122 -1.94 5.26 -5.45
N SER B 123 -3.13 4.73 -5.58
CA SER B 123 -3.31 3.37 -6.05
C SER B 123 -2.57 3.18 -7.38
N GLU B 124 -2.60 4.22 -8.19
CA GLU B 124 -1.94 4.19 -9.48
C GLU B 124 -0.42 4.17 -9.29
N ALA B 125 0.06 5.17 -8.57
CA ALA B 125 1.49 5.29 -8.32
C ALA B 125 2.01 3.97 -7.73
N VAL B 126 1.09 3.21 -7.16
CA VAL B 126 1.43 1.93 -6.56
C VAL B 126 1.22 0.82 -7.59
N GLN B 127 0.19 0.99 -8.40
CA GLN B 127 -0.14 0.01 -9.43
C GLN B 127 0.97 -0.01 -10.49
N ALA B 128 1.33 1.17 -10.94
CA ALA B 128 2.36 1.30 -11.96
C ALA B 128 3.70 0.85 -11.37
N ALA B 129 3.80 0.95 -10.05
CA ALA B 129 5.02 0.56 -9.36
C ALA B 129 5.18 -0.95 -9.45
N CYS B 130 4.14 -1.66 -9.03
CA CYS B 130 4.16 -3.12 -9.06
C CYS B 130 4.59 -3.56 -10.45
N SER B 131 3.85 -3.08 -11.44
CA SER B 131 4.14 -3.43 -12.83
C SER B 131 5.65 -3.39 -13.07
N GLY B 132 6.17 -2.17 -13.17
CA GLY B 132 7.60 -1.98 -13.40
C GLY B 132 7.89 -1.81 -14.89
N PRO B 133 9.15 -1.40 -15.18
CA PRO B 133 9.57 -1.20 -16.55
C PRO B 133 9.81 -2.54 -17.26
N SER B 134 9.66 -2.51 -18.57
CA SER B 134 9.86 -3.71 -19.38
C SER B 134 11.35 -3.96 -19.57
N SER B 135 11.72 -5.24 -19.54
CA SER B 135 13.11 -5.62 -19.72
C SER B 135 13.51 -5.50 -21.19
N GLY B 136 14.72 -5.02 -21.40
CA GLY B 136 15.23 -4.85 -22.76
C GLY B 136 15.60 -3.39 -23.02
N ASP A 1 -25.63 4.21 -24.51
CA ASP A 1 -24.34 4.81 -24.25
C ASP A 1 -24.33 5.39 -22.84
N ALA A 2 -23.21 5.18 -22.15
CA ALA A 2 -23.07 5.68 -20.79
C ALA A 2 -21.71 6.37 -20.66
N ALA A 3 -20.66 5.61 -20.94
CA ALA A 3 -19.31 6.15 -20.86
C ALA A 3 -19.06 6.66 -19.44
N VAL A 4 -18.82 5.72 -18.54
CA VAL A 4 -18.57 6.07 -17.15
C VAL A 4 -17.21 6.75 -17.04
N THR A 5 -16.88 7.16 -15.82
CA THR A 5 -15.61 7.81 -15.57
C THR A 5 -14.45 6.81 -15.63
N PRO A 6 -13.36 7.23 -16.32
CA PRO A 6 -12.18 6.38 -16.45
C PRO A 6 -11.40 6.32 -15.14
N GLU A 7 -11.44 7.43 -14.41
CA GLU A 7 -10.73 7.53 -13.15
C GLU A 7 -11.39 6.63 -12.10
N GLU A 8 -12.69 6.41 -12.30
CA GLU A 8 -13.45 5.58 -11.37
C GLU A 8 -13.11 4.11 -11.60
N ARG A 9 -13.32 3.66 -12.83
CA ARG A 9 -13.05 2.28 -13.19
C ARG A 9 -11.68 1.85 -12.65
N HIS A 10 -10.73 2.77 -12.76
CA HIS A 10 -9.38 2.50 -12.30
C HIS A 10 -9.42 2.06 -10.83
N LEU A 11 -10.18 2.81 -10.05
CA LEU A 11 -10.32 2.52 -8.63
C LEU A 11 -11.17 1.26 -8.46
N SER A 12 -12.26 1.21 -9.20
CA SER A 12 -13.17 0.07 -9.14
C SER A 12 -12.37 -1.23 -9.19
N LYS A 13 -11.55 -1.36 -10.23
CA LYS A 13 -10.74 -2.54 -10.40
C LYS A 13 -10.16 -2.96 -9.05
N MET A 14 -9.72 -1.95 -8.29
CA MET A 14 -9.13 -2.20 -6.99
C MET A 14 -10.22 -2.37 -5.93
N GLN A 15 -11.20 -1.49 -5.99
CA GLN A 15 -12.31 -1.53 -5.04
C GLN A 15 -12.73 -2.98 -4.79
N GLN A 16 -13.02 -3.67 -5.88
CA GLN A 16 -13.43 -5.06 -5.79
C GLN A 16 -12.35 -5.98 -6.36
N ASN A 17 -12.47 -7.25 -6.03
CA ASN A 17 -11.51 -8.25 -6.49
C ASN A 17 -10.15 -8.01 -5.81
N GLY A 18 -9.60 -6.83 -6.06
CA GLY A 18 -8.32 -6.46 -5.48
C GLY A 18 -7.18 -6.79 -6.44
N TYR A 19 -6.02 -6.22 -6.14
CA TYR A 19 -4.84 -6.44 -6.97
C TYR A 19 -3.85 -7.37 -6.27
N GLU A 20 -3.35 -8.33 -7.03
CA GLU A 20 -2.40 -9.29 -6.51
C GLU A 20 -1.04 -9.12 -7.19
N ASN A 21 0.01 -9.11 -6.37
CA ASN A 21 1.35 -8.96 -6.87
C ASN A 21 1.93 -10.34 -7.17
N PRO A 22 2.28 -10.54 -8.48
CA PRO A 22 2.85 -11.81 -8.91
C PRO A 22 4.30 -11.94 -8.47
N THR A 23 4.99 -10.81 -8.48
CA THR A 23 6.40 -10.78 -8.10
C THR A 23 6.59 -11.54 -6.78
N TYR A 24 5.66 -11.32 -5.86
CA TYR A 24 5.73 -11.98 -4.56
C TYR A 24 5.95 -13.48 -4.71
N LYS A 25 6.87 -14.00 -3.90
CA LYS A 25 7.18 -15.41 -3.95
C LYS A 25 7.76 -15.84 -2.60
N PHE A 26 6.86 -16.17 -1.67
CA PHE A 26 7.27 -16.60 -0.34
C PHE A 26 6.37 -17.71 0.18
N PHE A 27 6.74 -18.94 -0.16
CA PHE A 27 5.97 -20.10 0.26
C PHE A 27 4.47 -19.86 0.09
N GLU A 28 3.96 -20.29 -1.06
CA GLU A 28 2.55 -20.13 -1.36
C GLU A 28 1.79 -21.43 -1.08
N GLN A 29 2.10 -22.02 0.07
CA GLN A 29 1.47 -23.27 0.46
C GLN A 29 1.78 -24.37 -0.55
N MET A 30 2.80 -25.16 -0.22
CA MET A 30 3.21 -26.25 -1.09
C MET A 30 2.70 -27.59 -0.56
N GLN A 31 1.77 -28.17 -1.31
CA GLN A 31 1.18 -29.44 -0.94
C GLN A 31 0.51 -29.33 0.43
N ASN A 32 -0.44 -30.23 0.65
CA ASN A 32 -1.17 -30.25 1.91
C ASN A 32 -2.00 -31.53 2.00
N GLY B 1 21.73 -6.20 20.44
CA GLY B 1 22.32 -7.24 19.63
C GLY B 1 21.84 -7.15 18.17
N SER B 2 22.56 -7.84 17.30
CA SER B 2 22.23 -7.84 15.88
C SER B 2 22.46 -6.45 15.29
N SER B 3 22.98 -6.44 14.07
CA SER B 3 23.26 -5.19 13.39
C SER B 3 23.57 -5.46 11.92
N GLY B 4 23.56 -4.39 11.14
CA GLY B 4 23.86 -4.50 9.72
C GLY B 4 24.34 -3.16 9.15
N SER B 5 23.95 -2.90 7.91
CA SER B 5 24.33 -1.67 7.25
C SER B 5 23.53 -1.50 5.96
N SER B 6 23.75 -0.37 5.31
CA SER B 6 23.06 -0.06 4.06
C SER B 6 23.81 1.02 3.29
N GLY B 7 23.07 1.71 2.43
CA GLY B 7 23.65 2.77 1.62
C GLY B 7 24.96 2.32 0.97
N PRO B 8 24.83 1.84 -0.30
CA PRO B 8 25.99 1.38 -1.04
C PRO B 8 26.84 2.55 -1.53
N THR B 9 26.27 3.31 -2.46
CA THR B 9 26.96 4.46 -3.01
C THR B 9 26.00 5.66 -3.11
N PRO B 10 26.61 6.87 -3.18
CA PRO B 10 25.83 8.09 -3.28
C PRO B 10 25.25 8.26 -4.69
N LYS B 11 24.06 8.84 -4.74
CA LYS B 11 23.40 9.07 -6.01
C LYS B 11 22.14 9.89 -5.78
N THR B 12 21.68 10.55 -6.84
CA THR B 12 20.49 11.37 -6.77
C THR B 12 19.40 10.82 -7.70
N GLU B 13 18.16 10.97 -7.26
CA GLU B 13 17.03 10.50 -8.04
C GLU B 13 15.76 11.25 -7.64
N LEU B 14 14.72 11.06 -8.44
CA LEU B 14 13.45 11.70 -8.19
C LEU B 14 12.44 10.66 -7.69
N VAL B 15 11.41 11.16 -7.02
CA VAL B 15 10.38 10.29 -6.48
C VAL B 15 9.02 10.97 -6.62
N GLN B 16 7.98 10.15 -6.71
CA GLN B 16 6.63 10.65 -6.84
C GLN B 16 6.17 11.32 -5.54
N LYS B 17 6.22 10.53 -4.47
CA LYS B 17 5.81 11.02 -3.18
C LYS B 17 4.32 11.38 -3.21
N PHE B 18 3.68 11.23 -2.05
CA PHE B 18 2.27 11.54 -1.93
C PHE B 18 1.89 11.83 -0.48
N ARG B 19 1.93 13.12 -0.15
CA ARG B 19 1.60 13.55 1.19
C ARG B 19 0.15 13.17 1.53
N VAL B 20 0.01 12.05 2.22
CA VAL B 20 -1.30 11.57 2.61
C VAL B 20 -1.35 11.40 4.13
N GLN B 21 -2.34 10.64 4.58
CA GLN B 21 -2.51 10.39 6.00
C GLN B 21 -2.23 8.92 6.32
N TYR B 22 -2.18 8.63 7.61
CA TYR B 22 -1.93 7.27 8.07
C TYR B 22 -3.05 6.79 8.99
N LEU B 23 -3.79 5.80 8.52
CA LEU B 23 -4.87 5.24 9.29
C LEU B 23 -4.31 4.38 10.42
N GLY B 24 -3.20 3.71 10.11
CA GLY B 24 -2.55 2.86 11.07
C GLY B 24 -2.31 1.46 10.50
N MET B 25 -1.76 0.59 11.34
CA MET B 25 -1.48 -0.77 10.92
C MET B 25 -2.52 -1.74 11.46
N LEU B 26 -3.09 -2.52 10.54
CA LEU B 26 -4.11 -3.49 10.91
C LEU B 26 -3.60 -4.89 10.62
N PRO B 27 -3.79 -5.80 11.62
CA PRO B 27 -3.36 -7.18 11.48
C PRO B 27 -4.28 -7.96 10.54
N VAL B 28 -3.71 -8.96 9.89
CA VAL B 28 -4.47 -9.78 8.96
C VAL B 28 -4.04 -11.24 9.13
N ASP B 29 -4.60 -12.09 8.27
CA ASP B 29 -4.29 -13.51 8.31
C ASP B 29 -3.77 -13.95 6.94
N ARG B 30 -4.52 -13.60 5.91
CA ARG B 30 -4.16 -13.94 4.55
C ARG B 30 -3.40 -12.79 3.89
N PRO B 31 -2.49 -13.16 2.95
CA PRO B 31 -1.70 -12.16 2.24
C PRO B 31 -2.54 -11.44 1.19
N VAL B 32 -3.55 -12.15 0.70
CA VAL B 32 -4.44 -11.58 -0.30
C VAL B 32 -5.88 -11.93 0.05
N GLY B 33 -6.75 -10.95 -0.14
CA GLY B 33 -8.16 -11.15 0.14
C GLY B 33 -8.85 -9.81 0.43
N MET B 34 -9.58 -9.32 -0.57
CA MET B 34 -10.29 -8.06 -0.44
C MET B 34 -11.04 -7.99 0.88
N ASP B 35 -11.53 -9.14 1.32
CA ASP B 35 -12.27 -9.23 2.57
C ASP B 35 -11.32 -8.92 3.73
N THR B 36 -10.10 -9.42 3.61
CA THR B 36 -9.10 -9.22 4.64
C THR B 36 -8.57 -7.78 4.58
N LEU B 37 -8.61 -7.21 3.39
CA LEU B 37 -8.15 -5.86 3.18
C LEU B 37 -9.14 -4.87 3.82
N ASN B 38 -10.33 -4.83 3.26
CA ASN B 38 -11.37 -3.95 3.75
C ASN B 38 -11.43 -4.06 5.28
N SER B 39 -11.40 -5.30 5.76
CA SER B 39 -11.45 -5.55 7.19
C SER B 39 -10.60 -4.53 7.93
N ALA B 40 -9.38 -4.35 7.43
CA ALA B 40 -8.45 -3.41 8.04
C ALA B 40 -9.05 -2.00 7.98
N ILE B 41 -9.20 -1.52 6.74
CA ILE B 41 -9.76 -0.20 6.53
C ILE B 41 -10.94 0.03 7.48
N GLU B 42 -11.88 -0.90 7.42
CA GLU B 42 -13.05 -0.83 8.27
C GLU B 42 -12.64 -0.80 9.74
N ASN B 43 -11.63 -1.58 10.06
CA ASN B 43 -11.13 -1.66 11.42
C ASN B 43 -10.52 -0.31 11.81
N LEU B 44 -9.38 -0.02 11.22
CA LEU B 44 -8.69 1.24 11.50
C LEU B 44 -9.70 2.38 11.52
N MET B 45 -10.65 2.31 10.58
CA MET B 45 -11.68 3.32 10.48
C MET B 45 -12.35 3.56 11.84
N THR B 46 -12.64 2.47 12.52
CA THR B 46 -13.27 2.54 13.83
C THR B 46 -12.24 2.38 14.94
N SER B 47 -11.03 2.04 14.53
CA SER B 47 -9.94 1.86 15.48
C SER B 47 -9.15 3.16 15.63
N SER B 48 -9.72 4.22 15.10
CA SER B 48 -9.08 5.53 15.17
C SER B 48 -9.94 6.57 14.46
N SER B 49 -9.81 7.81 14.91
CA SER B 49 -10.57 8.90 14.33
C SER B 49 -9.86 9.42 13.08
N LYS B 50 -10.53 10.34 12.39
CA LYS B 50 -9.98 10.92 11.18
C LYS B 50 -8.85 11.88 11.55
N GLU B 51 -9.01 12.52 12.70
CA GLU B 51 -8.02 13.47 13.17
C GLU B 51 -6.91 12.73 13.95
N ASP B 52 -7.08 11.42 14.05
CA ASP B 52 -6.12 10.60 14.76
C ASP B 52 -5.11 10.03 13.75
N TRP B 53 -5.38 10.30 12.48
CA TRP B 53 -4.51 9.82 11.42
C TRP B 53 -3.47 10.91 11.14
N PRO B 54 -2.19 10.58 11.47
CA PRO B 54 -1.10 11.52 11.26
C PRO B 54 -0.73 11.61 9.78
N SER B 55 -0.17 12.75 9.41
CA SER B 55 0.23 12.98 8.03
C SER B 55 1.58 12.32 7.76
N VAL B 56 1.71 11.76 6.57
CA VAL B 56 2.94 11.10 6.19
C VAL B 56 3.21 11.36 4.70
N ASN B 57 4.34 10.85 4.23
CA ASN B 57 4.73 11.02 2.84
C ASN B 57 4.98 9.65 2.22
N MET B 58 4.06 9.26 1.34
CA MET B 58 4.18 7.98 0.67
C MET B 58 5.09 8.08 -0.56
N ASN B 59 6.33 7.66 -0.37
CA ASN B 59 7.30 7.70 -1.44
C ASN B 59 7.05 6.52 -2.39
N VAL B 60 6.92 6.86 -3.67
CA VAL B 60 6.68 5.84 -4.68
C VAL B 60 7.64 6.06 -5.86
N ALA B 61 8.66 5.23 -5.90
CA ALA B 61 9.65 5.32 -6.96
C ALA B 61 9.48 4.13 -7.91
N ASP B 62 10.60 3.71 -8.48
CA ASP B 62 10.59 2.59 -9.41
C ASP B 62 9.56 1.55 -8.95
N ALA B 63 10.01 0.69 -8.05
CA ALA B 63 9.16 -0.35 -7.51
C ALA B 63 9.34 -0.42 -5.99
N THR B 64 8.91 0.64 -5.33
CA THR B 64 9.01 0.71 -3.88
C THR B 64 7.99 1.71 -3.32
N VAL B 65 7.50 1.39 -2.13
CA VAL B 65 6.53 2.25 -1.48
C VAL B 65 6.93 2.47 -0.02
N THR B 66 7.57 3.60 0.22
CA THR B 66 8.02 3.94 1.56
C THR B 66 7.17 5.08 2.13
N VAL B 67 6.91 4.97 3.43
CA VAL B 67 6.12 5.98 4.12
C VAL B 67 7.00 6.73 5.12
N ILE B 68 7.57 7.83 4.66
CA ILE B 68 8.43 8.64 5.50
C ILE B 68 7.59 9.69 6.22
N SER B 69 8.04 10.04 7.42
CA SER B 69 7.34 11.02 8.22
C SER B 69 7.23 12.34 7.45
N GLU B 70 6.14 13.05 7.72
CA GLU B 70 5.90 14.32 7.05
C GLU B 70 6.93 15.36 7.50
N LYS B 71 6.99 15.56 8.80
CA LYS B 71 7.92 16.52 9.38
C LYS B 71 9.32 15.91 9.40
N ASN B 72 9.77 15.50 8.22
CA ASN B 72 11.08 14.90 8.10
C ASN B 72 11.18 14.17 6.75
N GLU B 73 12.41 14.01 6.29
CA GLU B 73 12.65 13.33 5.03
C GLU B 73 13.57 12.12 5.24
N GLU B 74 14.02 11.96 6.48
CA GLU B 74 14.91 10.86 6.82
C GLU B 74 14.25 9.97 7.88
N GLU B 75 13.02 10.33 8.23
CA GLU B 75 12.28 9.58 9.22
C GLU B 75 11.31 8.62 8.54
N VAL B 76 11.79 7.40 8.32
CA VAL B 76 10.98 6.38 7.68
C VAL B 76 9.96 5.84 8.69
N LEU B 77 8.76 5.58 8.19
CA LEU B 77 7.69 5.06 9.03
C LEU B 77 7.38 3.62 8.61
N VAL B 78 7.12 3.46 7.33
CA VAL B 78 6.81 2.15 6.78
C VAL B 78 7.51 1.97 5.43
N GLU B 79 7.95 0.74 5.19
CA GLU B 79 8.64 0.42 3.95
C GLU B 79 7.93 -0.72 3.23
N CYS B 80 7.06 -0.35 2.32
CA CYS B 80 6.31 -1.34 1.55
C CYS B 80 7.02 -1.55 0.21
N ARG B 81 7.83 -2.60 0.17
CA ARG B 81 8.57 -2.93 -1.03
C ARG B 81 7.66 -3.62 -2.05
N VAL B 82 7.53 -2.98 -3.19
CA VAL B 82 6.69 -3.52 -4.25
C VAL B 82 7.02 -4.99 -4.47
N ARG B 83 8.27 -5.33 -4.14
CA ARG B 83 8.73 -6.70 -4.29
C ARG B 83 8.12 -7.59 -3.20
N PHE B 84 7.98 -7.01 -2.02
CA PHE B 84 7.42 -7.75 -0.89
C PHE B 84 5.89 -7.66 -0.91
N LEU B 85 5.38 -6.53 -1.36
CA LEU B 85 3.96 -6.32 -1.43
C LEU B 85 3.28 -7.58 -1.98
N SER B 86 2.04 -7.78 -1.56
CA SER B 86 1.28 -8.94 -2.00
C SER B 86 -0.10 -8.51 -2.48
N PHE B 87 -0.78 -7.75 -1.64
CA PHE B 87 -2.11 -7.27 -1.96
C PHE B 87 -2.23 -5.76 -1.72
N MET B 88 -2.99 -5.11 -2.57
CA MET B 88 -3.18 -3.67 -2.47
C MET B 88 -4.43 -3.23 -3.23
N GLY B 89 -5.30 -2.50 -2.54
CA GLY B 89 -6.52 -2.01 -3.15
C GLY B 89 -7.17 -0.93 -2.28
N VAL B 90 -8.49 -0.86 -2.36
CA VAL B 90 -9.23 0.11 -1.59
C VAL B 90 -10.39 -0.59 -0.86
N GLY B 91 -10.90 0.08 0.16
CA GLY B 91 -12.00 -0.47 0.94
C GLY B 91 -13.35 -0.11 0.32
N LYS B 92 -14.16 0.59 1.10
CA LYS B 92 -15.47 1.00 0.64
C LYS B 92 -15.36 2.36 -0.06
N ASP B 93 -14.27 3.05 0.24
CA ASP B 93 -14.03 4.36 -0.35
C ASP B 93 -12.72 4.32 -1.15
N VAL B 94 -12.75 4.95 -2.31
CA VAL B 94 -11.58 5.00 -3.16
C VAL B 94 -10.58 6.01 -2.59
N HIS B 95 -10.99 6.66 -1.51
CA HIS B 95 -10.15 7.65 -0.86
C HIS B 95 -9.20 6.96 0.11
N THR B 96 -9.46 5.68 0.36
CA THR B 96 -8.65 4.89 1.25
C THR B 96 -7.92 3.78 0.50
N PHE B 97 -6.60 3.78 0.64
CA PHE B 97 -5.78 2.78 -0.03
C PHE B 97 -4.97 1.98 0.97
N ALA B 98 -5.29 0.69 1.04
CA ALA B 98 -4.61 -0.21 1.96
C ALA B 98 -3.81 -1.24 1.16
N PHE B 99 -2.72 -1.70 1.76
CA PHE B 99 -1.86 -2.69 1.11
C PHE B 99 -1.24 -3.62 2.15
N ILE B 100 -1.14 -4.89 1.76
CA ILE B 100 -0.57 -5.90 2.65
C ILE B 100 0.91 -6.09 2.30
N MET B 101 1.75 -5.88 3.30
CA MET B 101 3.18 -6.04 3.13
C MET B 101 3.74 -7.15 4.02
N ASP B 102 4.64 -7.92 3.44
CA ASP B 102 5.26 -9.02 4.16
C ASP B 102 6.33 -8.48 5.10
N THR B 103 6.08 -8.63 6.39
CA THR B 103 7.02 -8.16 7.39
C THR B 103 7.69 -9.34 8.09
N GLY B 104 8.08 -10.32 7.28
CA GLY B 104 8.73 -11.51 7.81
C GLY B 104 8.54 -12.70 6.87
N ASN B 105 8.67 -13.88 7.44
CA ASN B 105 8.51 -15.11 6.67
C ASN B 105 7.17 -15.06 5.92
N GLN B 106 6.10 -15.16 6.69
CA GLN B 106 4.77 -15.13 6.11
C GLN B 106 3.94 -14.02 6.75
N ARG B 107 4.56 -13.30 7.67
CA ARG B 107 3.90 -12.21 8.36
C ARG B 107 3.34 -11.20 7.36
N PHE B 108 2.20 -10.63 7.72
CA PHE B 108 1.55 -9.66 6.86
C PHE B 108 1.02 -8.47 7.68
N GLU B 109 1.03 -7.30 7.05
CA GLU B 109 0.56 -6.10 7.71
C GLU B 109 -0.22 -5.23 6.72
N CYS B 110 -1.41 -4.83 7.15
CA CYS B 110 -2.26 -3.99 6.31
C CYS B 110 -2.04 -2.53 6.72
N HIS B 111 -1.62 -1.73 5.74
CA HIS B 111 -1.38 -0.32 5.98
C HIS B 111 -2.37 0.51 5.17
N VAL B 112 -3.32 1.09 5.86
CA VAL B 112 -4.33 1.92 5.22
C VAL B 112 -3.85 3.37 5.19
N PHE B 113 -4.52 4.17 4.37
CA PHE B 113 -4.17 5.57 4.24
C PHE B 113 -5.37 6.39 3.73
N TRP B 114 -5.28 7.70 3.95
CA TRP B 114 -6.34 8.60 3.52
C TRP B 114 -5.79 9.48 2.40
N CYS B 115 -6.28 9.23 1.20
CA CYS B 115 -5.85 9.99 0.04
C CYS B 115 -6.93 11.02 -0.30
N GLU B 116 -6.49 12.16 -0.81
CA GLU B 116 -7.40 13.23 -1.17
C GLU B 116 -7.10 13.73 -2.59
N PRO B 117 -8.18 13.80 -3.41
CA PRO B 117 -9.50 13.42 -2.95
C PRO B 117 -9.64 11.91 -2.86
N ASN B 118 -9.41 11.26 -4.00
CA ASN B 118 -9.52 9.81 -4.06
C ASN B 118 -8.10 9.22 -4.11
N ALA B 119 -8.06 7.89 -4.22
CA ALA B 119 -6.79 7.20 -4.30
C ALA B 119 -6.55 6.72 -5.73
N ALA B 120 -6.59 7.67 -6.65
CA ALA B 120 -6.38 7.37 -8.05
C ALA B 120 -4.89 7.42 -8.36
N ASN B 121 -4.26 8.50 -7.90
CA ASN B 121 -2.83 8.68 -8.11
C ASN B 121 -2.05 7.67 -7.26
N VAL B 122 -2.39 7.63 -5.99
CA VAL B 122 -1.74 6.72 -5.06
C VAL B 122 -1.83 5.30 -5.60
N SER B 123 -3.04 4.75 -5.56
CA SER B 123 -3.27 3.41 -6.05
C SER B 123 -2.44 3.15 -7.32
N GLU B 124 -2.56 4.09 -8.25
CA GLU B 124 -1.82 3.98 -9.50
C GLU B 124 -0.32 3.96 -9.24
N ALA B 125 0.14 5.02 -8.60
CA ALA B 125 1.55 5.14 -8.28
C ALA B 125 2.08 3.79 -7.77
N VAL B 126 1.18 3.03 -7.17
CA VAL B 126 1.52 1.73 -6.64
C VAL B 126 1.25 0.66 -7.70
N GLN B 127 0.12 0.83 -8.39
CA GLN B 127 -0.26 -0.11 -9.43
C GLN B 127 0.79 -0.14 -10.54
N ALA B 128 1.41 1.01 -10.74
CA ALA B 128 2.44 1.12 -11.78
C ALA B 128 3.79 0.75 -11.18
N ALA B 129 3.87 0.81 -9.86
CA ALA B 129 5.10 0.47 -9.16
C ALA B 129 5.33 -1.04 -9.23
N CYS B 130 4.26 -1.78 -8.97
CA CYS B 130 4.34 -3.23 -9.00
C CYS B 130 4.80 -3.66 -10.39
N SER B 131 4.21 -3.03 -11.39
CA SER B 131 4.56 -3.34 -12.77
C SER B 131 3.78 -2.42 -13.73
N GLY B 132 2.47 -2.45 -13.58
CA GLY B 132 1.61 -1.63 -14.41
C GLY B 132 1.18 -2.38 -15.67
N PRO B 133 0.19 -1.80 -16.39
CA PRO B 133 -0.31 -2.41 -17.61
C PRO B 133 0.68 -2.21 -18.77
N SER B 134 1.51 -3.22 -18.97
CA SER B 134 2.50 -3.16 -20.02
C SER B 134 1.82 -3.14 -21.38
N SER B 135 1.44 -1.93 -21.81
CA SER B 135 0.77 -1.76 -23.08
C SER B 135 1.69 -1.01 -24.05
N GLY B 136 2.18 -1.74 -25.05
CA GLY B 136 3.06 -1.15 -26.04
C GLY B 136 2.34 -0.05 -26.83
N ASP A 1 -23.13 7.04 -11.56
CA ASP A 1 -24.33 6.40 -12.06
C ASP A 1 -24.52 6.76 -13.54
N ALA A 2 -24.55 8.06 -13.79
CA ALA A 2 -24.71 8.56 -15.14
C ALA A 2 -23.34 8.73 -15.80
N ALA A 3 -23.01 7.76 -16.64
CA ALA A 3 -21.73 7.79 -17.34
C ALA A 3 -20.60 7.67 -16.32
N VAL A 4 -20.49 6.49 -15.72
CA VAL A 4 -19.45 6.25 -14.73
C VAL A 4 -18.12 6.82 -15.24
N THR A 5 -17.55 7.69 -14.43
CA THR A 5 -16.28 8.31 -14.78
C THR A 5 -15.21 7.25 -15.03
N PRO A 6 -14.15 7.67 -15.76
CA PRO A 6 -13.06 6.76 -16.08
C PRO A 6 -12.18 6.51 -14.86
N GLU A 7 -11.91 7.60 -14.14
CA GLU A 7 -11.08 7.50 -12.95
C GLU A 7 -11.73 6.60 -11.90
N GLU A 8 -12.89 7.04 -11.43
CA GLU A 8 -13.62 6.28 -10.44
C GLU A 8 -13.61 4.80 -10.78
N ARG A 9 -13.76 4.51 -12.07
CA ARG A 9 -13.77 3.14 -12.55
C ARG A 9 -12.46 2.44 -12.16
N HIS A 10 -11.35 3.04 -12.58
CA HIS A 10 -10.05 2.49 -12.28
C HIS A 10 -9.96 2.12 -10.81
N LEU A 11 -10.72 2.86 -10.00
CA LEU A 11 -10.74 2.63 -8.57
C LEU A 11 -11.76 1.53 -8.25
N SER A 12 -12.97 1.74 -8.75
CA SER A 12 -14.04 0.78 -8.53
C SER A 12 -13.49 -0.64 -8.59
N LYS A 13 -12.66 -0.88 -9.59
CA LYS A 13 -12.05 -2.19 -9.77
C LYS A 13 -11.34 -2.60 -8.48
N MET A 14 -10.31 -1.83 -8.16
CA MET A 14 -9.53 -2.09 -6.97
C MET A 14 -10.43 -2.45 -5.78
N GLN A 15 -11.56 -1.76 -5.72
CA GLN A 15 -12.52 -2.00 -4.65
C GLN A 15 -13.02 -3.44 -4.70
N GLN A 16 -13.57 -3.81 -5.85
CA GLN A 16 -14.10 -5.15 -6.05
C GLN A 16 -12.95 -6.14 -6.29
N ASN A 17 -12.69 -6.38 -7.56
CA ASN A 17 -11.63 -7.30 -7.94
C ASN A 17 -10.42 -7.09 -7.03
N GLY A 18 -9.73 -5.98 -7.27
CA GLY A 18 -8.55 -5.65 -6.48
C GLY A 18 -7.27 -5.92 -7.27
N TYR A 19 -6.15 -5.65 -6.61
CA TYR A 19 -4.85 -5.84 -7.24
C TYR A 19 -3.99 -6.80 -6.42
N GLU A 20 -3.44 -7.80 -7.10
CA GLU A 20 -2.59 -8.78 -6.44
C GLU A 20 -1.21 -8.80 -7.10
N ASN A 21 -0.21 -8.49 -6.29
CA ASN A 21 1.16 -8.47 -6.78
C ASN A 21 1.53 -9.86 -7.30
N PRO A 22 1.70 -9.92 -8.65
CA PRO A 22 2.05 -11.17 -9.30
C PRO A 22 3.52 -11.52 -9.06
N THR A 23 4.32 -10.48 -8.87
CA THR A 23 5.74 -10.66 -8.63
C THR A 23 5.97 -11.44 -7.33
N TYR A 24 5.18 -11.09 -6.33
CA TYR A 24 5.29 -11.75 -5.04
C TYR A 24 5.29 -13.27 -5.19
N LYS A 25 5.77 -13.94 -4.15
CA LYS A 25 5.83 -15.39 -4.16
C LYS A 25 6.18 -15.89 -2.76
N PHE A 26 5.44 -16.91 -2.34
CA PHE A 26 5.67 -17.49 -1.02
C PHE A 26 4.93 -18.83 -0.88
N PHE A 27 5.37 -19.61 0.09
CA PHE A 27 4.77 -20.91 0.33
C PHE A 27 4.72 -21.74 -0.95
N GLU A 28 4.09 -22.90 -0.83
CA GLU A 28 3.96 -23.80 -1.97
C GLU A 28 2.94 -24.89 -1.66
N GLN A 29 2.28 -25.36 -2.72
CA GLN A 29 1.28 -26.41 -2.57
C GLN A 29 1.84 -27.73 -3.09
N MET A 30 2.19 -27.74 -4.37
CA MET A 30 2.73 -28.93 -4.99
C MET A 30 1.81 -30.13 -4.78
N GLN A 31 0.89 -30.31 -5.70
CA GLN A 31 -0.05 -31.41 -5.62
C GLN A 31 -0.54 -31.59 -4.17
N ASN A 32 -1.61 -30.88 -3.85
CA ASN A 32 -2.18 -30.96 -2.52
C ASN A 32 -2.61 -32.39 -2.23
N GLY B 1 18.12 -8.59 26.45
CA GLY B 1 18.70 -8.14 25.20
C GLY B 1 19.27 -6.73 25.33
N SER B 2 20.18 -6.40 24.43
CA SER B 2 20.81 -5.09 24.44
C SER B 2 21.73 -4.94 23.22
N SER B 3 22.19 -3.72 23.01
CA SER B 3 23.06 -3.43 21.90
C SER B 3 22.33 -3.66 20.58
N GLY B 4 22.84 -3.04 19.52
CA GLY B 4 22.25 -3.17 18.21
C GLY B 4 21.91 -1.80 17.61
N SER B 5 22.51 -1.54 16.46
CA SER B 5 22.29 -0.27 15.78
C SER B 5 22.95 -0.30 14.40
N SER B 6 22.33 0.42 13.47
CA SER B 6 22.84 0.48 12.11
C SER B 6 23.02 1.94 11.68
N GLY B 7 23.78 2.13 10.63
CA GLY B 7 24.04 3.47 10.10
C GLY B 7 23.75 3.54 8.60
N PRO B 8 22.61 4.17 8.27
CA PRO B 8 22.20 4.30 6.88
C PRO B 8 23.04 5.38 6.17
N THR B 9 22.78 5.54 4.88
CA THR B 9 23.50 6.51 4.09
C THR B 9 22.52 7.37 3.27
N PRO B 10 22.90 8.65 3.08
CA PRO B 10 22.06 9.58 2.33
C PRO B 10 22.17 9.29 0.82
N LYS B 11 21.29 9.95 0.08
CA LYS B 11 21.27 9.78 -1.37
C LYS B 11 20.19 10.69 -1.96
N THR B 12 20.44 11.12 -3.19
CA THR B 12 19.50 12.00 -3.87
C THR B 12 18.83 11.24 -5.03
N GLU B 13 17.63 10.74 -4.76
CA GLU B 13 16.88 10.00 -5.76
C GLU B 13 15.54 10.69 -6.02
N LEU B 14 15.06 10.54 -7.25
CA LEU B 14 13.79 11.13 -7.64
C LEU B 14 12.65 10.17 -7.28
N VAL B 15 11.77 10.65 -6.42
CA VAL B 15 10.64 9.84 -6.00
C VAL B 15 9.35 10.63 -6.22
N GLN B 16 8.27 9.89 -6.44
CA GLN B 16 6.97 10.50 -6.67
C GLN B 16 6.48 11.19 -5.40
N LYS B 17 6.47 10.44 -4.31
CA LYS B 17 6.03 10.96 -3.03
C LYS B 17 4.54 11.29 -3.11
N PHE B 18 3.87 11.12 -1.98
CA PHE B 18 2.44 11.40 -1.90
C PHE B 18 2.02 11.69 -0.46
N ARG B 19 2.01 12.96 -0.13
CA ARG B 19 1.63 13.39 1.20
C ARG B 19 0.17 13.03 1.47
N VAL B 20 -0.01 11.93 2.19
CA VAL B 20 -1.35 11.47 2.53
C VAL B 20 -1.45 11.27 4.04
N GLN B 21 -2.48 10.51 4.44
CA GLN B 21 -2.70 10.24 5.85
C GLN B 21 -2.34 8.78 6.16
N TYR B 22 -2.25 8.50 7.45
CA TYR B 22 -1.92 7.15 7.89
C TYR B 22 -2.99 6.62 8.85
N LEU B 23 -3.85 5.77 8.31
CA LEU B 23 -4.91 5.18 9.11
C LEU B 23 -4.30 4.35 10.24
N GLY B 24 -3.23 3.64 9.91
CA GLY B 24 -2.55 2.81 10.88
C GLY B 24 -2.35 1.39 10.35
N MET B 25 -1.77 0.55 11.20
CA MET B 25 -1.52 -0.83 10.83
C MET B 25 -2.58 -1.76 11.41
N LEU B 26 -3.11 -2.61 10.55
CA LEU B 26 -4.13 -3.56 10.96
C LEU B 26 -3.64 -4.99 10.72
N PRO B 27 -3.84 -5.86 11.75
CA PRO B 27 -3.42 -7.24 11.65
C PRO B 27 -4.36 -8.05 10.75
N VAL B 28 -3.76 -8.73 9.79
CA VAL B 28 -4.53 -9.53 8.85
C VAL B 28 -4.18 -11.01 9.06
N ASP B 29 -4.83 -11.85 8.27
CA ASP B 29 -4.61 -13.28 8.35
C ASP B 29 -3.86 -13.76 7.11
N ARG B 30 -4.45 -13.47 5.95
CA ARG B 30 -3.84 -13.86 4.70
C ARG B 30 -3.11 -12.67 4.07
N PRO B 31 -2.13 -13.00 3.18
CA PRO B 31 -1.35 -11.97 2.51
C PRO B 31 -2.17 -11.29 1.41
N VAL B 32 -3.30 -11.91 1.09
CA VAL B 32 -4.18 -11.38 0.07
C VAL B 32 -5.64 -11.55 0.50
N GLY B 33 -6.54 -11.05 -0.33
CA GLY B 33 -7.96 -11.14 -0.04
C GLY B 33 -8.57 -9.76 0.16
N MET B 34 -9.55 -9.44 -0.67
CA MET B 34 -10.22 -8.16 -0.59
C MET B 34 -10.98 -8.02 0.74
N ASP B 35 -11.46 -9.14 1.23
CA ASP B 35 -12.21 -9.16 2.48
C ASP B 35 -11.23 -8.96 3.64
N THR B 36 -9.97 -9.25 3.37
CA THR B 36 -8.94 -9.11 4.39
C THR B 36 -8.46 -7.65 4.46
N LEU B 37 -8.52 -6.98 3.32
CA LEU B 37 -8.10 -5.60 3.24
C LEU B 37 -9.15 -4.71 3.92
N ASN B 38 -10.34 -4.72 3.34
CA ASN B 38 -11.44 -3.92 3.88
C ASN B 38 -11.45 -4.07 5.41
N SER B 39 -11.48 -5.30 5.86
CA SER B 39 -11.51 -5.59 7.29
C SER B 39 -10.59 -4.60 8.02
N ALA B 40 -9.41 -4.40 7.46
CA ALA B 40 -8.43 -3.50 8.05
C ALA B 40 -8.97 -2.07 7.99
N ILE B 41 -9.26 -1.62 6.79
CA ILE B 41 -9.78 -0.28 6.59
C ILE B 41 -10.97 -0.06 7.52
N GLU B 42 -11.85 -1.05 7.54
CA GLU B 42 -13.04 -0.97 8.38
C GLU B 42 -12.64 -0.85 9.85
N ASN B 43 -11.60 -1.59 10.21
CA ASN B 43 -11.10 -1.57 11.57
C ASN B 43 -10.62 -0.17 11.92
N LEU B 44 -9.51 0.21 11.31
CA LEU B 44 -8.94 1.53 11.55
C LEU B 44 -10.04 2.58 11.49
N MET B 45 -10.83 2.50 10.43
CA MET B 45 -11.93 3.44 10.23
C MET B 45 -12.60 3.78 11.56
N THR B 46 -13.07 2.74 12.23
CA THR B 46 -13.74 2.91 13.51
C THR B 46 -12.71 3.02 14.64
N SER B 47 -11.72 2.14 14.57
CA SER B 47 -10.66 2.13 15.58
C SER B 47 -10.13 3.54 15.81
N SER B 48 -9.52 4.07 14.76
CA SER B 48 -8.96 5.42 14.83
C SER B 48 -9.88 6.41 14.11
N SER B 49 -9.72 7.68 14.44
CA SER B 49 -10.52 8.72 13.83
C SER B 49 -9.84 9.25 12.57
N LYS B 50 -10.50 10.19 11.92
CA LYS B 50 -9.98 10.78 10.71
C LYS B 50 -8.83 11.73 11.06
N GLU B 51 -9.04 12.48 12.14
CA GLU B 51 -8.04 13.43 12.60
C GLU B 51 -6.83 12.69 13.18
N ASP B 52 -7.12 11.55 13.80
CA ASP B 52 -6.07 10.75 14.40
C ASP B 52 -5.02 10.41 13.34
N TRP B 53 -5.51 10.02 12.17
CA TRP B 53 -4.63 9.66 11.07
C TRP B 53 -3.67 10.82 10.84
N PRO B 54 -2.38 10.59 11.20
CA PRO B 54 -1.36 11.61 11.03
C PRO B 54 -0.96 11.76 9.56
N SER B 55 -0.33 12.88 9.26
CA SER B 55 0.11 13.15 7.90
C SER B 55 1.46 12.50 7.64
N VAL B 56 1.54 11.78 6.54
CA VAL B 56 2.77 11.09 6.18
C VAL B 56 3.03 11.29 4.67
N ASN B 57 4.26 11.00 4.28
CA ASN B 57 4.65 11.14 2.88
C ASN B 57 4.88 9.75 2.28
N MET B 58 3.98 9.36 1.40
CA MET B 58 4.08 8.07 0.75
C MET B 58 5.02 8.13 -0.46
N ASN B 59 6.18 7.52 -0.30
CA ASN B 59 7.18 7.50 -1.35
C ASN B 59 6.83 6.39 -2.34
N VAL B 60 6.86 6.75 -3.62
CA VAL B 60 6.57 5.80 -4.68
C VAL B 60 7.60 5.93 -5.79
N ALA B 61 8.53 4.99 -5.81
CA ALA B 61 9.59 4.99 -6.81
C ALA B 61 9.27 3.93 -7.86
N ASP B 62 10.27 3.66 -8.70
CA ASP B 62 10.11 2.67 -9.75
C ASP B 62 9.25 1.52 -9.25
N ALA B 63 9.70 0.92 -8.14
CA ALA B 63 8.98 -0.20 -7.55
C ALA B 63 9.27 -0.23 -6.04
N THR B 64 8.75 0.77 -5.35
CA THR B 64 8.94 0.86 -3.92
C THR B 64 7.87 1.76 -3.29
N VAL B 65 7.42 1.36 -2.11
CA VAL B 65 6.41 2.12 -1.41
C VAL B 65 6.85 2.33 0.05
N THR B 66 7.44 3.48 0.29
CA THR B 66 7.92 3.82 1.62
C THR B 66 7.09 4.96 2.22
N VAL B 67 6.94 4.92 3.52
CA VAL B 67 6.18 5.95 4.22
C VAL B 67 7.12 6.75 5.12
N ILE B 68 7.49 7.92 4.64
CA ILE B 68 8.38 8.79 5.40
C ILE B 68 7.55 9.86 6.12
N SER B 69 8.05 10.26 7.28
CA SER B 69 7.37 11.27 8.08
C SER B 69 7.21 12.55 7.27
N GLU B 70 6.00 13.09 7.30
CA GLU B 70 5.71 14.31 6.58
C GLU B 70 6.81 15.35 6.83
N LYS B 71 7.10 15.57 8.10
CA LYS B 71 8.12 16.52 8.48
C LYS B 71 9.49 16.01 8.02
N ASN B 72 10.17 15.35 8.94
CA ASN B 72 11.49 14.80 8.66
C ASN B 72 11.43 14.04 7.34
N GLU B 73 12.44 14.28 6.50
CA GLU B 73 12.51 13.62 5.20
C GLU B 73 13.43 12.39 5.30
N GLU B 74 14.06 12.24 6.45
CA GLU B 74 14.96 11.12 6.67
C GLU B 74 14.42 10.22 7.77
N GLU B 75 13.13 10.35 8.03
CA GLU B 75 12.47 9.55 9.05
C GLU B 75 11.48 8.59 8.41
N VAL B 76 11.98 7.41 8.06
CA VAL B 76 11.15 6.40 7.44
C VAL B 76 10.14 5.87 8.48
N LEU B 77 9.02 5.40 7.96
CA LEU B 77 7.97 4.87 8.82
C LEU B 77 7.67 3.43 8.43
N VAL B 78 7.39 3.24 7.14
CA VAL B 78 7.09 1.92 6.62
C VAL B 78 7.72 1.77 5.23
N GLU B 79 8.22 0.57 4.97
CA GLU B 79 8.85 0.28 3.70
C GLU B 79 8.16 -0.92 3.02
N CYS B 80 7.20 -0.60 2.17
CA CYS B 80 6.47 -1.64 1.46
C CYS B 80 7.13 -1.85 0.09
N ARG B 81 8.02 -2.82 0.04
CA ARG B 81 8.72 -3.12 -1.20
C ARG B 81 7.75 -3.71 -2.22
N VAL B 82 7.55 -2.96 -3.30
CA VAL B 82 6.65 -3.40 -4.35
C VAL B 82 6.93 -4.87 -4.67
N ARG B 83 8.16 -5.28 -4.42
CA ARG B 83 8.56 -6.65 -4.66
C ARG B 83 7.92 -7.59 -3.64
N PHE B 84 7.97 -7.16 -2.39
CA PHE B 84 7.40 -7.96 -1.31
C PHE B 84 5.88 -7.80 -1.26
N LEU B 85 5.42 -6.60 -1.59
CA LEU B 85 4.00 -6.32 -1.59
C LEU B 85 3.24 -7.51 -2.17
N SER B 86 2.16 -7.86 -1.50
CA SER B 86 1.33 -8.98 -1.93
C SER B 86 0.04 -8.47 -2.58
N PHE B 87 -0.74 -7.76 -1.78
CA PHE B 87 -1.99 -7.22 -2.27
C PHE B 87 -2.11 -5.72 -1.91
N MET B 88 -3.00 -5.06 -2.62
CA MET B 88 -3.22 -3.63 -2.39
C MET B 88 -4.48 -3.15 -3.14
N GLY B 89 -5.25 -2.34 -2.43
CA GLY B 89 -6.47 -1.80 -3.01
C GLY B 89 -7.14 -0.80 -2.05
N VAL B 90 -8.46 -0.79 -2.09
CA VAL B 90 -9.22 0.11 -1.24
C VAL B 90 -10.32 -0.69 -0.53
N GLY B 91 -10.93 -0.04 0.45
CA GLY B 91 -12.00 -0.67 1.22
C GLY B 91 -13.37 -0.35 0.61
N LYS B 92 -14.00 0.67 1.17
CA LYS B 92 -15.32 1.08 0.69
C LYS B 92 -15.20 2.45 0.00
N ASP B 93 -14.26 3.25 0.50
CA ASP B 93 -14.04 4.57 -0.05
C ASP B 93 -12.67 4.60 -0.75
N VAL B 94 -12.71 4.97 -2.02
CA VAL B 94 -11.49 5.04 -2.81
C VAL B 94 -10.49 5.97 -2.11
N HIS B 95 -11.03 6.94 -1.38
CA HIS B 95 -10.20 7.89 -0.66
C HIS B 95 -9.20 7.14 0.21
N THR B 96 -9.54 5.89 0.51
CA THR B 96 -8.68 5.06 1.33
C THR B 96 -7.83 4.14 0.45
N PHE B 97 -6.72 3.69 1.01
CA PHE B 97 -5.82 2.80 0.29
C PHE B 97 -4.94 2.01 1.26
N ALA B 98 -5.17 0.70 1.28
CA ALA B 98 -4.41 -0.19 2.15
C ALA B 98 -3.58 -1.15 1.30
N PHE B 99 -2.63 -1.79 1.96
CA PHE B 99 -1.77 -2.75 1.28
C PHE B 99 -1.11 -3.71 2.27
N ILE B 100 -0.96 -4.95 1.83
CA ILE B 100 -0.35 -5.96 2.66
C ILE B 100 1.13 -6.10 2.31
N MET B 101 1.95 -6.25 3.34
CA MET B 101 3.38 -6.40 3.14
C MET B 101 3.95 -7.47 4.08
N ASP B 102 4.95 -8.17 3.58
CA ASP B 102 5.59 -9.23 4.35
C ASP B 102 6.76 -8.63 5.13
N THR B 103 6.65 -8.71 6.45
CA THR B 103 7.69 -8.19 7.32
C THR B 103 8.38 -9.33 8.07
N GLY B 104 7.59 -10.03 8.87
CA GLY B 104 8.11 -11.14 9.65
C GLY B 104 8.01 -12.46 8.87
N ASN B 105 8.25 -13.55 9.58
CA ASN B 105 8.19 -14.86 8.97
C ASN B 105 6.77 -15.11 8.43
N GLN B 106 6.59 -14.78 7.17
CA GLN B 106 5.29 -14.97 6.53
C GLN B 106 4.27 -13.98 7.10
N ARG B 107 4.78 -13.08 7.94
CA ARG B 107 3.93 -12.08 8.56
C ARG B 107 3.31 -11.16 7.50
N PHE B 108 2.22 -10.53 7.87
CA PHE B 108 1.52 -9.62 6.97
C PHE B 108 1.00 -8.38 7.71
N GLU B 109 1.37 -7.22 7.20
CA GLU B 109 0.95 -5.98 7.80
C GLU B 109 0.09 -5.18 6.82
N CYS B 110 -1.05 -4.71 7.31
CA CYS B 110 -1.96 -3.94 6.49
C CYS B 110 -1.83 -2.47 6.89
N HIS B 111 -1.35 -1.68 5.95
CA HIS B 111 -1.17 -0.25 6.19
C HIS B 111 -2.18 0.54 5.35
N VAL B 112 -3.17 1.09 6.05
CA VAL B 112 -4.20 1.88 5.39
C VAL B 112 -3.77 3.34 5.33
N PHE B 113 -4.42 4.09 4.45
CA PHE B 113 -4.13 5.50 4.29
C PHE B 113 -5.35 6.27 3.81
N TRP B 114 -5.23 7.59 3.84
CA TRP B 114 -6.32 8.45 3.41
C TRP B 114 -5.77 9.44 2.38
N CYS B 115 -6.15 9.22 1.14
CA CYS B 115 -5.70 10.08 0.05
C CYS B 115 -6.85 11.03 -0.31
N GLU B 116 -6.47 12.16 -0.92
CA GLU B 116 -7.45 13.14 -1.33
C GLU B 116 -7.13 13.65 -2.74
N PRO B 117 -8.20 13.69 -3.58
CA PRO B 117 -9.52 13.28 -3.15
C PRO B 117 -9.61 11.75 -3.05
N ASN B 118 -9.36 11.10 -4.18
CA ASN B 118 -9.41 9.66 -4.24
C ASN B 118 -7.99 9.10 -4.26
N ALA B 119 -7.90 7.78 -4.24
CA ALA B 119 -6.61 7.12 -4.26
C ALA B 119 -6.28 6.69 -5.69
N ALA B 120 -6.78 7.45 -6.64
CA ALA B 120 -6.54 7.17 -8.04
C ALA B 120 -5.05 7.34 -8.34
N ASN B 121 -4.50 8.42 -7.85
CA ASN B 121 -3.09 8.71 -8.06
C ASN B 121 -2.25 7.77 -7.19
N VAL B 122 -2.64 7.68 -5.93
CA VAL B 122 -1.94 6.83 -4.99
C VAL B 122 -1.98 5.38 -5.47
N SER B 123 -3.20 4.88 -5.62
CA SER B 123 -3.39 3.51 -6.07
C SER B 123 -2.62 3.29 -7.38
N GLU B 124 -2.65 4.30 -8.23
CA GLU B 124 -1.96 4.22 -9.51
C GLU B 124 -0.44 4.20 -9.29
N ALA B 125 0.05 5.26 -8.66
CA ALA B 125 1.47 5.38 -8.39
C ALA B 125 1.99 4.03 -7.87
N VAL B 126 1.10 3.28 -7.25
CA VAL B 126 1.46 1.98 -6.71
C VAL B 126 1.16 0.89 -7.75
N GLN B 127 0.02 1.06 -8.41
CA GLN B 127 -0.39 0.10 -9.43
C GLN B 127 0.68 -0.02 -10.51
N ALA B 128 1.38 1.09 -10.73
CA ALA B 128 2.44 1.11 -11.73
C ALA B 128 3.75 0.65 -11.10
N ALA B 129 3.99 1.12 -9.87
CA ALA B 129 5.19 0.76 -9.16
C ALA B 129 5.36 -0.76 -9.18
N CYS B 130 4.24 -1.46 -9.03
CA CYS B 130 4.25 -2.91 -9.04
C CYS B 130 4.66 -3.38 -10.44
N SER B 131 3.98 -2.82 -11.44
CA SER B 131 4.25 -3.17 -12.82
C SER B 131 3.65 -2.11 -13.75
N GLY B 132 4.43 -1.08 -14.00
CA GLY B 132 3.98 0.00 -14.87
C GLY B 132 3.86 -0.48 -16.32
N PRO B 133 4.38 0.36 -17.25
CA PRO B 133 4.33 0.04 -18.67
C PRO B 133 5.35 -1.04 -19.01
N SER B 134 4.86 -2.13 -19.59
CA SER B 134 5.73 -3.23 -19.97
C SER B 134 6.40 -2.93 -21.30
N SER B 135 7.56 -2.30 -21.21
CA SER B 135 8.32 -1.95 -22.41
C SER B 135 9.80 -2.29 -22.20
N GLY B 136 10.48 -2.50 -23.33
CA GLY B 136 11.90 -2.84 -23.28
C GLY B 136 12.74 -1.59 -22.99
N ASP A 1 -17.88 13.99 -20.13
CA ASP A 1 -19.11 14.56 -20.65
C ASP A 1 -20.26 13.58 -20.43
N ALA A 2 -20.93 13.75 -19.28
CA ALA A 2 -22.04 12.88 -18.94
C ALA A 2 -21.50 11.58 -18.36
N ALA A 3 -20.91 10.77 -19.23
CA ALA A 3 -20.35 9.50 -18.81
C ALA A 3 -19.42 9.71 -17.61
N VAL A 4 -19.17 8.63 -16.89
CA VAL A 4 -18.32 8.68 -15.72
C VAL A 4 -16.94 9.20 -16.14
N THR A 5 -16.07 9.32 -15.15
CA THR A 5 -14.71 9.80 -15.40
C THR A 5 -13.77 8.62 -15.64
N PRO A 6 -12.77 8.86 -16.54
CA PRO A 6 -11.80 7.84 -16.87
C PRO A 6 -10.79 7.65 -15.74
N GLU A 7 -11.31 7.35 -14.56
CA GLU A 7 -10.47 7.15 -13.40
C GLU A 7 -11.23 6.37 -12.32
N GLU A 8 -12.41 6.87 -11.99
CA GLU A 8 -13.24 6.22 -10.99
C GLU A 8 -13.34 4.73 -11.26
N ARG A 9 -13.44 4.39 -12.54
CA ARG A 9 -13.55 3.00 -12.95
C ARG A 9 -12.37 2.20 -12.41
N HIS A 10 -11.20 2.82 -12.47
CA HIS A 10 -9.98 2.16 -11.99
C HIS A 10 -10.10 1.91 -10.49
N LEU A 11 -10.62 2.91 -9.80
CA LEU A 11 -10.79 2.81 -8.36
C LEU A 11 -11.92 1.82 -8.04
N SER A 12 -13.11 2.20 -8.47
CA SER A 12 -14.28 1.36 -8.24
C SER A 12 -13.92 -0.12 -8.42
N LYS A 13 -12.94 -0.34 -9.29
CA LYS A 13 -12.49 -1.69 -9.57
C LYS A 13 -11.78 -2.25 -8.34
N MET A 14 -10.70 -1.57 -7.95
CA MET A 14 -9.93 -1.98 -6.80
C MET A 14 -10.83 -2.14 -5.57
N GLN A 15 -11.96 -1.45 -5.61
CA GLN A 15 -12.90 -1.51 -4.51
C GLN A 15 -13.50 -2.91 -4.39
N GLN A 16 -13.52 -3.61 -5.52
CA GLN A 16 -14.05 -4.95 -5.56
C GLN A 16 -12.98 -5.94 -6.04
N ASN A 17 -12.68 -5.88 -7.32
CA ASN A 17 -11.68 -6.75 -7.90
C ASN A 17 -10.41 -6.69 -7.06
N GLY A 18 -9.79 -5.52 -7.07
CA GLY A 18 -8.56 -5.33 -6.31
C GLY A 18 -7.34 -5.69 -7.14
N TYR A 19 -6.17 -5.55 -6.52
CA TYR A 19 -4.92 -5.86 -7.20
C TYR A 19 -4.12 -6.91 -6.41
N GLU A 20 -3.64 -7.90 -7.15
CA GLU A 20 -2.86 -8.97 -6.53
C GLU A 20 -1.47 -9.04 -7.17
N ASN A 21 -0.50 -8.45 -6.48
CA ASN A 21 0.87 -8.45 -6.96
C ASN A 21 1.33 -9.89 -7.16
N PRO A 22 1.51 -10.26 -8.45
CA PRO A 22 1.96 -11.61 -8.80
C PRO A 22 3.45 -11.77 -8.50
N THR A 23 4.20 -10.73 -8.82
CA THR A 23 5.64 -10.75 -8.60
C THR A 23 5.97 -11.40 -7.25
N TYR A 24 5.09 -11.15 -6.28
CA TYR A 24 5.27 -11.69 -4.94
C TYR A 24 5.45 -13.21 -5.00
N LYS A 25 4.55 -13.85 -5.73
CA LYS A 25 4.60 -15.30 -5.88
C LYS A 25 4.20 -15.95 -4.55
N PHE A 26 5.12 -15.91 -3.61
CA PHE A 26 4.89 -16.49 -2.29
C PHE A 26 4.39 -17.93 -2.41
N PHE A 27 5.33 -18.84 -2.59
CA PHE A 27 5.00 -20.25 -2.73
C PHE A 27 4.12 -20.49 -3.95
N GLU A 28 4.73 -21.11 -4.96
CA GLU A 28 4.03 -21.41 -6.19
C GLU A 28 3.08 -22.59 -5.99
N GLN A 29 2.02 -22.34 -5.23
CA GLN A 29 1.03 -23.37 -4.95
C GLN A 29 1.72 -24.73 -4.79
N MET A 30 2.83 -24.71 -4.07
CA MET A 30 3.59 -25.93 -3.84
C MET A 30 2.78 -26.93 -3.01
N GLN A 31 2.15 -27.86 -3.71
CA GLN A 31 1.34 -28.88 -3.07
C GLN A 31 1.87 -30.27 -3.39
N ASN A 32 2.03 -30.52 -4.69
CA ASN A 32 2.53 -31.80 -5.15
C ASN A 32 1.67 -32.92 -4.56
N GLY B 1 10.88 -13.28 19.59
CA GLY B 1 11.62 -13.19 18.34
C GLY B 1 12.29 -11.82 18.19
N SER B 2 13.27 -11.78 17.31
CA SER B 2 13.99 -10.55 17.06
C SER B 2 15.04 -10.76 15.96
N SER B 3 14.86 -10.04 14.86
CA SER B 3 15.78 -10.16 13.74
C SER B 3 15.34 -9.21 12.62
N GLY B 4 16.27 -8.97 11.69
CA GLY B 4 15.99 -8.10 10.57
C GLY B 4 17.06 -8.27 9.48
N SER B 5 16.86 -7.52 8.39
CA SER B 5 17.78 -7.58 7.28
C SER B 5 17.56 -6.37 6.36
N SER B 6 18.51 -6.18 5.44
CA SER B 6 18.43 -5.08 4.50
C SER B 6 19.33 -5.36 3.30
N GLY B 7 19.20 -4.50 2.29
CA GLY B 7 19.99 -4.65 1.08
C GLY B 7 19.81 -3.43 0.17
N PRO B 8 20.46 -2.30 0.58
CA PRO B 8 20.39 -1.08 -0.19
C PRO B 8 21.25 -1.16 -1.45
N THR B 9 20.89 -0.35 -2.43
CA THR B 9 21.62 -0.33 -3.69
C THR B 9 21.77 1.11 -4.19
N PRO B 10 23.01 1.42 -4.68
CA PRO B 10 23.29 2.75 -5.18
C PRO B 10 22.66 2.97 -6.56
N LYS B 11 21.73 3.90 -6.61
CA LYS B 11 21.04 4.21 -7.86
C LYS B 11 20.38 5.58 -7.74
N THR B 12 21.06 6.58 -8.26
CA THR B 12 20.55 7.94 -8.23
C THR B 12 19.20 8.03 -8.95
N GLU B 13 18.24 8.64 -8.27
CA GLU B 13 16.92 8.80 -8.82
C GLU B 13 16.02 9.60 -7.88
N LEU B 14 14.88 10.00 -8.39
CA LEU B 14 13.93 10.78 -7.59
C LEU B 14 12.67 9.94 -7.35
N VAL B 15 11.84 10.44 -6.45
CA VAL B 15 10.60 9.76 -6.12
C VAL B 15 9.42 10.67 -6.41
N GLN B 16 8.25 10.06 -6.52
CA GLN B 16 7.04 10.82 -6.79
C GLN B 16 6.49 11.45 -5.51
N LYS B 17 6.49 10.65 -4.44
CA LYS B 17 6.01 11.12 -3.16
C LYS B 17 4.50 11.36 -3.25
N PHE B 18 3.83 11.17 -2.11
CA PHE B 18 2.39 11.36 -2.05
C PHE B 18 1.95 11.68 -0.62
N ARG B 19 1.65 12.94 -0.40
CA ARG B 19 1.21 13.38 0.92
C ARG B 19 -0.22 12.89 1.19
N VAL B 20 -0.33 12.05 2.21
CA VAL B 20 -1.62 11.50 2.58
C VAL B 20 -1.68 11.34 4.11
N GLN B 21 -2.64 10.53 4.54
CA GLN B 21 -2.80 10.27 5.96
C GLN B 21 -2.49 8.81 6.28
N TYR B 22 -2.35 8.53 7.57
CA TYR B 22 -2.06 7.19 8.02
C TYR B 22 -3.13 6.68 8.98
N LEU B 23 -3.85 5.66 8.53
CA LEU B 23 -4.91 5.08 9.33
C LEU B 23 -4.29 4.22 10.44
N GLY B 24 -3.18 3.58 10.09
CA GLY B 24 -2.47 2.73 11.05
C GLY B 24 -2.33 1.31 10.49
N MET B 25 -1.65 0.48 11.28
CA MET B 25 -1.43 -0.90 10.89
C MET B 25 -2.55 -1.81 11.41
N LEU B 26 -2.97 -2.72 10.56
CA LEU B 26 -4.02 -3.66 10.91
C LEU B 26 -3.54 -5.09 10.68
N PRO B 27 -3.80 -5.96 11.70
CA PRO B 27 -3.40 -7.35 11.63
C PRO B 27 -4.30 -8.13 10.69
N VAL B 28 -3.68 -8.83 9.74
CA VAL B 28 -4.42 -9.62 8.78
C VAL B 28 -4.04 -11.09 8.93
N ASP B 29 -4.54 -11.90 8.01
CA ASP B 29 -4.25 -13.33 8.03
C ASP B 29 -3.76 -13.77 6.66
N ARG B 30 -4.53 -13.42 5.64
CA ARG B 30 -4.18 -13.77 4.28
C ARG B 30 -3.36 -12.65 3.63
N PRO B 31 -2.42 -13.08 2.73
CA PRO B 31 -1.57 -12.12 2.04
C PRO B 31 -2.34 -11.38 0.95
N VAL B 32 -3.46 -11.97 0.56
CA VAL B 32 -4.29 -11.38 -0.48
C VAL B 32 -5.76 -11.49 -0.07
N GLY B 33 -6.60 -10.78 -0.80
CA GLY B 33 -8.03 -10.80 -0.52
C GLY B 33 -8.52 -9.43 -0.07
N MET B 34 -9.72 -9.08 -0.53
CA MET B 34 -10.31 -7.80 -0.17
C MET B 34 -10.97 -7.86 1.20
N ASP B 35 -11.66 -8.96 1.44
CA ASP B 35 -12.34 -9.15 2.72
C ASP B 35 -11.34 -8.97 3.86
N THR B 36 -10.07 -9.14 3.52
CA THR B 36 -9.00 -8.99 4.50
C THR B 36 -8.52 -7.54 4.55
N LEU B 37 -8.32 -6.98 3.38
CA LEU B 37 -7.87 -5.60 3.27
C LEU B 37 -8.95 -4.66 3.80
N ASN B 38 -10.08 -4.67 3.12
CA ASN B 38 -11.20 -3.82 3.51
C ASN B 38 -11.35 -3.86 5.03
N SER B 39 -11.38 -5.08 5.56
CA SER B 39 -11.52 -5.26 7.00
C SER B 39 -10.67 -4.23 7.74
N ALA B 40 -9.39 -4.21 7.40
CA ALA B 40 -8.46 -3.28 8.02
C ALA B 40 -9.05 -1.87 7.96
N ILE B 41 -9.29 -1.41 6.74
CA ILE B 41 -9.83 -0.08 6.53
C ILE B 41 -11.03 0.12 7.47
N GLU B 42 -11.95 -0.82 7.41
CA GLU B 42 -13.14 -0.76 8.25
C GLU B 42 -12.76 -0.76 9.73
N ASN B 43 -11.67 -1.48 10.02
CA ASN B 43 -11.19 -1.58 11.39
C ASN B 43 -10.62 -0.22 11.82
N LEU B 44 -9.49 0.13 11.23
CA LEU B 44 -8.84 1.39 11.55
C LEU B 44 -9.87 2.52 11.51
N MET B 45 -10.72 2.47 10.49
CA MET B 45 -11.76 3.47 10.32
C MET B 45 -12.41 3.81 11.67
N THR B 46 -13.01 2.79 12.27
CA THR B 46 -13.66 2.97 13.56
C THR B 46 -12.64 2.97 14.69
N SER B 47 -11.57 2.21 14.49
CA SER B 47 -10.52 2.11 15.48
C SER B 47 -10.17 3.51 16.01
N SER B 48 -9.66 4.34 15.11
CA SER B 48 -9.28 5.70 15.47
C SER B 48 -10.17 6.70 14.73
N SER B 49 -9.87 7.97 14.95
CA SER B 49 -10.64 9.04 14.32
C SER B 49 -9.95 9.46 13.03
N LYS B 50 -10.55 10.45 12.36
CA LYS B 50 -10.01 10.96 11.12
C LYS B 50 -8.84 11.91 11.44
N GLU B 51 -8.99 12.64 12.52
CA GLU B 51 -7.96 13.58 12.94
C GLU B 51 -6.76 12.84 13.51
N ASP B 52 -7.04 11.68 14.11
CA ASP B 52 -5.99 10.87 14.69
C ASP B 52 -4.99 10.49 13.61
N TRP B 53 -5.52 10.16 12.45
CA TRP B 53 -4.67 9.76 11.32
C TRP B 53 -3.67 10.90 11.06
N PRO B 54 -2.39 10.61 11.39
CA PRO B 54 -1.34 11.59 11.20
C PRO B 54 -0.97 11.72 9.72
N SER B 55 -0.29 12.81 9.41
CA SER B 55 0.13 13.07 8.04
C SER B 55 1.47 12.39 7.76
N VAL B 56 1.53 11.73 6.62
CA VAL B 56 2.75 11.03 6.22
C VAL B 56 3.05 11.32 4.74
N ASN B 57 4.11 10.71 4.26
CA ASN B 57 4.52 10.91 2.87
C ASN B 57 4.83 9.54 2.25
N MET B 58 3.95 9.12 1.35
CA MET B 58 4.12 7.85 0.68
C MET B 58 5.07 7.98 -0.51
N ASN B 59 6.33 7.59 -0.27
CA ASN B 59 7.33 7.66 -1.31
C ASN B 59 7.13 6.51 -2.30
N VAL B 60 6.90 6.88 -3.55
CA VAL B 60 6.70 5.89 -4.59
C VAL B 60 7.69 6.12 -5.72
N ALA B 61 8.64 5.21 -5.84
CA ALA B 61 9.66 5.31 -6.87
C ALA B 61 9.42 4.23 -7.92
N ASP B 62 10.51 3.80 -8.54
CA ASP B 62 10.44 2.76 -9.56
C ASP B 62 9.44 1.69 -9.11
N ALA B 63 9.82 0.98 -8.06
CA ALA B 63 8.97 -0.08 -7.53
C ALA B 63 9.20 -0.20 -6.02
N THR B 64 8.78 0.83 -5.30
CA THR B 64 8.94 0.84 -3.86
C THR B 64 7.95 1.83 -3.23
N VAL B 65 7.44 1.43 -2.07
CA VAL B 65 6.49 2.27 -1.36
C VAL B 65 6.95 2.45 0.09
N THR B 66 7.54 3.60 0.35
CA THR B 66 8.04 3.89 1.69
C THR B 66 7.24 5.05 2.30
N VAL B 67 6.84 4.86 3.55
CA VAL B 67 6.09 5.88 4.26
C VAL B 67 7.01 6.66 5.19
N ILE B 68 7.40 7.85 4.73
CA ILE B 68 8.29 8.69 5.51
C ILE B 68 7.46 9.74 6.24
N SER B 69 7.95 10.14 7.41
CA SER B 69 7.28 11.14 8.22
C SER B 69 7.14 12.44 7.43
N GLU B 70 5.95 13.00 7.48
CA GLU B 70 5.67 14.24 6.78
C GLU B 70 6.72 15.31 7.13
N LYS B 71 6.87 15.53 8.43
CA LYS B 71 7.84 16.51 8.90
C LYS B 71 9.24 16.06 8.52
N ASN B 72 9.77 15.13 9.29
CA ASN B 72 11.10 14.61 9.03
C ASN B 72 11.07 13.73 7.78
N GLU B 73 11.90 14.10 6.81
CA GLU B 73 11.98 13.37 5.57
C GLU B 73 13.00 12.24 5.69
N GLU B 74 13.80 12.31 6.74
CA GLU B 74 14.83 11.31 6.97
C GLU B 74 14.40 10.37 8.09
N GLU B 75 13.09 10.15 8.17
CA GLU B 75 12.54 9.28 9.19
C GLU B 75 11.49 8.35 8.57
N VAL B 76 11.98 7.21 8.09
CA VAL B 76 11.11 6.23 7.47
C VAL B 76 10.10 5.72 8.51
N LEU B 77 8.94 5.31 8.01
CA LEU B 77 7.89 4.81 8.89
C LEU B 77 7.55 3.37 8.48
N VAL B 78 7.30 3.20 7.20
CA VAL B 78 6.96 1.89 6.67
C VAL B 78 7.59 1.72 5.28
N GLU B 79 8.12 0.53 5.06
CA GLU B 79 8.75 0.22 3.77
C GLU B 79 8.02 -0.93 3.08
N CYS B 80 7.09 -0.56 2.22
CA CYS B 80 6.31 -1.54 1.48
C CYS B 80 6.97 -1.76 0.12
N ARG B 81 7.92 -2.67 0.09
CA ARG B 81 8.63 -2.97 -1.14
C ARG B 81 7.69 -3.61 -2.16
N VAL B 82 7.48 -2.90 -3.26
CA VAL B 82 6.61 -3.38 -4.32
C VAL B 82 6.86 -4.87 -4.54
N ARG B 83 8.12 -5.26 -4.37
CA ARG B 83 8.51 -6.65 -4.56
C ARG B 83 7.86 -7.52 -3.49
N PHE B 84 7.93 -7.04 -2.26
CA PHE B 84 7.36 -7.77 -1.13
C PHE B 84 5.84 -7.65 -1.13
N LEU B 85 5.36 -6.48 -1.50
CA LEU B 85 3.93 -6.23 -1.55
C LEU B 85 3.21 -7.46 -2.10
N SER B 86 2.07 -7.76 -1.50
CA SER B 86 1.28 -8.92 -1.92
C SER B 86 -0.03 -8.45 -2.53
N PHE B 87 -0.78 -7.68 -1.74
CA PHE B 87 -2.06 -7.16 -2.20
C PHE B 87 -2.21 -5.68 -1.83
N MET B 88 -3.03 -5.00 -2.61
CA MET B 88 -3.27 -3.58 -2.38
C MET B 88 -4.56 -3.12 -3.07
N GLY B 89 -5.42 -2.51 -2.29
CA GLY B 89 -6.69 -2.01 -2.81
C GLY B 89 -7.34 -1.01 -1.85
N VAL B 90 -8.65 -0.88 -1.97
CA VAL B 90 -9.39 0.03 -1.12
C VAL B 90 -10.49 -0.73 -0.40
N GLY B 91 -11.08 -0.07 0.59
CA GLY B 91 -12.15 -0.68 1.36
C GLY B 91 -13.51 -0.31 0.79
N LYS B 92 -14.13 0.70 1.39
CA LYS B 92 -15.44 1.14 0.95
C LYS B 92 -15.30 2.50 0.26
N ASP B 93 -14.31 3.25 0.71
CA ASP B 93 -14.06 4.57 0.14
C ASP B 93 -12.80 4.52 -0.74
N VAL B 94 -12.76 5.39 -1.72
CA VAL B 94 -11.63 5.45 -2.63
C VAL B 94 -10.53 6.31 -2.01
N HIS B 95 -10.96 7.23 -1.14
CA HIS B 95 -10.03 8.11 -0.47
C HIS B 95 -9.08 7.29 0.42
N THR B 96 -9.45 6.03 0.61
CA THR B 96 -8.64 5.15 1.43
C THR B 96 -7.86 4.16 0.55
N PHE B 97 -6.66 3.85 0.99
CA PHE B 97 -5.80 2.93 0.26
C PHE B 97 -4.90 2.15 1.22
N ALA B 98 -5.14 0.85 1.27
CA ALA B 98 -4.37 -0.03 2.12
C ALA B 98 -3.53 -0.98 1.26
N PHE B 99 -2.63 -1.69 1.92
CA PHE B 99 -1.77 -2.64 1.23
C PHE B 99 -1.11 -3.61 2.22
N ILE B 100 -0.98 -4.84 1.77
CA ILE B 100 -0.37 -5.87 2.61
C ILE B 100 1.11 -5.99 2.26
N MET B 101 1.93 -6.05 3.31
CA MET B 101 3.36 -6.16 3.13
C MET B 101 3.94 -7.26 4.03
N ASP B 102 4.88 -8.01 3.46
CA ASP B 102 5.52 -9.09 4.20
C ASP B 102 6.73 -8.54 4.95
N THR B 103 6.68 -8.66 6.28
CA THR B 103 7.77 -8.19 7.11
C THR B 103 8.54 -9.37 7.72
N GLY B 104 8.72 -10.39 6.91
CA GLY B 104 9.43 -11.58 7.36
C GLY B 104 8.45 -12.69 7.73
N ASN B 105 8.77 -13.90 7.31
CA ASN B 105 7.94 -15.05 7.59
C ASN B 105 6.58 -14.86 6.93
N GLN B 106 5.66 -15.75 7.27
CA GLN B 106 4.32 -15.70 6.71
C GLN B 106 3.58 -14.46 7.24
N ARG B 107 4.21 -13.79 8.18
CA ARG B 107 3.63 -12.60 8.79
C ARG B 107 3.28 -11.57 7.70
N PHE B 108 2.14 -10.94 7.88
CA PHE B 108 1.68 -9.94 6.93
C PHE B 108 1.05 -8.75 7.65
N GLU B 109 1.44 -7.56 7.23
CA GLU B 109 0.92 -6.33 7.82
C GLU B 109 0.17 -5.51 6.77
N CYS B 110 -0.86 -4.82 7.23
CA CYS B 110 -1.66 -4.00 6.34
C CYS B 110 -1.57 -2.55 6.82
N HIS B 111 -1.25 -1.66 5.87
CA HIS B 111 -1.12 -0.25 6.18
C HIS B 111 -2.15 0.54 5.37
N VAL B 112 -3.13 1.08 6.07
CA VAL B 112 -4.17 1.87 5.44
C VAL B 112 -3.75 3.34 5.39
N PHE B 113 -4.44 4.10 4.57
CA PHE B 113 -4.15 5.52 4.42
C PHE B 113 -5.39 6.28 3.96
N TRP B 114 -5.29 7.60 4.08
CA TRP B 114 -6.39 8.46 3.68
C TRP B 114 -5.85 9.48 2.66
N CYS B 115 -5.99 9.13 1.39
CA CYS B 115 -5.52 10.00 0.32
C CYS B 115 -6.61 11.03 0.03
N GLU B 116 -6.20 12.10 -0.62
CA GLU B 116 -7.13 13.17 -0.97
C GLU B 116 -6.79 13.74 -2.34
N PRO B 117 -7.86 13.85 -3.19
CA PRO B 117 -9.19 13.45 -2.77
C PRO B 117 -9.33 11.93 -2.75
N ASN B 118 -9.15 11.33 -3.92
CA ASN B 118 -9.24 9.88 -4.05
C ASN B 118 -7.84 9.29 -4.14
N ALA B 119 -7.79 7.97 -4.05
CA ALA B 119 -6.51 7.26 -4.12
C ALA B 119 -6.30 6.74 -5.55
N ALA B 120 -6.89 7.45 -6.50
CA ALA B 120 -6.77 7.07 -7.90
C ALA B 120 -5.30 7.10 -8.31
N ASN B 121 -4.61 8.14 -7.85
CA ASN B 121 -3.19 8.29 -8.16
C ASN B 121 -2.38 7.34 -7.28
N VAL B 122 -2.49 7.56 -5.97
CA VAL B 122 -1.77 6.74 -5.02
C VAL B 122 -1.83 5.27 -5.46
N SER B 123 -3.05 4.80 -5.68
CA SER B 123 -3.25 3.43 -6.10
C SER B 123 -2.51 3.18 -7.41
N GLU B 124 -2.53 4.18 -8.28
CA GLU B 124 -1.87 4.07 -9.57
C GLU B 124 -0.34 4.06 -9.38
N ALA B 125 0.16 5.16 -8.84
CA ALA B 125 1.59 5.29 -8.61
C ALA B 125 2.12 3.97 -8.05
N VAL B 126 1.25 3.26 -7.36
CA VAL B 126 1.63 1.98 -6.77
C VAL B 126 1.32 0.86 -7.76
N GLN B 127 0.15 0.96 -8.37
CA GLN B 127 -0.29 -0.04 -9.33
C GLN B 127 0.75 -0.16 -10.46
N ALA B 128 1.31 0.97 -10.84
CA ALA B 128 2.31 1.00 -11.89
C ALA B 128 3.68 0.61 -11.31
N ALA B 129 3.83 0.88 -10.02
CA ALA B 129 5.08 0.57 -9.35
C ALA B 129 5.43 -0.90 -9.57
N CYS B 130 4.51 -1.77 -9.15
CA CYS B 130 4.70 -3.20 -9.30
C CYS B 130 5.19 -3.47 -10.73
N SER B 131 4.35 -3.09 -11.68
CA SER B 131 4.67 -3.28 -13.09
C SER B 131 4.20 -4.67 -13.55
N GLY B 132 4.27 -5.62 -12.61
CA GLY B 132 3.87 -6.98 -12.90
C GLY B 132 4.66 -7.55 -14.08
N PRO B 133 4.56 -8.89 -14.25
CA PRO B 133 5.26 -9.57 -15.33
C PRO B 133 4.58 -9.31 -16.68
N SER B 134 3.32 -9.73 -16.75
CA SER B 134 2.55 -9.55 -17.98
C SER B 134 2.38 -8.06 -18.27
N SER B 135 3.39 -7.49 -18.90
CA SER B 135 3.36 -6.08 -19.25
C SER B 135 3.01 -5.91 -20.73
N GLY B 136 1.88 -5.27 -20.96
CA GLY B 136 1.42 -5.03 -22.32
C GLY B 136 1.73 -3.60 -22.77
N ASP A 1 -22.54 -2.06 -20.55
CA ASP A 1 -21.67 -1.31 -21.44
C ASP A 1 -21.94 0.18 -21.27
N ALA A 2 -21.05 0.85 -20.55
CA ALA A 2 -21.19 2.27 -20.31
C ALA A 2 -19.80 2.91 -20.27
N ALA A 3 -19.71 4.09 -20.86
CA ALA A 3 -18.46 4.82 -20.89
C ALA A 3 -18.28 5.60 -19.59
N VAL A 4 -17.73 4.93 -18.60
CA VAL A 4 -17.50 5.55 -17.31
C VAL A 4 -16.08 6.11 -17.25
N THR A 5 -15.83 6.94 -16.24
CA THR A 5 -14.53 7.53 -16.07
C THR A 5 -13.45 6.45 -15.95
N PRO A 6 -12.25 6.79 -16.48
CA PRO A 6 -11.13 5.86 -16.44
C PRO A 6 -10.52 5.79 -15.03
N GLU A 7 -10.25 6.95 -14.48
CA GLU A 7 -9.67 7.03 -13.14
C GLU A 7 -10.53 6.24 -12.15
N GLU A 8 -11.84 6.37 -12.31
CA GLU A 8 -12.78 5.68 -11.44
C GLU A 8 -12.61 4.17 -11.57
N ARG A 9 -12.68 3.71 -12.81
CA ARG A 9 -12.53 2.29 -13.09
C ARG A 9 -11.26 1.74 -12.43
N HIS A 10 -10.16 2.46 -12.66
CA HIS A 10 -8.88 2.06 -12.10
C HIS A 10 -9.03 1.86 -10.58
N LEU A 11 -10.02 2.53 -10.03
CA LEU A 11 -10.27 2.44 -8.60
C LEU A 11 -11.33 1.37 -8.34
N SER A 12 -12.43 1.47 -9.08
CA SER A 12 -13.52 0.51 -8.93
C SER A 12 -12.96 -0.91 -8.92
N LYS A 13 -12.01 -1.15 -9.81
CA LYS A 13 -11.38 -2.46 -9.90
C LYS A 13 -10.68 -2.79 -8.58
N MET A 14 -10.04 -1.76 -8.02
CA MET A 14 -9.33 -1.93 -6.77
C MET A 14 -10.29 -1.90 -5.58
N GLN A 15 -11.53 -1.53 -5.86
CA GLN A 15 -12.55 -1.46 -4.84
C GLN A 15 -13.09 -2.86 -4.53
N GLN A 16 -12.89 -3.76 -5.47
CA GLN A 16 -13.36 -5.13 -5.32
C GLN A 16 -12.40 -6.10 -6.02
N ASN A 17 -12.12 -5.79 -7.28
CA ASN A 17 -11.22 -6.62 -8.06
C ASN A 17 -9.83 -6.62 -7.42
N GLY A 18 -9.59 -5.58 -6.63
CA GLY A 18 -8.30 -5.44 -5.95
C GLY A 18 -7.15 -5.76 -6.90
N TYR A 19 -5.96 -5.87 -6.32
CA TYR A 19 -4.77 -6.17 -7.09
C TYR A 19 -3.89 -7.19 -6.37
N GLU A 20 -3.38 -8.13 -7.16
CA GLU A 20 -2.51 -9.16 -6.61
C GLU A 20 -1.16 -9.15 -7.31
N ASN A 21 -0.15 -8.68 -6.59
CA ASN A 21 1.19 -8.60 -7.13
C ASN A 21 1.70 -10.02 -7.41
N PRO A 22 2.01 -10.26 -8.71
CA PRO A 22 2.50 -11.57 -9.13
C PRO A 22 3.96 -11.77 -8.70
N THR A 23 4.74 -10.70 -8.86
CA THR A 23 6.14 -10.75 -8.49
C THR A 23 6.34 -11.52 -7.19
N TYR A 24 5.51 -11.17 -6.21
CA TYR A 24 5.57 -11.82 -4.91
C TYR A 24 5.67 -13.34 -5.07
N LYS A 25 4.76 -13.89 -5.84
CA LYS A 25 4.74 -15.32 -6.08
C LYS A 25 4.51 -16.05 -4.74
N PHE A 26 3.42 -16.78 -4.68
CA PHE A 26 3.08 -17.52 -3.48
C PHE A 26 2.33 -18.82 -3.82
N PHE A 27 2.82 -19.91 -3.25
CA PHE A 27 2.20 -21.21 -3.49
C PHE A 27 1.29 -21.61 -2.33
N GLU A 28 0.68 -22.77 -2.48
CA GLU A 28 -0.23 -23.28 -1.46
C GLU A 28 -1.32 -22.24 -1.16
N GLN A 29 -2.37 -22.27 -1.96
CA GLN A 29 -3.47 -21.34 -1.78
C GLN A 29 -4.77 -21.95 -2.33
N MET A 30 -5.81 -21.86 -1.51
CA MET A 30 -7.10 -22.40 -1.89
C MET A 30 -7.00 -23.89 -2.25
N GLN A 31 -7.27 -24.73 -1.27
CA GLN A 31 -7.20 -26.16 -1.48
C GLN A 31 -7.80 -26.53 -2.84
N ASN A 32 -7.46 -27.73 -3.29
CA ASN A 32 -7.96 -28.22 -4.56
C ASN A 32 -9.45 -28.54 -4.44
N GLY B 1 17.47 -16.01 23.51
CA GLY B 1 16.70 -15.01 22.78
C GLY B 1 17.04 -15.03 21.29
N SER B 2 17.11 -13.84 20.71
CA SER B 2 17.41 -13.71 19.30
C SER B 2 17.81 -12.27 18.98
N SER B 3 18.28 -12.08 17.76
CA SER B 3 18.70 -10.75 17.32
C SER B 3 18.91 -10.75 15.81
N GLY B 4 18.91 -9.56 15.25
CA GLY B 4 19.10 -9.40 13.81
C GLY B 4 19.97 -8.18 13.50
N SER B 5 19.93 -7.76 12.24
CA SER B 5 20.70 -6.61 11.80
C SER B 5 20.47 -6.37 10.31
N SER B 6 20.87 -5.18 9.87
CA SER B 6 20.71 -4.81 8.47
C SER B 6 21.77 -3.78 8.08
N GLY B 7 21.84 -3.50 6.79
CA GLY B 7 22.80 -2.55 6.28
C GLY B 7 22.35 -2.00 4.92
N PRO B 8 21.73 -0.79 4.95
CA PRO B 8 21.25 -0.15 3.74
C PRO B 8 22.42 0.43 2.94
N THR B 9 22.07 1.15 1.88
CA THR B 9 23.07 1.76 1.03
C THR B 9 22.60 3.15 0.58
N PRO B 10 23.58 4.09 0.51
CA PRO B 10 23.27 5.45 0.09
C PRO B 10 23.04 5.53 -1.42
N LYS B 11 21.84 5.90 -1.79
CA LYS B 11 21.48 6.01 -3.20
C LYS B 11 20.17 6.80 -3.33
N THR B 12 20.27 7.95 -3.99
CA THR B 12 19.11 8.80 -4.18
C THR B 12 18.67 8.76 -5.65
N GLU B 13 17.37 8.96 -5.85
CA GLU B 13 16.80 8.94 -7.18
C GLU B 13 15.60 9.88 -7.25
N LEU B 14 14.78 9.66 -8.28
CA LEU B 14 13.59 10.48 -8.47
C LEU B 14 12.36 9.70 -7.99
N VAL B 15 11.70 10.29 -7.00
CA VAL B 15 10.51 9.66 -6.43
C VAL B 15 9.29 10.53 -6.74
N GLN B 16 8.14 9.89 -6.72
CA GLN B 16 6.88 10.59 -7.00
C GLN B 16 6.39 11.29 -5.73
N LYS B 17 6.55 10.60 -4.61
CA LYS B 17 6.11 11.14 -3.34
C LYS B 17 4.60 11.30 -3.34
N PHE B 18 4.01 11.17 -2.15
CA PHE B 18 2.57 11.30 -2.01
C PHE B 18 2.19 11.55 -0.55
N ARG B 19 2.06 12.82 -0.22
CA ARG B 19 1.70 13.22 1.13
C ARG B 19 0.24 12.86 1.42
N VAL B 20 0.06 11.77 2.15
CA VAL B 20 -1.28 11.31 2.49
C VAL B 20 -1.37 11.14 4.01
N GLN B 21 -2.41 10.44 4.43
CA GLN B 21 -2.63 10.20 5.85
C GLN B 21 -2.29 8.74 6.20
N TYR B 22 -2.28 8.47 7.49
CA TYR B 22 -1.98 7.13 7.97
C TYR B 22 -3.06 6.63 8.92
N LEU B 23 -3.80 5.63 8.47
CA LEU B 23 -4.86 5.05 9.26
C LEU B 23 -4.26 4.17 10.36
N GLY B 24 -3.14 3.55 10.02
CA GLY B 24 -2.45 2.68 10.96
C GLY B 24 -2.24 1.29 10.37
N MET B 25 -1.70 0.40 11.20
CA MET B 25 -1.43 -0.96 10.76
C MET B 25 -2.48 -1.93 11.31
N LEU B 26 -3.06 -2.70 10.40
CA LEU B 26 -4.09 -3.66 10.78
C LEU B 26 -3.56 -5.08 10.53
N PRO B 27 -3.76 -5.96 11.54
CA PRO B 27 -3.32 -7.34 11.43
C PRO B 27 -4.23 -8.14 10.50
N VAL B 28 -3.59 -8.95 9.67
CA VAL B 28 -4.33 -9.77 8.72
C VAL B 28 -3.90 -11.23 8.88
N ASP B 29 -4.42 -12.07 7.99
CA ASP B 29 -4.10 -13.48 8.03
C ASP B 29 -3.60 -13.92 6.65
N ARG B 30 -4.40 -13.64 5.63
CA ARG B 30 -4.05 -14.00 4.28
C ARG B 30 -3.28 -12.87 3.61
N PRO B 31 -2.40 -13.26 2.64
CA PRO B 31 -1.59 -12.28 1.93
C PRO B 31 -2.43 -11.52 0.91
N VAL B 32 -3.47 -12.18 0.42
CA VAL B 32 -4.36 -11.57 -0.56
C VAL B 32 -5.81 -11.75 -0.10
N GLY B 33 -6.67 -10.91 -0.66
CA GLY B 33 -8.08 -10.96 -0.31
C GLY B 33 -8.60 -9.59 0.13
N MET B 34 -9.75 -9.23 -0.41
CA MET B 34 -10.35 -7.95 -0.08
C MET B 34 -11.03 -8.00 1.29
N ASP B 35 -11.71 -9.11 1.54
CA ASP B 35 -12.41 -9.30 2.81
C ASP B 35 -11.44 -9.04 3.95
N THR B 36 -10.15 -9.24 3.67
CA THR B 36 -9.13 -9.02 4.67
C THR B 36 -8.62 -7.58 4.62
N LEU B 37 -8.60 -7.04 3.42
CA LEU B 37 -8.15 -5.67 3.22
C LEU B 37 -9.17 -4.71 3.82
N ASN B 38 -10.39 -4.77 3.30
CA ASN B 38 -11.46 -3.92 3.77
C ASN B 38 -11.52 -3.99 5.30
N SER B 39 -11.61 -5.21 5.80
CA SER B 39 -11.69 -5.43 7.24
C SER B 39 -10.76 -4.46 7.96
N ALA B 40 -9.52 -4.40 7.49
CA ALA B 40 -8.53 -3.53 8.08
C ALA B 40 -9.02 -2.07 7.98
N ILE B 41 -9.30 -1.66 6.76
CA ILE B 41 -9.77 -0.31 6.51
C ILE B 41 -10.91 0.01 7.48
N GLU B 42 -11.84 -0.94 7.58
CA GLU B 42 -12.98 -0.77 8.46
C GLU B 42 -12.53 -0.67 9.91
N ASN B 43 -11.64 -1.58 10.29
CA ASN B 43 -11.12 -1.60 11.64
C ASN B 43 -10.51 -0.23 11.97
N LEU B 44 -9.43 0.09 11.25
CA LEU B 44 -8.75 1.36 11.45
C LEU B 44 -9.79 2.49 11.43
N MET B 45 -10.56 2.52 10.36
CA MET B 45 -11.58 3.55 10.21
C MET B 45 -12.23 3.87 11.56
N THR B 46 -12.94 2.89 12.09
CA THR B 46 -13.61 3.06 13.37
C THR B 46 -12.59 3.16 14.51
N SER B 47 -11.71 2.17 14.55
CA SER B 47 -10.69 2.13 15.58
C SER B 47 -10.19 3.55 15.87
N SER B 48 -9.39 4.06 14.95
CA SER B 48 -8.83 5.40 15.08
C SER B 48 -9.76 6.42 14.42
N SER B 49 -9.53 7.68 14.75
CA SER B 49 -10.34 8.75 14.20
C SER B 49 -9.73 9.23 12.88
N LYS B 50 -10.42 10.18 12.26
CA LYS B 50 -9.97 10.72 10.99
C LYS B 50 -8.85 11.75 11.26
N GLU B 51 -9.02 12.48 12.35
CA GLU B 51 -8.04 13.49 12.73
C GLU B 51 -6.82 12.83 13.36
N ASP B 52 -7.05 11.66 13.93
CA ASP B 52 -5.98 10.92 14.57
C ASP B 52 -4.94 10.50 13.53
N TRP B 53 -5.45 10.18 12.34
CA TRP B 53 -4.58 9.76 11.25
C TRP B 53 -3.55 10.88 11.02
N PRO B 54 -2.27 10.56 11.36
CA PRO B 54 -1.19 11.52 11.20
C PRO B 54 -0.80 11.64 9.73
N SER B 55 -0.27 12.81 9.40
CA SER B 55 0.15 13.08 8.03
C SER B 55 1.53 12.45 7.77
N VAL B 56 1.59 11.68 6.68
CA VAL B 56 2.83 11.03 6.32
C VAL B 56 3.11 11.27 4.83
N ASN B 57 4.32 10.92 4.43
CA ASN B 57 4.73 11.09 3.04
C ASN B 57 4.98 9.72 2.42
N MET B 58 4.11 9.36 1.48
CA MET B 58 4.23 8.09 0.79
C MET B 58 5.13 8.20 -0.44
N ASN B 59 6.36 7.74 -0.28
CA ASN B 59 7.32 7.79 -1.37
C ASN B 59 7.03 6.64 -2.35
N VAL B 60 7.01 6.98 -3.62
CA VAL B 60 6.75 6.00 -4.65
C VAL B 60 7.74 6.20 -5.80
N ALA B 61 8.74 5.33 -5.83
CA ALA B 61 9.77 5.39 -6.86
C ALA B 61 9.51 4.31 -7.90
N ASP B 62 10.58 3.90 -8.57
CA ASP B 62 10.48 2.87 -9.59
C ASP B 62 9.49 1.80 -9.12
N ALA B 63 9.92 1.02 -8.14
CA ALA B 63 9.10 -0.04 -7.60
C ALA B 63 9.31 -0.14 -6.09
N THR B 64 8.87 0.90 -5.39
CA THR B 64 9.01 0.94 -3.95
C THR B 64 7.98 1.90 -3.34
N VAL B 65 7.53 1.54 -2.15
CA VAL B 65 6.55 2.36 -1.45
C VAL B 65 6.98 2.54 0.01
N THR B 66 7.52 3.72 0.29
CA THR B 66 7.98 4.04 1.63
C THR B 66 7.13 5.15 2.24
N VAL B 67 6.95 5.06 3.55
CA VAL B 67 6.16 6.05 4.27
C VAL B 67 7.06 6.81 5.24
N ILE B 68 7.51 7.97 4.80
CA ILE B 68 8.38 8.80 5.63
C ILE B 68 7.54 9.87 6.32
N SER B 69 7.97 10.23 7.52
CA SER B 69 7.27 11.24 8.29
C SER B 69 7.18 12.54 7.49
N GLU B 70 5.96 13.06 7.40
CA GLU B 70 5.73 14.28 6.66
C GLU B 70 6.82 15.32 6.97
N LYS B 71 7.01 15.54 8.26
CA LYS B 71 8.02 16.49 8.71
C LYS B 71 9.41 15.95 8.37
N ASN B 72 9.94 15.14 9.29
CA ASN B 72 11.26 14.56 9.09
C ASN B 72 11.26 13.74 7.81
N GLU B 73 12.14 14.12 6.90
CA GLU B 73 12.26 13.43 5.62
C GLU B 73 13.19 12.24 5.76
N GLU B 74 13.92 12.21 6.87
CA GLU B 74 14.86 11.13 7.12
C GLU B 74 14.31 10.20 8.21
N GLU B 75 13.01 10.28 8.41
CA GLU B 75 12.35 9.46 9.41
C GLU B 75 11.34 8.52 8.75
N VAL B 76 11.83 7.37 8.34
CA VAL B 76 10.99 6.38 7.69
C VAL B 76 9.93 5.90 8.69
N LEU B 77 8.82 5.41 8.13
CA LEU B 77 7.73 4.91 8.96
C LEU B 77 7.38 3.49 8.52
N VAL B 78 7.14 3.34 7.22
CA VAL B 78 6.79 2.05 6.67
C VAL B 78 7.46 1.88 5.30
N GLU B 79 8.10 0.73 5.13
CA GLU B 79 8.78 0.44 3.89
C GLU B 79 8.10 -0.72 3.16
N CYS B 80 7.20 -0.37 2.26
CA CYS B 80 6.47 -1.37 1.50
C CYS B 80 7.17 -1.55 0.15
N ARG B 81 7.99 -2.59 0.08
CA ARG B 81 8.72 -2.89 -1.14
C ARG B 81 7.80 -3.54 -2.16
N VAL B 82 7.66 -2.87 -3.30
CA VAL B 82 6.80 -3.38 -4.37
C VAL B 82 7.12 -4.86 -4.60
N ARG B 83 8.35 -5.23 -4.29
CA ARG B 83 8.79 -6.61 -4.45
C ARG B 83 8.18 -7.49 -3.36
N PHE B 84 8.11 -6.94 -2.16
CA PHE B 84 7.56 -7.67 -1.04
C PHE B 84 6.04 -7.60 -1.04
N LEU B 85 5.53 -6.44 -1.42
CA LEU B 85 4.09 -6.23 -1.47
C LEU B 85 3.42 -7.48 -2.02
N SER B 86 2.18 -7.68 -1.62
CA SER B 86 1.41 -8.83 -2.07
C SER B 86 0.05 -8.38 -2.60
N PHE B 87 -0.68 -7.67 -1.75
CA PHE B 87 -1.99 -7.17 -2.12
C PHE B 87 -2.10 -5.67 -1.87
N MET B 88 -2.96 -5.03 -2.66
CA MET B 88 -3.16 -3.60 -2.54
C MET B 88 -4.44 -3.17 -3.25
N GLY B 89 -5.35 -2.60 -2.46
CA GLY B 89 -6.62 -2.13 -3.01
C GLY B 89 -7.25 -1.09 -2.09
N VAL B 90 -8.56 -0.93 -2.24
CA VAL B 90 -9.29 0.04 -1.44
C VAL B 90 -10.43 -0.68 -0.70
N GLY B 91 -11.05 0.06 0.20
CA GLY B 91 -12.16 -0.49 0.98
C GLY B 91 -13.51 -0.10 0.36
N LYS B 92 -14.31 0.58 1.17
CA LYS B 92 -15.62 1.02 0.71
C LYS B 92 -15.47 2.31 -0.09
N ASP B 93 -14.47 3.09 0.29
CA ASP B 93 -14.21 4.35 -0.38
C ASP B 93 -12.79 4.34 -0.95
N VAL B 94 -12.66 4.88 -2.16
CA VAL B 94 -11.37 4.94 -2.82
C VAL B 94 -10.44 5.86 -2.02
N HIS B 95 -11.04 6.86 -1.40
CA HIS B 95 -10.29 7.82 -0.61
C HIS B 95 -9.28 7.08 0.26
N THR B 96 -9.64 5.85 0.62
CA THR B 96 -8.78 5.03 1.46
C THR B 96 -8.03 4.01 0.60
N PHE B 97 -6.76 3.81 0.94
CA PHE B 97 -5.93 2.87 0.21
C PHE B 97 -5.04 2.08 1.17
N ALA B 98 -5.24 0.77 1.16
CA ALA B 98 -4.46 -0.11 2.02
C ALA B 98 -3.68 -1.11 1.15
N PHE B 99 -2.75 -1.80 1.79
CA PHE B 99 -1.94 -2.78 1.09
C PHE B 99 -1.30 -3.77 2.08
N ILE B 100 -1.17 -5.01 1.63
CA ILE B 100 -0.58 -6.04 2.45
C ILE B 100 0.90 -6.17 2.12
N MET B 101 1.72 -6.05 3.15
CA MET B 101 3.17 -6.15 2.99
C MET B 101 3.74 -7.28 3.85
N ASP B 102 4.74 -7.95 3.30
CA ASP B 102 5.38 -9.05 4.01
C ASP B 102 6.49 -8.49 4.91
N THR B 103 6.32 -8.68 6.21
CA THR B 103 7.29 -8.21 7.18
C THR B 103 7.89 -9.38 7.95
N GLY B 104 8.48 -10.31 7.20
CA GLY B 104 9.10 -11.47 7.80
C GLY B 104 8.84 -12.73 6.95
N ASN B 105 8.78 -13.86 7.63
CA ASN B 105 8.53 -15.13 6.96
C ASN B 105 7.22 -15.04 6.18
N GLN B 106 6.13 -15.21 6.91
CA GLN B 106 4.82 -15.16 6.30
C GLN B 106 3.99 -14.03 6.92
N ARG B 107 4.63 -13.31 7.83
CA ARG B 107 3.97 -12.19 8.50
C ARG B 107 3.44 -11.19 7.47
N PHE B 108 2.26 -10.67 7.75
CA PHE B 108 1.63 -9.71 6.85
C PHE B 108 1.08 -8.52 7.64
N GLU B 109 1.30 -7.34 7.09
CA GLU B 109 0.83 -6.11 7.73
C GLU B 109 0.04 -5.27 6.73
N CYS B 110 -1.16 -4.88 7.15
CA CYS B 110 -2.03 -4.07 6.31
C CYS B 110 -1.89 -2.61 6.74
N HIS B 111 -1.43 -1.79 5.80
CA HIS B 111 -1.25 -0.37 6.07
C HIS B 111 -2.24 0.43 5.23
N VAL B 112 -3.21 1.03 5.92
CA VAL B 112 -4.21 1.84 5.24
C VAL B 112 -3.74 3.28 5.19
N PHE B 113 -4.35 4.04 4.27
CA PHE B 113 -4.00 5.43 4.10
C PHE B 113 -5.18 6.23 3.52
N TRP B 114 -5.25 7.49 3.91
CA TRP B 114 -6.32 8.36 3.43
C TRP B 114 -5.74 9.25 2.34
N CYS B 115 -6.29 9.10 1.14
CA CYS B 115 -5.84 9.88 0.01
C CYS B 115 -6.91 10.93 -0.31
N GLU B 116 -6.47 12.04 -0.88
CA GLU B 116 -7.37 13.12 -1.23
C GLU B 116 -7.08 13.63 -2.64
N PRO B 117 -8.14 13.69 -3.47
CA PRO B 117 -9.47 13.30 -3.02
C PRO B 117 -9.58 11.78 -2.94
N ASN B 118 -9.33 11.12 -4.07
CA ASN B 118 -9.41 9.67 -4.14
C ASN B 118 -7.99 9.10 -4.15
N ALA B 119 -7.92 7.78 -4.04
CA ALA B 119 -6.64 7.09 -4.04
C ALA B 119 -6.34 6.58 -5.45
N ALA B 120 -6.66 7.42 -6.42
CA ALA B 120 -6.43 7.07 -7.82
C ALA B 120 -4.93 7.15 -8.12
N ASN B 121 -4.39 8.36 -8.00
CA ASN B 121 -2.98 8.59 -8.25
C ASN B 121 -2.15 7.71 -7.31
N VAL B 122 -2.66 7.56 -6.09
CA VAL B 122 -1.98 6.76 -5.10
C VAL B 122 -2.00 5.30 -5.52
N SER B 123 -3.20 4.74 -5.54
CA SER B 123 -3.38 3.36 -5.93
C SER B 123 -2.62 3.08 -7.24
N GLU B 124 -2.69 4.04 -8.14
CA GLU B 124 -2.03 3.91 -9.42
C GLU B 124 -0.51 3.98 -9.24
N ALA B 125 -0.08 5.06 -8.61
CA ALA B 125 1.34 5.28 -8.36
C ALA B 125 1.95 3.99 -7.79
N VAL B 126 1.11 3.21 -7.14
CA VAL B 126 1.55 1.95 -6.56
C VAL B 126 1.32 0.81 -7.56
N GLN B 127 0.08 0.76 -8.06
CA GLN B 127 -0.28 -0.27 -9.02
C GLN B 127 0.69 -0.25 -10.21
N ALA B 128 1.20 0.93 -10.49
CA ALA B 128 2.12 1.09 -11.60
C ALA B 128 3.54 0.75 -11.12
N ALA B 129 3.76 0.93 -9.84
CA ALA B 129 5.06 0.64 -9.24
C ALA B 129 5.33 -0.86 -9.32
N CYS B 130 4.31 -1.63 -8.99
CA CYS B 130 4.42 -3.07 -9.02
C CYS B 130 4.96 -3.49 -10.39
N SER B 131 4.49 -2.78 -11.41
CA SER B 131 4.93 -3.06 -12.77
C SER B 131 4.37 -2.01 -13.73
N GLY B 132 3.05 -1.94 -13.78
CA GLY B 132 2.38 -0.98 -14.64
C GLY B 132 2.14 -1.56 -16.03
N PRO B 133 1.31 -0.84 -16.82
CA PRO B 133 0.99 -1.27 -18.17
C PRO B 133 2.16 -1.03 -19.12
N SER B 134 2.05 -1.62 -20.31
CA SER B 134 3.09 -1.47 -21.31
C SER B 134 3.21 -0.01 -21.74
N SER B 135 4.24 0.65 -21.21
CA SER B 135 4.47 2.04 -21.53
C SER B 135 3.20 2.86 -21.29
N GLY B 136 3.15 3.49 -20.12
CA GLY B 136 2.00 4.29 -19.75
C GLY B 136 2.44 5.69 -19.31
N ASP A 1 -23.35 0.00 -17.47
CA ASP A 1 -24.23 1.08 -17.90
C ASP A 1 -23.46 2.41 -17.85
N ALA A 2 -23.67 3.21 -18.88
CA ALA A 2 -23.01 4.50 -18.97
C ALA A 2 -21.50 4.28 -19.07
N ALA A 3 -20.80 5.36 -19.40
CA ALA A 3 -19.36 5.31 -19.53
C ALA A 3 -18.72 6.29 -18.56
N VAL A 4 -18.58 5.84 -17.31
CA VAL A 4 -17.99 6.67 -16.28
C VAL A 4 -16.54 7.01 -16.66
N THR A 5 -15.93 7.85 -15.84
CA THR A 5 -14.56 8.27 -16.09
C THR A 5 -13.64 7.04 -16.16
N PRO A 6 -12.46 7.25 -16.79
CA PRO A 6 -11.48 6.18 -16.93
C PRO A 6 -10.77 5.92 -15.61
N GLU A 7 -10.69 6.96 -14.79
CA GLU A 7 -10.03 6.85 -13.51
C GLU A 7 -10.91 6.08 -12.53
N GLU A 8 -12.09 6.63 -12.28
CA GLU A 8 -13.04 6.01 -11.37
C GLU A 8 -13.03 4.49 -11.54
N ARG A 9 -13.01 4.07 -12.81
CA ARG A 9 -13.00 2.65 -13.11
C ARG A 9 -11.84 1.96 -12.41
N HIS A 10 -10.64 2.50 -12.64
CA HIS A 10 -9.44 1.96 -12.04
C HIS A 10 -9.69 1.68 -10.55
N LEU A 11 -10.29 2.67 -9.90
CA LEU A 11 -10.60 2.55 -8.49
C LEU A 11 -11.63 1.44 -8.28
N SER A 12 -12.82 1.67 -8.83
CA SER A 12 -13.89 0.70 -8.72
C SER A 12 -13.34 -0.72 -8.85
N LYS A 13 -12.59 -0.93 -9.92
CA LYS A 13 -12.00 -2.23 -10.17
C LYS A 13 -11.31 -2.74 -8.90
N MET A 14 -10.47 -1.88 -8.35
CA MET A 14 -9.74 -2.22 -7.14
C MET A 14 -10.70 -2.52 -5.99
N GLN A 15 -11.66 -1.61 -5.81
CA GLN A 15 -12.64 -1.77 -4.76
C GLN A 15 -13.15 -3.20 -4.71
N GLN A 16 -13.22 -3.82 -5.89
CA GLN A 16 -13.69 -5.19 -6.00
C GLN A 16 -12.54 -6.11 -6.40
N ASN A 17 -12.43 -6.31 -7.71
CA ASN A 17 -11.37 -7.17 -8.24
C ASN A 17 -10.13 -7.04 -7.36
N GLY A 18 -9.57 -5.84 -7.34
CA GLY A 18 -8.38 -5.57 -6.54
C GLY A 18 -7.12 -5.90 -7.34
N TYR A 19 -5.99 -5.78 -6.66
CA TYR A 19 -4.71 -6.07 -7.28
C TYR A 19 -3.90 -7.07 -6.45
N GLU A 20 -3.38 -8.07 -7.14
CA GLU A 20 -2.58 -9.10 -6.49
C GLU A 20 -1.21 -9.21 -7.15
N ASN A 21 -0.21 -8.65 -6.47
CA ASN A 21 1.14 -8.67 -6.96
C ASN A 21 1.56 -10.12 -7.24
N PRO A 22 1.79 -10.41 -8.54
CA PRO A 22 2.20 -11.74 -8.96
C PRO A 22 3.66 -12.02 -8.59
N THR A 23 4.48 -10.99 -8.75
CA THR A 23 5.89 -11.11 -8.45
C THR A 23 6.09 -11.81 -7.10
N TYR A 24 5.34 -11.35 -6.12
CA TYR A 24 5.42 -11.92 -4.79
C TYR A 24 5.48 -13.45 -4.85
N LYS A 25 6.61 -13.99 -4.40
CA LYS A 25 6.81 -15.42 -4.40
C LYS A 25 7.54 -15.83 -3.11
N PHE A 26 6.76 -16.12 -2.09
CA PHE A 26 7.31 -16.52 -0.81
C PHE A 26 6.75 -17.88 -0.37
N PHE A 27 7.67 -18.81 -0.12
CA PHE A 27 7.28 -20.14 0.31
C PHE A 27 6.55 -20.09 1.65
N GLU A 28 5.33 -20.66 1.65
CA GLU A 28 4.53 -20.68 2.86
C GLU A 28 4.69 -22.02 3.58
N GLN A 29 4.61 -21.97 4.89
CA GLN A 29 4.76 -23.17 5.71
C GLN A 29 4.45 -22.85 7.18
N MET A 30 3.23 -23.19 7.57
CA MET A 30 2.80 -22.95 8.94
C MET A 30 1.45 -23.62 9.22
N GLN A 31 1.07 -23.61 10.48
CA GLN A 31 -0.19 -24.20 10.90
C GLN A 31 -1.34 -23.60 10.10
N ASN A 32 -2.37 -24.41 9.91
CA ASN A 32 -3.54 -23.97 9.17
C ASN A 32 -4.69 -23.71 10.15
N GLY B 1 22.16 -15.69 13.47
CA GLY B 1 23.06 -14.75 14.10
C GLY B 1 23.71 -13.82 13.07
N SER B 2 25.02 -13.92 12.98
CA SER B 2 25.77 -13.10 12.03
C SER B 2 25.67 -11.62 12.44
N SER B 3 26.54 -10.83 11.84
CA SER B 3 26.57 -9.40 12.12
C SER B 3 27.41 -8.67 11.08
N GLY B 4 26.74 -8.21 10.04
CA GLY B 4 27.42 -7.50 8.97
C GLY B 4 26.42 -6.68 8.14
N SER B 5 26.96 -5.98 7.16
CA SER B 5 26.13 -5.15 6.29
C SER B 5 26.28 -5.60 4.84
N SER B 6 25.21 -5.41 4.08
CA SER B 6 25.21 -5.79 2.68
C SER B 6 24.04 -5.12 1.96
N GLY B 7 24.33 -4.61 0.77
CA GLY B 7 23.32 -3.94 -0.03
C GLY B 7 23.94 -2.86 -0.92
N PRO B 8 23.15 -2.43 -1.95
CA PRO B 8 23.61 -1.41 -2.86
C PRO B 8 23.57 -0.02 -2.21
N THR B 9 24.18 0.94 -2.89
CA THR B 9 24.22 2.30 -2.39
C THR B 9 23.03 3.10 -2.91
N PRO B 10 22.53 4.02 -2.05
CA PRO B 10 21.39 4.85 -2.42
C PRO B 10 21.81 5.94 -3.41
N LYS B 11 21.15 5.96 -4.55
CA LYS B 11 21.44 6.94 -5.58
C LYS B 11 20.38 8.03 -5.55
N THR B 12 20.85 9.27 -5.58
CA THR B 12 19.95 10.42 -5.55
C THR B 12 19.00 10.37 -6.75
N GLU B 13 17.88 9.68 -6.56
CA GLU B 13 16.89 9.56 -7.61
C GLU B 13 15.67 10.43 -7.29
N LEU B 14 14.78 10.52 -8.28
CA LEU B 14 13.57 11.31 -8.11
C LEU B 14 12.40 10.38 -7.74
N VAL B 15 11.74 10.73 -6.66
CA VAL B 15 10.61 9.94 -6.18
C VAL B 15 9.31 10.72 -6.43
N GLN B 16 8.23 9.97 -6.53
CA GLN B 16 6.92 10.58 -6.75
C GLN B 16 6.44 11.28 -5.49
N LYS B 17 6.36 10.51 -4.41
CA LYS B 17 5.92 11.05 -3.14
C LYS B 17 4.43 11.37 -3.22
N PHE B 18 3.76 11.23 -2.08
CA PHE B 18 2.33 11.51 -2.01
C PHE B 18 1.91 11.83 -0.58
N ARG B 19 1.92 13.11 -0.26
CA ARG B 19 1.54 13.54 1.07
C ARG B 19 0.10 13.13 1.37
N VAL B 20 -0.03 12.06 2.12
CA VAL B 20 -1.34 11.55 2.49
C VAL B 20 -1.41 11.37 4.00
N GLN B 21 -2.39 10.59 4.44
CA GLN B 21 -2.58 10.33 5.85
C GLN B 21 -2.18 8.89 6.19
N TYR B 22 -2.14 8.61 7.48
CA TYR B 22 -1.77 7.28 7.94
C TYR B 22 -2.82 6.71 8.90
N LEU B 23 -3.68 5.87 8.34
CA LEU B 23 -4.73 5.26 9.14
C LEU B 23 -4.11 4.39 10.24
N GLY B 24 -3.10 3.63 9.85
CA GLY B 24 -2.42 2.76 10.78
C GLY B 24 -2.23 1.36 10.21
N MET B 25 -1.75 0.46 11.05
CA MET B 25 -1.53 -0.91 10.64
C MET B 25 -2.56 -1.85 11.27
N LEU B 26 -3.08 -2.76 10.44
CA LEU B 26 -4.07 -3.71 10.90
C LEU B 26 -3.56 -5.13 10.66
N PRO B 27 -3.70 -5.98 11.71
CA PRO B 27 -3.25 -7.37 11.62
C PRO B 27 -4.22 -8.19 10.77
N VAL B 28 -3.65 -9.12 10.00
CA VAL B 28 -4.45 -9.98 9.15
C VAL B 28 -3.98 -11.43 9.31
N ASP B 29 -4.45 -12.27 8.41
CA ASP B 29 -4.10 -13.68 8.44
C ASP B 29 -3.56 -14.10 7.07
N ARG B 30 -4.32 -13.74 6.05
CA ARG B 30 -3.94 -14.07 4.69
C ARG B 30 -3.22 -12.88 4.03
N PRO B 31 -2.30 -13.21 3.09
CA PRO B 31 -1.53 -12.19 2.39
C PRO B 31 -2.41 -11.49 1.33
N VAL B 32 -3.41 -12.21 0.87
CA VAL B 32 -4.32 -11.68 -0.13
C VAL B 32 -5.76 -11.97 0.28
N GLY B 33 -6.63 -11.01 0.01
CA GLY B 33 -8.04 -11.15 0.35
C GLY B 33 -8.73 -9.79 0.37
N MET B 34 -9.68 -9.63 -0.54
CA MET B 34 -10.42 -8.38 -0.63
C MET B 34 -11.21 -8.11 0.65
N ASP B 35 -11.60 -9.21 1.30
CA ASP B 35 -12.36 -9.11 2.54
C ASP B 35 -11.41 -8.76 3.69
N THR B 36 -10.16 -9.18 3.53
CA THR B 36 -9.15 -8.93 4.54
C THR B 36 -8.75 -7.45 4.54
N LEU B 37 -8.31 -6.98 3.39
CA LEU B 37 -7.90 -5.60 3.24
C LEU B 37 -8.98 -4.69 3.85
N ASN B 38 -10.17 -4.79 3.29
CA ASN B 38 -11.29 -3.99 3.76
C ASN B 38 -11.39 -4.10 5.28
N SER B 39 -11.36 -5.34 5.75
CA SER B 39 -11.45 -5.60 7.18
C SER B 39 -10.57 -4.62 7.95
N ALA B 40 -9.33 -4.50 7.49
CA ALA B 40 -8.38 -3.60 8.12
C ALA B 40 -8.94 -2.17 8.09
N ILE B 41 -9.08 -1.65 6.87
CA ILE B 41 -9.60 -0.32 6.70
C ILE B 41 -10.81 -0.10 7.60
N GLU B 42 -11.70 -1.09 7.57
CA GLU B 42 -12.91 -1.03 8.38
C GLU B 42 -12.55 -0.91 9.85
N ASN B 43 -11.48 -1.60 10.23
CA ASN B 43 -11.01 -1.57 11.61
C ASN B 43 -10.50 -0.17 11.95
N LEU B 44 -9.39 0.18 11.30
CA LEU B 44 -8.79 1.49 11.54
C LEU B 44 -9.86 2.57 11.40
N MET B 45 -10.64 2.47 10.34
CA MET B 45 -11.71 3.43 10.08
C MET B 45 -12.37 3.86 11.39
N THR B 46 -12.64 2.89 12.24
CA THR B 46 -13.28 3.16 13.51
C THR B 46 -12.23 3.20 14.63
N SER B 47 -11.25 2.31 14.51
CA SER B 47 -10.18 2.23 15.51
C SER B 47 -9.71 3.64 15.87
N SER B 48 -9.51 4.45 14.83
CA SER B 48 -9.07 5.82 15.03
C SER B 48 -9.98 6.78 14.29
N SER B 49 -9.91 8.05 14.68
CA SER B 49 -10.73 9.08 14.06
C SER B 49 -10.09 9.51 12.75
N LYS B 50 -10.79 10.41 12.05
CA LYS B 50 -10.31 10.92 10.78
C LYS B 50 -9.15 11.87 11.03
N GLU B 51 -9.32 12.72 12.03
CA GLU B 51 -8.29 13.69 12.38
C GLU B 51 -7.09 12.99 13.02
N ASP B 52 -7.40 11.98 13.84
CA ASP B 52 -6.36 11.23 14.51
C ASP B 52 -5.33 10.76 13.48
N TRP B 53 -5.82 10.43 12.30
CA TRP B 53 -4.95 9.97 11.23
C TRP B 53 -3.96 11.09 10.91
N PRO B 54 -2.66 10.82 11.26
CA PRO B 54 -1.61 11.80 11.03
C PRO B 54 -1.24 11.85 9.54
N SER B 55 -0.44 12.85 9.20
CA SER B 55 -0.01 13.02 7.83
C SER B 55 1.36 12.37 7.63
N VAL B 56 1.58 11.91 6.40
CA VAL B 56 2.85 11.27 6.07
C VAL B 56 3.13 11.46 4.57
N ASN B 57 4.35 11.12 4.19
CA ASN B 57 4.76 11.24 2.80
C ASN B 57 5.00 9.85 2.21
N MET B 58 4.08 9.43 1.36
CA MET B 58 4.19 8.13 0.73
C MET B 58 5.11 8.19 -0.49
N ASN B 59 6.32 7.67 -0.30
CA ASN B 59 7.31 7.66 -1.37
C ASN B 59 6.97 6.53 -2.35
N VAL B 60 6.94 6.88 -3.62
CA VAL B 60 6.64 5.91 -4.66
C VAL B 60 7.67 6.03 -5.78
N ALA B 61 8.64 5.15 -5.76
CA ALA B 61 9.69 5.14 -6.76
C ALA B 61 9.41 4.05 -7.79
N ASP B 62 10.44 3.69 -8.53
CA ASP B 62 10.32 2.66 -9.55
C ASP B 62 9.37 1.57 -9.05
N ALA B 63 9.82 0.86 -8.02
CA ALA B 63 9.02 -0.20 -7.44
C ALA B 63 9.26 -0.26 -5.93
N THR B 64 8.79 0.78 -5.25
CA THR B 64 8.95 0.85 -3.81
C THR B 64 7.90 1.80 -3.21
N VAL B 65 7.47 1.46 -2.00
CA VAL B 65 6.48 2.27 -1.31
C VAL B 65 6.93 2.48 0.14
N THR B 66 7.55 3.63 0.36
CA THR B 66 8.03 3.98 1.69
C THR B 66 7.23 5.15 2.26
N VAL B 67 6.91 5.04 3.54
CA VAL B 67 6.15 6.08 4.22
C VAL B 67 7.07 6.85 5.17
N ILE B 68 7.56 7.98 4.68
CA ILE B 68 8.46 8.82 5.46
C ILE B 68 7.64 9.87 6.21
N SER B 69 8.14 10.24 7.39
CA SER B 69 7.46 11.23 8.20
C SER B 69 7.29 12.53 7.41
N GLU B 70 6.11 13.12 7.57
CA GLU B 70 5.80 14.36 6.88
C GLU B 70 6.93 15.38 7.09
N LYS B 71 7.14 15.73 8.35
CA LYS B 71 8.17 16.68 8.71
C LYS B 71 9.54 16.10 8.35
N ASN B 72 10.08 15.34 9.29
CA ASN B 72 11.38 14.72 9.09
C ASN B 72 11.37 13.94 7.78
N GLU B 73 12.42 14.15 6.99
CA GLU B 73 12.54 13.47 5.71
C GLU B 73 13.44 12.24 5.84
N GLU B 74 14.21 12.23 6.91
CA GLU B 74 15.12 11.12 7.18
C GLU B 74 14.58 10.26 8.31
N GLU B 75 13.27 10.04 8.29
CA GLU B 75 12.62 9.24 9.31
C GLU B 75 11.54 8.35 8.67
N VAL B 76 11.98 7.21 8.18
CA VAL B 76 11.07 6.27 7.54
C VAL B 76 10.03 5.81 8.57
N LEU B 77 8.87 5.42 8.05
CA LEU B 77 7.80 4.95 8.91
C LEU B 77 7.40 3.53 8.50
N VAL B 78 7.13 3.37 7.21
CA VAL B 78 6.73 2.08 6.68
C VAL B 78 7.41 1.86 5.33
N GLU B 79 8.02 0.69 5.17
CA GLU B 79 8.70 0.35 3.94
C GLU B 79 7.98 -0.80 3.24
N CYS B 80 7.09 -0.44 2.33
CA CYS B 80 6.33 -1.43 1.59
C CYS B 80 7.02 -1.65 0.24
N ARG B 81 7.92 -2.61 0.23
CA ARG B 81 8.66 -2.94 -0.98
C ARG B 81 7.73 -3.60 -2.01
N VAL B 82 7.53 -2.89 -3.11
CA VAL B 82 6.66 -3.39 -4.17
C VAL B 82 6.92 -4.89 -4.36
N ARG B 83 8.19 -5.26 -4.24
CA ARG B 83 8.58 -6.66 -4.39
C ARG B 83 7.93 -7.51 -3.32
N PHE B 84 8.03 -7.04 -2.08
CA PHE B 84 7.46 -7.75 -0.96
C PHE B 84 5.93 -7.68 -0.98
N LEU B 85 5.43 -6.50 -1.35
CA LEU B 85 3.99 -6.29 -1.41
C LEU B 85 3.32 -7.54 -1.99
N SER B 86 2.14 -7.82 -1.47
CA SER B 86 1.38 -8.98 -1.92
C SER B 86 0.09 -8.53 -2.60
N PHE B 87 -0.66 -7.72 -1.88
CA PHE B 87 -1.93 -7.21 -2.40
C PHE B 87 -2.15 -5.75 -1.98
N MET B 88 -2.97 -5.06 -2.76
CA MET B 88 -3.26 -3.66 -2.48
C MET B 88 -4.55 -3.22 -3.19
N GLY B 89 -5.37 -2.51 -2.45
CA GLY B 89 -6.64 -2.03 -2.99
C GLY B 89 -7.27 -0.98 -2.07
N VAL B 90 -8.58 -0.85 -2.20
CA VAL B 90 -9.32 0.10 -1.38
C VAL B 90 -10.40 -0.63 -0.59
N GLY B 91 -10.92 0.05 0.41
CA GLY B 91 -11.97 -0.52 1.25
C GLY B 91 -13.35 -0.21 0.69
N LYS B 92 -14.08 0.61 1.44
CA LYS B 92 -15.42 0.99 1.03
C LYS B 92 -15.35 2.29 0.22
N ASP B 93 -14.40 3.13 0.59
CA ASP B 93 -14.21 4.40 -0.09
C ASP B 93 -12.82 4.44 -0.72
N VAL B 94 -12.79 4.78 -1.99
CA VAL B 94 -11.53 4.85 -2.72
C VAL B 94 -10.58 5.78 -1.97
N HIS B 95 -11.14 6.86 -1.44
CA HIS B 95 -10.34 7.82 -0.70
C HIS B 95 -9.30 7.09 0.15
N THR B 96 -9.67 5.89 0.57
CA THR B 96 -8.79 5.08 1.39
C THR B 96 -8.01 4.09 0.51
N PHE B 97 -6.77 3.83 0.93
CA PHE B 97 -5.91 2.92 0.19
C PHE B 97 -5.05 2.09 1.14
N ALA B 98 -5.32 0.79 1.15
CA ALA B 98 -4.58 -0.11 2.01
C ALA B 98 -3.73 -1.05 1.15
N PHE B 99 -2.89 -1.83 1.82
CA PHE B 99 -2.03 -2.77 1.13
C PHE B 99 -1.37 -3.74 2.11
N ILE B 100 -1.23 -4.97 1.66
CA ILE B 100 -0.63 -6.01 2.49
C ILE B 100 0.87 -6.11 2.16
N MET B 101 1.67 -6.18 3.22
CA MET B 101 3.11 -6.27 3.07
C MET B 101 3.69 -7.34 4.00
N ASP B 102 4.75 -7.98 3.52
CA ASP B 102 5.40 -9.02 4.30
C ASP B 102 6.48 -8.40 5.18
N THR B 103 6.34 -8.61 6.49
CA THR B 103 7.29 -8.07 7.44
C THR B 103 7.95 -9.20 8.22
N GLY B 104 8.47 -10.17 7.48
CA GLY B 104 9.14 -11.31 8.09
C GLY B 104 9.00 -12.56 7.22
N ASN B 105 9.02 -13.70 7.87
CA ASN B 105 8.90 -14.97 7.17
C ASN B 105 7.62 -14.96 6.32
N GLN B 106 6.51 -15.20 6.99
CA GLN B 106 5.22 -15.22 6.32
C GLN B 106 4.30 -14.16 6.90
N ARG B 107 4.88 -13.30 7.73
CA ARG B 107 4.13 -12.23 8.36
C ARG B 107 3.45 -11.37 7.29
N PHE B 108 2.28 -10.85 7.65
CA PHE B 108 1.52 -10.01 6.74
C PHE B 108 0.89 -8.83 7.48
N GLU B 109 1.25 -7.64 7.03
CA GLU B 109 0.73 -6.43 7.64
C GLU B 109 -0.06 -5.62 6.62
N CYS B 110 -1.27 -5.24 7.02
CA CYS B 110 -2.14 -4.46 6.14
C CYS B 110 -2.17 -3.03 6.66
N HIS B 111 -1.72 -2.11 5.80
CA HIS B 111 -1.70 -0.71 6.15
C HIS B 111 -2.86 0.02 5.47
N VAL B 112 -3.13 1.22 5.96
CA VAL B 112 -4.21 2.02 5.40
C VAL B 112 -3.77 3.48 5.35
N PHE B 113 -4.37 4.21 4.41
CA PHE B 113 -4.05 5.62 4.25
C PHE B 113 -5.26 6.39 3.70
N TRP B 114 -5.28 7.68 4.02
CA TRP B 114 -6.37 8.54 3.57
C TRP B 114 -5.81 9.51 2.53
N CYS B 115 -6.31 9.37 1.31
CA CYS B 115 -5.86 10.22 0.22
C CYS B 115 -7.01 11.16 -0.15
N GLU B 116 -6.66 12.24 -0.84
CA GLU B 116 -7.64 13.21 -1.27
C GLU B 116 -7.34 13.71 -2.67
N PRO B 117 -8.40 13.75 -3.52
CA PRO B 117 -9.72 13.35 -3.08
C PRO B 117 -9.82 11.82 -2.97
N ASN B 118 -9.59 11.17 -4.10
CA ASN B 118 -9.65 9.72 -4.14
C ASN B 118 -8.23 9.16 -4.26
N ALA B 119 -8.13 7.86 -4.03
CA ALA B 119 -6.84 7.18 -4.10
C ALA B 119 -6.63 6.63 -5.50
N ALA B 120 -6.82 7.50 -6.48
CA ALA B 120 -6.67 7.10 -7.87
C ALA B 120 -5.19 7.23 -8.27
N ASN B 121 -4.61 8.37 -7.93
CA ASN B 121 -3.21 8.62 -8.24
C ASN B 121 -2.33 7.79 -7.31
N VAL B 122 -2.79 7.65 -6.07
CA VAL B 122 -2.06 6.89 -5.08
C VAL B 122 -1.97 5.42 -5.53
N SER B 123 -3.10 4.74 -5.44
CA SER B 123 -3.17 3.35 -5.84
C SER B 123 -2.50 3.16 -7.19
N GLU B 124 -2.62 4.17 -8.03
CA GLU B 124 -2.03 4.14 -9.36
C GLU B 124 -0.51 4.16 -9.27
N ALA B 125 0.00 5.23 -8.67
CA ALA B 125 1.44 5.40 -8.51
C ALA B 125 2.02 4.13 -7.87
N VAL B 126 1.16 3.40 -7.19
CA VAL B 126 1.57 2.17 -6.53
C VAL B 126 1.43 1.00 -7.51
N GLN B 127 0.20 0.80 -7.97
CA GLN B 127 -0.08 -0.28 -8.90
C GLN B 127 0.96 -0.28 -10.03
N ALA B 128 1.34 0.92 -10.44
CA ALA B 128 2.32 1.07 -11.51
C ALA B 128 3.69 0.63 -11.00
N ALA B 129 3.94 0.93 -9.74
CA ALA B 129 5.21 0.57 -9.11
C ALA B 129 5.44 -0.93 -9.28
N CYS B 130 4.43 -1.70 -8.93
CA CYS B 130 4.52 -3.14 -9.03
C CYS B 130 4.97 -3.50 -10.44
N SER B 131 4.26 -2.95 -11.41
CA SER B 131 4.58 -3.21 -12.81
C SER B 131 3.95 -2.13 -13.69
N GLY B 132 2.63 -1.99 -13.56
CA GLY B 132 1.91 -1.00 -14.33
C GLY B 132 1.57 -1.53 -15.72
N PRO B 133 0.69 -0.80 -16.44
CA PRO B 133 0.28 -1.18 -17.77
C PRO B 133 1.38 -0.88 -18.79
N SER B 134 1.27 -1.51 -19.94
CA SER B 134 2.25 -1.33 -21.00
C SER B 134 1.57 -0.74 -22.24
N SER B 135 2.23 0.25 -22.82
CA SER B 135 1.70 0.91 -24.01
C SER B 135 0.37 1.58 -23.69
N GLY B 136 -0.10 2.38 -24.64
CA GLY B 136 -1.36 3.09 -24.48
C GLY B 136 -2.18 3.05 -25.76
N ASP A 1 -22.74 3.27 -26.03
CA ASP A 1 -21.38 3.70 -25.72
C ASP A 1 -21.42 4.78 -24.65
N ALA A 2 -20.34 4.85 -23.88
CA ALA A 2 -20.25 5.84 -22.82
C ALA A 2 -18.77 6.17 -22.57
N ALA A 3 -18.01 5.13 -22.24
CA ALA A 3 -16.59 5.29 -21.98
C ALA A 3 -16.41 6.23 -20.78
N VAL A 4 -16.69 5.69 -19.60
CA VAL A 4 -16.57 6.45 -18.38
C VAL A 4 -15.11 6.90 -18.20
N THR A 5 -14.83 7.47 -17.05
CA THR A 5 -13.48 7.94 -16.75
C THR A 5 -12.51 6.75 -16.71
N PRO A 6 -11.25 7.04 -17.15
CA PRO A 6 -10.22 6.02 -17.17
C PRO A 6 -9.70 5.72 -15.76
N GLU A 7 -9.37 6.78 -15.05
CA GLU A 7 -8.87 6.65 -13.70
C GLU A 7 -9.91 5.95 -12.81
N GLU A 8 -11.10 6.51 -12.78
CA GLU A 8 -12.18 5.95 -11.98
C GLU A 8 -12.17 4.43 -12.09
N ARG A 9 -12.02 3.95 -13.31
CA ARG A 9 -11.99 2.52 -13.56
C ARG A 9 -10.96 1.83 -12.65
N HIS A 10 -9.75 2.37 -12.70
CA HIS A 10 -8.67 1.83 -11.89
C HIS A 10 -9.15 1.62 -10.46
N LEU A 11 -9.78 2.66 -9.93
CA LEU A 11 -10.30 2.60 -8.57
C LEU A 11 -11.38 1.54 -8.48
N SER A 12 -12.39 1.69 -9.33
CA SER A 12 -13.50 0.74 -9.36
C SER A 12 -12.96 -0.69 -9.37
N LYS A 13 -11.73 -0.82 -9.85
CA LYS A 13 -11.09 -2.13 -9.93
C LYS A 13 -10.58 -2.52 -8.54
N MET A 14 -9.54 -1.81 -8.11
CA MET A 14 -8.95 -2.06 -6.82
C MET A 14 -10.00 -2.01 -5.71
N GLN A 15 -11.13 -1.43 -6.04
CA GLN A 15 -12.22 -1.30 -5.09
C GLN A 15 -12.73 -2.68 -4.69
N GLN A 16 -12.65 -3.61 -5.62
CA GLN A 16 -13.10 -4.97 -5.37
C GLN A 16 -12.20 -5.97 -6.11
N ASN A 17 -11.94 -5.66 -7.38
CA ASN A 17 -11.10 -6.52 -8.19
C ASN A 17 -9.72 -6.63 -7.56
N GLY A 18 -9.40 -5.64 -6.73
CA GLY A 18 -8.12 -5.61 -6.05
C GLY A 18 -6.97 -5.78 -7.04
N TYR A 19 -5.83 -6.23 -6.53
CA TYR A 19 -4.66 -6.44 -7.35
C TYR A 19 -3.63 -7.32 -6.63
N GLU A 20 -3.09 -8.26 -7.37
CA GLU A 20 -2.09 -9.18 -6.83
C GLU A 20 -0.78 -9.06 -7.60
N ASN A 21 0.21 -8.48 -6.94
CA ASN A 21 1.52 -8.32 -7.54
C ASN A 21 2.03 -9.66 -8.04
N PRO A 22 2.16 -9.77 -9.39
CA PRO A 22 2.64 -11.00 -10.00
C PRO A 22 4.15 -11.17 -9.81
N THR A 23 4.52 -11.45 -8.56
CA THR A 23 5.93 -11.63 -8.23
C THR A 23 6.08 -12.27 -6.85
N TYR A 24 5.28 -11.78 -5.92
CA TYR A 24 5.31 -12.29 -4.56
C TYR A 24 5.37 -13.81 -4.55
N LYS A 25 4.37 -14.41 -5.20
CA LYS A 25 4.30 -15.87 -5.28
C LYS A 25 4.13 -16.43 -3.87
N PHE A 26 3.23 -17.39 -3.76
CA PHE A 26 2.96 -18.03 -2.48
C PHE A 26 2.01 -19.22 -2.64
N PHE A 27 2.06 -20.11 -1.66
CA PHE A 27 1.21 -21.30 -1.69
C PHE A 27 1.15 -21.95 -0.31
N GLU A 28 0.50 -23.10 -0.27
CA GLU A 28 0.36 -23.84 0.98
C GLU A 28 1.40 -24.96 1.06
N GLN A 29 2.64 -24.55 1.32
CA GLN A 29 3.73 -25.49 1.43
C GLN A 29 4.95 -24.83 2.08
N MET A 30 5.30 -25.34 3.26
CA MET A 30 6.43 -24.80 4.00
C MET A 30 7.63 -25.75 3.91
N GLN A 31 8.80 -25.20 4.21
CA GLN A 31 10.03 -25.99 4.18
C GLN A 31 10.14 -26.84 5.45
N ASN A 32 11.17 -27.68 5.46
CA ASN A 32 11.41 -28.55 6.60
C ASN A 32 12.88 -28.95 6.63
N GLY B 1 21.21 -17.82 23.36
CA GLY B 1 20.46 -17.50 22.17
C GLY B 1 21.35 -16.90 21.09
N SER B 2 20.72 -16.48 20.00
CA SER B 2 21.46 -15.89 18.90
C SER B 2 20.65 -14.73 18.30
N SER B 3 21.36 -13.64 18.02
CA SER B 3 20.73 -12.46 17.45
C SER B 3 21.68 -11.80 16.45
N GLY B 4 21.10 -10.98 15.58
CA GLY B 4 21.87 -10.28 14.58
C GLY B 4 21.01 -9.25 13.85
N SER B 5 21.65 -8.54 12.93
CA SER B 5 20.96 -7.51 12.16
C SER B 5 21.73 -7.21 10.87
N SER B 6 20.99 -6.79 9.86
CA SER B 6 21.59 -6.47 8.58
C SER B 6 20.54 -5.87 7.64
N GLY B 7 21.03 -5.26 6.57
CA GLY B 7 20.15 -4.65 5.59
C GLY B 7 20.94 -3.86 4.55
N PRO B 8 20.69 -4.19 3.26
CA PRO B 8 21.37 -3.52 2.17
C PRO B 8 20.81 -2.12 1.95
N THR B 9 21.55 -1.14 2.46
CA THR B 9 21.15 0.25 2.33
C THR B 9 20.55 0.50 0.94
N PRO B 10 19.69 1.56 0.86
CA PRO B 10 19.04 1.91 -0.38
C PRO B 10 20.03 2.60 -1.33
N LYS B 11 19.66 2.62 -2.60
CA LYS B 11 20.49 3.23 -3.63
C LYS B 11 19.63 3.61 -4.83
N THR B 12 18.69 4.52 -4.59
CA THR B 12 17.80 4.97 -5.63
C THR B 12 17.37 6.42 -5.38
N GLU B 13 17.20 7.14 -6.48
CA GLU B 13 16.79 8.54 -6.39
C GLU B 13 15.54 8.78 -7.23
N LEU B 14 15.05 10.01 -7.17
CA LEU B 14 13.87 10.39 -7.91
C LEU B 14 12.66 9.61 -7.37
N VAL B 15 11.71 10.34 -6.82
CA VAL B 15 10.52 9.73 -6.26
C VAL B 15 9.31 10.62 -6.57
N GLN B 16 8.14 9.99 -6.60
CA GLN B 16 6.91 10.71 -6.87
C GLN B 16 6.39 11.37 -5.59
N LYS B 17 6.51 10.63 -4.50
CA LYS B 17 6.05 11.12 -3.21
C LYS B 17 4.54 11.30 -3.25
N PHE B 18 3.92 11.15 -2.08
CA PHE B 18 2.49 11.29 -1.97
C PHE B 18 2.08 11.57 -0.52
N ARG B 19 2.00 12.84 -0.19
CA ARG B 19 1.63 13.26 1.15
C ARG B 19 0.17 12.91 1.42
N VAL B 20 -0.02 11.86 2.21
CA VAL B 20 -1.36 11.40 2.56
C VAL B 20 -1.46 11.24 4.07
N GLN B 21 -2.50 10.52 4.49
CA GLN B 21 -2.72 10.27 5.90
C GLN B 21 -2.36 8.83 6.25
N TYR B 22 -2.35 8.56 7.55
CA TYR B 22 -2.03 7.23 8.03
C TYR B 22 -3.11 6.70 8.98
N LEU B 23 -3.86 5.72 8.49
CA LEU B 23 -4.93 5.13 9.28
C LEU B 23 -4.32 4.27 10.38
N GLY B 24 -3.20 3.65 10.06
CA GLY B 24 -2.52 2.79 11.00
C GLY B 24 -2.24 1.41 10.40
N MET B 25 -1.79 0.51 11.27
CA MET B 25 -1.49 -0.84 10.84
C MET B 25 -2.52 -1.84 11.38
N LEU B 26 -3.10 -2.60 10.46
CA LEU B 26 -4.10 -3.59 10.83
C LEU B 26 -3.54 -4.99 10.57
N PRO B 27 -3.74 -5.88 11.58
CA PRO B 27 -3.27 -7.25 11.47
C PRO B 27 -4.15 -8.07 10.54
N VAL B 28 -3.53 -8.97 9.80
CA VAL B 28 -4.24 -9.82 8.87
C VAL B 28 -3.76 -11.26 9.02
N ASP B 29 -4.40 -12.14 8.27
CA ASP B 29 -4.05 -13.55 8.30
C ASP B 29 -3.47 -13.97 6.95
N ARG B 30 -4.26 -13.72 5.92
CA ARG B 30 -3.85 -14.07 4.56
C ARG B 30 -3.09 -12.89 3.93
N PRO B 31 -2.14 -13.26 3.03
CA PRO B 31 -1.34 -12.24 2.34
C PRO B 31 -2.16 -11.54 1.26
N VAL B 32 -3.10 -12.29 0.70
CA VAL B 32 -3.95 -11.75 -0.35
C VAL B 32 -5.42 -12.02 0.00
N GLY B 33 -6.21 -10.97 -0.06
CA GLY B 33 -7.63 -11.07 0.24
C GLY B 33 -8.31 -9.70 0.23
N MET B 34 -9.46 -9.66 -0.42
CA MET B 34 -10.21 -8.42 -0.51
C MET B 34 -10.92 -8.10 0.81
N ASP B 35 -11.46 -9.15 1.43
CA ASP B 35 -12.17 -9.00 2.69
C ASP B 35 -11.15 -8.69 3.80
N THR B 36 -9.97 -9.28 3.66
CA THR B 36 -8.92 -9.08 4.64
C THR B 36 -8.40 -7.64 4.57
N LEU B 37 -8.55 -7.05 3.40
CA LEU B 37 -8.10 -5.69 3.18
C LEU B 37 -9.13 -4.71 3.77
N ASN B 38 -10.36 -4.82 3.28
CA ASN B 38 -11.43 -3.96 3.75
C ASN B 38 -11.53 -4.07 5.27
N SER B 39 -11.46 -5.30 5.75
CA SER B 39 -11.54 -5.56 7.18
C SER B 39 -10.68 -4.54 7.94
N ALA B 40 -9.47 -4.37 7.45
CA ALA B 40 -8.53 -3.44 8.07
C ALA B 40 -9.09 -2.02 7.96
N ILE B 41 -9.20 -1.55 6.72
CA ILE B 41 -9.71 -0.22 6.47
C ILE B 41 -10.90 0.05 7.40
N GLU B 42 -11.84 -0.88 7.38
CA GLU B 42 -13.03 -0.76 8.22
C GLU B 42 -12.64 -0.72 9.69
N ASN B 43 -11.67 -1.55 10.04
CA ASN B 43 -11.20 -1.61 11.42
C ASN B 43 -10.60 -0.26 11.82
N LEU B 44 -9.54 0.11 11.12
CA LEU B 44 -8.87 1.37 11.39
C LEU B 44 -9.90 2.50 11.35
N MET B 45 -10.74 2.46 10.32
CA MET B 45 -11.76 3.48 10.16
C MET B 45 -12.40 3.84 11.50
N THR B 46 -12.77 2.80 12.23
CA THR B 46 -13.40 2.99 13.53
C THR B 46 -12.34 3.02 14.63
N SER B 47 -11.33 2.18 14.46
CA SER B 47 -10.25 2.11 15.44
C SER B 47 -9.88 3.51 15.92
N SER B 48 -9.35 4.30 15.00
CA SER B 48 -8.96 5.67 15.31
C SER B 48 -9.93 6.66 14.66
N SER B 49 -9.61 7.93 14.81
CA SER B 49 -10.44 8.98 14.24
C SER B 49 -9.83 9.47 12.93
N LYS B 50 -10.59 10.31 12.24
CA LYS B 50 -10.14 10.86 10.98
C LYS B 50 -9.05 11.91 11.24
N GLU B 51 -9.17 12.57 12.38
CA GLU B 51 -8.21 13.59 12.76
C GLU B 51 -6.96 12.94 13.37
N ASP B 52 -7.19 11.80 14.01
CA ASP B 52 -6.10 11.08 14.64
C ASP B 52 -5.06 10.68 13.59
N TRP B 53 -5.57 10.25 12.44
CA TRP B 53 -4.71 9.85 11.35
C TRP B 53 -3.68 10.96 11.13
N PRO B 54 -2.40 10.64 11.47
CA PRO B 54 -1.32 11.60 11.31
C PRO B 54 -0.92 11.74 9.84
N SER B 55 -0.31 12.88 9.53
CA SER B 55 0.12 13.14 8.17
C SER B 55 1.49 12.50 7.91
N VAL B 56 1.58 11.84 6.77
CA VAL B 56 2.81 11.17 6.39
C VAL B 56 3.12 11.46 4.91
N ASN B 57 4.20 10.88 4.44
CA ASN B 57 4.61 11.06 3.06
C ASN B 57 4.88 9.71 2.42
N MET B 58 3.99 9.33 1.51
CA MET B 58 4.12 8.06 0.82
C MET B 58 5.05 8.18 -0.39
N ASN B 59 6.27 7.70 -0.21
CA ASN B 59 7.26 7.76 -1.27
C ASN B 59 7.00 6.62 -2.26
N VAL B 60 6.94 6.99 -3.53
CA VAL B 60 6.70 6.01 -4.58
C VAL B 60 7.71 6.24 -5.72
N ALA B 61 8.69 5.36 -5.76
CA ALA B 61 9.72 5.44 -6.79
C ALA B 61 9.48 4.35 -7.84
N ASP B 62 10.57 3.96 -8.49
CA ASP B 62 10.49 2.93 -9.52
C ASP B 62 9.53 1.83 -9.06
N ALA B 63 9.95 1.12 -8.03
CA ALA B 63 9.14 0.04 -7.48
C ALA B 63 9.38 -0.06 -5.98
N THR B 64 8.93 0.97 -5.27
CA THR B 64 9.09 1.01 -3.83
C THR B 64 8.08 1.98 -3.21
N VAL B 65 7.44 1.52 -2.14
CA VAL B 65 6.46 2.33 -1.45
C VAL B 65 6.88 2.50 0.01
N THR B 66 7.52 3.62 0.28
CA THR B 66 7.98 3.92 1.63
C THR B 66 7.16 5.07 2.22
N VAL B 67 7.00 5.02 3.54
CA VAL B 67 6.25 6.04 4.24
C VAL B 67 7.19 6.80 5.19
N ILE B 68 7.60 7.98 4.75
CA ILE B 68 8.49 8.81 5.53
C ILE B 68 7.69 9.91 6.22
N SER B 69 8.02 10.13 7.49
CA SER B 69 7.33 11.15 8.28
C SER B 69 7.11 12.40 7.43
N GLU B 70 6.06 13.12 7.76
CA GLU B 70 5.73 14.35 7.04
C GLU B 70 6.80 15.42 7.30
N LYS B 71 6.99 15.72 8.57
CA LYS B 71 7.97 16.72 8.96
C LYS B 71 9.35 16.29 8.47
N ASN B 72 9.87 15.25 9.10
CA ASN B 72 11.18 14.74 8.73
C ASN B 72 11.08 14.00 7.39
N GLU B 73 12.10 14.20 6.57
CA GLU B 73 12.14 13.56 5.26
C GLU B 73 13.16 12.42 5.26
N GLU B 74 13.81 12.25 6.39
CA GLU B 74 14.81 11.20 6.53
C GLU B 74 14.35 10.17 7.56
N GLU B 75 13.16 10.38 8.08
CA GLU B 75 12.60 9.49 9.08
C GLU B 75 11.56 8.56 8.44
N VAL B 76 12.01 7.35 8.13
CA VAL B 76 11.12 6.37 7.51
C VAL B 76 10.06 5.93 8.53
N LEU B 77 9.01 5.32 8.00
CA LEU B 77 7.92 4.85 8.85
C LEU B 77 7.54 3.43 8.42
N VAL B 78 7.35 3.27 7.12
CA VAL B 78 6.98 1.97 6.57
C VAL B 78 7.61 1.81 5.18
N GLU B 79 8.04 0.59 4.91
CA GLU B 79 8.66 0.28 3.64
C GLU B 79 7.92 -0.87 2.95
N CYS B 80 7.00 -0.50 2.07
CA CYS B 80 6.22 -1.49 1.34
C CYS B 80 6.87 -1.70 -0.02
N ARG B 81 7.76 -2.68 -0.07
CA ARG B 81 8.46 -3.00 -1.30
C ARG B 81 7.55 -3.81 -2.23
N VAL B 82 7.25 -3.20 -3.38
CA VAL B 82 6.40 -3.85 -4.36
C VAL B 82 6.73 -5.35 -4.41
N ARG B 83 8.02 -5.64 -4.44
CA ARG B 83 8.47 -7.02 -4.49
C ARG B 83 7.84 -7.82 -3.35
N PHE B 84 7.95 -7.29 -2.15
CA PHE B 84 7.39 -7.94 -0.99
C PHE B 84 5.86 -7.85 -0.98
N LEU B 85 5.37 -6.71 -1.43
CA LEU B 85 3.93 -6.48 -1.49
C LEU B 85 3.24 -7.74 -2.02
N SER B 86 2.06 -7.99 -1.49
CA SER B 86 1.28 -9.15 -1.91
C SER B 86 -0.04 -8.70 -2.53
N PHE B 87 -0.74 -7.86 -1.79
CA PHE B 87 -2.03 -7.35 -2.25
C PHE B 87 -2.19 -5.88 -1.89
N MET B 88 -2.99 -5.18 -2.70
CA MET B 88 -3.24 -3.78 -2.48
C MET B 88 -4.51 -3.33 -3.20
N GLY B 89 -5.36 -2.63 -2.45
CA GLY B 89 -6.61 -2.14 -3.01
C GLY B 89 -7.24 -1.08 -2.09
N VAL B 90 -8.54 -0.93 -2.22
CA VAL B 90 -9.27 0.04 -1.42
C VAL B 90 -10.45 -0.65 -0.73
N GLY B 91 -11.03 0.04 0.23
CA GLY B 91 -12.16 -0.49 0.97
C GLY B 91 -13.48 -0.14 0.29
N LYS B 92 -14.29 0.62 0.99
CA LYS B 92 -15.59 1.03 0.47
C LYS B 92 -15.44 2.39 -0.24
N ASP B 93 -14.48 3.18 0.25
CA ASP B 93 -14.22 4.48 -0.32
C ASP B 93 -12.89 4.45 -1.07
N VAL B 94 -12.89 5.07 -2.25
CA VAL B 94 -11.69 5.12 -3.06
C VAL B 94 -10.72 6.14 -2.47
N HIS B 95 -11.17 6.79 -1.42
CA HIS B 95 -10.36 7.79 -0.75
C HIS B 95 -9.30 7.10 0.11
N THR B 96 -9.57 5.83 0.42
CA THR B 96 -8.65 5.05 1.23
C THR B 96 -7.84 4.10 0.35
N PHE B 97 -6.73 3.64 0.91
CA PHE B 97 -5.85 2.73 0.19
C PHE B 97 -4.99 1.92 1.16
N ALA B 98 -5.23 0.62 1.19
CA ALA B 98 -4.49 -0.27 2.07
C ALA B 98 -3.72 -1.28 1.22
N PHE B 99 -2.65 -1.80 1.81
CA PHE B 99 -1.82 -2.78 1.12
C PHE B 99 -1.17 -3.74 2.11
N ILE B 100 -1.09 -5.00 1.69
CA ILE B 100 -0.51 -6.04 2.53
C ILE B 100 0.97 -6.20 2.17
N MET B 101 1.82 -6.06 3.18
CA MET B 101 3.25 -6.19 2.98
C MET B 101 3.82 -7.30 3.86
N ASP B 102 4.86 -7.94 3.35
CA ASP B 102 5.50 -9.03 4.07
C ASP B 102 6.66 -8.45 4.90
N THR B 103 6.40 -8.32 6.19
CA THR B 103 7.40 -7.79 7.10
C THR B 103 7.66 -8.77 8.24
N GLY B 104 8.21 -9.92 7.88
CA GLY B 104 8.51 -10.95 8.86
C GLY B 104 8.21 -12.35 8.30
N ASN B 105 8.38 -13.34 9.15
CA ASN B 105 8.13 -14.72 8.76
C ASN B 105 6.66 -14.88 8.37
N GLN B 106 6.39 -14.63 7.10
CA GLN B 106 5.03 -14.75 6.58
C GLN B 106 4.15 -13.63 7.17
N ARG B 107 4.80 -12.72 7.88
CA ARG B 107 4.09 -11.62 8.51
C ARG B 107 3.36 -10.80 7.44
N PHE B 108 2.19 -10.31 7.82
CA PHE B 108 1.38 -9.51 6.91
C PHE B 108 0.78 -8.31 7.63
N GLU B 109 1.20 -7.13 7.21
CA GLU B 109 0.71 -5.89 7.81
C GLU B 109 -0.02 -5.06 6.77
N CYS B 110 -1.24 -4.67 7.12
CA CYS B 110 -2.06 -3.87 6.23
C CYS B 110 -1.94 -2.40 6.65
N HIS B 111 -1.40 -1.59 5.75
CA HIS B 111 -1.23 -0.18 6.03
C HIS B 111 -2.23 0.62 5.19
N VAL B 112 -3.21 1.19 5.89
CA VAL B 112 -4.23 1.98 5.23
C VAL B 112 -3.78 3.45 5.19
N PHE B 113 -4.37 4.19 4.26
CA PHE B 113 -4.05 5.59 4.10
C PHE B 113 -5.24 6.37 3.54
N TRP B 114 -5.33 7.63 3.95
CA TRP B 114 -6.41 8.48 3.50
C TRP B 114 -5.85 9.43 2.43
N CYS B 115 -6.41 9.32 1.23
CA CYS B 115 -5.98 10.16 0.12
C CYS B 115 -7.11 11.14 -0.21
N GLU B 116 -6.71 12.28 -0.77
CA GLU B 116 -7.66 13.31 -1.13
C GLU B 116 -7.35 13.85 -2.53
N PRO B 117 -8.42 13.92 -3.37
CA PRO B 117 -9.74 13.48 -2.94
C PRO B 117 -9.82 11.95 -2.89
N ASN B 118 -9.57 11.33 -4.03
CA ASN B 118 -9.62 9.88 -4.12
C ASN B 118 -8.19 9.33 -4.13
N ALA B 119 -8.09 8.03 -3.95
CA ALA B 119 -6.79 7.36 -3.92
C ALA B 119 -6.53 6.73 -5.29
N ALA B 120 -6.66 7.56 -6.33
CA ALA B 120 -6.45 7.09 -7.68
C ALA B 120 -4.95 7.19 -8.01
N ASN B 121 -4.40 8.37 -7.76
CA ASN B 121 -2.99 8.60 -8.03
C ASN B 121 -2.15 7.70 -7.13
N VAL B 122 -2.58 7.59 -5.89
CA VAL B 122 -1.89 6.76 -4.91
C VAL B 122 -1.87 5.31 -5.40
N SER B 123 -3.05 4.72 -5.43
CA SER B 123 -3.19 3.34 -5.87
C SER B 123 -2.54 3.17 -7.24
N GLU B 124 -2.62 4.22 -8.03
CA GLU B 124 -2.05 4.20 -9.36
C GLU B 124 -0.51 4.19 -9.30
N ALA B 125 0.02 5.17 -8.57
CA ALA B 125 1.46 5.27 -8.40
C ALA B 125 2.01 3.97 -7.82
N VAL B 126 1.11 3.19 -7.22
CA VAL B 126 1.48 1.92 -6.64
C VAL B 126 1.27 0.81 -7.65
N GLN B 127 0.05 0.76 -8.17
CA GLN B 127 -0.31 -0.26 -9.15
C GLN B 127 0.71 -0.27 -10.29
N ALA B 128 1.37 0.88 -10.47
CA ALA B 128 2.36 1.01 -11.52
C ALA B 128 3.72 0.57 -10.99
N ALA B 129 3.91 0.80 -9.70
CA ALA B 129 5.17 0.43 -9.05
C ALA B 129 5.35 -1.09 -9.14
N CYS B 130 4.24 -1.80 -9.00
CA CYS B 130 4.27 -3.25 -9.06
C CYS B 130 4.32 -3.67 -10.53
N SER B 131 3.47 -3.03 -11.32
CA SER B 131 3.41 -3.32 -12.75
C SER B 131 4.83 -3.38 -13.33
N GLY B 132 5.56 -2.29 -13.13
CA GLY B 132 6.92 -2.21 -13.62
C GLY B 132 6.94 -2.09 -15.15
N PRO B 133 8.15 -1.77 -15.68
CA PRO B 133 8.32 -1.62 -17.12
C PRO B 133 8.34 -2.98 -17.81
N SER B 134 7.27 -3.74 -17.59
CA SER B 134 7.15 -5.06 -18.19
C SER B 134 7.43 -4.98 -19.69
N SER B 135 8.11 -6.01 -20.18
CA SER B 135 8.45 -6.07 -21.59
C SER B 135 9.47 -4.98 -21.93
N GLY B 136 10.62 -5.41 -22.42
CA GLY B 136 11.68 -4.48 -22.79
C GLY B 136 12.37 -3.92 -21.55
N ASP A 1 -27.36 9.64 -18.03
CA ASP A 1 -25.98 9.65 -18.52
C ASP A 1 -25.10 8.81 -17.59
N ALA A 2 -24.33 7.92 -18.18
CA ALA A 2 -23.45 7.06 -17.42
C ALA A 2 -22.16 6.83 -18.22
N ALA A 3 -21.44 7.92 -18.44
CA ALA A 3 -20.19 7.85 -19.18
C ALA A 3 -19.06 7.43 -18.23
N VAL A 4 -18.82 6.13 -18.17
CA VAL A 4 -17.78 5.59 -17.32
C VAL A 4 -16.49 6.38 -17.54
N THR A 5 -15.51 6.11 -16.69
CA THR A 5 -14.23 6.78 -16.78
C THR A 5 -13.09 5.77 -16.59
N PRO A 6 -11.89 6.17 -17.11
CA PRO A 6 -10.72 5.31 -17.01
C PRO A 6 -10.15 5.34 -15.58
N GLU A 7 -10.30 6.50 -14.95
CA GLU A 7 -9.80 6.67 -13.60
C GLU A 7 -10.60 5.79 -12.62
N GLU A 8 -11.91 5.96 -12.65
CA GLU A 8 -12.78 5.20 -11.78
C GLU A 8 -12.56 3.70 -11.99
N ARG A 9 -12.70 3.28 -13.23
CA ARG A 9 -12.52 1.88 -13.58
C ARG A 9 -11.28 1.32 -12.88
N HIS A 10 -10.22 2.13 -12.85
CA HIS A 10 -8.98 1.73 -12.22
C HIS A 10 -9.21 1.56 -10.72
N LEU A 11 -9.98 2.47 -10.15
CA LEU A 11 -10.27 2.43 -8.73
C LEU A 11 -11.27 1.29 -8.46
N SER A 12 -12.42 1.38 -9.11
CA SER A 12 -13.45 0.37 -8.95
C SER A 12 -12.81 -1.02 -8.88
N LYS A 13 -11.93 -1.28 -9.83
CA LYS A 13 -11.25 -2.57 -9.88
C LYS A 13 -10.62 -2.87 -8.52
N MET A 14 -9.91 -1.87 -8.00
CA MET A 14 -9.27 -2.02 -6.71
C MET A 14 -10.30 -2.03 -5.57
N GLN A 15 -11.51 -1.63 -5.92
CA GLN A 15 -12.59 -1.58 -4.95
C GLN A 15 -13.29 -2.94 -4.85
N GLN A 16 -13.08 -3.75 -5.90
CA GLN A 16 -13.68 -5.07 -5.95
C GLN A 16 -12.61 -6.12 -6.27
N ASN A 17 -12.54 -6.45 -7.54
CA ASN A 17 -11.57 -7.44 -8.00
C ASN A 17 -10.29 -7.32 -7.17
N GLY A 18 -9.71 -6.13 -7.19
CA GLY A 18 -8.49 -5.87 -6.44
C GLY A 18 -7.26 -6.16 -7.29
N TYR A 19 -6.10 -5.92 -6.70
CA TYR A 19 -4.83 -6.13 -7.39
C TYR A 19 -3.96 -7.12 -6.62
N GLU A 20 -3.31 -8.00 -7.38
CA GLU A 20 -2.43 -9.00 -6.78
C GLU A 20 -1.07 -8.99 -7.48
N ASN A 21 -0.14 -8.26 -6.88
CA ASN A 21 1.20 -8.17 -7.42
C ASN A 21 1.64 -9.54 -7.93
N PRO A 22 1.66 -9.68 -9.29
CA PRO A 22 2.06 -10.93 -9.90
C PRO A 22 3.57 -11.12 -9.83
N THR A 23 4.03 -11.49 -8.64
CA THR A 23 5.45 -11.71 -8.41
C THR A 23 5.68 -12.35 -7.04
N TYR A 24 4.93 -11.86 -6.06
CA TYR A 24 5.04 -12.37 -4.71
C TYR A 24 5.17 -13.90 -4.71
N LYS A 25 4.29 -14.54 -5.48
CA LYS A 25 4.30 -15.99 -5.58
C LYS A 25 4.02 -16.59 -4.20
N PHE A 26 2.93 -17.34 -4.13
CA PHE A 26 2.55 -17.97 -2.88
C PHE A 26 1.38 -18.95 -3.09
N PHE A 27 1.73 -20.23 -3.14
CA PHE A 27 0.73 -21.27 -3.34
C PHE A 27 0.48 -22.04 -2.05
N GLU A 28 -0.63 -22.76 -2.04
CA GLU A 28 -0.99 -23.55 -0.87
C GLU A 28 0.20 -24.38 -0.40
N GLN A 29 0.16 -24.76 0.87
CA GLN A 29 1.23 -25.55 1.45
C GLN A 29 0.88 -25.94 2.89
N MET A 30 0.95 -27.23 3.16
CA MET A 30 0.65 -27.73 4.49
C MET A 30 1.80 -27.47 5.45
N GLN A 31 1.47 -27.49 6.74
CA GLN A 31 2.47 -27.25 7.76
C GLN A 31 2.41 -28.36 8.83
N ASN A 32 3.58 -28.66 9.38
CA ASN A 32 3.67 -29.69 10.40
C ASN A 32 2.51 -29.53 11.39
N GLY B 1 19.13 -4.25 21.89
CA GLY B 1 18.30 -4.96 20.92
C GLY B 1 17.62 -4.00 19.96
N SER B 2 18.45 -3.32 19.17
CA SER B 2 17.94 -2.36 18.20
C SER B 2 19.02 -2.05 17.16
N SER B 3 18.56 -1.56 16.01
CA SER B 3 19.47 -1.23 14.93
C SER B 3 18.94 -0.01 14.17
N GLY B 4 19.62 1.11 14.35
CA GLY B 4 19.24 2.34 13.68
C GLY B 4 19.89 2.45 12.31
N SER B 5 19.34 3.34 11.50
CA SER B 5 19.87 3.55 10.15
C SER B 5 19.18 4.75 9.51
N SER B 6 19.99 5.68 9.03
CA SER B 6 19.47 6.87 8.39
C SER B 6 20.59 7.61 7.65
N GLY B 7 20.77 7.23 6.39
CA GLY B 7 21.80 7.84 5.57
C GLY B 7 22.00 7.05 4.27
N PRO B 8 21.14 7.36 3.26
CA PRO B 8 21.23 6.69 1.98
C PRO B 8 22.41 7.20 1.17
N THR B 9 22.78 6.43 0.16
CA THR B 9 23.90 6.79 -0.70
C THR B 9 23.51 7.96 -1.61
N PRO B 10 24.56 8.68 -2.09
CA PRO B 10 24.35 9.83 -2.96
C PRO B 10 23.96 9.37 -4.37
N LYS B 11 22.69 9.07 -4.54
CA LYS B 11 22.19 8.62 -5.83
C LYS B 11 20.73 9.04 -5.97
N THR B 12 20.54 10.30 -6.34
CA THR B 12 19.19 10.84 -6.52
C THR B 12 18.40 9.99 -7.50
N GLU B 13 17.09 9.99 -7.33
CA GLU B 13 16.21 9.22 -8.21
C GLU B 13 14.89 9.95 -8.40
N LEU B 14 14.10 9.45 -9.33
CA LEU B 14 12.81 10.04 -9.63
C LEU B 14 11.72 9.31 -8.83
N VAL B 15 11.09 10.05 -7.94
CA VAL B 15 10.03 9.49 -7.12
C VAL B 15 8.76 10.33 -7.27
N GLN B 16 7.62 9.69 -7.06
CA GLN B 16 6.34 10.36 -7.18
C GLN B 16 6.01 11.07 -5.86
N LYS B 17 5.99 10.29 -4.80
CA LYS B 17 5.68 10.83 -3.47
C LYS B 17 4.21 11.24 -3.42
N PHE B 18 3.62 11.07 -2.26
CA PHE B 18 2.23 11.41 -2.06
C PHE B 18 1.92 11.66 -0.59
N ARG B 19 1.80 12.94 -0.25
CA ARG B 19 1.52 13.33 1.13
C ARG B 19 0.06 13.00 1.48
N VAL B 20 -0.09 11.87 2.15
CA VAL B 20 -1.42 11.42 2.55
C VAL B 20 -1.45 11.22 4.07
N GLN B 21 -2.49 10.54 4.52
CA GLN B 21 -2.65 10.27 5.94
C GLN B 21 -2.30 8.80 6.24
N TYR B 22 -2.24 8.51 7.53
CA TYR B 22 -1.93 7.15 7.96
C TYR B 22 -2.99 6.62 8.93
N LEU B 23 -3.75 5.66 8.43
CA LEU B 23 -4.81 5.06 9.24
C LEU B 23 -4.18 4.20 10.34
N GLY B 24 -3.05 3.60 10.01
CA GLY B 24 -2.35 2.77 10.96
C GLY B 24 -2.13 1.36 10.39
N MET B 25 -1.57 0.49 11.22
CA MET B 25 -1.31 -0.88 10.82
C MET B 25 -2.38 -1.82 11.37
N LEU B 26 -2.94 -2.62 10.47
CA LEU B 26 -3.97 -3.57 10.84
C LEU B 26 -3.46 -4.99 10.61
N PRO B 27 -3.71 -5.87 11.62
CA PRO B 27 -3.27 -7.25 11.53
C PRO B 27 -4.17 -8.05 10.59
N VAL B 28 -3.54 -8.95 9.85
CA VAL B 28 -4.27 -9.78 8.90
C VAL B 28 -3.85 -11.24 9.09
N ASP B 29 -4.26 -12.06 8.14
CA ASP B 29 -3.95 -13.48 8.19
C ASP B 29 -3.39 -13.93 6.84
N ARG B 30 -4.17 -13.69 5.80
CA ARG B 30 -3.77 -14.06 4.46
C ARG B 30 -3.00 -12.91 3.80
N PRO B 31 -2.07 -13.29 2.88
CA PRO B 31 -1.26 -12.31 2.18
C PRO B 31 -2.08 -11.60 1.10
N VAL B 32 -3.19 -12.22 0.73
CA VAL B 32 -4.06 -11.65 -0.28
C VAL B 32 -5.51 -11.92 0.10
N GLY B 33 -6.36 -10.94 -0.19
CA GLY B 33 -7.78 -11.07 0.11
C GLY B 33 -8.44 -9.69 0.15
N MET B 34 -9.63 -9.63 -0.45
CA MET B 34 -10.37 -8.38 -0.49
C MET B 34 -11.06 -8.10 0.85
N ASP B 35 -11.56 -9.17 1.46
CA ASP B 35 -12.24 -9.07 2.74
C ASP B 35 -11.22 -8.69 3.82
N THR B 36 -10.02 -9.25 3.68
CA THR B 36 -8.96 -8.98 4.63
C THR B 36 -8.57 -7.50 4.60
N LEU B 37 -8.52 -6.96 3.39
CA LEU B 37 -8.17 -5.57 3.21
C LEU B 37 -9.20 -4.68 3.92
N ASN B 38 -10.40 -4.66 3.35
CA ASN B 38 -11.48 -3.87 3.92
C ASN B 38 -11.46 -4.00 5.44
N SER B 39 -11.41 -5.24 5.90
CA SER B 39 -11.39 -5.51 7.33
C SER B 39 -10.52 -4.47 8.04
N ALA B 40 -9.33 -4.26 7.48
CA ALA B 40 -8.39 -3.30 8.06
C ALA B 40 -9.01 -1.90 8.01
N ILE B 41 -9.19 -1.42 6.79
CA ILE B 41 -9.77 -0.10 6.59
C ILE B 41 -10.94 0.09 7.54
N GLU B 42 -11.80 -0.91 7.58
CA GLU B 42 -12.96 -0.87 8.44
C GLU B 42 -12.54 -0.78 9.92
N ASN B 43 -11.55 -1.60 10.26
CA ASN B 43 -11.04 -1.61 11.63
C ASN B 43 -10.55 -0.21 12.00
N LEU B 44 -9.45 0.18 11.37
CA LEU B 44 -8.87 1.49 11.63
C LEU B 44 -9.98 2.55 11.62
N MET B 45 -10.75 2.54 10.54
CA MET B 45 -11.84 3.49 10.40
C MET B 45 -12.53 3.74 11.74
N THR B 46 -13.17 2.70 12.25
CA THR B 46 -13.86 2.79 13.52
C THR B 46 -12.86 2.93 14.67
N SER B 47 -11.88 2.03 14.68
CA SER B 47 -10.86 2.06 15.71
C SER B 47 -10.47 3.49 16.04
N SER B 48 -9.48 3.99 15.31
CA SER B 48 -9.01 5.35 15.52
C SER B 48 -9.96 6.34 14.84
N SER B 49 -9.57 7.61 14.88
CA SER B 49 -10.37 8.65 14.28
C SER B 49 -9.72 9.12 12.98
N LYS B 50 -10.34 10.13 12.37
CA LYS B 50 -9.83 10.69 11.13
C LYS B 50 -8.71 11.67 11.43
N GLU B 51 -8.86 12.36 12.55
CA GLU B 51 -7.87 13.35 12.97
C GLU B 51 -6.64 12.64 13.55
N ASP B 52 -6.88 11.47 14.13
CA ASP B 52 -5.81 10.69 14.72
C ASP B 52 -4.79 10.33 13.64
N TRP B 53 -5.30 9.96 12.48
CA TRP B 53 -4.44 9.59 11.37
C TRP B 53 -3.42 10.71 11.18
N PRO B 54 -2.14 10.38 11.51
CA PRO B 54 -1.05 11.35 11.38
C PRO B 54 -0.67 11.54 9.91
N SER B 55 -0.17 12.72 9.60
CA SER B 55 0.25 13.04 8.24
C SER B 55 1.60 12.39 7.94
N VAL B 56 1.65 11.72 6.81
CA VAL B 56 2.87 11.04 6.39
C VAL B 56 3.14 11.35 4.92
N ASN B 57 4.21 10.75 4.41
CA ASN B 57 4.59 10.96 3.02
C ASN B 57 4.86 9.60 2.37
N MET B 58 3.98 9.25 1.43
CA MET B 58 4.11 7.99 0.72
C MET B 58 5.10 8.11 -0.45
N ASN B 59 6.30 7.65 -0.21
CA ASN B 59 7.34 7.70 -1.24
C ASN B 59 7.11 6.57 -2.23
N VAL B 60 6.87 6.95 -3.47
CA VAL B 60 6.64 5.99 -4.54
C VAL B 60 7.52 6.33 -5.74
N ALA B 61 8.60 5.57 -5.87
CA ALA B 61 9.53 5.78 -6.97
C ALA B 61 9.58 4.52 -7.84
N ASP B 62 10.79 4.19 -8.26
CA ASP B 62 10.98 3.01 -9.09
C ASP B 62 9.96 1.94 -8.71
N ALA B 63 10.31 1.15 -7.71
CA ALA B 63 9.43 0.09 -7.24
C ALA B 63 9.60 -0.06 -5.73
N THR B 64 9.32 1.01 -5.01
CA THR B 64 9.43 1.00 -3.57
C THR B 64 8.45 2.00 -2.94
N VAL B 65 7.61 1.49 -2.07
CA VAL B 65 6.62 2.32 -1.39
C VAL B 65 7.02 2.49 0.07
N THR B 66 7.67 3.62 0.35
CA THR B 66 8.11 3.92 1.70
C THR B 66 7.30 5.08 2.28
N VAL B 67 6.99 4.96 3.56
CA VAL B 67 6.23 6.00 4.24
C VAL B 67 7.16 6.80 5.15
N ILE B 68 7.59 7.95 4.65
CA ILE B 68 8.48 8.81 5.40
C ILE B 68 7.64 9.84 6.17
N SER B 69 8.13 10.18 7.36
CA SER B 69 7.45 11.15 8.20
C SER B 69 7.28 12.47 7.46
N GLU B 70 6.13 13.07 7.64
CA GLU B 70 5.82 14.34 6.99
C GLU B 70 6.82 15.41 7.43
N LYS B 71 6.81 15.70 8.73
CA LYS B 71 7.71 16.69 9.29
C LYS B 71 9.15 16.38 8.84
N ASN B 72 9.61 15.20 9.24
CA ASN B 72 10.96 14.78 8.89
C ASN B 72 11.01 14.42 7.41
N GLU B 73 12.19 13.98 6.98
CA GLU B 73 12.39 13.60 5.59
C GLU B 73 13.19 12.30 5.51
N GLU B 74 14.24 12.24 6.31
CA GLU B 74 15.10 11.07 6.34
C GLU B 74 14.63 10.09 7.42
N GLU B 75 13.37 10.23 7.79
CA GLU B 75 12.78 9.37 8.81
C GLU B 75 11.69 8.48 8.20
N VAL B 76 12.09 7.26 7.88
CA VAL B 76 11.17 6.30 7.30
C VAL B 76 10.21 5.79 8.38
N LEU B 77 9.03 5.37 7.94
CA LEU B 77 8.03 4.85 8.85
C LEU B 77 7.65 3.43 8.44
N VAL B 78 7.29 3.30 7.17
CA VAL B 78 6.90 2.01 6.64
C VAL B 78 7.56 1.80 5.27
N GLU B 79 8.08 0.60 5.07
CA GLU B 79 8.74 0.27 3.81
C GLU B 79 7.97 -0.86 3.11
N CYS B 80 7.09 -0.46 2.20
CA CYS B 80 6.31 -1.43 1.46
C CYS B 80 6.97 -1.64 0.09
N ARG B 81 7.74 -2.71 0.02
CA ARG B 81 8.45 -3.04 -1.21
C ARG B 81 7.54 -3.88 -2.13
N VAL B 82 7.32 -3.36 -3.32
CA VAL B 82 6.49 -4.05 -4.30
C VAL B 82 6.75 -5.55 -4.22
N ARG B 83 8.03 -5.91 -4.28
CA ARG B 83 8.42 -7.30 -4.20
C ARG B 83 7.71 -8.00 -3.04
N PHE B 84 7.81 -7.39 -1.88
CA PHE B 84 7.19 -7.93 -0.68
C PHE B 84 5.67 -7.80 -0.75
N LEU B 85 5.22 -6.65 -1.24
CA LEU B 85 3.80 -6.40 -1.37
C LEU B 85 3.12 -7.63 -1.97
N SER B 86 1.91 -7.90 -1.48
CA SER B 86 1.15 -9.04 -1.96
C SER B 86 -0.15 -8.56 -2.60
N PHE B 87 -0.91 -7.79 -1.82
CA PHE B 87 -2.17 -7.27 -2.30
C PHE B 87 -2.31 -5.78 -1.96
N MET B 88 -3.08 -5.09 -2.78
CA MET B 88 -3.30 -3.66 -2.58
C MET B 88 -4.58 -3.21 -3.28
N GLY B 89 -5.37 -2.43 -2.55
CA GLY B 89 -6.62 -1.92 -3.08
C GLY B 89 -7.25 -0.91 -2.12
N VAL B 90 -8.57 -0.83 -2.18
CA VAL B 90 -9.31 0.09 -1.32
C VAL B 90 -10.45 -0.66 -0.64
N GLY B 91 -11.01 -0.02 0.39
CA GLY B 91 -12.10 -0.62 1.13
C GLY B 91 -13.45 -0.30 0.48
N LYS B 92 -14.18 0.60 1.12
CA LYS B 92 -15.48 1.01 0.62
C LYS B 92 -15.34 2.34 -0.12
N ASP B 93 -14.40 3.15 0.34
CA ASP B 93 -14.16 4.45 -0.27
C ASP B 93 -12.75 4.45 -0.89
N VAL B 94 -12.68 4.98 -2.10
CA VAL B 94 -11.41 5.06 -2.81
C VAL B 94 -10.45 5.96 -2.02
N HIS B 95 -11.01 7.02 -1.46
CA HIS B 95 -10.22 7.95 -0.68
C HIS B 95 -9.19 7.20 0.16
N THR B 96 -9.59 5.99 0.57
CA THR B 96 -8.72 5.17 1.38
C THR B 96 -7.90 4.23 0.49
N PHE B 97 -6.76 3.80 1.02
CA PHE B 97 -5.88 2.91 0.28
C PHE B 97 -5.00 2.09 1.23
N ALA B 98 -5.21 0.78 1.19
CA ALA B 98 -4.46 -0.12 2.04
C ALA B 98 -3.70 -1.12 1.17
N PHE B 99 -2.70 -1.76 1.78
CA PHE B 99 -1.90 -2.74 1.07
C PHE B 99 -1.26 -3.73 2.05
N ILE B 100 -1.17 -4.98 1.60
CA ILE B 100 -0.59 -6.02 2.42
C ILE B 100 0.89 -6.17 2.07
N MET B 101 1.73 -6.09 3.09
CA MET B 101 3.16 -6.22 2.91
C MET B 101 3.73 -7.33 3.78
N ASP B 102 4.77 -7.97 3.27
CA ASP B 102 5.42 -9.05 3.99
C ASP B 102 6.58 -8.48 4.81
N THR B 103 6.33 -8.34 6.11
CA THR B 103 7.35 -7.81 7.01
C THR B 103 7.67 -8.84 8.10
N GLY B 104 8.15 -9.99 7.67
CA GLY B 104 8.49 -11.05 8.59
C GLY B 104 8.29 -12.43 7.96
N ASN B 105 8.44 -13.46 8.78
CA ASN B 105 8.27 -14.82 8.31
C ASN B 105 6.80 -15.06 7.93
N GLN B 106 6.50 -14.77 6.68
CA GLN B 106 5.15 -14.94 6.18
C GLN B 106 4.21 -13.90 6.82
N ARG B 107 4.81 -12.99 7.57
CA ARG B 107 4.05 -11.96 8.24
C ARG B 107 3.36 -11.06 7.21
N PHE B 108 2.25 -10.48 7.62
CA PHE B 108 1.49 -9.60 6.75
C PHE B 108 0.94 -8.39 7.52
N GLU B 109 1.12 -7.23 6.93
CA GLU B 109 0.66 -6.00 7.55
C GLU B 109 -0.17 -5.18 6.55
N CYS B 110 -1.32 -4.72 7.02
CA CYS B 110 -2.21 -3.94 6.19
C CYS B 110 -2.09 -2.47 6.61
N HIS B 111 -1.41 -1.70 5.78
CA HIS B 111 -1.22 -0.28 6.06
C HIS B 111 -2.23 0.54 5.24
N VAL B 112 -3.20 1.08 5.95
CA VAL B 112 -4.24 1.88 5.31
C VAL B 112 -3.80 3.35 5.29
N PHE B 113 -4.42 4.11 4.41
CA PHE B 113 -4.09 5.52 4.28
C PHE B 113 -5.31 6.32 3.80
N TRP B 114 -5.22 7.62 3.96
CA TRP B 114 -6.30 8.52 3.54
C TRP B 114 -5.75 9.47 2.49
N CYS B 115 -6.18 9.27 1.26
CA CYS B 115 -5.74 10.11 0.16
C CYS B 115 -6.88 11.06 -0.22
N GLU B 116 -6.52 12.11 -0.93
CA GLU B 116 -7.51 13.09 -1.36
C GLU B 116 -7.17 13.60 -2.76
N PRO B 117 -8.23 13.70 -3.61
CA PRO B 117 -9.56 13.34 -3.17
C PRO B 117 -9.72 11.82 -3.10
N ASN B 118 -9.42 11.17 -4.22
CA ASN B 118 -9.52 9.72 -4.29
C ASN B 118 -8.12 9.12 -4.38
N ALA B 119 -8.06 7.81 -4.18
CA ALA B 119 -6.79 7.10 -4.23
C ALA B 119 -6.57 6.57 -5.65
N ALA B 120 -6.80 7.43 -6.62
CA ALA B 120 -6.64 7.06 -8.02
C ALA B 120 -5.18 7.29 -8.42
N ASN B 121 -4.57 8.28 -7.80
CA ASN B 121 -3.18 8.61 -8.08
C ASN B 121 -2.27 7.71 -7.24
N VAL B 122 -2.66 7.53 -5.99
CA VAL B 122 -1.90 6.70 -5.07
C VAL B 122 -1.90 5.25 -5.58
N SER B 123 -3.10 4.68 -5.59
CA SER B 123 -3.25 3.30 -6.04
C SER B 123 -2.56 3.11 -7.38
N GLU B 124 -2.55 4.18 -8.17
CA GLU B 124 -1.92 4.14 -9.47
C GLU B 124 -0.39 4.17 -9.33
N ALA B 125 0.08 5.16 -8.59
CA ALA B 125 1.51 5.32 -8.38
C ALA B 125 2.07 4.03 -7.78
N VAL B 126 1.17 3.22 -7.23
CA VAL B 126 1.56 1.97 -6.62
C VAL B 126 1.43 0.85 -7.65
N GLN B 127 0.39 0.95 -8.46
CA GLN B 127 0.14 -0.05 -9.49
C GLN B 127 1.30 -0.08 -10.48
N ALA B 128 1.90 1.08 -10.69
CA ALA B 128 3.02 1.20 -11.60
C ALA B 128 4.27 0.59 -10.97
N ALA B 129 4.43 0.87 -9.67
CA ALA B 129 5.57 0.36 -8.94
C ALA B 129 5.65 -1.15 -9.12
N CYS B 130 4.59 -1.82 -8.71
CA CYS B 130 4.52 -3.27 -8.82
C CYS B 130 4.73 -3.65 -10.28
N SER B 131 4.05 -2.91 -11.15
CA SER B 131 4.13 -3.15 -12.58
C SER B 131 5.60 -3.15 -13.02
N GLY B 132 6.18 -1.95 -13.05
CA GLY B 132 7.56 -1.79 -13.45
C GLY B 132 7.68 -1.71 -14.97
N PRO B 133 8.91 -1.33 -15.43
CA PRO B 133 9.18 -1.20 -16.85
C PRO B 133 9.31 -2.59 -17.51
N SER B 134 9.07 -2.61 -18.81
CA SER B 134 9.16 -3.85 -19.56
C SER B 134 9.97 -3.63 -20.84
N SER B 135 11.26 -3.93 -20.75
CA SER B 135 12.15 -3.77 -21.88
C SER B 135 12.06 -2.33 -22.42
N GLY B 136 13.05 -1.53 -22.05
CA GLY B 136 13.09 -0.14 -22.48
C GLY B 136 14.35 0.13 -23.30
N ASP A 1 -25.22 3.80 -15.32
CA ASP A 1 -23.81 4.18 -15.38
C ASP A 1 -23.42 4.46 -16.83
N ALA A 2 -23.43 5.74 -17.18
CA ALA A 2 -23.08 6.15 -18.53
C ALA A 2 -22.20 7.41 -18.45
N ALA A 3 -21.20 7.42 -19.32
CA ALA A 3 -20.27 8.55 -19.36
C ALA A 3 -19.52 8.63 -18.03
N VAL A 4 -18.55 7.75 -17.89
CA VAL A 4 -17.74 7.71 -16.68
C VAL A 4 -16.34 8.24 -17.00
N THR A 5 -15.69 8.76 -15.96
CA THR A 5 -14.34 9.30 -16.12
C THR A 5 -13.32 8.16 -16.21
N PRO A 6 -12.24 8.43 -16.99
CA PRO A 6 -11.18 7.44 -17.16
C PRO A 6 -10.31 7.35 -15.91
N GLU A 7 -10.95 7.07 -14.79
CA GLU A 7 -10.25 6.96 -13.52
C GLU A 7 -11.10 6.23 -12.50
N GLU A 8 -12.34 6.69 -12.36
CA GLU A 8 -13.26 6.08 -11.41
C GLU A 8 -13.33 4.57 -11.63
N ARG A 9 -13.08 4.17 -12.87
CA ARG A 9 -13.10 2.75 -13.22
C ARG A 9 -11.97 2.02 -12.49
N HIS A 10 -10.79 2.60 -12.57
CA HIS A 10 -9.62 2.01 -11.94
C HIS A 10 -9.87 1.87 -10.44
N LEU A 11 -10.57 2.86 -9.89
CA LEU A 11 -10.89 2.86 -8.47
C LEU A 11 -12.04 1.90 -8.20
N SER A 12 -13.04 1.98 -9.08
CA SER A 12 -14.21 1.11 -8.96
C SER A 12 -13.80 -0.34 -9.07
N LYS A 13 -12.58 -0.55 -9.53
CA LYS A 13 -12.05 -1.90 -9.70
C LYS A 13 -11.43 -2.37 -8.38
N MET A 14 -10.29 -1.75 -8.06
CA MET A 14 -9.59 -2.08 -6.83
C MET A 14 -10.53 -2.13 -5.64
N GLN A 15 -11.63 -1.40 -5.77
CA GLN A 15 -12.63 -1.36 -4.72
C GLN A 15 -13.02 -2.77 -4.29
N GLN A 16 -13.49 -3.53 -5.27
CA GLN A 16 -13.90 -4.91 -5.00
C GLN A 16 -13.00 -5.89 -5.75
N ASN A 17 -12.66 -5.51 -6.97
CA ASN A 17 -11.80 -6.34 -7.80
C ASN A 17 -10.38 -6.33 -7.23
N GLY A 18 -10.10 -5.31 -6.43
CA GLY A 18 -8.79 -5.18 -5.81
C GLY A 18 -7.68 -5.46 -6.83
N TYR A 19 -6.47 -5.60 -6.30
CA TYR A 19 -5.32 -5.88 -7.15
C TYR A 19 -4.34 -6.83 -6.45
N GLU A 20 -3.80 -7.74 -7.23
CA GLU A 20 -2.86 -8.72 -6.71
C GLU A 20 -1.51 -8.58 -7.42
N ASN A 21 -0.50 -8.19 -6.65
CA ASN A 21 0.83 -8.02 -7.19
C ASN A 21 1.30 -9.34 -7.82
N PRO A 22 1.63 -9.26 -9.13
CA PRO A 22 2.10 -10.43 -9.85
C PRO A 22 3.53 -10.78 -9.47
N THR A 23 4.34 -9.75 -9.27
CA THR A 23 5.73 -9.94 -8.90
C THR A 23 5.84 -10.94 -7.76
N TYR A 24 4.97 -10.78 -6.78
CA TYR A 24 4.96 -11.67 -5.63
C TYR A 24 4.78 -13.12 -6.05
N LYS A 25 4.52 -13.97 -5.07
CA LYS A 25 4.32 -15.39 -5.33
C LYS A 25 3.88 -16.09 -4.05
N PHE A 26 3.01 -15.39 -3.31
CA PHE A 26 2.50 -15.94 -2.07
C PHE A 26 3.64 -16.27 -1.10
N PHE A 27 3.27 -16.51 0.14
CA PHE A 27 4.24 -16.84 1.17
C PHE A 27 5.17 -17.97 0.70
N GLU A 28 6.11 -18.31 1.57
CA GLU A 28 7.07 -19.36 1.25
C GLU A 28 6.53 -20.72 1.70
N GLN A 29 7.15 -21.77 1.20
CA GLN A 29 6.75 -23.12 1.54
C GLN A 29 7.87 -24.11 1.19
N MET A 30 8.76 -24.31 2.15
CA MET A 30 9.87 -25.22 1.96
C MET A 30 10.63 -24.90 0.67
N GLN A 31 11.58 -23.97 0.79
CA GLN A 31 12.38 -23.56 -0.34
C GLN A 31 13.30 -24.70 -0.78
N ASN A 32 13.11 -25.14 -2.01
CA ASN A 32 13.92 -26.22 -2.55
C ASN A 32 13.69 -26.31 -4.06
N GLY B 1 19.30 -18.93 19.84
CA GLY B 1 18.38 -18.08 19.09
C GLY B 1 18.88 -16.64 19.06
N SER B 2 19.20 -16.18 17.86
CA SER B 2 19.69 -14.82 17.68
C SER B 2 19.92 -14.54 16.19
N SER B 3 19.27 -13.48 15.73
CA SER B 3 19.39 -13.07 14.33
C SER B 3 18.64 -11.76 14.09
N GLY B 4 18.99 -11.11 12.99
CA GLY B 4 18.37 -9.86 12.63
C GLY B 4 19.39 -8.88 12.04
N SER B 5 18.92 -8.12 11.06
CA SER B 5 19.79 -7.14 10.41
C SER B 5 19.01 -6.42 9.31
N SER B 6 19.23 -5.11 9.24
CA SER B 6 18.57 -4.29 8.24
C SER B 6 19.05 -2.85 8.34
N GLY B 7 18.67 -2.06 7.34
CA GLY B 7 19.05 -0.66 7.30
C GLY B 7 18.65 -0.01 5.98
N PRO B 8 18.69 1.35 5.97
CA PRO B 8 18.33 2.10 4.78
C PRO B 8 19.44 2.02 3.72
N THR B 9 19.18 2.68 2.60
CA THR B 9 20.14 2.69 1.51
C THR B 9 20.69 4.10 1.30
N PRO B 10 21.99 4.17 0.91
CA PRO B 10 22.65 5.44 0.66
C PRO B 10 22.18 6.06 -0.66
N LYS B 11 22.88 7.10 -1.06
CA LYS B 11 22.54 7.79 -2.29
C LYS B 11 21.12 8.35 -2.20
N THR B 12 20.76 9.13 -3.20
CA THR B 12 19.43 9.73 -3.25
C THR B 12 18.93 9.81 -4.69
N GLU B 13 17.71 9.37 -4.89
CA GLU B 13 17.10 9.38 -6.21
C GLU B 13 15.79 10.17 -6.18
N LEU B 14 15.18 10.29 -7.35
CA LEU B 14 13.92 11.00 -7.47
C LEU B 14 12.77 10.06 -7.13
N VAL B 15 11.91 10.52 -6.22
CA VAL B 15 10.77 9.73 -5.80
C VAL B 15 9.48 10.51 -6.08
N GLN B 16 8.48 9.79 -6.54
CA GLN B 16 7.19 10.40 -6.86
C GLN B 16 6.64 11.12 -5.63
N LYS B 17 6.67 10.43 -4.51
CA LYS B 17 6.17 10.99 -3.26
C LYS B 17 4.67 11.24 -3.38
N PHE B 18 3.99 11.13 -2.25
CA PHE B 18 2.56 11.34 -2.22
C PHE B 18 2.08 11.66 -0.80
N ARG B 19 1.79 12.94 -0.58
CA ARG B 19 1.33 13.38 0.72
C ARG B 19 -0.07 12.85 1.00
N VAL B 20 -0.18 12.06 2.05
CA VAL B 20 -1.45 11.48 2.43
C VAL B 20 -1.52 11.35 3.96
N GLN B 21 -2.49 10.59 4.41
CA GLN B 21 -2.67 10.37 5.84
C GLN B 21 -2.29 8.94 6.21
N TYR B 22 -2.24 8.70 7.52
CA TYR B 22 -1.88 7.38 8.02
C TYR B 22 -2.99 6.82 8.91
N LEU B 23 -3.60 5.75 8.44
CA LEU B 23 -4.68 5.11 9.18
C LEU B 23 -4.08 4.26 10.30
N GLY B 24 -3.07 3.49 9.94
CA GLY B 24 -2.39 2.63 10.90
C GLY B 24 -2.20 1.22 10.34
N MET B 25 -1.56 0.38 11.14
CA MET B 25 -1.30 -0.99 10.73
C MET B 25 -2.36 -1.93 11.32
N LEU B 26 -2.94 -2.74 10.44
CA LEU B 26 -3.95 -3.69 10.84
C LEU B 26 -3.42 -5.12 10.63
N PRO B 27 -3.65 -5.96 11.68
CA PRO B 27 -3.21 -7.34 11.62
C PRO B 27 -4.11 -8.18 10.70
N VAL B 28 -3.48 -9.08 9.98
CA VAL B 28 -4.21 -9.95 9.05
C VAL B 28 -3.68 -11.37 9.18
N ASP B 29 -4.10 -12.21 8.23
CA ASP B 29 -3.68 -13.60 8.22
C ASP B 29 -3.15 -13.96 6.83
N ARG B 30 -4.02 -13.77 5.84
CA ARG B 30 -3.65 -14.07 4.46
C ARG B 30 -2.87 -12.90 3.86
N PRO B 31 -1.98 -13.24 2.89
CA PRO B 31 -1.18 -12.23 2.23
C PRO B 31 -2.01 -11.44 1.22
N VAL B 32 -3.03 -12.10 0.70
CA VAL B 32 -3.92 -11.47 -0.27
C VAL B 32 -5.37 -11.77 0.10
N GLY B 33 -6.24 -10.85 -0.28
CA GLY B 33 -7.66 -10.99 0.01
C GLY B 33 -8.33 -9.64 0.21
N MET B 34 -9.42 -9.44 -0.51
CA MET B 34 -10.16 -8.19 -0.43
C MET B 34 -10.88 -8.07 0.92
N ASP B 35 -11.47 -9.17 1.34
CA ASP B 35 -12.19 -9.20 2.60
C ASP B 35 -11.21 -9.00 3.75
N THR B 36 -9.95 -9.30 3.46
CA THR B 36 -8.90 -9.16 4.45
C THR B 36 -8.39 -7.72 4.49
N LEU B 37 -8.51 -7.05 3.35
CA LEU B 37 -8.06 -5.68 3.25
C LEU B 37 -9.09 -4.76 3.91
N ASN B 38 -10.27 -4.70 3.31
CA ASN B 38 -11.33 -3.87 3.84
C ASN B 38 -11.37 -3.98 5.36
N SER B 39 -11.38 -5.21 5.83
CA SER B 39 -11.41 -5.47 7.26
C SER B 39 -10.52 -4.47 7.99
N ALA B 40 -9.34 -4.24 7.41
CA ALA B 40 -8.40 -3.30 7.99
C ALA B 40 -8.99 -1.88 7.96
N ILE B 41 -9.14 -1.37 6.75
CA ILE B 41 -9.70 -0.04 6.57
C ILE B 41 -10.86 0.16 7.54
N GLU B 42 -11.78 -0.79 7.51
CA GLU B 42 -12.94 -0.73 8.38
C GLU B 42 -12.51 -0.66 9.84
N ASN B 43 -11.49 -1.45 10.16
CA ASN B 43 -10.98 -1.48 11.52
C ASN B 43 -10.46 -0.09 11.91
N LEU B 44 -9.36 0.29 11.28
CA LEU B 44 -8.76 1.58 11.54
C LEU B 44 -9.84 2.66 11.49
N MET B 45 -10.63 2.62 10.43
CA MET B 45 -11.71 3.58 10.25
C MET B 45 -12.38 3.91 11.60
N THR B 46 -13.05 2.91 12.14
CA THR B 46 -13.73 3.07 13.41
C THR B 46 -12.73 3.23 14.54
N SER B 47 -11.78 2.31 14.59
CA SER B 47 -10.75 2.34 15.62
C SER B 47 -10.35 3.79 15.91
N SER B 48 -9.42 4.28 15.11
CA SER B 48 -8.94 5.65 15.28
C SER B 48 -9.92 6.62 14.63
N SER B 49 -9.60 7.91 14.75
CA SER B 49 -10.44 8.94 14.19
C SER B 49 -9.84 9.44 12.87
N LYS B 50 -10.55 10.35 12.24
CA LYS B 50 -10.11 10.92 10.97
C LYS B 50 -9.04 11.99 11.24
N GLU B 51 -9.24 12.72 12.33
CA GLU B 51 -8.32 13.77 12.71
C GLU B 51 -7.07 13.16 13.36
N ASP B 52 -7.24 11.94 13.85
CA ASP B 52 -6.13 11.25 14.49
C ASP B 52 -5.11 10.81 13.43
N TRP B 53 -5.65 10.35 12.31
CA TRP B 53 -4.80 9.89 11.22
C TRP B 53 -3.78 10.99 10.92
N PRO B 54 -2.51 10.72 11.32
CA PRO B 54 -1.44 11.67 11.10
C PRO B 54 -1.01 11.69 9.63
N SER B 55 -0.60 12.86 9.18
CA SER B 55 -0.16 13.03 7.80
C SER B 55 1.23 12.42 7.62
N VAL B 56 1.46 11.90 6.43
CA VAL B 56 2.75 11.28 6.11
C VAL B 56 3.07 11.52 4.64
N ASN B 57 4.25 11.05 4.24
CA ASN B 57 4.68 11.20 2.86
C ASN B 57 4.94 9.82 2.26
N MET B 58 4.05 9.41 1.38
CA MET B 58 4.16 8.12 0.73
C MET B 58 5.12 8.19 -0.46
N ASN B 59 6.31 7.63 -0.28
CA ASN B 59 7.31 7.63 -1.33
C ASN B 59 7.05 6.45 -2.27
N VAL B 60 6.77 6.79 -3.52
CA VAL B 60 6.50 5.78 -4.52
C VAL B 60 7.56 5.86 -5.62
N ALA B 61 8.56 5.00 -5.51
CA ALA B 61 9.64 4.96 -6.48
C ALA B 61 9.33 3.93 -7.55
N ASP B 62 10.33 3.63 -8.36
CA ASP B 62 10.17 2.66 -9.43
C ASP B 62 9.31 1.50 -8.94
N ALA B 63 9.79 0.86 -7.88
CA ALA B 63 9.07 -0.26 -7.30
C ALA B 63 9.32 -0.29 -5.79
N THR B 64 8.83 0.73 -5.12
CA THR B 64 8.99 0.84 -3.68
C THR B 64 7.97 1.80 -3.10
N VAL B 65 7.39 1.40 -1.97
CA VAL B 65 6.39 2.21 -1.30
C VAL B 65 6.81 2.44 0.15
N THR B 66 7.44 3.57 0.39
CA THR B 66 7.89 3.92 1.73
C THR B 66 7.08 5.09 2.28
N VAL B 67 6.89 5.07 3.59
CA VAL B 67 6.14 6.11 4.26
C VAL B 67 7.06 6.86 5.23
N ILE B 68 7.55 8.01 4.77
CA ILE B 68 8.43 8.82 5.58
C ILE B 68 7.61 9.88 6.33
N SER B 69 8.08 10.21 7.51
CA SER B 69 7.40 11.20 8.33
C SER B 69 7.28 12.52 7.56
N GLU B 70 6.06 13.04 7.55
CA GLU B 70 5.79 14.30 6.86
C GLU B 70 6.89 15.31 7.16
N LYS B 71 7.13 15.52 8.45
CA LYS B 71 8.15 16.47 8.89
C LYS B 71 9.52 15.96 8.45
N ASN B 72 10.13 15.18 9.33
CA ASN B 72 11.44 14.62 9.05
C ASN B 72 11.40 13.85 7.73
N GLU B 73 12.26 14.26 6.81
CA GLU B 73 12.32 13.62 5.51
C GLU B 73 13.31 12.45 5.54
N GLU B 74 13.94 12.29 6.69
CA GLU B 74 14.91 11.22 6.87
C GLU B 74 14.45 10.29 7.99
N GLU B 75 13.14 10.19 8.15
CA GLU B 75 12.56 9.34 9.17
C GLU B 75 11.54 8.39 8.56
N VAL B 76 12.03 7.23 8.15
CA VAL B 76 11.17 6.23 7.55
C VAL B 76 10.17 5.73 8.58
N LEU B 77 8.98 5.38 8.10
CA LEU B 77 7.93 4.90 8.97
C LEU B 77 7.53 3.49 8.54
N VAL B 78 7.21 3.36 7.26
CA VAL B 78 6.81 2.08 6.71
C VAL B 78 7.45 1.90 5.34
N GLU B 79 7.90 0.67 5.09
CA GLU B 79 8.54 0.35 3.83
C GLU B 79 7.84 -0.84 3.16
N CYS B 80 6.93 -0.53 2.27
CA CYS B 80 6.19 -1.56 1.56
C CYS B 80 6.87 -1.82 0.23
N ARG B 81 7.83 -2.74 0.26
CA ARG B 81 8.57 -3.09 -0.94
C ARG B 81 7.64 -3.71 -1.99
N VAL B 82 7.45 -2.97 -3.07
CA VAL B 82 6.59 -3.43 -4.15
C VAL B 82 6.82 -4.92 -4.38
N ARG B 83 8.08 -5.31 -4.39
CA ARG B 83 8.45 -6.69 -4.60
C ARG B 83 7.80 -7.58 -3.53
N PHE B 84 7.87 -7.11 -2.29
CA PHE B 84 7.30 -7.84 -1.18
C PHE B 84 5.78 -7.69 -1.15
N LEU B 85 5.32 -6.55 -1.62
CA LEU B 85 3.89 -6.27 -1.66
C LEU B 85 3.16 -7.46 -2.30
N SER B 86 2.11 -7.89 -1.62
CA SER B 86 1.32 -9.01 -2.11
C SER B 86 0.05 -8.50 -2.78
N PHE B 87 -0.77 -7.81 -1.99
CA PHE B 87 -2.02 -7.26 -2.49
C PHE B 87 -2.25 -5.86 -1.95
N MET B 88 -3.17 -5.16 -2.61
CA MET B 88 -3.50 -3.79 -2.20
C MET B 88 -4.75 -3.29 -2.93
N GLY B 89 -5.66 -2.73 -2.16
CA GLY B 89 -6.90 -2.21 -2.72
C GLY B 89 -7.46 -1.09 -1.84
N VAL B 90 -8.79 -0.96 -1.89
CA VAL B 90 -9.46 0.05 -1.11
C VAL B 90 -10.57 -0.60 -0.28
N GLY B 91 -11.09 0.17 0.67
CA GLY B 91 -12.14 -0.31 1.53
C GLY B 91 -13.52 -0.07 0.91
N LYS B 92 -14.23 0.90 1.46
CA LYS B 92 -15.55 1.24 0.97
C LYS B 92 -15.45 2.50 0.10
N ASP B 93 -14.51 3.35 0.45
CA ASP B 93 -14.30 4.58 -0.30
C ASP B 93 -13.00 4.48 -1.09
N VAL B 94 -13.00 5.12 -2.25
CA VAL B 94 -11.82 5.12 -3.11
C VAL B 94 -10.78 6.09 -2.55
N HIS B 95 -11.17 6.78 -1.49
CA HIS B 95 -10.29 7.74 -0.85
C HIS B 95 -9.25 7.01 0.00
N THR B 96 -9.61 5.79 0.39
CA THR B 96 -8.71 4.98 1.20
C THR B 96 -7.92 4.02 0.31
N PHE B 97 -6.78 3.60 0.83
CA PHE B 97 -5.91 2.68 0.10
C PHE B 97 -5.02 1.90 1.06
N ALA B 98 -5.27 0.60 1.12
CA ALA B 98 -4.49 -0.28 1.98
C ALA B 98 -3.63 -1.21 1.12
N PHE B 99 -2.72 -1.90 1.80
CA PHE B 99 -1.83 -2.81 1.11
C PHE B 99 -1.18 -3.79 2.10
N ILE B 100 -1.04 -5.03 1.66
CA ILE B 100 -0.43 -6.05 2.49
C ILE B 100 1.06 -6.16 2.16
N MET B 101 1.87 -6.11 3.21
CA MET B 101 3.30 -6.20 3.05
C MET B 101 3.89 -7.32 3.90
N ASP B 102 4.96 -7.92 3.39
CA ASP B 102 5.62 -9.00 4.10
C ASP B 102 6.87 -8.46 4.81
N THR B 103 6.73 -8.30 6.12
CA THR B 103 7.82 -7.79 6.93
C THR B 103 8.31 -8.87 7.90
N GLY B 104 8.84 -9.94 7.33
CA GLY B 104 9.34 -11.05 8.14
C GLY B 104 9.25 -12.36 7.37
N ASN B 105 9.31 -13.45 8.12
CA ASN B 105 9.24 -14.78 7.53
C ASN B 105 8.03 -14.86 6.59
N GLN B 106 6.88 -15.10 7.20
CA GLN B 106 5.65 -15.20 6.44
C GLN B 106 4.62 -14.19 6.96
N ARG B 107 5.04 -13.43 7.96
CA ARG B 107 4.17 -12.44 8.55
C ARG B 107 3.69 -11.45 7.49
N PHE B 108 2.54 -10.85 7.75
CA PHE B 108 1.96 -9.89 6.83
C PHE B 108 1.31 -8.73 7.57
N GLU B 109 1.49 -7.53 7.02
CA GLU B 109 0.93 -6.34 7.63
C GLU B 109 0.03 -5.60 6.63
N CYS B 110 -1.14 -5.21 7.10
CA CYS B 110 -2.09 -4.51 6.26
C CYS B 110 -2.14 -3.05 6.72
N HIS B 111 -1.62 -2.18 5.86
CA HIS B 111 -1.60 -0.76 6.16
C HIS B 111 -2.74 -0.06 5.42
N VAL B 112 -3.05 1.15 5.88
CA VAL B 112 -4.12 1.93 5.28
C VAL B 112 -3.73 3.41 5.28
N PHE B 113 -4.28 4.14 4.33
CA PHE B 113 -4.01 5.56 4.22
C PHE B 113 -5.20 6.31 3.64
N TRP B 114 -5.26 7.60 3.94
CA TRP B 114 -6.34 8.43 3.46
C TRP B 114 -5.79 9.34 2.35
N CYS B 115 -6.33 9.14 1.16
CA CYS B 115 -5.89 9.93 0.01
C CYS B 115 -6.96 10.99 -0.27
N GLU B 116 -6.50 12.11 -0.83
CA GLU B 116 -7.40 13.20 -1.14
C GLU B 116 -7.09 13.75 -2.54
N PRO B 117 -8.17 13.85 -3.37
CA PRO B 117 -9.50 13.46 -2.91
C PRO B 117 -9.64 11.94 -2.87
N ASN B 118 -9.46 11.32 -4.02
CA ASN B 118 -9.56 9.88 -4.12
C ASN B 118 -8.15 9.27 -4.15
N ALA B 119 -8.12 7.95 -4.19
CA ALA B 119 -6.84 7.24 -4.22
C ALA B 119 -6.58 6.75 -5.64
N ALA B 120 -6.84 7.63 -6.60
CA ALA B 120 -6.62 7.31 -8.00
C ALA B 120 -5.17 7.59 -8.37
N ASN B 121 -4.62 8.60 -7.72
CA ASN B 121 -3.24 9.00 -7.97
C ASN B 121 -2.31 8.21 -7.04
N VAL B 122 -2.91 7.65 -6.00
CA VAL B 122 -2.15 6.87 -5.03
C VAL B 122 -2.06 5.42 -5.51
N SER B 123 -3.20 4.74 -5.43
CA SER B 123 -3.27 3.35 -5.84
C SER B 123 -2.55 3.17 -7.19
N GLU B 124 -2.61 4.21 -8.00
CA GLU B 124 -1.97 4.18 -9.31
C GLU B 124 -0.45 4.17 -9.15
N ALA B 125 0.05 5.22 -8.52
CA ALA B 125 1.49 5.35 -8.30
C ALA B 125 2.03 4.04 -7.71
N VAL B 126 1.13 3.31 -7.07
CA VAL B 126 1.50 2.04 -6.46
C VAL B 126 1.23 0.91 -7.45
N GLN B 127 0.21 1.12 -8.27
CA GLN B 127 -0.17 0.13 -9.27
C GLN B 127 0.84 0.12 -10.42
N ALA B 128 1.45 1.28 -10.63
CA ALA B 128 2.43 1.43 -11.69
C ALA B 128 3.81 1.03 -11.17
N ALA B 129 3.92 0.98 -9.84
CA ALA B 129 5.17 0.63 -9.21
C ALA B 129 5.33 -0.90 -9.23
N CYS B 130 4.25 -1.57 -8.85
CA CYS B 130 4.25 -3.03 -8.82
C CYS B 130 4.89 -3.54 -10.11
N SER B 131 4.45 -2.97 -11.22
CA SER B 131 4.97 -3.36 -12.52
C SER B 131 4.57 -2.32 -13.58
N GLY B 132 3.27 -2.12 -13.69
CA GLY B 132 2.73 -1.17 -14.66
C GLY B 132 2.61 -1.80 -16.04
N PRO B 133 1.91 -1.07 -16.95
CA PRO B 133 1.70 -1.55 -18.30
C PRO B 133 2.98 -1.42 -19.14
N SER B 134 2.89 -1.87 -20.38
CA SER B 134 4.02 -1.81 -21.28
C SER B 134 3.97 -0.51 -22.10
N SER B 135 4.83 0.42 -21.71
CA SER B 135 4.89 1.70 -22.40
C SER B 135 3.55 2.43 -22.27
N GLY B 136 3.58 3.72 -22.59
CA GLY B 136 2.37 4.53 -22.52
C GLY B 136 1.68 4.36 -21.16
N ASP A 1 -18.33 -0.83 -14.50
CA ASP A 1 -19.06 0.27 -15.09
C ASP A 1 -18.49 0.56 -16.48
N ALA A 2 -19.41 0.88 -17.39
CA ALA A 2 -19.02 1.18 -18.77
C ALA A 2 -19.13 2.69 -19.00
N ALA A 3 -18.33 3.18 -19.94
CA ALA A 3 -18.33 4.59 -20.26
C ALA A 3 -18.31 5.41 -18.98
N VAL A 4 -17.11 5.61 -18.46
CA VAL A 4 -16.93 6.37 -17.24
C VAL A 4 -15.51 6.92 -17.18
N THR A 5 -15.17 7.49 -16.03
CA THR A 5 -13.84 8.06 -15.84
C THR A 5 -12.80 6.94 -15.72
N PRO A 6 -11.61 7.20 -16.32
CA PRO A 6 -10.53 6.24 -16.28
C PRO A 6 -9.86 6.20 -14.91
N GLU A 7 -9.95 7.33 -14.21
CA GLU A 7 -9.36 7.44 -12.89
C GLU A 7 -10.25 6.74 -11.86
N GLU A 8 -11.55 6.72 -12.16
CA GLU A 8 -12.50 6.08 -11.27
C GLU A 8 -12.51 4.56 -11.49
N ARG A 9 -12.81 4.18 -12.72
CA ARG A 9 -12.86 2.77 -13.08
C ARG A 9 -11.58 2.06 -12.62
N HIS A 10 -10.49 2.82 -12.63
CA HIS A 10 -9.20 2.28 -12.22
C HIS A 10 -9.25 1.90 -10.75
N LEU A 11 -9.99 2.69 -9.99
CA LEU A 11 -10.13 2.46 -8.56
C LEU A 11 -11.19 1.38 -8.33
N SER A 12 -12.30 1.53 -9.05
CA SER A 12 -13.39 0.58 -8.94
C SER A 12 -12.86 -0.86 -9.03
N LYS A 13 -11.83 -1.01 -9.84
CA LYS A 13 -11.22 -2.32 -10.03
C LYS A 13 -10.53 -2.74 -8.73
N MET A 14 -9.96 -1.76 -8.05
CA MET A 14 -9.27 -2.02 -6.80
C MET A 14 -10.26 -2.06 -5.62
N GLN A 15 -11.47 -1.62 -5.90
CA GLN A 15 -12.51 -1.61 -4.88
C GLN A 15 -13.09 -3.01 -4.69
N GLN A 16 -13.18 -3.74 -5.80
CA GLN A 16 -13.72 -5.09 -5.76
C GLN A 16 -12.63 -6.09 -6.15
N ASN A 17 -12.47 -6.28 -7.45
CA ASN A 17 -11.48 -7.21 -7.96
C ASN A 17 -10.20 -7.09 -7.12
N GLY A 18 -9.71 -5.86 -7.03
CA GLY A 18 -8.50 -5.61 -6.27
C GLY A 18 -7.26 -5.68 -7.17
N TYR A 19 -6.18 -6.18 -6.59
CA TYR A 19 -4.94 -6.31 -7.32
C TYR A 19 -3.96 -7.24 -6.59
N GLU A 20 -3.33 -8.10 -7.37
CA GLU A 20 -2.37 -9.05 -6.81
C GLU A 20 -1.04 -8.96 -7.55
N ASN A 21 -0.12 -8.21 -6.96
CA ASN A 21 1.19 -8.03 -7.55
C ASN A 21 1.68 -9.37 -8.11
N PRO A 22 1.70 -9.45 -9.47
CA PRO A 22 2.14 -10.67 -10.14
C PRO A 22 3.66 -10.81 -10.07
N THR A 23 4.14 -11.18 -8.90
CA THR A 23 5.57 -11.35 -8.70
C THR A 23 5.84 -11.96 -7.31
N TYR A 24 5.08 -11.49 -6.34
CA TYR A 24 5.23 -11.96 -4.98
C TYR A 24 5.54 -13.46 -4.95
N LYS A 25 4.69 -14.23 -5.63
CA LYS A 25 4.86 -15.66 -5.69
C LYS A 25 5.03 -16.22 -4.27
N PHE A 26 3.92 -16.69 -3.72
CA PHE A 26 3.94 -17.25 -2.37
C PHE A 26 2.75 -18.20 -2.16
N PHE A 27 3.00 -19.23 -1.37
CA PHE A 27 1.98 -20.21 -1.08
C PHE A 27 1.40 -20.80 -2.38
N GLU A 28 1.90 -21.98 -2.72
CA GLU A 28 1.46 -22.65 -3.93
C GLU A 28 0.70 -23.94 -3.57
N GLN A 29 1.42 -24.85 -2.93
CA GLN A 29 0.84 -26.11 -2.53
C GLN A 29 0.55 -26.99 -3.75
N MET A 30 1.49 -27.87 -4.04
CA MET A 30 1.35 -28.77 -5.18
C MET A 30 0.00 -29.46 -5.16
N GLN A 31 -0.63 -29.49 -6.33
CA GLN A 31 -1.93 -30.13 -6.47
C GLN A 31 -1.80 -31.65 -6.39
N ASN A 32 -1.03 -32.18 -7.34
CA ASN A 32 -0.81 -33.62 -7.39
C ASN A 32 -2.15 -34.32 -7.63
N GLY B 1 16.14 -17.53 14.20
CA GLY B 1 17.43 -17.83 13.61
C GLY B 1 17.49 -17.37 12.15
N SER B 2 17.82 -16.10 11.98
CA SER B 2 17.92 -15.52 10.65
C SER B 2 18.57 -14.14 10.72
N SER B 3 19.89 -14.14 10.67
CA SER B 3 20.65 -12.90 10.73
C SER B 3 21.82 -12.95 9.75
N GLY B 4 22.15 -11.79 9.22
CA GLY B 4 23.24 -11.69 8.26
C GLY B 4 22.79 -11.02 6.97
N SER B 5 22.85 -9.69 6.97
CA SER B 5 22.45 -8.92 5.79
C SER B 5 23.51 -7.86 5.48
N SER B 6 23.90 -7.83 4.21
CA SER B 6 24.90 -6.87 3.77
C SER B 6 24.57 -6.39 2.36
N GLY B 7 24.30 -5.09 2.26
CA GLY B 7 23.96 -4.49 0.99
C GLY B 7 24.38 -3.02 0.94
N PRO B 8 24.80 -2.58 -0.27
CA PRO B 8 25.24 -1.20 -0.46
C PRO B 8 24.03 -0.25 -0.49
N THR B 9 24.31 1.02 -0.24
CA THR B 9 23.27 2.03 -0.23
C THR B 9 23.16 2.69 -1.61
N PRO B 10 21.91 2.74 -2.13
CA PRO B 10 21.66 3.34 -3.42
C PRO B 10 21.71 4.87 -3.34
N LYS B 11 21.87 5.50 -4.49
CA LYS B 11 21.94 6.94 -4.57
C LYS B 11 20.52 7.52 -4.66
N THR B 12 20.45 8.83 -4.61
CA THR B 12 19.16 9.51 -4.68
C THR B 12 18.56 9.35 -6.08
N GLU B 13 17.24 9.28 -6.12
CA GLU B 13 16.53 9.13 -7.38
C GLU B 13 15.20 9.88 -7.33
N LEU B 14 14.69 10.20 -8.51
CA LEU B 14 13.42 10.91 -8.62
C LEU B 14 12.30 10.03 -8.08
N VAL B 15 11.63 10.53 -7.06
CA VAL B 15 10.53 9.79 -6.45
C VAL B 15 9.22 10.56 -6.66
N GLN B 16 8.13 9.82 -6.73
CA GLN B 16 6.82 10.42 -6.92
C GLN B 16 6.39 11.17 -5.66
N LYS B 17 6.35 10.44 -4.55
CA LYS B 17 5.96 11.01 -3.28
C LYS B 17 4.47 11.37 -3.33
N PHE B 18 3.85 11.27 -2.16
CA PHE B 18 2.43 11.57 -2.05
C PHE B 18 2.03 11.82 -0.60
N ARG B 19 1.83 13.09 -0.28
CA ARG B 19 1.45 13.47 1.08
C ARG B 19 0.02 13.03 1.36
N VAL B 20 -0.10 12.04 2.24
CA VAL B 20 -1.40 11.52 2.61
C VAL B 20 -1.46 11.33 4.12
N GLN B 21 -2.47 10.59 4.56
CA GLN B 21 -2.64 10.31 5.98
C GLN B 21 -2.33 8.85 6.28
N TYR B 22 -2.28 8.54 7.57
CA TYR B 22 -1.99 7.20 8.01
C TYR B 22 -3.05 6.68 8.98
N LEU B 23 -3.89 5.78 8.48
CA LEU B 23 -4.96 5.22 9.29
C LEU B 23 -4.34 4.39 10.43
N GLY B 24 -3.27 3.68 10.08
CA GLY B 24 -2.58 2.85 11.06
C GLY B 24 -2.33 1.45 10.50
N MET B 25 -1.72 0.61 11.34
CA MET B 25 -1.41 -0.75 10.93
C MET B 25 -2.45 -1.73 11.49
N LEU B 26 -2.98 -2.55 10.58
CA LEU B 26 -3.98 -3.53 10.95
C LEU B 26 -3.45 -4.93 10.67
N PRO B 27 -3.63 -5.84 11.67
CA PRO B 27 -3.16 -7.20 11.54
C PRO B 27 -4.07 -8.01 10.61
N VAL B 28 -3.47 -8.96 9.91
CA VAL B 28 -4.20 -9.80 8.99
C VAL B 28 -3.76 -11.25 9.15
N ASP B 29 -4.16 -12.07 8.19
CA ASP B 29 -3.81 -13.48 8.21
C ASP B 29 -3.20 -13.88 6.87
N ARG B 30 -4.01 -13.71 5.82
CA ARG B 30 -3.58 -14.05 4.48
C ARG B 30 -2.84 -12.86 3.85
N PRO B 31 -1.91 -13.20 2.91
CA PRO B 31 -1.14 -12.18 2.23
C PRO B 31 -1.99 -11.45 1.18
N VAL B 32 -3.02 -12.14 0.73
CA VAL B 32 -3.91 -11.56 -0.27
C VAL B 32 -5.36 -11.79 0.17
N GLY B 33 -6.25 -10.97 -0.38
CA GLY B 33 -7.66 -11.06 -0.06
C GLY B 33 -8.28 -9.68 0.09
N MET B 34 -9.46 -9.52 -0.49
CA MET B 34 -10.17 -8.26 -0.43
C MET B 34 -10.81 -8.04 0.95
N ASP B 35 -11.52 -9.07 1.39
CA ASP B 35 -12.18 -9.00 2.69
C ASP B 35 -11.14 -8.70 3.77
N THR B 36 -9.97 -9.32 3.62
CA THR B 36 -8.89 -9.13 4.57
C THR B 36 -8.45 -7.66 4.59
N LEU B 37 -8.54 -7.03 3.43
CA LEU B 37 -8.17 -5.63 3.31
C LEU B 37 -9.23 -4.76 3.99
N ASN B 38 -10.42 -4.77 3.41
CA ASN B 38 -11.52 -4.00 3.95
C ASN B 38 -11.51 -4.08 5.48
N SER B 39 -11.49 -5.31 5.97
CA SER B 39 -11.47 -5.54 7.41
C SER B 39 -10.57 -4.50 8.09
N ALA B 40 -9.38 -4.34 7.54
CA ALA B 40 -8.42 -3.39 8.09
C ALA B 40 -9.02 -1.98 8.02
N ILE B 41 -9.17 -1.51 6.78
CA ILE B 41 -9.73 -0.18 6.57
C ILE B 41 -10.93 0.03 7.49
N GLU B 42 -11.78 -0.99 7.52
CA GLU B 42 -12.98 -0.93 8.35
C GLU B 42 -12.59 -0.85 9.83
N ASN B 43 -11.53 -1.57 10.16
CA ASN B 43 -11.05 -1.59 11.54
C ASN B 43 -10.50 -0.22 11.91
N LEU B 44 -9.44 0.17 11.21
CA LEU B 44 -8.80 1.45 11.45
C LEU B 44 -9.87 2.54 11.43
N MET B 45 -10.83 2.37 10.54
CA MET B 45 -11.92 3.33 10.41
C MET B 45 -12.60 3.59 11.76
N THR B 46 -12.80 2.52 12.50
CA THR B 46 -13.44 2.62 13.81
C THR B 46 -12.38 2.56 14.91
N SER B 47 -11.16 2.25 14.51
CA SER B 47 -10.05 2.17 15.45
C SER B 47 -9.63 3.57 15.89
N SER B 48 -9.36 4.41 14.89
CA SER B 48 -8.95 5.78 15.17
C SER B 48 -9.85 6.76 14.42
N SER B 49 -9.68 8.03 14.73
CA SER B 49 -10.48 9.07 14.11
C SER B 49 -9.81 9.52 12.80
N LYS B 50 -10.38 10.57 12.22
CA LYS B 50 -9.85 11.10 10.98
C LYS B 50 -8.68 12.05 11.28
N GLU B 51 -8.84 12.79 12.38
CA GLU B 51 -7.81 13.73 12.79
C GLU B 51 -6.61 12.99 13.38
N ASP B 52 -6.90 11.83 13.95
CA ASP B 52 -5.86 11.02 14.56
C ASP B 52 -4.84 10.62 13.48
N TRP B 53 -5.37 10.27 12.31
CA TRP B 53 -4.53 9.88 11.20
C TRP B 53 -3.49 10.98 10.98
N PRO B 54 -2.22 10.66 11.32
CA PRO B 54 -1.13 11.61 11.17
C PRO B 54 -0.73 11.74 9.69
N SER B 55 -0.23 12.91 9.35
CA SER B 55 0.20 13.18 7.99
C SER B 55 1.52 12.48 7.70
N VAL B 56 1.56 11.77 6.59
CA VAL B 56 2.77 11.06 6.18
C VAL B 56 3.05 11.32 4.71
N ASN B 57 4.22 10.86 4.28
CA ASN B 57 4.62 11.03 2.89
C ASN B 57 4.81 9.67 2.24
N MET B 58 3.89 9.33 1.35
CA MET B 58 3.95 8.06 0.66
C MET B 58 4.90 8.13 -0.54
N ASN B 59 6.11 7.64 -0.32
CA ASN B 59 7.12 7.64 -1.38
C ASN B 59 6.85 6.50 -2.34
N VAL B 60 6.89 6.82 -3.63
CA VAL B 60 6.66 5.83 -4.66
C VAL B 60 7.68 6.00 -5.77
N ALA B 61 8.61 5.07 -5.83
CA ALA B 61 9.66 5.11 -6.83
C ALA B 61 9.41 4.01 -7.87
N ASP B 62 10.49 3.53 -8.46
CA ASP B 62 10.40 2.48 -9.46
C ASP B 62 9.39 1.42 -9.00
N ALA B 63 9.77 0.73 -7.94
CA ALA B 63 8.92 -0.32 -7.38
C ALA B 63 9.14 -0.39 -5.87
N THR B 64 8.73 0.67 -5.19
CA THR B 64 8.88 0.73 -3.75
C THR B 64 7.91 1.76 -3.16
N VAL B 65 7.24 1.35 -2.09
CA VAL B 65 6.28 2.23 -1.44
C VAL B 65 6.70 2.42 0.03
N THR B 66 7.34 3.54 0.27
CA THR B 66 7.81 3.87 1.62
C THR B 66 7.08 5.10 2.15
N VAL B 67 6.64 4.98 3.39
CA VAL B 67 5.93 6.09 4.03
C VAL B 67 6.85 6.77 5.05
N ILE B 68 7.37 7.92 4.65
CA ILE B 68 8.26 8.67 5.50
C ILE B 68 7.46 9.74 6.24
N SER B 69 7.93 10.07 7.44
CA SER B 69 7.27 11.08 8.26
C SER B 69 7.21 12.41 7.50
N GLU B 70 6.00 12.90 7.33
CA GLU B 70 5.79 14.15 6.63
C GLU B 70 6.87 15.16 7.02
N LYS B 71 6.93 15.46 8.31
CA LYS B 71 7.90 16.41 8.83
C LYS B 71 9.31 15.93 8.46
N ASN B 72 9.90 15.16 9.36
CA ASN B 72 11.23 14.63 9.15
C ASN B 72 11.23 13.74 7.89
N GLU B 73 12.03 14.16 6.92
CA GLU B 73 12.13 13.41 5.67
C GLU B 73 13.15 12.28 5.81
N GLU B 74 13.85 12.29 6.94
CA GLU B 74 14.85 11.27 7.20
C GLU B 74 14.34 10.28 8.26
N GLU B 75 13.02 10.15 8.31
CA GLU B 75 12.39 9.25 9.26
C GLU B 75 11.31 8.42 8.57
N VAL B 76 11.67 7.19 8.25
CA VAL B 76 10.75 6.29 7.58
C VAL B 76 9.71 5.80 8.59
N LEU B 77 8.54 5.46 8.07
CA LEU B 77 7.46 4.98 8.91
C LEU B 77 7.08 3.56 8.48
N VAL B 78 6.83 3.40 7.19
CA VAL B 78 6.46 2.11 6.66
C VAL B 78 7.17 1.90 5.31
N GLU B 79 7.68 0.70 5.11
CA GLU B 79 8.37 0.37 3.89
C GLU B 79 7.68 -0.82 3.19
N CYS B 80 6.79 -0.47 2.27
CA CYS B 80 6.06 -1.49 1.53
C CYS B 80 6.74 -1.67 0.17
N ARG B 81 7.71 -2.57 0.14
CA ARG B 81 8.44 -2.85 -1.09
C ARG B 81 7.54 -3.57 -2.09
N VAL B 82 7.26 -2.88 -3.19
CA VAL B 82 6.42 -3.44 -4.23
C VAL B 82 6.75 -4.93 -4.39
N ARG B 83 8.03 -5.23 -4.32
CA ARG B 83 8.49 -6.60 -4.46
C ARG B 83 7.83 -7.50 -3.41
N PHE B 84 7.91 -7.06 -2.16
CA PHE B 84 7.32 -7.80 -1.07
C PHE B 84 5.80 -7.72 -1.11
N LEU B 85 5.31 -6.54 -1.45
CA LEU B 85 3.88 -6.31 -1.53
C LEU B 85 3.20 -7.54 -2.12
N SER B 86 2.01 -7.84 -1.62
CA SER B 86 1.25 -8.98 -2.09
C SER B 86 -0.08 -8.53 -2.66
N PHE B 87 -0.80 -7.74 -1.86
CA PHE B 87 -2.09 -7.23 -2.28
C PHE B 87 -2.25 -5.76 -1.90
N MET B 88 -3.13 -5.08 -2.62
CA MET B 88 -3.38 -3.67 -2.37
C MET B 88 -4.63 -3.19 -3.11
N GLY B 89 -5.39 -2.34 -2.44
CA GLY B 89 -6.60 -1.80 -3.03
C GLY B 89 -7.24 -0.75 -2.11
N VAL B 90 -8.55 -0.67 -2.17
CA VAL B 90 -9.29 0.28 -1.37
C VAL B 90 -10.39 -0.44 -0.61
N GLY B 91 -11.02 0.29 0.32
CA GLY B 91 -12.09 -0.27 1.11
C GLY B 91 -13.46 0.16 0.57
N LYS B 92 -14.10 1.05 1.33
CA LYS B 92 -15.41 1.55 0.94
C LYS B 92 -15.25 2.91 0.27
N ASP B 93 -14.20 3.63 0.67
CA ASP B 93 -13.93 4.93 0.12
C ASP B 93 -12.55 4.93 -0.54
N VAL B 94 -12.55 5.02 -1.86
CA VAL B 94 -11.31 5.03 -2.62
C VAL B 94 -10.27 5.87 -1.88
N HIS B 95 -10.72 7.01 -1.37
CA HIS B 95 -9.85 7.90 -0.63
C HIS B 95 -8.88 7.09 0.22
N THR B 96 -9.39 5.98 0.74
CA THR B 96 -8.58 5.10 1.58
C THR B 96 -7.90 4.03 0.72
N PHE B 97 -6.59 3.90 0.94
CA PHE B 97 -5.80 2.92 0.19
C PHE B 97 -4.97 2.06 1.14
N ALA B 98 -5.32 0.79 1.19
CA ALA B 98 -4.60 -0.14 2.05
C ALA B 98 -3.78 -1.10 1.20
N PHE B 99 -2.87 -1.80 1.84
CA PHE B 99 -2.01 -2.75 1.15
C PHE B 99 -1.31 -3.69 2.13
N ILE B 100 -1.18 -4.94 1.72
CA ILE B 100 -0.54 -5.94 2.55
C ILE B 100 0.93 -6.04 2.18
N MET B 101 1.77 -5.98 3.20
CA MET B 101 3.21 -6.06 2.99
C MET B 101 3.80 -7.25 3.74
N ASP B 102 4.85 -7.82 3.15
CA ASP B 102 5.51 -8.96 3.75
C ASP B 102 6.65 -8.47 4.66
N THR B 103 6.47 -8.74 5.94
CA THR B 103 7.46 -8.32 6.93
C THR B 103 8.48 -9.45 7.16
N GLY B 104 9.17 -9.81 6.09
CA GLY B 104 10.16 -10.87 6.16
C GLY B 104 9.51 -12.25 6.14
N ASN B 105 9.33 -12.80 7.32
CA ASN B 105 8.71 -14.11 7.45
C ASN B 105 7.35 -14.11 6.77
N GLN B 106 6.59 -15.16 7.02
CA GLN B 106 5.26 -15.28 6.44
C GLN B 106 4.33 -14.19 6.99
N ARG B 107 4.79 -13.55 8.06
CA ARG B 107 4.01 -12.50 8.69
C ARG B 107 3.61 -11.46 7.65
N PHE B 108 2.37 -11.01 7.76
CA PHE B 108 1.84 -10.01 6.84
C PHE B 108 1.07 -8.92 7.60
N GLU B 109 1.35 -7.68 7.23
CA GLU B 109 0.71 -6.54 7.85
C GLU B 109 0.02 -5.68 6.80
N CYS B 110 -0.98 -4.93 7.25
CA CYS B 110 -1.71 -4.05 6.36
C CYS B 110 -1.47 -2.60 6.79
N HIS B 111 -1.55 -1.70 5.83
CA HIS B 111 -1.34 -0.29 6.09
C HIS B 111 -2.33 0.54 5.30
N VAL B 112 -3.28 1.14 6.01
CA VAL B 112 -4.29 1.96 5.39
C VAL B 112 -3.84 3.42 5.40
N PHE B 113 -4.49 4.22 4.56
CA PHE B 113 -4.18 5.63 4.47
C PHE B 113 -5.39 6.44 4.03
N TRP B 114 -5.22 7.76 4.04
CA TRP B 114 -6.30 8.66 3.65
C TRP B 114 -5.72 9.68 2.68
N CYS B 115 -5.85 9.38 1.40
CA CYS B 115 -5.35 10.27 0.36
C CYS B 115 -6.49 11.17 -0.10
N GLU B 116 -6.12 12.27 -0.74
CA GLU B 116 -7.11 13.21 -1.24
C GLU B 116 -6.73 13.70 -2.64
N PRO B 117 -7.76 13.70 -3.53
CA PRO B 117 -9.10 13.28 -3.15
C PRO B 117 -9.18 11.76 -3.01
N ASN B 118 -8.80 11.09 -4.08
CA ASN B 118 -8.83 9.64 -4.11
C ASN B 118 -7.39 9.11 -4.18
N ALA B 119 -7.27 7.80 -3.98
CA ALA B 119 -5.97 7.16 -4.01
C ALA B 119 -5.69 6.67 -5.43
N ALA B 120 -6.29 7.35 -6.39
CA ALA B 120 -6.12 7.01 -7.79
C ALA B 120 -4.68 7.33 -8.22
N ASN B 121 -4.16 8.39 -7.62
CA ASN B 121 -2.79 8.82 -7.94
C ASN B 121 -1.80 7.93 -7.19
N VAL B 122 -2.17 7.59 -5.96
CA VAL B 122 -1.32 6.76 -5.13
C VAL B 122 -1.41 5.30 -5.62
N SER B 123 -2.64 4.83 -5.76
CA SER B 123 -2.87 3.48 -6.22
C SER B 123 -2.19 3.26 -7.57
N GLU B 124 -2.26 4.27 -8.41
CA GLU B 124 -1.66 4.21 -9.73
C GLU B 124 -0.13 4.24 -9.62
N ALA B 125 0.34 5.02 -8.66
CA ALA B 125 1.77 5.15 -8.43
C ALA B 125 2.30 3.85 -7.81
N VAL B 126 1.40 3.12 -7.18
CA VAL B 126 1.76 1.86 -6.55
C VAL B 126 1.53 0.71 -7.54
N GLN B 127 0.38 0.76 -8.19
CA GLN B 127 0.02 -0.27 -9.15
C GLN B 127 1.00 -0.27 -10.32
N ALA B 128 1.35 0.93 -10.75
CA ALA B 128 2.29 1.09 -11.86
C ALA B 128 3.71 0.76 -11.37
N ALA B 129 3.89 0.87 -10.07
CA ALA B 129 5.19 0.59 -9.47
C ALA B 129 5.47 -0.91 -9.57
N CYS B 130 4.43 -1.70 -9.32
CA CYS B 130 4.56 -3.14 -9.38
C CYS B 130 5.07 -3.52 -10.78
N SER B 131 4.55 -2.83 -11.78
CA SER B 131 4.94 -3.08 -13.15
C SER B 131 4.43 -1.96 -14.05
N GLY B 132 3.11 -1.93 -14.21
CA GLY B 132 2.48 -0.92 -15.04
C GLY B 132 2.45 -1.37 -16.51
N PRO B 133 1.66 -0.60 -17.33
CA PRO B 133 1.53 -0.92 -18.74
C PRO B 133 2.78 -0.50 -19.51
N SER B 134 3.59 -1.50 -19.85
CA SER B 134 4.82 -1.26 -20.58
C SER B 134 5.14 -2.45 -21.49
N SER B 135 5.37 -2.14 -22.75
CA SER B 135 5.68 -3.16 -23.73
C SER B 135 6.37 -2.54 -24.95
N GLY B 136 7.47 -3.17 -25.35
CA GLY B 136 8.22 -2.68 -26.50
C GLY B 136 9.70 -2.51 -26.16
N ASP A 1 -23.88 4.86 -25.97
CA ASP A 1 -23.54 4.23 -24.71
C ASP A 1 -22.77 5.23 -23.82
N ALA A 2 -23.44 5.65 -22.76
CA ALA A 2 -22.84 6.59 -21.83
C ALA A 2 -21.69 5.92 -21.08
N ALA A 3 -20.51 6.51 -21.21
CA ALA A 3 -19.34 5.96 -20.54
C ALA A 3 -19.11 6.71 -19.24
N VAL A 4 -18.42 6.04 -18.32
CA VAL A 4 -18.13 6.63 -17.03
C VAL A 4 -16.70 7.15 -17.01
N THR A 5 -16.28 7.62 -15.85
CA THR A 5 -14.94 8.15 -15.69
C THR A 5 -13.93 7.02 -15.52
N PRO A 6 -12.72 7.22 -16.11
CA PRO A 6 -11.67 6.22 -16.03
C PRO A 6 -11.02 6.22 -14.64
N GLU A 7 -10.71 7.41 -14.17
CA GLU A 7 -10.09 7.56 -12.87
C GLU A 7 -10.91 6.82 -11.80
N GLU A 8 -12.17 6.61 -12.12
CA GLU A 8 -13.07 5.92 -11.21
C GLU A 8 -13.06 4.42 -11.48
N ARG A 9 -13.13 4.08 -12.76
CA ARG A 9 -13.12 2.68 -13.17
C ARG A 9 -11.86 1.99 -12.67
N HIS A 10 -10.76 2.73 -12.72
CA HIS A 10 -9.47 2.19 -12.27
C HIS A 10 -9.53 1.93 -10.77
N LEU A 11 -10.32 2.75 -10.09
CA LEU A 11 -10.47 2.62 -8.65
C LEU A 11 -11.53 1.56 -8.34
N SER A 12 -12.71 1.78 -8.88
CA SER A 12 -13.81 0.85 -8.68
C SER A 12 -13.31 -0.59 -8.80
N LYS A 13 -12.34 -0.78 -9.69
CA LYS A 13 -11.77 -2.09 -9.91
C LYS A 13 -11.08 -2.57 -8.63
N MET A 14 -10.31 -1.67 -8.05
CA MET A 14 -9.59 -1.98 -6.82
C MET A 14 -10.55 -2.06 -5.63
N GLN A 15 -11.63 -1.31 -5.72
CA GLN A 15 -12.63 -1.29 -4.67
C GLN A 15 -13.09 -2.71 -4.35
N GLN A 16 -13.10 -3.55 -5.38
CA GLN A 16 -13.52 -4.93 -5.21
C GLN A 16 -12.45 -5.87 -5.78
N ASN A 17 -12.50 -6.06 -7.09
CA ASN A 17 -11.55 -6.92 -7.76
C ASN A 17 -10.19 -6.82 -7.06
N GLY A 18 -9.80 -5.60 -6.75
CA GLY A 18 -8.54 -5.36 -6.08
C GLY A 18 -7.36 -5.61 -7.02
N TYR A 19 -6.17 -5.60 -6.44
CA TYR A 19 -4.96 -5.83 -7.22
C TYR A 19 -3.99 -6.75 -6.47
N GLU A 20 -3.54 -7.78 -7.18
CA GLU A 20 -2.62 -8.73 -6.59
C GLU A 20 -1.32 -8.77 -7.40
N ASN A 21 -0.30 -8.14 -6.85
CA ASN A 21 1.00 -8.10 -7.51
C ASN A 21 1.38 -9.50 -7.97
N PRO A 22 1.33 -9.70 -9.32
CA PRO A 22 1.67 -10.98 -9.90
C PRO A 22 3.18 -11.21 -9.88
N THR A 23 3.70 -11.49 -8.69
CA THR A 23 5.12 -11.74 -8.52
C THR A 23 5.39 -12.44 -7.20
N TYR A 24 4.72 -11.96 -6.16
CA TYR A 24 4.88 -12.54 -4.83
C TYR A 24 4.96 -14.06 -4.90
N LYS A 25 6.13 -14.57 -4.57
CA LYS A 25 6.36 -16.00 -4.59
C LYS A 25 6.99 -16.44 -3.26
N PHE A 26 6.17 -17.11 -2.45
CA PHE A 26 6.62 -17.58 -1.15
C PHE A 26 5.97 -18.92 -0.81
N PHE A 27 4.66 -18.97 -0.98
CA PHE A 27 3.91 -20.18 -0.69
C PHE A 27 3.88 -21.12 -1.91
N GLU A 28 3.11 -22.19 -1.77
CA GLU A 28 2.97 -23.15 -2.85
C GLU A 28 1.80 -24.09 -2.59
N GLN A 29 0.60 -23.57 -2.83
CA GLN A 29 -0.61 -24.33 -2.63
C GLN A 29 -1.53 -24.21 -3.84
N MET A 30 -2.44 -25.16 -3.96
CA MET A 30 -3.37 -25.18 -5.06
C MET A 30 -4.81 -24.94 -4.57
N GLN A 31 -5.49 -24.01 -5.21
CA GLN A 31 -6.84 -23.68 -4.85
C GLN A 31 -7.79 -24.80 -5.29
N ASN A 32 -7.41 -25.48 -6.36
CA ASN A 32 -8.21 -26.57 -6.89
C ASN A 32 -9.68 -26.14 -6.94
N GLY B 1 14.51 -13.52 26.41
CA GLY B 1 15.39 -12.49 25.88
C GLY B 1 15.87 -12.84 24.47
N SER B 2 17.11 -12.45 24.20
CA SER B 2 17.70 -12.73 22.89
C SER B 2 16.88 -12.04 21.79
N SER B 3 17.59 -11.25 20.99
CA SER B 3 16.96 -10.53 19.90
C SER B 3 18.01 -9.87 19.02
N GLY B 4 17.61 -9.58 17.79
CA GLY B 4 18.52 -8.95 16.84
C GLY B 4 17.92 -8.95 15.43
N SER B 5 18.37 -7.99 14.64
CA SER B 5 17.88 -7.87 13.27
C SER B 5 18.56 -6.67 12.59
N SER B 6 18.65 -6.77 11.27
CA SER B 6 19.27 -5.70 10.49
C SER B 6 19.04 -5.95 9.00
N GLY B 7 19.25 -4.90 8.22
CA GLY B 7 19.06 -4.99 6.78
C GLY B 7 19.16 -3.60 6.12
N PRO B 8 20.23 -3.44 5.30
CA PRO B 8 20.46 -2.19 4.61
C PRO B 8 19.48 -2.00 3.44
N THR B 9 19.39 -0.78 2.97
CA THR B 9 18.50 -0.46 1.86
C THR B 9 19.29 0.11 0.68
N PRO B 10 18.72 -0.08 -0.54
CA PRO B 10 19.36 0.41 -1.75
C PRO B 10 19.22 1.93 -1.87
N LYS B 11 19.69 2.45 -2.99
CA LYS B 11 19.63 3.88 -3.24
C LYS B 11 18.62 4.15 -4.36
N THR B 12 17.80 5.17 -4.15
CA THR B 12 16.80 5.54 -5.13
C THR B 12 17.05 6.97 -5.64
N GLU B 13 16.68 7.18 -6.89
CA GLU B 13 16.86 8.49 -7.51
C GLU B 13 15.52 9.01 -8.02
N LEU B 14 15.12 10.16 -7.47
CA LEU B 14 13.86 10.77 -7.87
C LEU B 14 12.70 9.92 -7.35
N VAL B 15 11.73 10.62 -6.76
CA VAL B 15 10.56 9.94 -6.22
C VAL B 15 9.31 10.78 -6.52
N GLN B 16 8.17 10.09 -6.53
CA GLN B 16 6.91 10.76 -6.82
C GLN B 16 6.36 11.41 -5.54
N LYS B 17 6.53 10.71 -4.43
CA LYS B 17 6.07 11.21 -3.15
C LYS B 17 4.54 11.35 -3.18
N PHE B 18 3.94 11.21 -2.01
CA PHE B 18 2.50 11.31 -1.89
C PHE B 18 2.09 11.64 -0.46
N ARG B 19 1.91 12.92 -0.20
CA ARG B 19 1.52 13.37 1.12
C ARG B 19 0.07 12.99 1.41
N VAL B 20 -0.09 11.92 2.16
CA VAL B 20 -1.42 11.43 2.51
C VAL B 20 -1.51 11.25 4.02
N GLN B 21 -2.55 10.55 4.44
CA GLN B 21 -2.76 10.30 5.86
C GLN B 21 -2.38 8.85 6.21
N TYR B 22 -2.35 8.57 7.50
CA TYR B 22 -2.02 7.24 7.97
C TYR B 22 -3.09 6.71 8.93
N LEU B 23 -3.87 5.76 8.41
CA LEU B 23 -4.93 5.17 9.21
C LEU B 23 -4.31 4.33 10.32
N GLY B 24 -3.18 3.71 10.01
CA GLY B 24 -2.49 2.88 10.97
C GLY B 24 -2.22 1.49 10.40
N MET B 25 -1.76 0.60 11.28
CA MET B 25 -1.46 -0.76 10.88
C MET B 25 -2.51 -1.74 11.41
N LEU B 26 -3.01 -2.58 10.51
CA LEU B 26 -4.01 -3.56 10.88
C LEU B 26 -3.47 -4.96 10.61
N PRO B 27 -3.68 -5.86 11.60
CA PRO B 27 -3.22 -7.23 11.48
C PRO B 27 -4.12 -8.03 10.54
N VAL B 28 -3.51 -8.95 9.81
CA VAL B 28 -4.24 -9.78 8.88
C VAL B 28 -3.74 -11.23 8.99
N ASP B 29 -4.52 -12.13 8.40
CA ASP B 29 -4.18 -13.54 8.43
C ASP B 29 -3.56 -13.93 7.08
N ARG B 30 -4.25 -13.59 6.02
CA ARG B 30 -3.78 -13.90 4.67
C ARG B 30 -3.13 -12.67 4.05
N PRO B 31 -2.19 -12.94 3.10
CA PRO B 31 -1.48 -11.87 2.42
C PRO B 31 -2.39 -11.18 1.39
N VAL B 32 -3.37 -11.93 0.92
CA VAL B 32 -4.31 -11.41 -0.05
C VAL B 32 -5.74 -11.69 0.41
N GLY B 33 -6.68 -11.00 -0.23
CA GLY B 33 -8.08 -11.17 0.11
C GLY B 33 -8.77 -9.81 0.31
N MET B 34 -9.85 -9.62 -0.41
CA MET B 34 -10.60 -8.38 -0.32
C MET B 34 -11.32 -8.27 1.02
N ASP B 35 -11.68 -9.43 1.55
CA ASP B 35 -12.37 -9.48 2.83
C ASP B 35 -11.41 -9.08 3.95
N THR B 36 -10.14 -9.42 3.74
CA THR B 36 -9.11 -9.11 4.72
C THR B 36 -8.75 -7.62 4.65
N LEU B 37 -8.44 -7.18 3.43
CA LEU B 37 -8.08 -5.79 3.21
C LEU B 37 -9.13 -4.88 3.86
N ASN B 38 -10.32 -4.91 3.28
CA ASN B 38 -11.41 -4.10 3.80
C ASN B 38 -11.41 -4.16 5.32
N SER B 39 -11.36 -5.37 5.84
CA SER B 39 -11.36 -5.57 7.28
C SER B 39 -10.50 -4.50 7.96
N ALA B 40 -9.29 -4.34 7.44
CA ALA B 40 -8.36 -3.35 7.98
C ALA B 40 -9.00 -1.96 7.89
N ILE B 41 -9.14 -1.49 6.66
CA ILE B 41 -9.73 -0.18 6.43
C ILE B 41 -10.90 0.03 7.39
N GLU B 42 -11.78 -0.97 7.42
CA GLU B 42 -12.95 -0.91 8.29
C GLU B 42 -12.51 -0.83 9.75
N ASN B 43 -11.56 -1.68 10.10
CA ASN B 43 -11.06 -1.73 11.47
C ASN B 43 -10.50 -0.35 11.84
N LEU B 44 -9.39 0.00 11.22
CA LEU B 44 -8.75 1.28 11.49
C LEU B 44 -9.82 2.38 11.47
N MET B 45 -10.60 2.39 10.40
CA MET B 45 -11.65 3.39 10.25
C MET B 45 -12.31 3.68 11.60
N THR B 46 -12.91 2.65 12.18
CA THR B 46 -13.57 2.78 13.46
C THR B 46 -12.55 2.85 14.59
N SER B 47 -11.52 2.03 14.47
CA SER B 47 -10.47 1.99 15.46
C SER B 47 -10.17 3.41 15.95
N SER B 48 -9.55 4.18 15.08
CA SER B 48 -9.19 5.55 15.40
C SER B 48 -10.15 6.52 14.69
N SER B 49 -9.86 7.81 14.85
CA SER B 49 -10.67 8.84 14.23
C SER B 49 -10.04 9.27 12.91
N LYS B 50 -10.63 10.30 12.31
CA LYS B 50 -10.14 10.81 11.05
C LYS B 50 -9.03 11.83 11.31
N GLU B 51 -9.20 12.59 12.39
CA GLU B 51 -8.22 13.59 12.78
C GLU B 51 -7.01 12.93 13.43
N ASP B 52 -7.22 11.70 13.89
CA ASP B 52 -6.15 10.96 14.53
C ASP B 52 -5.10 10.56 13.49
N TRP B 53 -5.60 10.23 12.30
CA TRP B 53 -4.73 9.84 11.21
C TRP B 53 -3.72 10.97 10.97
N PRO B 54 -2.44 10.70 11.32
CA PRO B 54 -1.39 11.68 11.14
C PRO B 54 -1.00 11.81 9.67
N SER B 55 -0.33 12.91 9.36
CA SER B 55 0.10 13.17 8.00
C SER B 55 1.45 12.48 7.74
N VAL B 56 1.52 11.80 6.61
CA VAL B 56 2.74 11.10 6.24
C VAL B 56 3.04 11.36 4.77
N ASN B 57 4.25 10.98 4.36
CA ASN B 57 4.67 11.17 2.98
C ASN B 57 4.95 9.80 2.35
N MET B 58 4.05 9.40 1.47
CA MET B 58 4.19 8.13 0.79
C MET B 58 5.10 8.25 -0.43
N ASN B 59 6.33 7.76 -0.27
CA ASN B 59 7.31 7.81 -1.34
C ASN B 59 7.03 6.68 -2.33
N VAL B 60 6.95 7.05 -3.60
CA VAL B 60 6.68 6.09 -4.65
C VAL B 60 7.69 6.30 -5.79
N ALA B 61 8.64 5.38 -5.88
CA ALA B 61 9.65 5.44 -6.91
C ALA B 61 9.36 4.39 -7.98
N ASP B 62 10.41 3.98 -8.67
CA ASP B 62 10.29 2.98 -9.72
C ASP B 62 9.38 1.85 -9.22
N ALA B 63 9.80 1.22 -8.13
CA ALA B 63 9.04 0.13 -7.57
C ALA B 63 9.32 0.05 -6.06
N THR B 64 8.86 1.08 -5.35
CA THR B 64 9.05 1.14 -3.92
C THR B 64 8.02 2.07 -3.28
N VAL B 65 7.47 1.62 -2.16
CA VAL B 65 6.47 2.40 -1.44
C VAL B 65 6.92 2.58 0.01
N THR B 66 7.54 3.73 0.27
CA THR B 66 8.01 4.03 1.60
C THR B 66 7.20 5.16 2.21
N VAL B 67 7.00 5.08 3.52
CA VAL B 67 6.24 6.09 4.23
C VAL B 67 7.18 6.89 5.13
N ILE B 68 7.56 8.07 4.65
CA ILE B 68 8.46 8.92 5.41
C ILE B 68 7.63 9.95 6.18
N SER B 69 8.12 10.28 7.37
CA SER B 69 7.44 11.25 8.21
C SER B 69 7.27 12.56 7.46
N GLU B 70 6.02 13.03 7.43
CA GLU B 70 5.71 14.28 6.76
C GLU B 70 6.81 15.30 7.00
N LYS B 71 7.08 15.56 8.27
CA LYS B 71 8.10 16.51 8.65
C LYS B 71 9.46 16.04 8.11
N ASN B 72 10.16 15.29 8.96
CA ASN B 72 11.46 14.77 8.59
C ASN B 72 11.33 13.96 7.29
N GLU B 73 12.05 14.42 6.27
CA GLU B 73 12.02 13.76 4.98
C GLU B 73 13.03 12.61 4.95
N GLU B 74 13.86 12.57 5.99
CA GLU B 74 14.88 11.53 6.10
C GLU B 74 14.51 10.55 7.21
N GLU B 75 13.21 10.45 7.47
CA GLU B 75 12.71 9.55 8.49
C GLU B 75 11.70 8.58 7.90
N VAL B 76 12.13 7.33 7.77
CA VAL B 76 11.27 6.30 7.22
C VAL B 76 10.29 5.82 8.30
N LEU B 77 9.11 5.40 7.85
CA LEU B 77 8.09 4.93 8.76
C LEU B 77 7.69 3.50 8.36
N VAL B 78 7.40 3.34 7.08
CA VAL B 78 7.00 2.04 6.55
C VAL B 78 7.65 1.82 5.18
N GLU B 79 8.05 0.59 4.94
CA GLU B 79 8.68 0.24 3.69
C GLU B 79 7.92 -0.90 3.01
N CYS B 80 7.04 -0.53 2.09
CA CYS B 80 6.24 -1.52 1.37
C CYS B 80 6.94 -1.80 0.03
N ARG B 81 7.67 -2.90 0.01
CA ARG B 81 8.37 -3.30 -1.19
C ARG B 81 7.43 -4.03 -2.15
N VAL B 82 7.19 -3.40 -3.30
CA VAL B 82 6.31 -3.97 -4.30
C VAL B 82 6.57 -5.47 -4.39
N ARG B 83 7.83 -5.85 -4.17
CA ARG B 83 8.21 -7.24 -4.24
C ARG B 83 7.51 -8.04 -3.14
N PHE B 84 7.60 -7.53 -1.92
CA PHE B 84 6.98 -8.16 -0.78
C PHE B 84 5.47 -7.89 -0.74
N LEU B 85 5.08 -6.85 -1.47
CA LEU B 85 3.68 -6.47 -1.53
C LEU B 85 2.88 -7.60 -2.19
N SER B 86 1.73 -7.89 -1.60
CA SER B 86 0.87 -8.94 -2.11
C SER B 86 -0.41 -8.33 -2.69
N PHE B 87 -1.20 -7.72 -1.81
CA PHE B 87 -2.44 -7.10 -2.22
C PHE B 87 -2.44 -5.61 -1.88
N MET B 88 -3.23 -4.87 -2.64
CA MET B 88 -3.34 -3.44 -2.43
C MET B 88 -4.51 -2.85 -3.23
N GLY B 89 -5.45 -2.26 -2.49
CA GLY B 89 -6.62 -1.67 -3.10
C GLY B 89 -7.30 -0.69 -2.15
N VAL B 90 -8.63 -0.75 -2.13
CA VAL B 90 -9.41 0.12 -1.27
C VAL B 90 -10.53 -0.69 -0.62
N GLY B 91 -11.15 -0.08 0.37
CA GLY B 91 -12.24 -0.74 1.09
C GLY B 91 -13.59 -0.40 0.46
N LYS B 92 -14.28 0.55 1.08
CA LYS B 92 -15.57 0.98 0.59
C LYS B 92 -15.44 2.33 -0.11
N ASP B 93 -14.52 3.13 0.40
CA ASP B 93 -14.28 4.45 -0.15
C ASP B 93 -12.95 4.45 -0.91
N VAL B 94 -12.95 5.13 -2.05
CA VAL B 94 -11.76 5.21 -2.88
C VAL B 94 -10.74 6.15 -2.21
N HIS B 95 -11.26 7.04 -1.39
CA HIS B 95 -10.42 7.99 -0.69
C HIS B 95 -9.43 7.23 0.20
N THR B 96 -9.73 5.96 0.43
CA THR B 96 -8.88 5.12 1.25
C THR B 96 -8.03 4.20 0.38
N PHE B 97 -6.93 3.74 0.95
CA PHE B 97 -6.02 2.87 0.24
C PHE B 97 -5.15 2.07 1.22
N ALA B 98 -5.30 0.75 1.17
CA ALA B 98 -4.53 -0.12 2.04
C ALA B 98 -3.74 -1.11 1.19
N PHE B 99 -2.76 -1.74 1.84
CA PHE B 99 -1.93 -2.71 1.15
C PHE B 99 -1.29 -3.68 2.14
N ILE B 100 -1.21 -4.94 1.73
CA ILE B 100 -0.62 -5.96 2.59
C ILE B 100 0.86 -6.14 2.20
N MET B 101 1.71 -6.00 3.20
CA MET B 101 3.14 -6.14 2.99
C MET B 101 3.71 -7.26 3.86
N ASP B 102 4.67 -7.98 3.29
CA ASP B 102 5.32 -9.07 3.98
C ASP B 102 6.63 -8.59 4.60
N THR B 103 6.58 -8.35 5.90
CA THR B 103 7.76 -7.88 6.62
C THR B 103 8.26 -8.96 7.58
N GLY B 104 8.61 -10.11 7.01
CA GLY B 104 9.09 -11.22 7.80
C GLY B 104 8.91 -12.54 7.06
N ASN B 105 9.09 -13.63 7.80
CA ASN B 105 8.94 -14.96 7.23
C ASN B 105 7.65 -15.02 6.41
N GLN B 106 6.54 -14.90 7.12
CA GLN B 106 5.23 -14.94 6.48
C GLN B 106 4.31 -13.87 7.08
N ARG B 107 4.92 -12.98 7.85
CA ARG B 107 4.16 -11.91 8.48
C ARG B 107 3.48 -11.05 7.43
N PHE B 108 2.31 -10.54 7.80
CA PHE B 108 1.55 -9.69 6.89
C PHE B 108 0.98 -8.47 7.63
N GLU B 109 1.32 -7.30 7.11
CA GLU B 109 0.85 -6.06 7.71
C GLU B 109 0.05 -5.26 6.69
N CYS B 110 -1.11 -4.78 7.13
CA CYS B 110 -1.97 -3.99 6.27
C CYS B 110 -1.88 -2.53 6.71
N HIS B 111 -1.39 -1.70 5.79
CA HIS B 111 -1.23 -0.28 6.07
C HIS B 111 -2.25 0.51 5.23
N VAL B 112 -3.20 1.11 5.93
CA VAL B 112 -4.23 1.90 5.26
C VAL B 112 -3.78 3.36 5.20
N PHE B 113 -4.47 4.12 4.36
CA PHE B 113 -4.15 5.53 4.19
C PHE B 113 -5.37 6.31 3.68
N TRP B 114 -5.37 7.60 3.97
CA TRP B 114 -6.46 8.46 3.54
C TRP B 114 -5.91 9.42 2.49
N CYS B 115 -6.31 9.18 1.25
CA CYS B 115 -5.87 10.02 0.15
C CYS B 115 -7.03 10.94 -0.25
N GLU B 116 -6.66 12.10 -0.78
CA GLU B 116 -7.65 13.07 -1.20
C GLU B 116 -7.30 13.62 -2.59
N PRO B 117 -8.34 13.68 -3.46
CA PRO B 117 -9.67 13.25 -3.07
C PRO B 117 -9.77 11.73 -3.01
N ASN B 118 -9.45 11.11 -4.14
CA ASN B 118 -9.49 9.66 -4.23
C ASN B 118 -8.07 9.11 -4.27
N ALA B 119 -7.97 7.79 -4.14
CA ALA B 119 -6.67 7.14 -4.17
C ALA B 119 -6.39 6.63 -5.58
N ALA B 120 -6.71 7.46 -6.55
CA ALA B 120 -6.50 7.11 -7.94
C ALA B 120 -5.01 7.23 -8.27
N ASN B 121 -4.41 8.30 -7.77
CA ASN B 121 -3.00 8.54 -8.00
C ASN B 121 -2.17 7.60 -7.13
N VAL B 122 -2.53 7.56 -5.86
CA VAL B 122 -1.83 6.70 -4.91
C VAL B 122 -1.82 5.27 -5.44
N SER B 123 -3.01 4.69 -5.50
CA SER B 123 -3.16 3.33 -5.99
C SER B 123 -2.31 3.12 -7.24
N GLU B 124 -2.50 4.01 -8.20
CA GLU B 124 -1.77 3.95 -9.46
C GLU B 124 -0.27 4.00 -9.18
N ALA B 125 0.13 5.04 -8.47
CA ALA B 125 1.53 5.23 -8.13
C ALA B 125 2.11 3.92 -7.60
N VAL B 126 1.24 3.14 -6.98
CA VAL B 126 1.65 1.85 -6.43
C VAL B 126 1.47 0.77 -7.49
N GLN B 127 0.41 0.90 -8.26
CA GLN B 127 0.12 -0.06 -9.31
C GLN B 127 1.28 -0.15 -10.29
N ALA B 128 1.87 1.01 -10.56
CA ALA B 128 2.99 1.09 -11.48
C ALA B 128 4.27 0.61 -10.75
N ALA B 129 4.22 0.68 -9.44
CA ALA B 129 5.35 0.25 -8.63
C ALA B 129 5.43 -1.28 -8.63
N CYS B 130 4.28 -1.90 -8.84
CA CYS B 130 4.20 -3.35 -8.88
C CYS B 130 4.64 -3.83 -10.26
N SER B 131 4.91 -2.86 -11.13
CA SER B 131 5.35 -3.17 -12.48
C SER B 131 4.30 -4.05 -13.17
N GLY B 132 3.40 -3.40 -13.88
CA GLY B 132 2.35 -4.12 -14.60
C GLY B 132 1.02 -3.37 -14.51
N PRO B 133 0.09 -3.75 -15.43
CA PRO B 133 -1.22 -3.13 -15.46
C PRO B 133 -2.10 -3.61 -14.30
N SER B 134 -3.34 -3.16 -14.32
CA SER B 134 -4.29 -3.54 -13.28
C SER B 134 -4.75 -4.98 -13.50
N SER B 135 -3.99 -5.91 -12.95
CA SER B 135 -4.31 -7.32 -13.08
C SER B 135 -5.67 -7.61 -12.45
N GLY B 136 -6.70 -7.56 -13.28
CA GLY B 136 -8.05 -7.81 -12.83
C GLY B 136 -9.08 -7.44 -13.91
N ASP A 1 -27.28 11.11 -20.10
CA ASP A 1 -26.10 10.29 -20.28
C ASP A 1 -24.97 10.84 -19.42
N ALA A 2 -24.18 9.93 -18.88
CA ALA A 2 -23.06 10.31 -18.03
C ALA A 2 -21.75 9.89 -18.71
N ALA A 3 -20.75 10.75 -18.59
CA ALA A 3 -19.45 10.48 -19.17
C ALA A 3 -18.49 10.01 -18.08
N VAL A 4 -18.16 8.74 -18.11
CA VAL A 4 -17.26 8.15 -17.14
C VAL A 4 -15.86 8.74 -17.35
N THR A 5 -15.10 8.77 -16.25
CA THR A 5 -13.75 9.30 -16.29
C THR A 5 -12.73 8.16 -16.32
N PRO A 6 -11.60 8.41 -17.03
CA PRO A 6 -10.55 7.42 -17.14
C PRO A 6 -9.75 7.31 -15.84
N GLU A 7 -10.47 7.04 -14.76
CA GLU A 7 -9.84 6.93 -13.46
C GLU A 7 -10.73 6.10 -12.51
N GLU A 8 -11.97 6.55 -12.39
CA GLU A 8 -12.92 5.87 -11.53
C GLU A 8 -12.95 4.37 -11.85
N ARG A 9 -12.61 4.06 -13.09
CA ARG A 9 -12.60 2.67 -13.54
C ARG A 9 -11.48 1.90 -12.82
N HIS A 10 -10.33 2.55 -12.71
CA HIS A 10 -9.19 1.94 -12.06
C HIS A 10 -9.48 1.77 -10.56
N LEU A 11 -10.13 2.78 -10.01
CA LEU A 11 -10.47 2.77 -8.60
C LEU A 11 -11.62 1.78 -8.36
N SER A 12 -12.78 2.13 -8.89
CA SER A 12 -13.95 1.28 -8.75
C SER A 12 -13.55 -0.19 -8.85
N LYS A 13 -12.57 -0.45 -9.70
CA LYS A 13 -12.09 -1.80 -9.90
C LYS A 13 -11.32 -2.25 -8.65
N MET A 14 -10.32 -1.45 -8.29
CA MET A 14 -9.50 -1.75 -7.13
C MET A 14 -10.36 -1.98 -5.90
N GLN A 15 -11.59 -1.46 -5.96
CA GLN A 15 -12.52 -1.61 -4.85
C GLN A 15 -12.98 -3.06 -4.73
N GLN A 16 -13.26 -3.66 -5.88
CA GLN A 16 -13.72 -5.04 -5.92
C GLN A 16 -12.58 -5.95 -6.39
N ASN A 17 -12.44 -6.06 -7.70
CA ASN A 17 -11.41 -6.89 -8.29
C ASN A 17 -10.13 -6.75 -7.47
N GLY A 18 -9.70 -5.51 -7.29
CA GLY A 18 -8.49 -5.23 -6.53
C GLY A 18 -7.25 -5.49 -7.37
N TYR A 19 -6.13 -5.61 -6.68
CA TYR A 19 -4.86 -5.87 -7.35
C TYR A 19 -4.03 -6.89 -6.57
N GLU A 20 -3.54 -7.89 -7.29
CA GLU A 20 -2.72 -8.92 -6.69
C GLU A 20 -1.33 -8.94 -7.33
N ASN A 21 -0.33 -8.72 -6.49
CA ASN A 21 1.05 -8.71 -6.95
C ASN A 21 1.55 -10.14 -7.08
N PRO A 22 1.90 -10.53 -8.33
CA PRO A 22 2.40 -11.87 -8.60
C PRO A 22 3.84 -12.03 -8.11
N THR A 23 4.62 -10.98 -8.31
CA THR A 23 6.01 -10.99 -7.89
C THR A 23 6.15 -11.68 -6.53
N TYR A 24 5.20 -11.39 -5.66
CA TYR A 24 5.20 -11.97 -4.33
C TYR A 24 5.41 -13.48 -4.38
N LYS A 25 5.85 -14.03 -3.27
CA LYS A 25 6.09 -15.46 -3.18
C LYS A 25 6.14 -15.89 -1.71
N PHE A 26 5.93 -17.17 -1.48
CA PHE A 26 5.95 -17.71 -0.13
C PHE A 26 5.70 -19.21 -0.13
N PHE A 27 6.29 -19.87 -1.12
CA PHE A 27 6.13 -21.31 -1.25
C PHE A 27 6.92 -22.04 -0.16
N GLU A 28 6.20 -22.39 0.90
CA GLU A 28 6.81 -23.10 2.01
C GLU A 28 5.99 -24.33 2.39
N GLN A 29 6.55 -25.13 3.28
CA GLN A 29 5.88 -26.35 3.73
C GLN A 29 6.52 -26.87 5.00
N MET A 30 6.22 -26.20 6.11
CA MET A 30 6.77 -26.57 7.40
C MET A 30 6.07 -27.83 7.93
N GLN A 31 4.76 -27.75 8.03
CA GLN A 31 3.98 -28.87 8.52
C GLN A 31 4.34 -29.18 9.98
N ASN A 32 3.68 -30.20 10.51
CA ASN A 32 3.92 -30.59 11.89
C ASN A 32 3.77 -29.38 12.81
N GLY B 1 14.10 -2.63 29.76
CA GLY B 1 13.95 -3.35 28.51
C GLY B 1 15.22 -3.22 27.66
N SER B 2 15.06 -2.60 26.50
CA SER B 2 16.18 -2.40 25.60
C SER B 2 15.76 -1.49 24.44
N SER B 3 16.75 -1.00 23.73
CA SER B 3 16.51 -0.11 22.60
C SER B 3 17.54 -0.36 21.50
N GLY B 4 17.23 0.15 20.31
CA GLY B 4 18.12 -0.02 19.18
C GLY B 4 18.26 1.29 18.39
N SER B 5 18.61 1.15 17.13
CA SER B 5 18.78 2.31 16.27
C SER B 5 19.20 1.86 14.86
N SER B 6 18.55 2.46 13.87
CA SER B 6 18.85 2.13 12.48
C SER B 6 18.88 3.41 11.64
N GLY B 7 19.42 3.28 10.45
CA GLY B 7 19.52 4.40 9.54
C GLY B 7 19.27 3.97 8.09
N PRO B 8 18.01 4.20 7.64
CA PRO B 8 17.62 3.84 6.29
C PRO B 8 18.20 4.83 5.27
N THR B 9 18.03 4.48 4.00
CA THR B 9 18.54 5.32 2.93
C THR B 9 17.51 5.40 1.79
N PRO B 10 17.63 6.49 0.99
CA PRO B 10 16.72 6.69 -0.13
C PRO B 10 17.08 5.77 -1.30
N LYS B 11 16.21 5.78 -2.30
CA LYS B 11 16.42 4.93 -3.47
C LYS B 11 16.30 5.79 -4.73
N THR B 12 17.12 5.45 -5.71
CA THR B 12 17.12 6.18 -6.98
C THR B 12 17.09 7.69 -6.72
N GLU B 13 16.82 8.43 -7.78
CA GLU B 13 16.75 9.88 -7.69
C GLU B 13 15.36 10.38 -8.06
N LEU B 14 14.89 11.35 -7.31
CA LEU B 14 13.58 11.92 -7.55
C LEU B 14 12.50 10.85 -7.34
N VAL B 15 11.63 11.11 -6.37
CA VAL B 15 10.56 10.17 -6.07
C VAL B 15 9.21 10.86 -6.27
N GLN B 16 8.22 10.05 -6.62
CA GLN B 16 6.88 10.57 -6.85
C GLN B 16 6.34 11.23 -5.57
N LYS B 17 6.44 10.48 -4.48
CA LYS B 17 5.97 10.98 -3.20
C LYS B 17 4.47 11.30 -3.30
N PHE B 18 3.81 11.26 -2.15
CA PHE B 18 2.39 11.53 -2.10
C PHE B 18 1.95 11.85 -0.67
N ARG B 19 1.73 13.14 -0.43
CA ARG B 19 1.31 13.59 0.89
C ARG B 19 -0.12 13.12 1.18
N VAL B 20 -0.21 12.19 2.13
CA VAL B 20 -1.50 11.65 2.50
C VAL B 20 -1.56 11.48 4.02
N GLN B 21 -2.57 10.75 4.47
CA GLN B 21 -2.74 10.50 5.89
C GLN B 21 -2.39 9.04 6.22
N TYR B 22 -2.32 8.76 7.51
CA TYR B 22 -2.00 7.42 7.97
C TYR B 22 -3.09 6.87 8.89
N LEU B 23 -3.69 5.78 8.44
CA LEU B 23 -4.75 5.14 9.22
C LEU B 23 -4.13 4.32 10.34
N GLY B 24 -2.97 3.77 10.06
CA GLY B 24 -2.26 2.95 11.03
C GLY B 24 -1.99 1.55 10.48
N MET B 25 -1.54 0.68 11.37
CA MET B 25 -1.24 -0.69 10.99
C MET B 25 -2.31 -1.65 11.50
N LEU B 26 -2.87 -2.42 10.57
CA LEU B 26 -3.90 -3.39 10.91
C LEU B 26 -3.39 -4.79 10.62
N PRO B 27 -3.62 -5.70 11.60
CA PRO B 27 -3.18 -7.09 11.46
C PRO B 27 -4.10 -7.85 10.50
N VAL B 28 -3.56 -8.93 9.96
CA VAL B 28 -4.32 -9.75 9.03
C VAL B 28 -3.94 -11.23 9.25
N ASP B 29 -4.52 -12.08 8.40
CA ASP B 29 -4.26 -13.50 8.49
C ASP B 29 -3.68 -13.99 7.15
N ARG B 30 -4.32 -13.53 6.07
CA ARG B 30 -3.89 -13.91 4.74
C ARG B 30 -3.15 -12.75 4.07
N PRO B 31 -2.26 -13.12 3.11
CA PRO B 31 -1.50 -12.12 2.39
C PRO B 31 -2.36 -11.39 1.36
N VAL B 32 -3.31 -12.13 0.81
CA VAL B 32 -4.21 -11.57 -0.19
C VAL B 32 -5.66 -11.78 0.26
N GLY B 33 -6.56 -11.07 -0.39
CA GLY B 33 -7.97 -11.17 -0.07
C GLY B 33 -8.61 -9.79 0.06
N MET B 34 -9.67 -9.59 -0.70
CA MET B 34 -10.38 -8.32 -0.68
C MET B 34 -11.13 -8.12 0.63
N ASP B 35 -11.40 -9.25 1.29
CA ASP B 35 -12.12 -9.21 2.55
C ASP B 35 -11.15 -8.80 3.66
N THR B 36 -9.91 -9.25 3.53
CA THR B 36 -8.89 -8.94 4.52
C THR B 36 -8.52 -7.45 4.44
N LEU B 37 -8.21 -7.02 3.23
CA LEU B 37 -7.83 -5.63 3.01
C LEU B 37 -8.89 -4.72 3.63
N ASN B 38 -10.10 -4.82 3.11
CA ASN B 38 -11.20 -4.02 3.61
C ASN B 38 -11.23 -4.08 5.15
N SER B 39 -11.14 -5.30 5.65
CA SER B 39 -11.15 -5.51 7.09
C SER B 39 -10.32 -4.43 7.78
N ALA B 40 -9.10 -4.26 7.29
CA ALA B 40 -8.20 -3.27 7.86
C ALA B 40 -8.85 -1.89 7.77
N ILE B 41 -9.03 -1.43 6.54
CA ILE B 41 -9.63 -0.13 6.30
C ILE B 41 -10.80 0.07 7.28
N GLU B 42 -11.67 -0.92 7.32
CA GLU B 42 -12.83 -0.87 8.20
C GLU B 42 -12.38 -0.86 9.67
N ASN B 43 -11.40 -1.70 9.96
CA ASN B 43 -10.87 -1.78 11.32
C ASN B 43 -10.32 -0.42 11.73
N LEU B 44 -9.20 -0.06 11.11
CA LEU B 44 -8.57 1.22 11.41
C LEU B 44 -9.62 2.33 11.42
N MET B 45 -10.42 2.35 10.36
CA MET B 45 -11.47 3.35 10.23
C MET B 45 -12.10 3.64 11.60
N THR B 46 -12.61 2.59 12.22
CA THR B 46 -13.24 2.73 13.52
C THR B 46 -12.19 2.77 14.62
N SER B 47 -11.15 1.98 14.43
CA SER B 47 -10.07 1.90 15.40
C SER B 47 -9.75 3.31 15.93
N SER B 48 -9.23 4.14 15.04
CA SER B 48 -8.88 5.50 15.40
C SER B 48 -9.84 6.49 14.73
N SER B 49 -9.58 7.77 14.95
CA SER B 49 -10.41 8.81 14.37
C SER B 49 -9.79 9.30 13.06
N LYS B 50 -10.45 10.28 12.45
CA LYS B 50 -9.98 10.84 11.20
C LYS B 50 -8.87 11.86 11.49
N GLU B 51 -9.06 12.61 12.56
CA GLU B 51 -8.08 13.61 12.95
C GLU B 51 -6.83 12.94 13.50
N ASP B 52 -7.02 11.80 14.12
CA ASP B 52 -5.92 11.05 14.69
C ASP B 52 -4.95 10.65 13.57
N TRP B 53 -5.52 10.20 12.47
CA TRP B 53 -4.73 9.78 11.32
C TRP B 53 -3.70 10.88 11.05
N PRO B 54 -2.43 10.58 11.40
CA PRO B 54 -1.34 11.53 11.20
C PRO B 54 -0.95 11.59 9.71
N SER B 55 -0.50 12.77 9.31
CA SER B 55 -0.09 12.97 7.93
C SER B 55 1.31 12.38 7.71
N VAL B 56 1.51 11.86 6.51
CA VAL B 56 2.78 11.26 6.16
C VAL B 56 3.08 11.51 4.68
N ASN B 57 4.18 10.95 4.21
CA ASN B 57 4.58 11.10 2.82
C ASN B 57 4.87 9.73 2.23
N MET B 58 3.99 9.32 1.33
CA MET B 58 4.14 8.02 0.67
C MET B 58 5.11 8.11 -0.51
N ASN B 59 6.31 7.57 -0.29
CA ASN B 59 7.33 7.58 -1.32
C ASN B 59 7.06 6.44 -2.30
N VAL B 60 6.79 6.83 -3.54
CA VAL B 60 6.52 5.86 -4.58
C VAL B 60 7.54 6.04 -5.72
N ALA B 61 8.56 5.19 -5.68
CA ALA B 61 9.61 5.23 -6.70
C ALA B 61 9.33 4.17 -7.76
N ASP B 62 10.36 3.88 -8.54
CA ASP B 62 10.24 2.88 -9.59
C ASP B 62 9.43 1.70 -9.08
N ALA B 63 9.79 1.22 -7.90
CA ALA B 63 9.10 0.10 -7.29
C ALA B 63 9.42 0.06 -5.80
N THR B 64 8.90 1.06 -5.09
CA THR B 64 9.13 1.15 -3.66
C THR B 64 8.08 2.06 -3.01
N VAL B 65 7.40 1.51 -2.00
CA VAL B 65 6.39 2.26 -1.30
C VAL B 65 6.80 2.45 0.15
N THR B 66 7.41 3.60 0.42
CA THR B 66 7.85 3.91 1.77
C THR B 66 7.07 5.08 2.34
N VAL B 67 6.83 5.03 3.63
CA VAL B 67 6.09 6.08 4.31
C VAL B 67 7.03 6.86 5.22
N ILE B 68 7.51 7.99 4.71
CA ILE B 68 8.42 8.83 5.47
C ILE B 68 7.63 9.92 6.19
N SER B 69 8.07 10.22 7.39
CA SER B 69 7.41 11.24 8.19
C SER B 69 7.24 12.53 7.38
N GLU B 70 6.12 13.19 7.59
CA GLU B 70 5.84 14.43 6.88
C GLU B 70 6.93 15.47 7.19
N LYS B 71 7.09 15.74 8.48
CA LYS B 71 8.08 16.71 8.92
C LYS B 71 9.47 16.26 8.46
N ASN B 72 9.94 15.18 9.08
CA ASN B 72 11.25 14.65 8.74
C ASN B 72 11.12 13.77 7.49
N GLU B 73 11.88 14.15 6.46
CA GLU B 73 11.86 13.41 5.21
C GLU B 73 12.96 12.35 5.21
N GLU B 74 13.71 12.31 6.30
CA GLU B 74 14.79 11.35 6.44
C GLU B 74 14.43 10.28 7.47
N GLU B 75 13.16 10.30 7.86
CA GLU B 75 12.67 9.34 8.84
C GLU B 75 11.57 8.46 8.22
N VAL B 76 11.94 7.21 7.98
CA VAL B 76 10.99 6.26 7.40
C VAL B 76 10.00 5.83 8.46
N LEU B 77 8.85 5.36 7.99
CA LEU B 77 7.80 4.91 8.90
C LEU B 77 7.38 3.47 8.51
N VAL B 78 7.14 3.30 7.22
CA VAL B 78 6.74 2.00 6.71
C VAL B 78 7.38 1.77 5.34
N GLU B 79 7.73 0.52 5.08
CA GLU B 79 8.34 0.16 3.81
C GLU B 79 7.60 -1.02 3.18
N CYS B 80 6.91 -0.73 2.09
CA CYS B 80 6.15 -1.75 1.39
C CYS B 80 6.79 -1.95 0.01
N ARG B 81 7.76 -2.85 -0.04
CA ARG B 81 8.45 -3.13 -1.28
C ARG B 81 7.53 -3.91 -2.23
N VAL B 82 7.35 -3.34 -3.41
CA VAL B 82 6.50 -3.96 -4.42
C VAL B 82 6.80 -5.46 -4.47
N ARG B 83 8.03 -5.81 -4.10
CA ARG B 83 8.45 -7.19 -4.11
C ARG B 83 7.73 -7.97 -3.01
N PHE B 84 7.70 -7.37 -1.82
CA PHE B 84 7.05 -7.99 -0.69
C PHE B 84 5.53 -7.84 -0.76
N LEU B 85 5.12 -6.65 -1.20
CA LEU B 85 3.69 -6.36 -1.33
C LEU B 85 2.98 -7.58 -1.88
N SER B 86 1.92 -7.98 -1.19
CA SER B 86 1.14 -9.13 -1.59
C SER B 86 -0.11 -8.68 -2.35
N PHE B 87 -0.91 -7.86 -1.67
CA PHE B 87 -2.13 -7.35 -2.25
C PHE B 87 -2.42 -5.92 -1.78
N MET B 88 -3.12 -5.18 -2.62
CA MET B 88 -3.46 -3.81 -2.30
C MET B 88 -4.72 -3.36 -3.05
N GLY B 89 -5.57 -2.62 -2.33
CA GLY B 89 -6.81 -2.14 -2.93
C GLY B 89 -7.43 -1.05 -2.04
N VAL B 90 -8.71 -0.79 -2.30
CA VAL B 90 -9.43 0.21 -1.54
C VAL B 90 -10.63 -0.44 -0.87
N GLY B 91 -11.18 0.27 0.11
CA GLY B 91 -12.33 -0.22 0.85
C GLY B 91 -13.64 0.27 0.21
N LYS B 92 -14.50 0.79 1.07
CA LYS B 92 -15.80 1.29 0.60
C LYS B 92 -15.60 2.65 -0.06
N ASP B 93 -14.50 3.31 0.32
CA ASP B 93 -14.19 4.61 -0.23
C ASP B 93 -12.85 4.55 -0.96
N VAL B 94 -12.80 5.21 -2.11
CA VAL B 94 -11.60 5.24 -2.92
C VAL B 94 -10.58 6.20 -2.27
N HIS B 95 -11.09 7.03 -1.38
CA HIS B 95 -10.24 7.99 -0.70
C HIS B 95 -9.29 7.25 0.26
N THR B 96 -9.59 5.98 0.46
CA THR B 96 -8.77 5.15 1.34
C THR B 96 -8.03 4.08 0.52
N PHE B 97 -6.73 3.97 0.81
CA PHE B 97 -5.90 3.00 0.11
C PHE B 97 -5.07 2.18 1.11
N ALA B 98 -5.31 0.87 1.09
CA ALA B 98 -4.59 -0.03 1.98
C ALA B 98 -3.78 -1.01 1.14
N PHE B 99 -2.88 -1.71 1.82
CA PHE B 99 -2.03 -2.69 1.15
C PHE B 99 -1.42 -3.66 2.17
N ILE B 100 -1.21 -4.88 1.71
CA ILE B 100 -0.64 -5.92 2.56
C ILE B 100 0.85 -6.06 2.25
N MET B 101 1.64 -6.20 3.29
CA MET B 101 3.08 -6.36 3.14
C MET B 101 3.60 -7.55 3.95
N ASP B 102 4.76 -8.03 3.56
CA ASP B 102 5.38 -9.15 4.24
C ASP B 102 6.58 -8.67 5.06
N THR B 103 6.38 -8.62 6.36
CA THR B 103 7.43 -8.17 7.26
C THR B 103 8.49 -9.26 7.43
N GLY B 104 8.08 -10.35 8.04
CA GLY B 104 8.99 -11.47 8.27
C GLY B 104 8.43 -12.76 7.65
N ASN B 105 8.09 -13.69 8.52
CA ASN B 105 7.54 -14.97 8.09
C ASN B 105 6.19 -14.73 7.39
N GLN B 106 5.35 -15.75 7.44
CA GLN B 106 4.04 -15.67 6.83
C GLN B 106 3.31 -14.42 7.33
N ARG B 107 3.77 -13.90 8.46
CA ARG B 107 3.17 -12.73 9.04
C ARG B 107 2.96 -11.65 7.96
N PHE B 108 1.82 -10.99 8.04
CA PHE B 108 1.49 -9.94 7.09
C PHE B 108 0.82 -8.75 7.79
N GLU B 109 1.13 -7.56 7.28
CA GLU B 109 0.57 -6.35 7.84
C GLU B 109 -0.19 -5.57 6.77
N CYS B 110 -1.26 -4.92 7.20
CA CYS B 110 -2.08 -4.13 6.29
C CYS B 110 -2.01 -2.67 6.72
N HIS B 111 -1.49 -1.84 5.84
CA HIS B 111 -1.37 -0.42 6.12
C HIS B 111 -2.36 0.36 5.26
N VAL B 112 -3.20 1.13 5.95
CA VAL B 112 -4.20 1.94 5.26
C VAL B 112 -3.75 3.40 5.25
N PHE B 113 -4.42 4.18 4.42
CA PHE B 113 -4.11 5.60 4.30
C PHE B 113 -5.33 6.40 3.83
N TRP B 114 -5.25 7.71 4.03
CA TRP B 114 -6.33 8.59 3.63
C TRP B 114 -5.79 9.56 2.58
N CYS B 115 -6.18 9.32 1.33
CA CYS B 115 -5.74 10.15 0.24
C CYS B 115 -6.87 11.15 -0.09
N GLU B 116 -6.49 12.22 -0.76
CA GLU B 116 -7.44 13.25 -1.14
C GLU B 116 -7.13 13.79 -2.53
N PRO B 117 -8.18 13.83 -3.39
CA PRO B 117 -9.50 13.38 -2.98
C PRO B 117 -9.56 11.86 -2.91
N ASN B 118 -9.38 11.24 -4.07
CA ASN B 118 -9.41 9.79 -4.16
C ASN B 118 -7.98 9.25 -4.10
N ALA B 119 -7.89 7.92 -4.10
CA ALA B 119 -6.59 7.27 -4.06
C ALA B 119 -6.25 6.71 -5.44
N ALA B 120 -6.62 7.47 -6.45
CA ALA B 120 -6.37 7.06 -7.83
C ALA B 120 -4.89 7.24 -8.14
N ASN B 121 -4.39 8.44 -7.89
CA ASN B 121 -2.99 8.74 -8.14
C ASN B 121 -2.12 7.87 -7.24
N VAL B 122 -2.57 7.70 -6.00
CA VAL B 122 -1.85 6.89 -5.04
C VAL B 122 -1.85 5.43 -5.50
N SER B 123 -3.02 4.82 -5.41
CA SER B 123 -3.18 3.43 -5.81
C SER B 123 -2.51 3.20 -7.16
N GLU B 124 -2.49 4.25 -7.97
CA GLU B 124 -1.88 4.18 -9.28
C GLU B 124 -0.35 4.16 -9.16
N ALA B 125 0.16 5.15 -8.44
CA ALA B 125 1.59 5.27 -8.23
C ALA B 125 2.14 3.94 -7.69
N VAL B 126 1.25 3.20 -7.05
CA VAL B 126 1.63 1.92 -6.48
C VAL B 126 1.33 0.80 -7.50
N GLN B 127 0.20 0.94 -8.17
CA GLN B 127 -0.19 -0.03 -9.17
C GLN B 127 0.81 -0.07 -10.32
N ALA B 128 1.40 1.09 -10.59
CA ALA B 128 2.38 1.21 -11.65
C ALA B 128 3.74 0.74 -11.13
N ALA B 129 3.94 0.94 -9.85
CA ALA B 129 5.19 0.55 -9.21
C ALA B 129 5.36 -0.96 -9.31
N CYS B 130 4.32 -1.67 -8.88
CA CYS B 130 4.34 -3.12 -8.91
C CYS B 130 4.66 -3.57 -10.34
N SER B 131 3.92 -3.00 -11.28
CA SER B 131 4.10 -3.33 -12.68
C SER B 131 3.27 -2.40 -13.56
N GLY B 132 1.96 -2.47 -13.36
CA GLY B 132 1.04 -1.64 -14.12
C GLY B 132 0.62 -2.33 -15.42
N PRO B 133 -0.42 -1.74 -16.08
CA PRO B 133 -0.93 -2.30 -17.33
C PRO B 133 0.03 -2.00 -18.49
N SER B 134 0.58 -0.79 -18.47
CA SER B 134 1.50 -0.37 -19.50
C SER B 134 0.80 -0.38 -20.86
N SER B 135 1.25 0.51 -21.73
CA SER B 135 0.68 0.60 -23.06
C SER B 135 1.62 1.40 -23.98
N GLY B 136 1.52 1.12 -25.27
CA GLY B 136 2.34 1.79 -26.25
C GLY B 136 3.79 1.89 -25.78
N ASP A 1 -25.77 11.04 -15.31
CA ASP A 1 -24.99 9.97 -15.91
C ASP A 1 -23.94 10.58 -16.85
N ALA A 2 -22.72 10.10 -16.70
CA ALA A 2 -21.62 10.59 -17.52
C ALA A 2 -20.71 9.41 -17.90
N ALA A 3 -19.99 9.60 -19.00
CA ALA A 3 -19.09 8.57 -19.47
C ALA A 3 -18.03 8.29 -18.39
N VAL A 4 -18.11 7.09 -17.83
CA VAL A 4 -17.17 6.69 -16.80
C VAL A 4 -15.77 7.16 -17.17
N THR A 5 -14.97 7.40 -16.15
CA THR A 5 -13.60 7.86 -16.36
C THR A 5 -12.63 6.69 -16.23
N PRO A 6 -11.42 6.87 -16.84
CA PRO A 6 -10.39 5.84 -16.79
C PRO A 6 -9.73 5.81 -15.41
N GLU A 7 -9.78 6.92 -14.72
CA GLU A 7 -9.19 7.03 -13.41
C GLU A 7 -10.06 6.31 -12.38
N GLU A 8 -11.30 6.75 -12.29
CA GLU A 8 -12.25 6.16 -11.35
C GLU A 8 -12.31 4.65 -11.55
N ARG A 9 -12.00 4.22 -12.77
CA ARG A 9 -12.01 2.81 -13.09
C ARG A 9 -10.85 2.09 -12.42
N HIS A 10 -9.69 2.72 -12.49
CA HIS A 10 -8.49 2.17 -11.89
C HIS A 10 -8.74 1.88 -10.41
N LEU A 11 -9.73 2.57 -9.86
CA LEU A 11 -10.08 2.41 -8.47
C LEU A 11 -11.27 1.45 -8.35
N SER A 12 -12.30 1.73 -9.14
CA SER A 12 -13.49 0.91 -9.13
C SER A 12 -13.10 -0.57 -9.08
N LYS A 13 -11.96 -0.87 -9.68
CA LYS A 13 -11.47 -2.24 -9.72
C LYS A 13 -10.79 -2.56 -8.38
N MET A 14 -9.91 -1.68 -7.97
CA MET A 14 -9.19 -1.86 -6.73
C MET A 14 -10.15 -1.94 -5.55
N GLN A 15 -11.40 -1.58 -5.81
CA GLN A 15 -12.43 -1.61 -4.79
C GLN A 15 -12.84 -3.05 -4.49
N GLN A 16 -13.40 -3.70 -5.50
CA GLN A 16 -13.83 -5.08 -5.36
C GLN A 16 -12.87 -6.02 -6.09
N ASN A 17 -12.47 -5.60 -7.28
CA ASN A 17 -11.55 -6.39 -8.09
C ASN A 17 -10.15 -6.30 -7.48
N GLY A 18 -10.01 -5.42 -6.50
CA GLY A 18 -8.73 -5.24 -5.84
C GLY A 18 -7.57 -5.39 -6.82
N TYR A 19 -6.44 -5.84 -6.29
CA TYR A 19 -5.25 -6.03 -7.11
C TYR A 19 -4.25 -6.95 -6.41
N GLU A 20 -3.68 -7.85 -7.19
CA GLU A 20 -2.70 -8.79 -6.66
C GLU A 20 -1.39 -8.68 -7.43
N ASN A 21 -0.39 -8.12 -6.75
CA ASN A 21 0.91 -7.95 -7.36
C ASN A 21 1.39 -9.29 -7.92
N PRO A 22 1.41 -9.38 -9.28
CA PRO A 22 1.85 -10.59 -9.94
C PRO A 22 3.37 -10.74 -9.88
N THR A 23 3.85 -11.05 -8.69
CA THR A 23 5.28 -11.22 -8.48
C THR A 23 5.55 -11.79 -7.08
N TYR A 24 4.83 -11.26 -6.11
CA TYR A 24 4.99 -11.70 -4.74
C TYR A 24 5.22 -13.21 -4.67
N LYS A 25 4.38 -13.94 -5.39
CA LYS A 25 4.49 -15.38 -5.42
C LYS A 25 4.44 -15.93 -4.00
N PHE A 26 3.25 -16.36 -3.61
CA PHE A 26 3.05 -16.90 -2.27
C PHE A 26 1.66 -17.50 -2.12
N PHE A 27 1.62 -18.70 -1.56
CA PHE A 27 0.35 -19.39 -1.35
C PHE A 27 0.51 -20.51 -0.32
N GLU A 28 -0.63 -21.14 0.00
CA GLU A 28 -0.63 -22.22 0.96
C GLU A 28 -0.21 -21.71 2.34
N GLN A 29 -0.94 -22.18 3.35
CA GLN A 29 -0.66 -21.77 4.72
C GLN A 29 -1.11 -22.85 5.69
N MET A 30 -0.39 -22.95 6.80
CA MET A 30 -0.70 -23.94 7.82
C MET A 30 -1.50 -23.31 8.97
N GLN A 31 -2.59 -22.66 8.60
CA GLN A 31 -3.43 -22.00 9.58
C GLN A 31 -2.57 -21.34 10.66
N ASN A 32 -1.59 -20.59 10.21
CA ASN A 32 -0.69 -19.90 11.12
C ASN A 32 -1.06 -18.42 11.18
N GLY B 1 7.09 7.04 20.57
CA GLY B 1 8.54 7.10 20.56
C GLY B 1 9.11 6.41 19.32
N SER B 2 8.77 6.97 18.17
CA SER B 2 9.24 6.42 16.91
C SER B 2 10.58 7.05 16.54
N SER B 3 11.64 6.50 17.10
CA SER B 3 12.97 7.00 16.84
C SER B 3 13.50 6.41 15.52
N GLY B 4 13.57 5.10 15.48
CA GLY B 4 14.05 4.40 14.30
C GLY B 4 15.42 4.94 13.87
N SER B 5 15.80 4.57 12.66
CA SER B 5 17.08 5.00 12.11
C SER B 5 16.90 5.52 10.69
N SER B 6 17.84 6.35 10.27
CA SER B 6 17.80 6.92 8.93
C SER B 6 18.96 6.38 8.09
N GLY B 7 18.62 5.54 7.13
CA GLY B 7 19.62 4.96 6.25
C GLY B 7 20.24 6.02 5.34
N PRO B 8 20.72 5.55 4.15
CA PRO B 8 21.33 6.45 3.19
C PRO B 8 20.28 7.28 2.47
N THR B 9 20.34 8.58 2.71
CA THR B 9 19.40 9.50 2.09
C THR B 9 19.17 9.13 0.62
N PRO B 10 17.92 9.34 0.16
CA PRO B 10 17.57 9.03 -1.21
C PRO B 10 18.12 10.09 -2.18
N LYS B 11 19.45 10.20 -2.16
CA LYS B 11 20.12 11.16 -3.03
C LYS B 11 19.98 10.72 -4.48
N THR B 12 20.13 11.68 -5.38
CA THR B 12 20.04 11.40 -6.80
C THR B 12 18.62 10.94 -7.16
N GLU B 13 18.20 11.28 -8.37
CA GLU B 13 16.89 10.91 -8.84
C GLU B 13 15.81 11.59 -7.99
N LEU B 14 14.58 11.51 -8.48
CA LEU B 14 13.45 12.11 -7.79
C LEU B 14 12.37 11.06 -7.56
N VAL B 15 11.71 11.17 -6.42
CA VAL B 15 10.65 10.24 -6.08
C VAL B 15 9.29 10.90 -6.31
N GLN B 16 8.30 10.08 -6.63
CA GLN B 16 6.96 10.57 -6.87
C GLN B 16 6.41 11.25 -5.62
N LYS B 17 6.52 10.54 -4.51
CA LYS B 17 6.03 11.06 -3.24
C LYS B 17 4.53 11.31 -3.34
N PHE B 18 3.86 11.16 -2.21
CA PHE B 18 2.41 11.37 -2.14
C PHE B 18 1.96 11.68 -0.72
N ARG B 19 1.66 12.95 -0.49
CA ARG B 19 1.22 13.38 0.82
C ARG B 19 -0.20 12.87 1.10
N VAL B 20 -0.31 12.06 2.14
CA VAL B 20 -1.59 11.49 2.52
C VAL B 20 -1.64 11.32 4.04
N GLN B 21 -2.57 10.50 4.48
CA GLN B 21 -2.73 10.24 5.91
C GLN B 21 -2.37 8.79 6.22
N TYR B 22 -2.26 8.51 7.51
CA TYR B 22 -1.91 7.17 7.96
C TYR B 22 -2.98 6.62 8.93
N LEU B 23 -3.85 5.80 8.37
CA LEU B 23 -4.91 5.20 9.17
C LEU B 23 -4.30 4.35 10.28
N GLY B 24 -3.19 3.70 9.96
CA GLY B 24 -2.50 2.87 10.92
C GLY B 24 -2.26 1.47 10.36
N MET B 25 -1.72 0.61 11.20
CA MET B 25 -1.43 -0.76 10.81
C MET B 25 -2.47 -1.73 11.38
N LEU B 26 -2.99 -2.57 10.49
CA LEU B 26 -4.00 -3.54 10.89
C LEU B 26 -3.44 -4.95 10.66
N PRO B 27 -3.63 -5.82 11.70
CA PRO B 27 -3.16 -7.19 11.62
C PRO B 27 -4.07 -8.02 10.71
N VAL B 28 -3.44 -8.95 10.00
CA VAL B 28 -4.17 -9.82 9.08
C VAL B 28 -3.67 -11.26 9.24
N ASP B 29 -4.02 -12.08 8.27
CA ASP B 29 -3.61 -13.48 8.28
C ASP B 29 -3.15 -13.88 6.88
N ARG B 30 -4.05 -13.71 5.92
CA ARG B 30 -3.75 -14.05 4.55
C ARG B 30 -2.94 -12.95 3.89
N PRO B 31 -2.10 -13.36 2.89
CA PRO B 31 -1.26 -12.41 2.18
C PRO B 31 -2.09 -11.59 1.19
N VAL B 32 -3.15 -12.20 0.68
CA VAL B 32 -4.02 -11.53 -0.26
C VAL B 32 -5.48 -11.83 0.11
N GLY B 33 -6.33 -10.86 -0.21
CA GLY B 33 -7.75 -11.00 0.08
C GLY B 33 -8.42 -9.63 0.23
N MET B 34 -9.44 -9.41 -0.57
CA MET B 34 -10.17 -8.16 -0.54
C MET B 34 -11.01 -8.04 0.73
N ASP B 35 -11.32 -9.20 1.30
CA ASP B 35 -12.12 -9.24 2.51
C ASP B 35 -11.22 -8.99 3.72
N THR B 36 -9.93 -9.28 3.54
CA THR B 36 -8.96 -9.10 4.59
C THR B 36 -8.53 -7.63 4.67
N LEU B 37 -8.22 -7.08 3.51
CA LEU B 37 -7.80 -5.69 3.43
C LEU B 37 -8.90 -4.79 3.99
N ASN B 38 -10.06 -4.86 3.36
CA ASN B 38 -11.20 -4.06 3.79
C ASN B 38 -11.34 -4.15 5.31
N SER B 39 -11.30 -5.39 5.80
CA SER B 39 -11.41 -5.64 7.23
C SER B 39 -10.54 -4.65 8.00
N ALA B 40 -9.47 -4.21 7.34
CA ALA B 40 -8.54 -3.28 7.97
C ALA B 40 -9.13 -1.86 7.86
N ILE B 41 -9.29 -1.40 6.63
CA ILE B 41 -9.83 -0.08 6.39
C ILE B 41 -10.98 0.18 7.36
N GLU B 42 -11.79 -0.84 7.56
CA GLU B 42 -12.93 -0.72 8.46
C GLU B 42 -12.46 -0.64 9.91
N ASN B 43 -11.59 -1.58 10.27
CA ASN B 43 -11.05 -1.62 11.62
C ASN B 43 -10.44 -0.27 11.96
N LEU B 44 -9.45 0.11 11.18
CA LEU B 44 -8.77 1.39 11.38
C LEU B 44 -9.81 2.51 11.44
N MET B 45 -10.64 2.54 10.40
CA MET B 45 -11.68 3.56 10.32
C MET B 45 -12.31 3.82 11.69
N THR B 46 -12.98 2.81 12.19
CA THR B 46 -13.64 2.91 13.49
C THR B 46 -12.59 3.01 14.60
N SER B 47 -11.60 2.14 14.53
CA SER B 47 -10.53 2.13 15.51
C SER B 47 -10.20 3.55 15.96
N SER B 48 -9.46 4.24 15.11
CA SER B 48 -9.08 5.62 15.40
C SER B 48 -10.07 6.59 14.74
N SER B 49 -9.77 7.87 14.88
CA SER B 49 -10.61 8.90 14.31
C SER B 49 -10.04 9.35 12.96
N LYS B 50 -10.72 10.32 12.37
CA LYS B 50 -10.30 10.84 11.08
C LYS B 50 -9.13 11.82 11.29
N GLU B 51 -9.23 12.60 12.36
CA GLU B 51 -8.21 13.56 12.68
C GLU B 51 -7.01 12.87 13.32
N ASP B 52 -7.28 11.74 13.95
CA ASP B 52 -6.25 10.97 14.62
C ASP B 52 -5.20 10.54 13.58
N TRP B 53 -5.68 10.33 12.36
CA TRP B 53 -4.81 9.92 11.28
C TRP B 53 -3.79 11.04 11.02
N PRO B 54 -2.51 10.74 11.35
CA PRO B 54 -1.45 11.71 11.16
C PRO B 54 -1.08 11.85 9.68
N SER B 55 -0.30 12.88 9.39
CA SER B 55 0.12 13.14 8.02
C SER B 55 1.49 12.50 7.77
N VAL B 56 1.57 11.78 6.67
CA VAL B 56 2.82 11.12 6.30
C VAL B 56 3.16 11.44 4.85
N ASN B 57 4.23 10.82 4.37
CA ASN B 57 4.66 11.03 3.00
C ASN B 57 4.93 9.68 2.34
N MET B 58 4.03 9.31 1.44
CA MET B 58 4.16 8.05 0.73
C MET B 58 5.10 8.19 -0.47
N ASN B 59 6.30 7.64 -0.30
CA ASN B 59 7.30 7.69 -1.35
C ASN B 59 7.09 6.52 -2.31
N VAL B 60 7.02 6.86 -3.59
CA VAL B 60 6.83 5.84 -4.62
C VAL B 60 7.84 6.06 -5.74
N ALA B 61 8.88 5.23 -5.73
CA ALA B 61 9.91 5.32 -6.73
C ALA B 61 9.76 4.17 -7.72
N ASP B 62 10.89 3.73 -8.27
CA ASP B 62 10.89 2.65 -9.23
C ASP B 62 9.84 1.61 -8.82
N ALA B 63 10.24 0.72 -7.94
CA ALA B 63 9.33 -0.32 -7.46
C ALA B 63 9.46 -0.44 -5.94
N THR B 64 9.06 0.63 -5.26
CA THR B 64 9.13 0.65 -3.81
C THR B 64 8.14 1.68 -3.25
N VAL B 65 7.55 1.34 -2.12
CA VAL B 65 6.59 2.24 -1.47
C VAL B 65 6.99 2.43 -0.01
N THR B 66 7.63 3.56 0.25
CA THR B 66 8.07 3.89 1.59
C THR B 66 7.31 5.10 2.13
N VAL B 67 6.77 4.94 3.33
CA VAL B 67 6.01 6.01 3.97
C VAL B 67 6.89 6.70 5.01
N ILE B 68 7.37 7.87 4.65
CA ILE B 68 8.22 8.65 5.53
C ILE B 68 7.38 9.73 6.22
N SER B 69 7.86 10.15 7.38
CA SER B 69 7.17 11.17 8.16
C SER B 69 7.06 12.45 7.34
N GLU B 70 5.96 13.16 7.55
CA GLU B 70 5.72 14.41 6.84
C GLU B 70 6.74 15.47 7.27
N LYS B 71 6.80 15.69 8.58
CA LYS B 71 7.72 16.67 9.13
C LYS B 71 9.15 16.23 8.83
N ASN B 72 9.61 15.26 9.59
CA ASN B 72 10.97 14.75 9.41
C ASN B 72 11.28 14.65 7.92
N GLU B 73 10.58 13.72 7.26
CA GLU B 73 10.77 13.51 5.84
C GLU B 73 11.94 12.55 5.59
N GLU B 74 12.70 12.30 6.65
CA GLU B 74 13.84 11.41 6.56
C GLU B 74 13.71 10.28 7.58
N GLU B 75 12.51 10.19 8.16
CA GLU B 75 12.24 9.15 9.15
C GLU B 75 11.30 8.10 8.57
N VAL B 76 11.89 7.03 8.06
CA VAL B 76 11.12 5.95 7.47
C VAL B 76 10.09 5.46 8.49
N LEU B 77 8.89 5.21 7.98
CA LEU B 77 7.82 4.72 8.83
C LEU B 77 7.40 3.32 8.38
N VAL B 78 7.00 3.24 7.12
CA VAL B 78 6.57 1.97 6.55
C VAL B 78 7.24 1.79 5.18
N GLU B 79 7.89 0.65 5.03
CA GLU B 79 8.57 0.34 3.78
C GLU B 79 7.88 -0.83 3.08
N CYS B 80 6.97 -0.50 2.19
CA CYS B 80 6.23 -1.51 1.45
C CYS B 80 6.91 -1.70 0.10
N ARG B 81 7.84 -2.64 0.06
CA ARG B 81 8.57 -2.94 -1.17
C ARG B 81 7.64 -3.60 -2.18
N VAL B 82 7.58 -2.98 -3.36
CA VAL B 82 6.74 -3.48 -4.43
C VAL B 82 7.11 -4.94 -4.71
N ARG B 83 8.30 -5.31 -4.28
CA ARG B 83 8.79 -6.67 -4.48
C ARG B 83 8.21 -7.60 -3.42
N PHE B 84 7.89 -7.02 -2.26
CA PHE B 84 7.33 -7.78 -1.17
C PHE B 84 5.80 -7.65 -1.12
N LEU B 85 5.34 -6.47 -1.53
CA LEU B 85 3.90 -6.20 -1.55
C LEU B 85 3.16 -7.44 -2.05
N SER B 86 2.09 -7.76 -1.35
CA SER B 86 1.28 -8.91 -1.71
C SER B 86 0.01 -8.45 -2.43
N PHE B 87 -0.84 -7.77 -1.68
CA PHE B 87 -2.09 -7.27 -2.23
C PHE B 87 -2.34 -5.81 -1.80
N MET B 88 -3.28 -5.18 -2.50
CA MET B 88 -3.62 -3.80 -2.20
C MET B 88 -4.88 -3.38 -2.95
N GLY B 89 -5.76 -2.71 -2.22
CA GLY B 89 -7.01 -2.24 -2.80
C GLY B 89 -7.57 -1.05 -2.03
N VAL B 90 -8.85 -0.79 -2.22
CA VAL B 90 -9.51 0.31 -1.55
C VAL B 90 -10.76 -0.20 -0.82
N GLY B 91 -11.04 0.42 0.31
CA GLY B 91 -12.19 0.03 1.10
C GLY B 91 -13.50 0.40 0.40
N LYS B 92 -14.42 0.94 1.18
CA LYS B 92 -15.72 1.34 0.63
C LYS B 92 -15.59 2.71 -0.04
N ASP B 93 -14.41 3.30 0.12
CA ASP B 93 -14.14 4.61 -0.45
C ASP B 93 -12.78 4.59 -1.14
N VAL B 94 -12.73 5.19 -2.32
CA VAL B 94 -11.50 5.26 -3.07
C VAL B 94 -10.50 6.17 -2.35
N HIS B 95 -11.05 7.05 -1.53
CA HIS B 95 -10.23 7.99 -0.78
C HIS B 95 -9.28 7.22 0.13
N THR B 96 -9.66 5.98 0.41
CA THR B 96 -8.85 5.12 1.27
C THR B 96 -8.08 4.10 0.43
N PHE B 97 -6.81 3.95 0.75
CA PHE B 97 -5.95 3.01 0.04
C PHE B 97 -5.11 2.19 1.02
N ALA B 98 -5.37 0.89 1.03
CA ALA B 98 -4.63 -0.01 1.91
C ALA B 98 -3.77 -0.94 1.07
N PHE B 99 -2.92 -1.68 1.76
CA PHE B 99 -2.03 -2.61 1.08
C PHE B 99 -1.34 -3.54 2.10
N ILE B 100 -1.10 -4.77 1.66
CA ILE B 100 -0.45 -5.75 2.50
C ILE B 100 1.05 -5.77 2.21
N MET B 101 1.82 -6.07 3.25
CA MET B 101 3.27 -6.12 3.12
C MET B 101 3.86 -7.26 3.93
N ASP B 102 4.99 -7.77 3.45
CA ASP B 102 5.66 -8.86 4.13
C ASP B 102 6.94 -8.35 4.78
N THR B 103 6.88 -8.15 6.09
CA THR B 103 8.02 -7.66 6.84
C THR B 103 9.01 -8.80 7.11
N GLY B 104 8.45 -9.99 7.28
CA GLY B 104 9.26 -11.16 7.55
C GLY B 104 8.38 -12.39 7.84
N ASN B 105 8.91 -13.55 7.47
CA ASN B 105 8.19 -14.79 7.68
C ASN B 105 6.81 -14.69 7.03
N GLN B 106 5.99 -15.69 7.29
CA GLN B 106 4.65 -15.73 6.74
C GLN B 106 3.83 -14.54 7.23
N ARG B 107 4.38 -13.86 8.23
CA ARG B 107 3.72 -12.71 8.81
C ARG B 107 3.43 -11.66 7.73
N PHE B 108 2.25 -11.07 7.83
CA PHE B 108 1.84 -10.06 6.86
C PHE B 108 1.12 -8.90 7.56
N GLU B 109 1.54 -7.69 7.20
CA GLU B 109 0.94 -6.50 7.77
C GLU B 109 0.13 -5.75 6.72
N CYS B 110 -0.93 -5.11 7.18
CA CYS B 110 -1.80 -4.35 6.30
C CYS B 110 -1.80 -2.89 6.75
N HIS B 111 -1.69 -2.00 5.78
CA HIS B 111 -1.67 -0.58 6.07
C HIS B 111 -2.81 0.11 5.32
N VAL B 112 -3.14 1.30 5.79
CA VAL B 112 -4.21 2.07 5.17
C VAL B 112 -3.86 3.56 5.22
N PHE B 113 -4.37 4.29 4.25
CA PHE B 113 -4.12 5.72 4.17
C PHE B 113 -5.34 6.47 3.61
N TRP B 114 -5.35 7.77 3.84
CA TRP B 114 -6.45 8.60 3.37
C TRP B 114 -5.89 9.58 2.34
N CYS B 115 -6.27 9.35 1.10
CA CYS B 115 -5.81 10.20 0.00
C CYS B 115 -6.88 11.27 -0.25
N GLU B 116 -6.46 12.32 -0.94
CA GLU B 116 -7.37 13.42 -1.26
C GLU B 116 -7.10 13.93 -2.67
N PRO B 117 -8.19 13.95 -3.48
CA PRO B 117 -9.48 13.49 -3.02
C PRO B 117 -9.53 11.97 -2.92
N ASN B 118 -9.40 11.33 -4.07
CA ASN B 118 -9.43 9.88 -4.14
C ASN B 118 -8.00 9.34 -4.07
N ALA B 119 -7.91 8.03 -3.93
CA ALA B 119 -6.61 7.38 -3.84
C ALA B 119 -6.27 6.75 -5.20
N ALA B 120 -6.50 7.52 -6.25
CA ALA B 120 -6.24 7.06 -7.60
C ALA B 120 -4.74 7.24 -7.90
N ASN B 121 -4.30 8.48 -7.82
CA ASN B 121 -2.91 8.80 -8.07
C ASN B 121 -2.02 7.98 -7.14
N VAL B 122 -2.55 7.69 -5.97
CA VAL B 122 -1.82 6.91 -4.97
C VAL B 122 -1.82 5.44 -5.39
N SER B 123 -3.00 4.85 -5.40
CA SER B 123 -3.15 3.46 -5.78
C SER B 123 -2.44 3.20 -7.11
N GLU B 124 -2.54 4.19 -8.00
CA GLU B 124 -1.93 4.08 -9.30
C GLU B 124 -0.40 4.11 -9.17
N ALA B 125 0.08 5.15 -8.50
CA ALA B 125 1.52 5.30 -8.31
C ALA B 125 2.08 4.03 -7.67
N VAL B 126 1.19 3.26 -7.05
CA VAL B 126 1.58 2.02 -6.41
C VAL B 126 1.40 0.86 -7.38
N GLN B 127 0.26 0.87 -8.05
CA GLN B 127 -0.05 -0.17 -9.02
C GLN B 127 0.95 -0.15 -10.17
N ALA B 128 1.28 1.07 -10.59
CA ALA B 128 2.22 1.25 -11.68
C ALA B 128 3.62 0.85 -11.21
N ALA B 129 3.82 0.92 -9.90
CA ALA B 129 5.10 0.58 -9.32
C ALA B 129 5.27 -0.95 -9.35
N CYS B 130 4.20 -1.64 -9.00
CA CYS B 130 4.21 -3.09 -8.99
C CYS B 130 4.74 -3.58 -10.34
N SER B 131 4.15 -3.02 -11.40
CA SER B 131 4.56 -3.39 -12.74
C SER B 131 4.01 -2.37 -13.75
N GLY B 132 2.69 -2.22 -13.75
CA GLY B 132 2.04 -1.29 -14.64
C GLY B 132 1.68 -1.96 -15.97
N PRO B 133 0.85 -1.24 -16.77
CA PRO B 133 0.43 -1.75 -18.06
C PRO B 133 1.56 -1.66 -19.09
N SER B 134 1.24 -2.07 -20.31
CA SER B 134 2.21 -2.04 -21.39
C SER B 134 1.92 -0.87 -22.33
N SER B 135 2.98 -0.40 -22.97
CA SER B 135 2.86 0.72 -23.90
C SER B 135 3.38 0.32 -25.28
N GLY B 136 4.63 -0.12 -25.30
CA GLY B 136 5.26 -0.54 -26.53
C GLY B 136 6.47 0.34 -26.87
N ASP A 1 -23.86 -1.48 -22.73
CA ASP A 1 -22.74 -1.09 -21.90
C ASP A 1 -22.37 0.37 -22.18
N ALA A 2 -21.87 1.03 -21.15
CA ALA A 2 -21.48 2.42 -21.28
C ALA A 2 -20.02 2.59 -20.85
N ALA A 3 -19.35 3.54 -21.49
CA ALA A 3 -17.96 3.80 -21.18
C ALA A 3 -17.87 4.83 -20.05
N VAL A 4 -17.97 4.33 -18.83
CA VAL A 4 -17.90 5.19 -17.66
C VAL A 4 -16.54 5.89 -17.62
N THR A 5 -16.18 6.36 -16.44
CA THR A 5 -14.91 7.04 -16.25
C THR A 5 -13.77 6.03 -16.17
N PRO A 6 -12.61 6.44 -16.76
CA PRO A 6 -11.43 5.58 -16.75
C PRO A 6 -10.78 5.56 -15.37
N GLU A 7 -10.63 6.74 -14.80
CA GLU A 7 -10.01 6.88 -13.50
C GLU A 7 -10.79 6.06 -12.47
N GLU A 8 -12.11 6.17 -12.54
CA GLU A 8 -12.98 5.46 -11.62
C GLU A 8 -12.82 3.95 -11.81
N ARG A 9 -12.93 3.52 -13.06
CA ARG A 9 -12.81 2.10 -13.38
C ARG A 9 -11.59 1.51 -12.67
N HIS A 10 -10.48 2.22 -12.78
CA HIS A 10 -9.24 1.78 -12.15
C HIS A 10 -9.48 1.57 -10.65
N LEU A 11 -10.31 2.42 -10.09
CA LEU A 11 -10.62 2.34 -8.67
C LEU A 11 -11.66 1.24 -8.45
N SER A 12 -12.75 1.33 -9.20
CA SER A 12 -13.82 0.35 -9.10
C SER A 12 -13.24 -1.06 -9.02
N LYS A 13 -12.06 -1.21 -9.61
CA LYS A 13 -11.39 -2.50 -9.61
C LYS A 13 -10.80 -2.76 -8.23
N MET A 14 -9.97 -1.82 -7.79
CA MET A 14 -9.34 -1.94 -6.48
C MET A 14 -10.37 -1.91 -5.36
N GLN A 15 -11.58 -1.52 -5.72
CA GLN A 15 -12.67 -1.44 -4.76
C GLN A 15 -13.25 -2.84 -4.50
N GLN A 16 -12.82 -3.78 -5.34
CA GLN A 16 -13.29 -5.14 -5.21
C GLN A 16 -12.30 -6.11 -5.87
N ASN A 17 -12.32 -6.13 -7.19
CA ASN A 17 -11.44 -6.99 -7.95
C ASN A 17 -10.05 -6.97 -7.32
N GLY A 18 -9.74 -5.84 -6.69
CA GLY A 18 -8.45 -5.67 -6.04
C GLY A 18 -7.31 -5.99 -7.01
N TYR A 19 -6.10 -6.00 -6.47
CA TYR A 19 -4.92 -6.28 -7.27
C TYR A 19 -3.98 -7.24 -6.53
N GLU A 20 -3.41 -8.17 -7.29
CA GLU A 20 -2.50 -9.15 -6.74
C GLU A 20 -1.15 -9.07 -7.44
N ASN A 21 -0.13 -8.74 -6.65
CA ASN A 21 1.22 -8.62 -7.17
C ASN A 21 1.69 -10.00 -7.66
N PRO A 22 1.95 -10.07 -9.00
CA PRO A 22 2.41 -11.31 -9.61
C PRO A 22 3.88 -11.58 -9.26
N THR A 23 4.61 -10.50 -9.06
CA THR A 23 6.03 -10.61 -8.72
C THR A 23 6.20 -11.42 -7.44
N TYR A 24 5.36 -11.11 -6.47
CA TYR A 24 5.42 -11.81 -5.18
C TYR A 24 5.52 -13.32 -5.39
N LYS A 25 4.56 -13.86 -6.12
CA LYS A 25 4.53 -15.28 -6.40
C LYS A 25 4.54 -16.05 -5.07
N PHE A 26 3.36 -16.17 -4.49
CA PHE A 26 3.22 -16.88 -3.23
C PHE A 26 3.28 -18.39 -3.43
N PHE A 27 4.40 -18.97 -3.00
CA PHE A 27 4.60 -20.40 -3.13
C PHE A 27 4.09 -21.14 -1.89
N GLU A 28 4.11 -22.46 -1.98
CA GLU A 28 3.66 -23.30 -0.89
C GLU A 28 4.18 -24.73 -1.04
N GLN A 29 5.50 -24.83 -1.06
CA GLN A 29 6.14 -26.13 -1.21
C GLN A 29 7.50 -26.13 -0.51
N MET A 30 7.64 -27.05 0.43
CA MET A 30 8.88 -27.16 1.18
C MET A 30 9.61 -28.46 0.83
N GLN A 31 10.56 -28.35 -0.08
CA GLN A 31 11.33 -29.50 -0.51
C GLN A 31 10.51 -30.78 -0.38
N ASN A 32 9.27 -30.69 -0.82
CA ASN A 32 8.36 -31.83 -0.76
C ASN A 32 7.21 -31.61 -1.74
N GLY B 1 18.55 -14.75 26.23
CA GLY B 1 18.81 -15.27 24.90
C GLY B 1 18.07 -14.46 23.84
N SER B 2 18.85 -13.81 22.99
CA SER B 2 18.27 -12.99 21.93
C SER B 2 19.40 -12.41 21.06
N SER B 3 19.10 -12.28 19.78
CA SER B 3 20.07 -11.73 18.84
C SER B 3 19.36 -11.33 17.54
N GLY B 4 20.08 -10.57 16.72
CA GLY B 4 19.54 -10.10 15.46
C GLY B 4 20.14 -8.75 15.07
N SER B 5 20.35 -8.59 13.77
CA SER B 5 20.92 -7.35 13.26
C SER B 5 21.08 -7.44 11.75
N SER B 6 20.33 -6.59 11.05
CA SER B 6 20.39 -6.57 9.60
C SER B 6 19.57 -5.39 9.06
N GLY B 7 20.01 -4.87 7.92
CA GLY B 7 19.33 -3.75 7.30
C GLY B 7 20.33 -2.82 6.61
N PRO B 8 20.44 -2.99 5.27
CA PRO B 8 21.35 -2.17 4.48
C PRO B 8 20.80 -0.77 4.29
N THR B 9 21.67 0.11 3.80
CA THR B 9 21.28 1.50 3.56
C THR B 9 20.55 1.63 2.22
N PRO B 10 19.32 2.20 2.30
CA PRO B 10 18.51 2.39 1.11
C PRO B 10 19.04 3.56 0.27
N LYS B 11 19.03 3.36 -1.04
CA LYS B 11 19.50 4.38 -1.96
C LYS B 11 18.57 4.44 -3.17
N THR B 12 17.93 5.59 -3.33
CA THR B 12 17.01 5.79 -4.44
C THR B 12 17.29 7.12 -5.13
N GLU B 13 16.83 7.22 -6.37
CA GLU B 13 17.02 8.43 -7.15
C GLU B 13 15.71 8.87 -7.78
N LEU B 14 15.25 10.04 -7.36
CA LEU B 14 14.01 10.59 -7.87
C LEU B 14 12.83 9.75 -7.35
N VAL B 15 11.84 10.45 -6.81
CA VAL B 15 10.66 9.78 -6.28
C VAL B 15 9.42 10.62 -6.60
N GLN B 16 8.29 9.94 -6.61
CA GLN B 16 7.02 10.60 -6.91
C GLN B 16 6.47 11.28 -5.65
N LYS B 17 6.62 10.59 -4.52
CA LYS B 17 6.15 11.12 -3.26
C LYS B 17 4.62 11.27 -3.31
N PHE B 18 4.01 11.15 -2.14
CA PHE B 18 2.57 11.27 -2.04
C PHE B 18 2.15 11.61 -0.61
N ARG B 19 1.95 12.90 -0.38
CA ARG B 19 1.55 13.37 0.94
C ARG B 19 0.09 13.00 1.21
N VAL B 20 -0.09 12.03 2.08
CA VAL B 20 -1.43 11.56 2.44
C VAL B 20 -1.52 11.41 3.96
N GLN B 21 -2.60 10.76 4.39
CA GLN B 21 -2.81 10.53 5.81
C GLN B 21 -2.46 9.08 6.18
N TYR B 22 -2.40 8.84 7.47
CA TYR B 22 -2.07 7.51 7.97
C TYR B 22 -3.17 6.98 8.90
N LEU B 23 -3.79 5.90 8.47
CA LEU B 23 -4.85 5.29 9.25
C LEU B 23 -4.24 4.45 10.37
N GLY B 24 -3.17 3.74 10.03
CA GLY B 24 -2.48 2.90 10.99
C GLY B 24 -2.19 1.52 10.40
N MET B 25 -1.68 0.65 11.25
CA MET B 25 -1.35 -0.71 10.83
C MET B 25 -2.39 -1.71 11.35
N LEU B 26 -2.91 -2.49 10.43
CA LEU B 26 -3.91 -3.50 10.78
C LEU B 26 -3.35 -4.89 10.48
N PRO B 27 -3.53 -5.80 11.47
CA PRO B 27 -3.06 -7.17 11.32
C PRO B 27 -3.95 -7.97 10.37
N VAL B 28 -3.37 -9.01 9.79
CA VAL B 28 -4.10 -9.86 8.87
C VAL B 28 -3.64 -11.30 9.03
N ASP B 29 -3.96 -12.11 8.02
CA ASP B 29 -3.59 -13.51 8.05
C ASP B 29 -3.00 -13.90 6.69
N ARG B 30 -3.84 -13.77 5.66
CA ARG B 30 -3.41 -14.10 4.31
C ARG B 30 -2.74 -12.90 3.66
N PRO B 31 -1.85 -13.20 2.67
CA PRO B 31 -1.14 -12.16 1.96
C PRO B 31 -2.05 -11.45 0.97
N VAL B 32 -3.16 -12.11 0.65
CA VAL B 32 -4.12 -11.55 -0.29
C VAL B 32 -5.53 -11.70 0.29
N GLY B 33 -6.50 -11.20 -0.46
CA GLY B 33 -7.89 -11.28 -0.04
C GLY B 33 -8.50 -9.87 0.06
N MET B 34 -9.63 -9.71 -0.63
CA MET B 34 -10.32 -8.43 -0.63
C MET B 34 -10.87 -8.11 0.76
N ASP B 35 -11.49 -9.10 1.37
CA ASP B 35 -12.06 -8.94 2.70
C ASP B 35 -10.94 -8.57 3.68
N THR B 36 -9.84 -9.30 3.56
CA THR B 36 -8.70 -9.07 4.44
C THR B 36 -8.26 -7.60 4.35
N LEU B 37 -8.56 -6.99 3.22
CA LEU B 37 -8.20 -5.60 3.00
C LEU B 37 -9.19 -4.69 3.75
N ASN B 38 -10.40 -4.65 3.22
CA ASN B 38 -11.45 -3.84 3.82
C ASN B 38 -11.39 -3.98 5.35
N SER B 39 -11.30 -5.24 5.78
CA SER B 39 -11.25 -5.53 7.21
C SER B 39 -10.39 -4.48 7.92
N ALA B 40 -9.18 -4.30 7.40
CA ALA B 40 -8.25 -3.34 7.96
C ALA B 40 -8.90 -1.95 7.95
N ILE B 41 -9.09 -1.43 6.75
CA ILE B 41 -9.69 -0.12 6.59
C ILE B 41 -10.87 0.02 7.54
N GLU B 42 -11.79 -0.93 7.43
CA GLU B 42 -12.97 -0.94 8.27
C GLU B 42 -12.58 -0.86 9.75
N ASN B 43 -11.52 -1.59 10.08
CA ASN B 43 -11.03 -1.62 11.45
C ASN B 43 -10.56 -0.22 11.84
N LEU B 44 -9.44 0.17 11.24
CA LEU B 44 -8.86 1.48 11.52
C LEU B 44 -9.96 2.54 11.44
N MET B 45 -10.75 2.45 10.38
CA MET B 45 -11.85 3.40 10.18
C MET B 45 -12.51 3.76 11.52
N THR B 46 -12.66 2.75 12.36
CA THR B 46 -13.28 2.95 13.67
C THR B 46 -12.21 2.95 14.76
N SER B 47 -11.17 2.15 14.53
CA SER B 47 -10.09 2.05 15.49
C SER B 47 -9.55 3.44 15.83
N SER B 48 -9.48 4.28 14.82
CA SER B 48 -8.99 5.64 15.00
C SER B 48 -9.95 6.63 14.33
N SER B 49 -9.74 7.90 14.63
CA SER B 49 -10.57 8.95 14.07
C SER B 49 -9.88 9.56 12.85
N LYS B 50 -10.65 10.37 12.12
CA LYS B 50 -10.13 11.03 10.93
C LYS B 50 -9.16 12.13 11.35
N GLU B 51 -9.53 12.83 12.42
CA GLU B 51 -8.72 13.91 12.92
C GLU B 51 -7.43 13.36 13.55
N ASP B 52 -7.46 12.07 13.82
CA ASP B 52 -6.31 11.40 14.42
C ASP B 52 -5.29 11.06 13.33
N TRP B 53 -5.82 10.54 12.23
CA TRP B 53 -4.96 10.16 11.11
C TRP B 53 -3.98 11.31 10.86
N PRO B 54 -2.70 11.05 11.24
CA PRO B 54 -1.66 12.04 11.06
C PRO B 54 -1.24 12.14 9.59
N SER B 55 -0.43 13.16 9.30
CA SER B 55 0.04 13.38 7.95
C SER B 55 1.39 12.67 7.75
N VAL B 56 1.49 11.97 6.63
CA VAL B 56 2.71 11.24 6.30
C VAL B 56 3.10 11.54 4.86
N ASN B 57 4.17 10.89 4.42
CA ASN B 57 4.66 11.07 3.06
C ASN B 57 4.92 9.70 2.44
N MET B 58 4.11 9.38 1.44
CA MET B 58 4.24 8.10 0.75
C MET B 58 5.17 8.23 -0.47
N ASN B 59 6.38 7.71 -0.30
CA ASN B 59 7.36 7.75 -1.38
C ASN B 59 7.11 6.59 -2.34
N VAL B 60 6.96 6.94 -3.61
CA VAL B 60 6.72 5.95 -4.64
C VAL B 60 7.75 6.12 -5.77
N ALA B 61 8.69 5.20 -5.81
CA ALA B 61 9.74 5.24 -6.82
C ALA B 61 9.48 4.15 -7.86
N ASP B 62 10.55 3.72 -8.52
CA ASP B 62 10.45 2.69 -9.53
C ASP B 62 9.48 1.60 -9.06
N ALA B 63 9.89 0.91 -8.00
CA ALA B 63 9.07 -0.15 -7.44
C ALA B 63 9.31 -0.22 -5.94
N THR B 64 8.84 0.81 -5.24
CA THR B 64 9.00 0.88 -3.81
C THR B 64 7.96 1.83 -3.21
N VAL B 65 7.48 1.47 -2.02
CA VAL B 65 6.49 2.29 -1.34
C VAL B 65 6.92 2.49 0.12
N THR B 66 7.48 3.66 0.38
CA THR B 66 7.94 3.98 1.72
C THR B 66 7.16 5.18 2.28
N VAL B 67 6.83 5.09 3.55
CA VAL B 67 6.09 6.14 4.22
C VAL B 67 7.03 6.91 5.15
N ILE B 68 7.48 8.06 4.68
CA ILE B 68 8.38 8.89 5.46
C ILE B 68 7.57 9.96 6.19
N SER B 69 8.00 10.25 7.41
CA SER B 69 7.33 11.25 8.22
C SER B 69 7.18 12.55 7.44
N GLU B 70 6.06 13.22 7.66
CA GLU B 70 5.79 14.48 6.98
C GLU B 70 6.79 15.55 7.43
N LYS B 71 6.83 15.77 8.74
CA LYS B 71 7.74 16.76 9.31
C LYS B 71 9.14 16.55 8.71
N ASN B 72 9.74 15.43 9.08
CA ASN B 72 11.07 15.11 8.60
C ASN B 72 10.96 14.24 7.35
N GLU B 73 11.59 14.69 6.27
CA GLU B 73 11.57 13.97 5.01
C GLU B 73 12.73 12.98 4.96
N GLU B 74 12.98 12.34 6.10
CA GLU B 74 14.06 11.37 6.19
C GLU B 74 13.62 10.18 7.05
N GLU B 75 12.99 10.51 8.18
CA GLU B 75 12.53 9.48 9.09
C GLU B 75 11.50 8.58 8.41
N VAL B 76 11.88 7.33 8.23
CA VAL B 76 11.00 6.36 7.59
C VAL B 76 9.94 5.90 8.60
N LEU B 77 8.80 5.50 8.06
CA LEU B 77 7.71 5.03 8.90
C LEU B 77 7.34 3.60 8.49
N VAL B 78 7.09 3.44 7.20
CA VAL B 78 6.73 2.13 6.67
C VAL B 78 7.43 1.92 5.33
N GLU B 79 7.83 0.68 5.09
CA GLU B 79 8.50 0.33 3.86
C GLU B 79 7.82 -0.87 3.19
N CYS B 80 6.95 -0.56 2.25
CA CYS B 80 6.22 -1.60 1.53
C CYS B 80 6.92 -1.84 0.19
N ARG B 81 7.86 -2.77 0.22
CA ARG B 81 8.62 -3.11 -0.98
C ARG B 81 7.69 -3.70 -2.04
N VAL B 82 7.53 -2.96 -3.12
CA VAL B 82 6.68 -3.41 -4.21
C VAL B 82 6.95 -4.89 -4.50
N ARG B 83 8.17 -5.30 -4.21
CA ARG B 83 8.57 -6.68 -4.42
C ARG B 83 7.90 -7.59 -3.40
N PHE B 84 7.90 -7.14 -2.16
CA PHE B 84 7.29 -7.91 -1.08
C PHE B 84 5.77 -7.82 -1.14
N LEU B 85 5.29 -6.62 -1.46
CA LEU B 85 3.86 -6.39 -1.55
C LEU B 85 3.18 -7.61 -2.18
N SER B 86 1.93 -7.81 -1.80
CA SER B 86 1.17 -8.93 -2.32
C SER B 86 -0.18 -8.43 -2.88
N PHE B 87 -0.91 -7.75 -2.02
CA PHE B 87 -2.20 -7.22 -2.41
C PHE B 87 -2.32 -5.73 -2.06
N MET B 88 -3.23 -5.06 -2.75
CA MET B 88 -3.45 -3.63 -2.52
C MET B 88 -4.71 -3.16 -3.23
N GLY B 89 -5.53 -2.43 -2.48
CA GLY B 89 -6.77 -1.90 -3.02
C GLY B 89 -7.38 -0.85 -2.09
N VAL B 90 -8.69 -0.75 -2.14
CA VAL B 90 -9.40 0.20 -1.31
C VAL B 90 -10.52 -0.52 -0.55
N GLY B 91 -11.06 0.17 0.44
CA GLY B 91 -12.13 -0.39 1.25
C GLY B 91 -13.49 -0.15 0.59
N LYS B 92 -14.21 0.84 1.10
CA LYS B 92 -15.51 1.17 0.57
C LYS B 92 -15.43 2.51 -0.17
N ASP B 93 -14.43 3.30 0.19
CA ASP B 93 -14.23 4.60 -0.42
C ASP B 93 -12.89 4.60 -1.17
N VAL B 94 -12.88 5.35 -2.26
CA VAL B 94 -11.68 5.45 -3.08
C VAL B 94 -10.71 6.43 -2.43
N HIS B 95 -11.16 7.04 -1.34
CA HIS B 95 -10.34 8.00 -0.62
C HIS B 95 -9.30 7.25 0.22
N THR B 96 -9.62 6.01 0.54
CA THR B 96 -8.72 5.19 1.33
C THR B 96 -7.91 4.26 0.42
N PHE B 97 -6.81 3.76 0.97
CA PHE B 97 -5.96 2.85 0.22
C PHE B 97 -5.09 2.02 1.16
N ALA B 98 -5.37 0.71 1.16
CA ALA B 98 -4.62 -0.20 2.01
C ALA B 98 -3.77 -1.12 1.14
N PHE B 99 -2.93 -1.91 1.80
CA PHE B 99 -2.07 -2.83 1.10
C PHE B 99 -1.40 -3.81 2.07
N ILE B 100 -1.23 -5.04 1.62
CA ILE B 100 -0.61 -6.07 2.44
C ILE B 100 0.89 -6.15 2.10
N MET B 101 1.69 -6.14 3.14
CA MET B 101 3.14 -6.21 2.97
C MET B 101 3.71 -7.45 3.65
N ASP B 102 4.68 -8.06 2.98
CA ASP B 102 5.31 -9.25 3.52
C ASP B 102 6.52 -8.85 4.36
N THR B 103 6.39 -9.03 5.66
CA THR B 103 7.46 -8.69 6.58
C THR B 103 8.38 -9.89 6.80
N GLY B 104 8.76 -10.50 5.69
CA GLY B 104 9.64 -11.66 5.74
C GLY B 104 8.87 -12.92 6.13
N ASN B 105 8.82 -13.17 7.43
CA ASN B 105 8.11 -14.34 7.94
C ASN B 105 6.71 -14.39 7.32
N GLN B 106 6.15 -15.59 7.31
CA GLN B 106 4.82 -15.78 6.76
C GLN B 106 3.88 -14.66 7.22
N ARG B 107 4.21 -14.10 8.38
CA ARG B 107 3.41 -13.01 8.93
C ARG B 107 3.30 -11.86 7.93
N PHE B 108 2.11 -11.29 7.86
CA PHE B 108 1.86 -10.19 6.95
C PHE B 108 1.14 -9.04 7.67
N GLU B 109 1.55 -7.83 7.32
CA GLU B 109 0.95 -6.64 7.92
C GLU B 109 0.15 -5.86 6.88
N CYS B 110 -0.87 -5.16 7.35
CA CYS B 110 -1.72 -4.37 6.47
C CYS B 110 -1.60 -2.91 6.88
N HIS B 111 -1.82 -2.04 5.91
CA HIS B 111 -1.75 -0.60 6.17
C HIS B 111 -2.93 0.10 5.49
N VAL B 112 -3.16 1.33 5.90
CA VAL B 112 -4.25 2.12 5.35
C VAL B 112 -3.87 3.59 5.35
N PHE B 113 -4.44 4.33 4.41
CA PHE B 113 -4.16 5.75 4.30
C PHE B 113 -5.38 6.51 3.77
N TRP B 114 -5.38 7.82 4.00
CA TRP B 114 -6.47 8.66 3.56
C TRP B 114 -5.93 9.60 2.48
N CYS B 115 -6.38 9.38 1.25
CA CYS B 115 -5.96 10.19 0.13
C CYS B 115 -7.13 11.09 -0.28
N GLU B 116 -6.78 12.24 -0.85
CA GLU B 116 -7.79 13.19 -1.28
C GLU B 116 -7.43 13.74 -2.67
N PRO B 117 -8.47 13.77 -3.54
CA PRO B 117 -9.79 13.32 -3.16
C PRO B 117 -9.86 11.80 -3.11
N ASN B 118 -9.47 11.17 -4.22
CA ASN B 118 -9.48 9.73 -4.30
C ASN B 118 -8.03 9.21 -4.28
N ALA B 119 -7.91 7.89 -4.24
CA ALA B 119 -6.61 7.27 -4.23
C ALA B 119 -6.29 6.71 -5.62
N ALA B 120 -6.80 7.40 -6.63
CA ALA B 120 -6.58 7.00 -8.00
C ALA B 120 -5.10 7.16 -8.35
N ASN B 121 -4.49 8.16 -7.73
CA ASN B 121 -3.08 8.45 -7.97
C ASN B 121 -2.24 7.54 -7.07
N VAL B 122 -2.59 7.53 -5.80
CA VAL B 122 -1.88 6.72 -4.82
C VAL B 122 -1.88 5.25 -5.28
N SER B 123 -3.08 4.70 -5.38
CA SER B 123 -3.24 3.33 -5.81
C SER B 123 -2.49 3.09 -7.11
N GLU B 124 -2.54 4.10 -7.98
CA GLU B 124 -1.87 4.02 -9.27
C GLU B 124 -0.36 4.01 -9.08
N ALA B 125 0.14 5.04 -8.41
CA ALA B 125 1.55 5.16 -8.16
C ALA B 125 2.09 3.85 -7.59
N VAL B 126 1.18 3.09 -6.99
CA VAL B 126 1.54 1.81 -6.41
C VAL B 126 1.29 0.70 -7.44
N GLN B 127 0.19 0.84 -8.16
CA GLN B 127 -0.17 -0.13 -9.16
C GLN B 127 0.87 -0.17 -10.28
N ALA B 128 1.45 1.00 -10.54
CA ALA B 128 2.46 1.13 -11.58
C ALA B 128 3.81 0.69 -11.01
N ALA B 129 3.94 0.84 -9.70
CA ALA B 129 5.18 0.47 -9.02
C ALA B 129 5.34 -1.05 -9.07
N CYS B 130 4.29 -1.74 -8.69
CA CYS B 130 4.30 -3.19 -8.68
C CYS B 130 4.84 -3.67 -10.03
N SER B 131 4.32 -3.07 -11.09
CA SER B 131 4.75 -3.42 -12.43
C SER B 131 4.16 -2.43 -13.44
N GLY B 132 2.87 -2.18 -13.29
CA GLY B 132 2.19 -1.26 -14.19
C GLY B 132 1.77 -1.96 -15.48
N PRO B 133 0.90 -1.25 -16.26
CA PRO B 133 0.41 -1.79 -17.52
C PRO B 133 1.50 -1.72 -18.60
N SER B 134 2.12 -2.87 -18.84
CA SER B 134 3.18 -2.95 -19.84
C SER B 134 2.80 -2.11 -21.06
N SER B 135 3.55 -1.03 -21.24
CA SER B 135 3.31 -0.15 -22.37
C SER B 135 4.63 0.15 -23.10
N GLY B 136 4.57 0.03 -24.42
CA GLY B 136 5.74 0.27 -25.24
C GLY B 136 5.38 1.08 -26.49
N ASP A 1 -24.86 6.14 -16.23
CA ASP A 1 -26.10 6.56 -16.84
C ASP A 1 -25.85 6.85 -18.33
N ALA A 2 -24.91 7.74 -18.58
CA ALA A 2 -24.57 8.11 -19.94
C ALA A 2 -23.13 7.67 -20.23
N ALA A 3 -22.20 8.26 -19.49
CA ALA A 3 -20.79 7.95 -19.67
C ALA A 3 -20.13 7.82 -18.29
N VAL A 4 -19.66 6.61 -18.01
CA VAL A 4 -19.00 6.33 -16.75
C VAL A 4 -17.61 6.98 -16.74
N THR A 5 -17.13 7.27 -15.54
CA THR A 5 -15.82 7.88 -15.39
C THR A 5 -14.73 6.82 -15.48
N PRO A 6 -13.58 7.23 -16.09
CA PRO A 6 -12.45 6.32 -16.26
C PRO A 6 -11.71 6.14 -14.93
N GLU A 7 -11.35 7.26 -14.33
CA GLU A 7 -10.64 7.24 -13.06
C GLU A 7 -11.38 6.36 -12.05
N GLU A 8 -12.66 6.65 -11.90
CA GLU A 8 -13.50 5.89 -10.97
C GLU A 8 -13.37 4.40 -11.24
N ARG A 9 -13.58 4.03 -12.50
CA ARG A 9 -13.49 2.64 -12.90
C ARG A 9 -12.23 1.99 -12.30
N HIS A 10 -11.09 2.54 -12.68
CA HIS A 10 -9.81 2.03 -12.19
C HIS A 10 -9.93 1.72 -10.70
N LEU A 11 -10.49 2.68 -9.97
CA LEU A 11 -10.66 2.52 -8.53
C LEU A 11 -11.69 1.43 -8.27
N SER A 12 -12.87 1.59 -8.86
CA SER A 12 -13.93 0.63 -8.70
C SER A 12 -13.40 -0.79 -8.93
N LYS A 13 -12.36 -0.87 -9.74
CA LYS A 13 -11.75 -2.15 -10.05
C LYS A 13 -11.04 -2.70 -8.81
N MET A 14 -10.31 -1.81 -8.14
CA MET A 14 -9.59 -2.18 -6.94
C MET A 14 -10.55 -2.35 -5.76
N GLN A 15 -11.62 -1.57 -5.79
CA GLN A 15 -12.61 -1.62 -4.73
C GLN A 15 -13.11 -3.05 -4.52
N GLN A 16 -13.07 -3.81 -5.61
CA GLN A 16 -13.51 -5.20 -5.57
C GLN A 16 -12.41 -6.12 -6.09
N ASN A 17 -12.36 -6.24 -7.41
CA ASN A 17 -11.37 -7.09 -8.04
C ASN A 17 -10.05 -7.00 -7.26
N GLY A 18 -9.66 -5.78 -6.96
CA GLY A 18 -8.43 -5.54 -6.22
C GLY A 18 -7.21 -5.87 -7.07
N TYR A 19 -6.04 -5.74 -6.45
CA TYR A 19 -4.80 -6.02 -7.15
C TYR A 19 -3.95 -7.03 -6.37
N GLU A 20 -3.41 -7.98 -7.10
CA GLU A 20 -2.58 -9.02 -6.49
C GLU A 20 -1.24 -9.11 -7.20
N ASN A 21 -0.23 -8.53 -6.58
CA ASN A 21 1.11 -8.54 -7.15
C ASN A 21 1.53 -9.99 -7.41
N PRO A 22 1.79 -10.28 -8.72
CA PRO A 22 2.20 -11.62 -9.12
C PRO A 22 3.65 -11.88 -8.75
N THR A 23 4.45 -10.81 -8.78
CA THR A 23 5.85 -10.91 -8.45
C THR A 23 6.04 -11.62 -7.10
N TYR A 24 5.21 -11.20 -6.14
CA TYR A 24 5.28 -11.78 -4.82
C TYR A 24 5.55 -13.28 -4.88
N LYS A 25 6.46 -13.71 -4.01
CA LYS A 25 6.83 -15.12 -3.95
C LYS A 25 7.30 -15.47 -2.53
N PHE A 26 6.33 -15.65 -1.65
CA PHE A 26 6.63 -15.98 -0.26
C PHE A 26 6.74 -17.50 -0.08
N PHE A 27 7.27 -18.15 -1.10
CA PHE A 27 7.44 -19.60 -1.06
C PHE A 27 6.09 -20.29 -0.93
N GLU A 28 6.15 -21.62 -0.95
CA GLU A 28 4.93 -22.42 -0.83
C GLU A 28 5.27 -23.83 -0.34
N GLN A 29 4.34 -24.40 0.41
CA GLN A 29 4.53 -25.73 0.96
C GLN A 29 3.17 -26.39 1.23
N MET A 30 2.66 -27.06 0.20
CA MET A 30 1.38 -27.74 0.32
C MET A 30 1.52 -29.23 0.02
N GLN A 31 1.12 -30.03 0.99
CA GLN A 31 1.20 -31.49 0.85
C GLN A 31 0.12 -31.98 -0.11
N ASN A 32 0.56 -32.69 -1.14
CA ASN A 32 -0.35 -33.22 -2.13
C ASN A 32 0.16 -34.59 -2.59
N GLY B 1 27.28 -28.25 7.41
CA GLY B 1 26.53 -27.32 6.56
C GLY B 1 27.01 -25.88 6.76
N SER B 2 26.85 -25.09 5.73
CA SER B 2 27.26 -23.69 5.77
C SER B 2 26.87 -22.99 4.47
N SER B 3 26.50 -21.72 4.61
CA SER B 3 26.11 -20.93 3.46
C SER B 3 26.19 -19.43 3.79
N GLY B 4 26.06 -18.62 2.76
CA GLY B 4 26.12 -17.18 2.93
C GLY B 4 26.11 -16.46 1.57
N SER B 5 25.13 -15.58 1.42
CA SER B 5 25.01 -14.82 0.18
C SER B 5 24.28 -13.50 0.45
N SER B 6 24.72 -12.46 -0.24
CA SER B 6 24.12 -11.15 -0.09
C SER B 6 23.69 -10.61 -1.46
N GLY B 7 22.74 -9.69 -1.42
CA GLY B 7 22.23 -9.09 -2.64
C GLY B 7 22.16 -7.57 -2.51
N PRO B 8 22.65 -6.88 -3.58
CA PRO B 8 22.65 -5.42 -3.60
C PRO B 8 21.25 -4.88 -3.86
N THR B 9 21.10 -3.58 -3.64
CA THR B 9 19.81 -2.93 -3.84
C THR B 9 19.88 -1.99 -5.05
N PRO B 10 18.74 -1.94 -5.79
CA PRO B 10 18.66 -1.09 -6.97
C PRO B 10 18.51 0.37 -6.59
N LYS B 11 19.58 1.13 -6.81
CA LYS B 11 19.58 2.54 -6.49
C LYS B 11 18.58 3.27 -7.39
N THR B 12 17.99 4.32 -6.84
CA THR B 12 17.02 5.11 -7.58
C THR B 12 17.17 6.59 -7.25
N GLU B 13 16.52 7.41 -8.06
CA GLU B 13 16.57 8.86 -7.86
C GLU B 13 15.21 9.48 -8.16
N LEU B 14 14.95 10.59 -7.48
CA LEU B 14 13.69 11.29 -7.65
C LEU B 14 12.53 10.36 -7.32
N VAL B 15 11.88 10.64 -6.20
CA VAL B 15 10.76 9.82 -5.76
C VAL B 15 9.46 10.59 -6.00
N GLN B 16 8.45 9.86 -6.45
CA GLN B 16 7.15 10.45 -6.72
C GLN B 16 6.61 11.15 -5.47
N LYS B 17 6.58 10.39 -4.38
CA LYS B 17 6.09 10.92 -3.11
C LYS B 17 4.60 11.23 -3.24
N PHE B 18 3.90 11.07 -2.12
CA PHE B 18 2.47 11.34 -2.10
C PHE B 18 2.01 11.66 -0.67
N ARG B 19 1.77 12.94 -0.44
CA ARG B 19 1.32 13.38 0.87
C ARG B 19 -0.12 12.93 1.13
N VAL B 20 -0.27 12.05 2.11
CA VAL B 20 -1.58 11.53 2.46
C VAL B 20 -1.66 11.36 3.98
N GLN B 21 -2.64 10.58 4.40
CA GLN B 21 -2.85 10.33 5.82
C GLN B 21 -2.55 8.87 6.15
N TYR B 22 -2.38 8.60 7.43
CA TYR B 22 -2.10 7.26 7.89
C TYR B 22 -3.20 6.75 8.83
N LEU B 23 -3.85 5.68 8.41
CA LEU B 23 -4.92 5.09 9.20
C LEU B 23 -4.31 4.25 10.32
N GLY B 24 -3.17 3.64 10.02
CA GLY B 24 -2.48 2.81 10.98
C GLY B 24 -2.27 1.39 10.43
N MET B 25 -1.72 0.55 11.28
CA MET B 25 -1.45 -0.83 10.89
C MET B 25 -2.51 -1.78 11.48
N LEU B 26 -3.05 -2.62 10.60
CA LEU B 26 -4.06 -3.58 11.03
C LEU B 26 -3.52 -5.00 10.83
N PRO B 27 -3.73 -5.84 11.87
CA PRO B 27 -3.28 -7.22 11.83
C PRO B 27 -4.19 -8.06 10.91
N VAL B 28 -3.54 -8.88 10.10
CA VAL B 28 -4.27 -9.75 9.18
C VAL B 28 -3.73 -11.18 9.31
N ASP B 29 -4.18 -12.03 8.39
CA ASP B 29 -3.76 -13.41 8.38
C ASP B 29 -3.22 -13.78 7.00
N ARG B 30 -4.09 -13.68 6.01
CA ARG B 30 -3.72 -13.99 4.64
C ARG B 30 -2.96 -12.81 4.02
N PRO B 31 -1.99 -13.16 3.12
CA PRO B 31 -1.20 -12.14 2.45
C PRO B 31 -2.01 -11.46 1.35
N VAL B 32 -3.06 -12.13 0.93
CA VAL B 32 -3.92 -11.59 -0.11
C VAL B 32 -5.39 -11.86 0.25
N GLY B 33 -6.26 -10.97 -0.22
CA GLY B 33 -7.68 -11.10 0.05
C GLY B 33 -8.35 -9.73 0.12
N MET B 34 -9.55 -9.65 -0.43
CA MET B 34 -10.30 -8.41 -0.44
C MET B 34 -10.93 -8.15 0.92
N ASP B 35 -11.53 -9.19 1.47
CA ASP B 35 -12.19 -9.09 2.77
C ASP B 35 -11.13 -8.80 3.84
N THR B 36 -9.91 -9.22 3.56
CA THR B 36 -8.81 -9.00 4.47
C THR B 36 -8.42 -7.52 4.52
N LEU B 37 -8.37 -6.92 3.34
CA LEU B 37 -8.02 -5.51 3.23
C LEU B 37 -9.11 -4.67 3.89
N ASN B 38 -10.29 -4.72 3.30
CA ASN B 38 -11.42 -3.98 3.82
C ASN B 38 -11.43 -4.06 5.35
N SER B 39 -11.37 -5.30 5.84
CA SER B 39 -11.38 -5.53 7.27
C SER B 39 -10.53 -4.47 7.97
N ALA B 40 -9.30 -4.30 7.47
CA ALA B 40 -8.39 -3.33 8.05
C ALA B 40 -9.02 -1.95 7.99
N ILE B 41 -9.13 -1.43 6.76
CA ILE B 41 -9.71 -0.12 6.56
C ILE B 41 -10.91 0.06 7.48
N GLU B 42 -11.77 -0.96 7.49
CA GLU B 42 -12.96 -0.94 8.31
C GLU B 42 -12.57 -0.86 9.80
N ASN B 43 -11.61 -1.68 10.17
CA ASN B 43 -11.15 -1.72 11.54
C ASN B 43 -10.61 -0.34 11.93
N LEU B 44 -9.52 0.04 11.26
CA LEU B 44 -8.90 1.32 11.52
C LEU B 44 -9.96 2.42 11.47
N MET B 45 -10.74 2.40 10.40
CA MET B 45 -11.79 3.39 10.22
C MET B 45 -12.45 3.73 11.56
N THR B 46 -12.95 2.68 12.21
CA THR B 46 -13.61 2.86 13.49
C THR B 46 -12.58 2.95 14.62
N SER B 47 -11.50 2.21 14.44
CA SER B 47 -10.43 2.20 15.43
C SER B 47 -10.14 3.62 15.91
N SER B 48 -9.67 4.44 14.97
CA SER B 48 -9.36 5.83 15.28
C SER B 48 -10.27 6.76 14.48
N SER B 49 -10.03 8.05 14.66
CA SER B 49 -10.81 9.06 13.97
C SER B 49 -10.09 9.49 12.68
N LYS B 50 -10.69 10.45 12.00
CA LYS B 50 -10.12 10.95 10.76
C LYS B 50 -8.97 11.90 11.07
N GLU B 51 -9.16 12.69 12.13
CA GLU B 51 -8.15 13.63 12.55
C GLU B 51 -6.96 12.91 13.18
N ASP B 52 -7.27 11.76 13.78
CA ASP B 52 -6.23 10.96 14.43
C ASP B 52 -5.18 10.57 13.39
N TRP B 53 -5.67 10.23 12.21
CA TRP B 53 -4.78 9.82 11.12
C TRP B 53 -3.77 10.94 10.90
N PRO B 54 -2.49 10.65 11.26
CA PRO B 54 -1.42 11.62 11.09
C PRO B 54 -1.02 11.76 9.62
N SER B 55 -0.35 12.86 9.33
CA SER B 55 0.10 13.12 7.97
C SER B 55 1.45 12.43 7.72
N VAL B 56 1.51 11.70 6.63
CA VAL B 56 2.73 10.98 6.27
C VAL B 56 3.06 11.26 4.79
N ASN B 57 4.21 10.77 4.38
CA ASN B 57 4.65 10.96 3.01
C ASN B 57 4.85 9.59 2.35
N MET B 58 3.94 9.28 1.44
CA MET B 58 4.01 8.00 0.72
C MET B 58 4.99 8.08 -0.45
N ASN B 59 6.16 7.51 -0.24
CA ASN B 59 7.19 7.50 -1.25
C ASN B 59 6.88 6.39 -2.27
N VAL B 60 6.97 6.76 -3.54
CA VAL B 60 6.71 5.80 -4.61
C VAL B 60 7.77 5.98 -5.70
N ALA B 61 8.77 5.10 -5.66
CA ALA B 61 9.84 5.15 -6.64
C ALA B 61 9.57 4.12 -7.75
N ASP B 62 10.63 3.72 -8.41
CA ASP B 62 10.52 2.75 -9.49
C ASP B 62 9.52 1.66 -9.09
N ALA B 63 9.95 0.84 -8.14
CA ALA B 63 9.12 -0.24 -7.65
C ALA B 63 9.29 -0.37 -6.14
N THR B 64 8.83 0.65 -5.44
CA THR B 64 8.92 0.66 -3.98
C THR B 64 7.90 1.63 -3.39
N VAL B 65 7.42 1.29 -2.20
CA VAL B 65 6.44 2.12 -1.53
C VAL B 65 6.86 2.30 -0.06
N THR B 66 7.51 3.42 0.20
CA THR B 66 7.97 3.73 1.54
C THR B 66 7.14 4.85 2.15
N VAL B 67 7.03 4.83 3.47
CA VAL B 67 6.27 5.84 4.17
C VAL B 67 7.19 6.58 5.15
N ILE B 68 7.52 7.81 4.77
CA ILE B 68 8.39 8.63 5.59
C ILE B 68 7.55 9.69 6.32
N SER B 69 8.03 10.06 7.50
CA SER B 69 7.33 11.06 8.29
C SER B 69 7.25 12.39 7.53
N GLU B 70 6.06 12.97 7.55
CA GLU B 70 5.84 14.23 6.87
C GLU B 70 6.88 15.26 7.30
N LYS B 71 6.99 15.43 8.61
CA LYS B 71 7.94 16.37 9.16
C LYS B 71 9.36 15.93 8.82
N ASN B 72 9.85 14.97 9.58
CA ASN B 72 11.20 14.46 9.35
C ASN B 72 11.20 13.61 8.08
N GLU B 73 12.11 13.95 7.18
CA GLU B 73 12.23 13.23 5.92
C GLU B 73 13.21 12.07 6.07
N GLU B 74 13.98 12.12 7.14
CA GLU B 74 14.97 11.08 7.41
C GLU B 74 14.45 10.13 8.50
N GLU B 75 13.13 10.03 8.57
CA GLU B 75 12.50 9.17 9.55
C GLU B 75 11.50 8.23 8.87
N VAL B 76 12.01 7.10 8.43
CA VAL B 76 11.17 6.12 7.76
C VAL B 76 10.07 5.65 8.71
N LEU B 77 8.95 5.25 8.13
CA LEU B 77 7.82 4.79 8.92
C LEU B 77 7.47 3.36 8.51
N VAL B 78 7.27 3.19 7.20
CA VAL B 78 6.93 1.87 6.66
C VAL B 78 7.61 1.70 5.31
N GLU B 79 8.08 0.48 5.07
CA GLU B 79 8.74 0.16 3.82
C GLU B 79 8.00 -0.95 3.08
N CYS B 80 7.11 -0.54 2.19
CA CYS B 80 6.33 -1.50 1.42
C CYS B 80 6.99 -1.67 0.05
N ARG B 81 7.80 -2.71 -0.05
CA ARG B 81 8.50 -3.00 -1.29
C ARG B 81 7.54 -3.63 -2.31
N VAL B 82 7.39 -2.95 -3.44
CA VAL B 82 6.52 -3.44 -4.48
C VAL B 82 6.87 -4.89 -4.80
N ARG B 83 8.09 -5.26 -4.46
CA ARG B 83 8.55 -6.61 -4.70
C ARG B 83 7.94 -7.58 -3.67
N PHE B 84 7.91 -7.11 -2.44
CA PHE B 84 7.35 -7.92 -1.35
C PHE B 84 5.84 -7.75 -1.27
N LEU B 85 5.37 -6.59 -1.68
CA LEU B 85 3.95 -6.29 -1.65
C LEU B 85 3.18 -7.49 -2.20
N SER B 86 2.10 -7.83 -1.50
CA SER B 86 1.28 -8.96 -1.91
C SER B 86 -0.01 -8.45 -2.56
N PHE B 87 -0.78 -7.71 -1.78
CA PHE B 87 -2.03 -7.16 -2.26
C PHE B 87 -2.15 -5.67 -1.92
N MET B 88 -2.99 -4.99 -2.68
CA MET B 88 -3.20 -3.57 -2.46
C MET B 88 -4.45 -3.07 -3.22
N GLY B 89 -5.29 -2.35 -2.50
CA GLY B 89 -6.51 -1.82 -3.08
C GLY B 89 -7.17 -0.83 -2.14
N VAL B 90 -8.50 -0.92 -2.08
CA VAL B 90 -9.27 -0.03 -1.22
C VAL B 90 -10.33 -0.85 -0.48
N GLY B 91 -10.89 -0.24 0.56
CA GLY B 91 -11.91 -0.89 1.36
C GLY B 91 -13.31 -0.65 0.77
N LYS B 92 -13.96 0.38 1.29
CA LYS B 92 -15.29 0.73 0.83
C LYS B 92 -15.24 2.07 0.10
N ASP B 93 -14.40 2.95 0.61
CA ASP B 93 -14.25 4.27 0.03
C ASP B 93 -12.95 4.32 -0.77
N VAL B 94 -13.00 5.03 -1.90
CA VAL B 94 -11.83 5.16 -2.76
C VAL B 94 -10.86 6.16 -2.13
N HIS B 95 -11.38 6.93 -1.18
CA HIS B 95 -10.57 7.92 -0.51
C HIS B 95 -9.52 7.23 0.37
N THR B 96 -9.69 5.92 0.51
CA THR B 96 -8.77 5.13 1.32
C THR B 96 -7.96 4.19 0.43
N PHE B 97 -6.82 3.78 0.96
CA PHE B 97 -5.95 2.87 0.22
C PHE B 97 -5.02 2.11 1.17
N ALA B 98 -5.22 0.80 1.22
CA ALA B 98 -4.41 -0.05 2.08
C ALA B 98 -3.60 -1.02 1.22
N PHE B 99 -2.68 -1.72 1.86
CA PHE B 99 -1.84 -2.68 1.17
C PHE B 99 -1.18 -3.64 2.16
N ILE B 100 -1.05 -4.89 1.73
CA ILE B 100 -0.43 -5.91 2.56
C ILE B 100 1.05 -6.01 2.23
N MET B 101 1.85 -6.23 3.27
CA MET B 101 3.28 -6.34 3.10
C MET B 101 3.87 -7.36 4.10
N ASP B 102 4.88 -8.07 3.63
CA ASP B 102 5.54 -9.06 4.46
C ASP B 102 6.69 -8.40 5.22
N THR B 103 6.83 -8.79 6.48
CA THR B 103 7.89 -8.24 7.31
C THR B 103 8.81 -9.36 7.80
N GLY B 104 8.22 -10.32 8.51
CA GLY B 104 8.98 -11.44 9.02
C GLY B 104 8.74 -12.69 8.19
N ASN B 105 8.57 -13.81 8.88
CA ASN B 105 8.32 -15.08 8.22
C ASN B 105 6.81 -15.29 8.07
N GLN B 106 6.31 -14.88 6.91
CA GLN B 106 4.89 -15.02 6.64
C GLN B 106 4.12 -13.81 7.17
N ARG B 107 4.69 -13.18 8.18
CA ARG B 107 4.08 -12.02 8.79
C ARG B 107 3.57 -11.06 7.71
N PHE B 108 2.42 -10.48 7.97
CA PHE B 108 1.81 -9.54 7.04
C PHE B 108 1.15 -8.37 7.77
N GLU B 109 1.44 -7.18 7.29
CA GLU B 109 0.88 -5.97 7.89
C GLU B 109 0.18 -5.13 6.82
N CYS B 110 -1.03 -4.71 7.15
CA CYS B 110 -1.82 -3.90 6.24
C CYS B 110 -1.74 -2.44 6.69
N HIS B 111 -1.30 -1.60 5.78
CA HIS B 111 -1.16 -0.18 6.07
C HIS B 111 -2.19 0.61 5.26
N VAL B 112 -3.17 1.14 5.98
CA VAL B 112 -4.23 1.92 5.34
C VAL B 112 -3.81 3.39 5.30
N PHE B 113 -4.50 4.15 4.46
CA PHE B 113 -4.23 5.56 4.31
C PHE B 113 -5.46 6.32 3.83
N TRP B 114 -5.38 7.64 3.94
CA TRP B 114 -6.48 8.50 3.53
C TRP B 114 -5.95 9.46 2.46
N CYS B 115 -6.45 9.26 1.24
CA CYS B 115 -6.04 10.10 0.13
C CYS B 115 -7.23 10.97 -0.27
N GLU B 116 -6.91 12.09 -0.90
CA GLU B 116 -7.94 13.01 -1.35
C GLU B 116 -7.64 13.52 -2.75
N PRO B 117 -8.69 13.54 -3.61
CA PRO B 117 -10.01 13.10 -3.18
C PRO B 117 -10.08 11.59 -3.07
N ASN B 118 -9.76 10.93 -4.18
CA ASN B 118 -9.78 9.47 -4.22
C ASN B 118 -8.34 8.96 -4.26
N ALA B 119 -8.22 7.64 -4.25
CA ALA B 119 -6.91 7.00 -4.28
C ALA B 119 -6.62 6.52 -5.71
N ALA B 120 -6.83 7.42 -6.65
CA ALA B 120 -6.59 7.11 -8.05
C ALA B 120 -5.12 7.32 -8.37
N ASN B 121 -4.57 8.39 -7.79
CA ASN B 121 -3.17 8.72 -8.01
C ASN B 121 -2.30 7.81 -7.14
N VAL B 122 -2.73 7.64 -5.91
CA VAL B 122 -2.00 6.80 -4.97
C VAL B 122 -1.96 5.36 -5.49
N SER B 123 -3.15 4.78 -5.62
CA SER B 123 -3.27 3.42 -6.11
C SER B 123 -2.51 3.28 -7.44
N GLU B 124 -2.56 4.33 -8.23
CA GLU B 124 -1.89 4.33 -9.52
C GLU B 124 -0.37 4.32 -9.32
N ALA B 125 0.10 5.32 -8.58
CA ALA B 125 1.52 5.44 -8.31
C ALA B 125 2.06 4.11 -7.78
N VAL B 126 1.14 3.31 -7.24
CA VAL B 126 1.50 2.03 -6.69
C VAL B 126 1.31 0.94 -7.76
N GLN B 127 0.13 0.97 -8.38
CA GLN B 127 -0.19 0.00 -9.42
C GLN B 127 0.88 0.04 -10.52
N ALA B 128 1.37 1.24 -10.78
CA ALA B 128 2.39 1.42 -11.81
C ALA B 128 3.74 0.95 -11.26
N ALA B 129 3.86 1.00 -9.94
CA ALA B 129 5.08 0.58 -9.29
C ALA B 129 5.24 -0.92 -9.42
N CYS B 130 4.18 -1.64 -9.06
CA CYS B 130 4.19 -3.09 -9.14
C CYS B 130 4.55 -3.49 -10.57
N SER B 131 3.85 -2.89 -11.52
CA SER B 131 4.08 -3.18 -12.92
C SER B 131 5.57 -3.12 -13.23
N GLY B 132 6.10 -1.90 -13.20
CA GLY B 132 7.51 -1.69 -13.47
C GLY B 132 7.75 -1.39 -14.95
N PRO B 133 9.00 -0.96 -15.25
CA PRO B 133 9.36 -0.65 -16.63
C PRO B 133 9.57 -1.92 -17.45
N SER B 134 10.28 -2.87 -16.85
CA SER B 134 10.55 -4.13 -17.52
C SER B 134 10.31 -5.29 -16.54
N SER B 135 9.06 -5.73 -16.51
CA SER B 135 8.69 -6.83 -15.63
C SER B 135 8.85 -8.17 -16.37
N GLY B 136 9.73 -9.00 -15.82
CA GLY B 136 9.98 -10.30 -16.41
C GLY B 136 9.91 -11.41 -15.36
N ASP A 1 -25.18 10.51 -11.69
CA ASP A 1 -23.87 11.10 -11.80
C ASP A 1 -23.53 11.32 -13.28
N ALA A 2 -23.46 12.59 -13.65
CA ALA A 2 -23.14 12.94 -15.02
C ALA A 2 -21.62 13.07 -15.18
N ALA A 3 -21.15 12.67 -16.35
CA ALA A 3 -19.73 12.72 -16.64
C ALA A 3 -18.95 12.25 -15.41
N VAL A 4 -18.93 10.94 -15.23
CA VAL A 4 -18.21 10.35 -14.12
C VAL A 4 -16.72 10.49 -14.33
N THR A 5 -15.99 10.54 -13.23
CA THR A 5 -14.54 10.66 -13.28
C THR A 5 -13.92 9.44 -13.96
N PRO A 6 -13.02 9.72 -14.93
CA PRO A 6 -12.34 8.65 -15.65
C PRO A 6 -11.26 8.00 -14.80
N GLU A 7 -10.99 8.64 -13.66
CA GLU A 7 -9.99 8.13 -12.75
C GLU A 7 -10.65 7.34 -11.61
N GLU A 8 -11.75 7.89 -11.13
CA GLU A 8 -12.49 7.27 -10.04
C GLU A 8 -12.92 5.85 -10.44
N ARG A 9 -13.30 5.73 -11.71
CA ARG A 9 -13.74 4.44 -12.23
C ARG A 9 -12.62 3.41 -12.10
N HIS A 10 -11.38 3.90 -12.15
CA HIS A 10 -10.23 3.03 -12.05
C HIS A 10 -10.09 2.54 -10.61
N LEU A 11 -10.95 3.06 -9.75
CA LEU A 11 -10.93 2.67 -8.35
C LEU A 11 -12.09 1.70 -8.08
N SER A 12 -13.24 2.02 -8.67
CA SER A 12 -14.42 1.19 -8.51
C SER A 12 -14.08 -0.27 -8.81
N LYS A 13 -13.01 -0.45 -9.56
CA LYS A 13 -12.57 -1.78 -9.94
C LYS A 13 -11.64 -2.33 -8.85
N MET A 14 -10.97 -1.41 -8.17
CA MET A 14 -10.06 -1.78 -7.11
C MET A 14 -10.80 -2.08 -5.82
N GLN A 15 -12.05 -1.63 -5.78
CA GLN A 15 -12.89 -1.85 -4.61
C GLN A 15 -13.39 -3.29 -4.56
N GLN A 16 -13.33 -3.94 -5.72
CA GLN A 16 -13.78 -5.32 -5.83
C GLN A 16 -12.62 -6.22 -6.26
N ASN A 17 -12.58 -6.48 -7.56
CA ASN A 17 -11.53 -7.32 -8.12
C ASN A 17 -10.20 -6.97 -7.45
N GLY A 18 -10.08 -5.72 -7.05
CA GLY A 18 -8.86 -5.26 -6.39
C GLY A 18 -7.65 -5.46 -7.30
N TYR A 19 -6.53 -5.78 -6.67
CA TYR A 19 -5.29 -5.99 -7.40
C TYR A 19 -4.35 -6.93 -6.63
N GLU A 20 -3.87 -7.94 -7.32
CA GLU A 20 -2.96 -8.90 -6.73
C GLU A 20 -1.58 -8.81 -7.38
N ASN A 21 -0.71 -8.03 -6.75
CA ASN A 21 0.63 -7.85 -7.25
C ASN A 21 1.36 -9.19 -7.24
N PRO A 22 1.65 -9.72 -8.46
CA PRO A 22 2.34 -10.99 -8.59
C PRO A 22 3.83 -10.83 -8.26
N THR A 23 4.57 -11.92 -8.49
CA THR A 23 6.00 -11.92 -8.23
C THR A 23 6.27 -12.25 -6.76
N TYR A 24 5.43 -11.69 -5.90
CA TYR A 24 5.57 -11.93 -4.47
C TYR A 24 5.50 -13.42 -4.15
N LYS A 25 4.29 -13.91 -4.04
CA LYS A 25 4.06 -15.32 -3.74
C LYS A 25 2.56 -15.60 -3.64
N PHE A 26 2.23 -16.88 -3.66
CA PHE A 26 0.83 -17.29 -3.58
C PHE A 26 0.04 -16.72 -4.76
N PHE A 27 -0.62 -17.62 -5.48
CA PHE A 27 -1.42 -17.23 -6.63
C PHE A 27 -2.90 -17.54 -6.39
N GLU A 28 -3.73 -16.97 -7.25
CA GLU A 28 -5.17 -17.19 -7.14
C GLU A 28 -5.48 -18.68 -6.99
N GLN A 29 -5.87 -19.05 -5.79
CA GLN A 29 -6.20 -20.43 -5.50
C GLN A 29 -6.94 -20.54 -4.16
N MET A 30 -7.52 -21.70 -3.93
CA MET A 30 -8.26 -21.94 -2.71
C MET A 30 -8.22 -23.42 -2.32
N GLN A 31 -8.14 -23.65 -1.02
CA GLN A 31 -8.08 -25.02 -0.51
C GLN A 31 -9.30 -25.30 0.38
N ASN A 32 -9.94 -26.42 0.10
CA ASN A 32 -11.12 -26.82 0.87
C ASN A 32 -11.45 -28.27 0.57
N GLY B 1 13.00 -14.94 19.08
CA GLY B 1 12.91 -13.79 18.22
C GLY B 1 13.99 -13.82 17.14
N SER B 2 13.62 -13.35 15.96
CA SER B 2 14.55 -13.33 14.83
C SER B 2 14.76 -11.89 14.35
N SER B 3 15.76 -11.73 13.52
CA SER B 3 16.08 -10.41 12.97
C SER B 3 16.60 -10.55 11.54
N GLY B 4 16.40 -9.49 10.77
CA GLY B 4 16.85 -9.47 9.39
C GLY B 4 16.70 -8.07 8.78
N SER B 5 17.70 -7.24 9.02
CA SER B 5 17.68 -5.88 8.50
C SER B 5 19.11 -5.44 8.16
N SER B 6 19.19 -4.29 7.51
CA SER B 6 20.49 -3.74 7.13
C SER B 6 21.13 -4.61 6.04
N GLY B 7 21.25 -4.03 4.86
CA GLY B 7 21.84 -4.73 3.74
C GLY B 7 21.62 -3.96 2.44
N PRO B 8 21.37 -4.74 1.35
CA PRO B 8 21.14 -4.15 0.04
C PRO B 8 19.75 -3.51 -0.04
N THR B 9 19.71 -2.30 -0.59
CA THR B 9 18.46 -1.59 -0.72
C THR B 9 18.37 -0.93 -2.10
N PRO B 10 17.12 -0.61 -2.52
CA PRO B 10 16.89 0.01 -3.80
C PRO B 10 17.29 1.49 -3.78
N LYS B 11 18.35 1.78 -4.49
CA LYS B 11 18.85 3.15 -4.56
C LYS B 11 18.37 3.80 -5.86
N THR B 12 17.27 4.52 -5.74
CA THR B 12 16.69 5.20 -6.90
C THR B 12 16.44 6.67 -6.58
N GLU B 13 17.02 7.53 -7.41
CA GLU B 13 16.88 8.96 -7.24
C GLU B 13 15.50 9.42 -7.74
N LEU B 14 15.05 10.54 -7.19
CA LEU B 14 13.76 11.09 -7.58
C LEU B 14 12.66 10.12 -7.17
N VAL B 15 11.65 10.66 -6.51
CA VAL B 15 10.52 9.86 -6.07
C VAL B 15 9.22 10.64 -6.29
N GLN B 16 8.15 9.90 -6.49
CA GLN B 16 6.85 10.50 -6.72
C GLN B 16 6.37 11.22 -5.45
N LYS B 17 6.33 10.48 -4.36
CA LYS B 17 5.91 11.04 -3.09
C LYS B 17 4.41 11.36 -3.15
N PHE B 18 3.75 11.18 -2.02
CA PHE B 18 2.32 11.46 -1.94
C PHE B 18 1.90 11.77 -0.50
N ARG B 19 1.91 13.05 -0.18
CA ARG B 19 1.53 13.48 1.15
C ARG B 19 0.08 13.10 1.45
N VAL B 20 -0.08 12.02 2.19
CA VAL B 20 -1.40 11.55 2.55
C VAL B 20 -1.48 11.35 4.08
N GLN B 21 -2.49 10.62 4.49
CA GLN B 21 -2.69 10.35 5.91
C GLN B 21 -2.34 8.89 6.22
N TYR B 22 -2.23 8.61 7.51
CA TYR B 22 -1.90 7.27 7.96
C TYR B 22 -2.96 6.74 8.93
N LEU B 23 -3.64 5.69 8.49
CA LEU B 23 -4.69 5.08 9.30
C LEU B 23 -4.04 4.22 10.39
N GLY B 24 -3.00 3.51 9.99
CA GLY B 24 -2.29 2.64 10.92
C GLY B 24 -2.12 1.24 10.34
N MET B 25 -1.59 0.35 11.16
CA MET B 25 -1.37 -1.03 10.74
C MET B 25 -2.43 -1.95 11.34
N LEU B 26 -2.98 -2.79 10.48
CA LEU B 26 -4.01 -3.73 10.90
C LEU B 26 -3.52 -5.16 10.67
N PRO B 27 -3.72 -6.01 11.71
CA PRO B 27 -3.30 -7.40 11.63
C PRO B 27 -4.23 -8.21 10.73
N VAL B 28 -3.63 -9.05 9.91
CA VAL B 28 -4.40 -9.89 9.00
C VAL B 28 -3.78 -11.30 8.96
N ASP B 29 -4.41 -12.15 8.17
CA ASP B 29 -3.93 -13.52 8.03
C ASP B 29 -3.64 -13.80 6.56
N ARG B 30 -4.62 -13.50 5.72
CA ARG B 30 -4.49 -13.73 4.30
C ARG B 30 -3.59 -12.65 3.67
N PRO B 31 -2.66 -13.11 2.80
CA PRO B 31 -1.74 -12.19 2.13
C PRO B 31 -2.45 -11.41 1.02
N VAL B 32 -3.61 -11.92 0.64
CA VAL B 32 -4.40 -11.29 -0.41
C VAL B 32 -5.87 -11.32 -0.02
N GLY B 33 -6.69 -10.77 -0.90
CA GLY B 33 -8.13 -10.73 -0.66
C GLY B 33 -8.55 -9.37 -0.11
N MET B 34 -9.71 -8.91 -0.57
CA MET B 34 -10.23 -7.62 -0.14
C MET B 34 -10.92 -7.75 1.22
N ASP B 35 -11.65 -8.84 1.38
CA ASP B 35 -12.35 -9.10 2.63
C ASP B 35 -11.41 -8.89 3.80
N THR B 36 -10.15 -9.24 3.58
CA THR B 36 -9.13 -9.10 4.60
C THR B 36 -8.55 -7.68 4.58
N LEU B 37 -8.52 -7.11 3.39
CA LEU B 37 -7.98 -5.77 3.23
C LEU B 37 -8.96 -4.76 3.86
N ASN B 38 -10.17 -4.74 3.31
CA ASN B 38 -11.20 -3.83 3.80
C ASN B 38 -11.31 -3.97 5.32
N SER B 39 -11.34 -5.22 5.76
CA SER B 39 -11.44 -5.51 7.19
C SER B 39 -10.58 -4.53 7.99
N ALA B 40 -9.36 -4.35 7.51
CA ALA B 40 -8.43 -3.45 8.18
C ALA B 40 -8.98 -2.02 8.09
N ILE B 41 -9.13 -1.54 6.87
CA ILE B 41 -9.64 -0.20 6.64
C ILE B 41 -10.80 0.08 7.59
N GLU B 42 -11.65 -0.93 7.72
CA GLU B 42 -12.81 -0.82 8.60
C GLU B 42 -12.36 -0.70 10.05
N ASN B 43 -11.55 -1.65 10.47
CA ASN B 43 -11.04 -1.66 11.84
C ASN B 43 -10.45 -0.30 12.16
N LEU B 44 -9.44 0.07 11.39
CA LEU B 44 -8.77 1.35 11.59
C LEU B 44 -9.82 2.47 11.58
N MET B 45 -10.58 2.51 10.50
CA MET B 45 -11.62 3.51 10.35
C MET B 45 -12.29 3.81 11.70
N THR B 46 -12.99 2.80 12.20
CA THR B 46 -13.69 2.94 13.47
C THR B 46 -12.69 3.08 14.62
N SER B 47 -11.78 2.10 14.69
CA SER B 47 -10.76 2.10 15.72
C SER B 47 -10.33 3.53 16.04
N SER B 48 -9.36 4.01 15.26
CA SER B 48 -8.84 5.36 15.45
C SER B 48 -9.82 6.37 14.87
N SER B 49 -9.42 7.63 14.92
CA SER B 49 -10.24 8.71 14.40
C SER B 49 -9.68 9.20 13.07
N LYS B 50 -10.33 10.22 12.53
CA LYS B 50 -9.91 10.80 11.27
C LYS B 50 -8.82 11.84 11.52
N GLU B 51 -8.97 12.55 12.63
CA GLU B 51 -8.01 13.57 13.01
C GLU B 51 -6.76 12.94 13.60
N ASP B 52 -6.92 11.70 14.05
CA ASP B 52 -5.81 10.96 14.65
C ASP B 52 -4.82 10.58 13.55
N TRP B 53 -5.36 10.21 12.40
CA TRP B 53 -4.53 9.82 11.27
C TRP B 53 -3.54 10.95 11.00
N PRO B 54 -2.24 10.67 11.32
CA PRO B 54 -1.19 11.65 11.11
C PRO B 54 -0.84 11.77 9.63
N SER B 55 -0.34 12.94 9.26
CA SER B 55 0.05 13.19 7.89
C SER B 55 1.41 12.56 7.60
N VAL B 56 1.49 11.85 6.48
CA VAL B 56 2.72 11.20 6.09
C VAL B 56 2.95 11.41 4.59
N ASN B 57 4.13 11.01 4.15
CA ASN B 57 4.49 11.14 2.74
C ASN B 57 4.79 9.76 2.16
N MET B 58 3.88 9.30 1.31
CA MET B 58 4.04 8.00 0.68
C MET B 58 4.95 8.10 -0.55
N ASN B 59 6.16 7.57 -0.37
CA ASN B 59 7.14 7.59 -1.46
C ASN B 59 6.85 6.43 -2.41
N VAL B 60 6.80 6.76 -3.70
CA VAL B 60 6.53 5.76 -4.72
C VAL B 60 7.56 5.91 -5.84
N ALA B 61 8.53 5.00 -5.83
CA ALA B 61 9.57 5.03 -6.85
C ALA B 61 9.30 3.93 -7.89
N ASP B 62 10.35 3.57 -8.61
CA ASP B 62 10.23 2.54 -9.63
C ASP B 62 9.35 1.41 -9.10
N ALA B 63 9.80 0.83 -8.00
CA ALA B 63 9.06 -0.26 -7.38
C ALA B 63 9.34 -0.27 -5.88
N THR B 64 8.82 0.73 -5.20
CA THR B 64 9.00 0.85 -3.76
C THR B 64 7.94 1.78 -3.16
N VAL B 65 7.46 1.39 -1.99
CA VAL B 65 6.46 2.18 -1.30
C VAL B 65 6.91 2.44 0.14
N THR B 66 7.51 3.61 0.34
CA THR B 66 7.99 3.99 1.65
C THR B 66 7.19 5.17 2.20
N VAL B 67 6.75 5.02 3.45
CA VAL B 67 5.98 6.06 4.10
C VAL B 67 6.88 6.84 5.06
N ILE B 68 7.32 7.99 4.60
CA ILE B 68 8.19 8.84 5.41
C ILE B 68 7.35 9.91 6.10
N SER B 69 7.84 10.37 7.24
CA SER B 69 7.14 11.39 8.00
C SER B 69 7.01 12.67 7.16
N GLU B 70 5.82 13.25 7.22
CA GLU B 70 5.55 14.46 6.47
C GLU B 70 6.63 15.51 6.76
N LYS B 71 6.77 15.83 8.04
CA LYS B 71 7.75 16.81 8.46
C LYS B 71 9.15 16.30 8.13
N ASN B 72 9.66 15.44 8.99
CA ASN B 72 10.99 14.87 8.79
C ASN B 72 10.99 14.04 7.51
N GLU B 73 11.88 14.41 6.60
CA GLU B 73 12.00 13.71 5.33
C GLU B 73 12.98 12.54 5.46
N GLU B 74 13.70 12.53 6.58
CA GLU B 74 14.66 11.48 6.84
C GLU B 74 14.17 10.58 7.98
N GLU B 75 12.87 10.44 8.04
CA GLU B 75 12.26 9.61 9.08
C GLU B 75 11.23 8.66 8.46
N VAL B 76 11.72 7.50 8.07
CA VAL B 76 10.87 6.49 7.46
C VAL B 76 9.84 6.01 8.49
N LEU B 77 8.70 5.57 7.97
CA LEU B 77 7.62 5.09 8.84
C LEU B 77 7.27 3.65 8.45
N VAL B 78 7.03 3.46 7.16
CA VAL B 78 6.69 2.15 6.64
C VAL B 78 7.34 1.95 5.28
N GLU B 79 8.12 0.88 5.17
CA GLU B 79 8.80 0.57 3.93
C GLU B 79 8.19 -0.67 3.28
N CYS B 80 7.24 -0.41 2.38
CA CYS B 80 6.56 -1.50 1.68
C CYS B 80 7.25 -1.68 0.33
N ARG B 81 8.11 -2.68 0.27
CA ARG B 81 8.83 -2.98 -0.96
C ARG B 81 7.89 -3.64 -1.97
N VAL B 82 7.67 -2.94 -3.07
CA VAL B 82 6.80 -3.45 -4.12
C VAL B 82 7.10 -4.92 -4.35
N ARG B 83 8.33 -5.31 -4.06
CA ARG B 83 8.76 -6.68 -4.22
C ARG B 83 8.08 -7.58 -3.19
N PHE B 84 8.11 -7.12 -1.95
CA PHE B 84 7.49 -7.87 -0.86
C PHE B 84 5.97 -7.74 -0.90
N LEU B 85 5.51 -6.57 -1.29
CA LEU B 85 4.08 -6.31 -1.38
C LEU B 85 3.39 -7.52 -1.98
N SER B 86 2.15 -7.73 -1.55
CA SER B 86 1.36 -8.85 -2.05
C SER B 86 0.07 -8.35 -2.68
N PHE B 87 -0.75 -7.72 -1.85
CA PHE B 87 -2.01 -7.18 -2.31
C PHE B 87 -2.10 -5.67 -2.05
N MET B 88 -3.04 -5.04 -2.74
CA MET B 88 -3.23 -3.60 -2.60
C MET B 88 -4.52 -3.16 -3.30
N GLY B 89 -5.41 -2.59 -2.51
CA GLY B 89 -6.68 -2.11 -3.03
C GLY B 89 -7.35 -1.14 -2.06
N VAL B 90 -8.65 -0.95 -2.26
CA VAL B 90 -9.42 -0.06 -1.40
C VAL B 90 -10.55 -0.84 -0.75
N GLY B 91 -11.23 -0.17 0.17
CA GLY B 91 -12.34 -0.79 0.88
C GLY B 91 -13.69 -0.24 0.40
N LYS B 92 -14.43 0.34 1.33
CA LYS B 92 -15.72 0.91 1.00
C LYS B 92 -15.52 2.21 0.23
N ASP B 93 -14.57 3.01 0.69
CA ASP B 93 -14.27 4.27 0.06
C ASP B 93 -12.89 4.19 -0.62
N VAL B 94 -12.81 4.80 -1.79
CA VAL B 94 -11.56 4.80 -2.54
C VAL B 94 -10.57 5.74 -1.86
N HIS B 95 -11.10 6.81 -1.29
CA HIS B 95 -10.26 7.79 -0.61
C HIS B 95 -9.21 7.06 0.24
N THR B 96 -9.56 5.85 0.65
CA THR B 96 -8.65 5.05 1.45
C THR B 96 -7.94 4.01 0.58
N PHE B 97 -6.66 3.84 0.85
CA PHE B 97 -5.85 2.88 0.10
C PHE B 97 -4.98 2.04 1.05
N ALA B 98 -5.30 0.76 1.10
CA ALA B 98 -4.55 -0.16 1.95
C ALA B 98 -3.71 -1.08 1.08
N PHE B 99 -2.83 -1.82 1.74
CA PHE B 99 -1.96 -2.75 1.04
C PHE B 99 -1.33 -3.75 2.01
N ILE B 100 -1.16 -4.97 1.53
CA ILE B 100 -0.56 -6.02 2.34
C ILE B 100 0.93 -6.10 2.05
N MET B 101 1.71 -6.16 3.13
CA MET B 101 3.16 -6.24 3.00
C MET B 101 3.74 -7.32 3.91
N ASP B 102 4.75 -8.00 3.41
CA ASP B 102 5.40 -9.06 4.17
C ASP B 102 6.40 -8.43 5.16
N THR B 103 6.21 -8.78 6.43
CA THR B 103 7.09 -8.26 7.47
C THR B 103 7.75 -9.41 8.22
N GLY B 104 8.33 -10.33 7.46
CA GLY B 104 9.00 -11.48 8.04
C GLY B 104 8.93 -12.69 7.10
N ASN B 105 8.85 -13.86 7.70
CA ASN B 105 8.76 -15.09 6.95
C ASN B 105 7.48 -15.10 6.11
N GLN B 106 6.37 -15.31 6.81
CA GLN B 106 5.07 -15.33 6.16
C GLN B 106 4.16 -14.25 6.73
N ARG B 107 4.73 -13.48 7.64
CA ARG B 107 3.98 -12.41 8.28
C ARG B 107 3.46 -11.41 7.23
N PHE B 108 2.28 -10.88 7.51
CA PHE B 108 1.66 -9.93 6.59
C PHE B 108 1.05 -8.76 7.36
N GLU B 109 1.44 -7.56 6.96
CA GLU B 109 0.92 -6.35 7.59
C GLU B 109 0.09 -5.54 6.61
N CYS B 110 -1.15 -5.27 7.00
CA CYS B 110 -2.05 -4.51 6.17
C CYS B 110 -2.08 -3.07 6.67
N HIS B 111 -1.73 -2.16 5.79
CA HIS B 111 -1.71 -0.75 6.13
C HIS B 111 -2.85 -0.02 5.41
N VAL B 112 -3.15 1.18 5.90
CA VAL B 112 -4.21 1.98 5.30
C VAL B 112 -3.81 3.45 5.35
N PHE B 113 -4.39 4.21 4.43
CA PHE B 113 -4.10 5.64 4.34
C PHE B 113 -5.33 6.41 3.86
N TRP B 114 -5.23 7.73 3.97
CA TRP B 114 -6.32 8.60 3.56
C TRP B 114 -5.77 9.60 2.55
N CYS B 115 -6.20 9.46 1.31
CA CYS B 115 -5.75 10.35 0.24
C CYS B 115 -6.94 11.21 -0.19
N GLU B 116 -6.62 12.33 -0.81
CA GLU B 116 -7.64 13.25 -1.29
C GLU B 116 -7.32 13.71 -2.71
N PRO B 117 -8.37 13.66 -3.58
CA PRO B 117 -9.67 13.18 -3.16
C PRO B 117 -9.68 11.66 -3.00
N ASN B 118 -9.31 10.99 -4.08
CA ASN B 118 -9.28 9.53 -4.07
C ASN B 118 -7.82 9.06 -4.04
N ALA B 119 -7.65 7.75 -3.98
CA ALA B 119 -6.32 7.17 -3.94
C ALA B 119 -5.93 6.70 -5.35
N ALA B 120 -6.29 7.52 -6.32
CA ALA B 120 -5.98 7.21 -7.71
C ALA B 120 -4.49 7.39 -7.95
N ASN B 121 -4.06 8.63 -7.84
CA ASN B 121 -2.65 8.96 -8.04
C ASN B 121 -1.79 8.13 -7.09
N VAL B 122 -2.44 7.64 -6.04
CA VAL B 122 -1.76 6.84 -5.04
C VAL B 122 -1.77 5.37 -5.48
N SER B 123 -2.96 4.82 -5.59
CA SER B 123 -3.12 3.43 -6.01
C SER B 123 -2.47 3.22 -7.37
N GLU B 124 -2.49 4.28 -8.18
CA GLU B 124 -1.91 4.21 -9.50
C GLU B 124 -0.38 4.16 -9.42
N ALA B 125 0.18 5.18 -8.79
CA ALA B 125 1.62 5.27 -8.62
C ALA B 125 2.14 3.95 -8.03
N VAL B 126 1.22 3.24 -7.37
CA VAL B 126 1.58 1.98 -6.76
C VAL B 126 1.28 0.84 -7.73
N GLN B 127 0.23 1.02 -8.50
CA GLN B 127 -0.17 0.02 -9.49
C GLN B 127 0.93 -0.15 -10.54
N ALA B 128 1.49 0.98 -10.96
CA ALA B 128 2.54 0.96 -11.97
C ALA B 128 3.86 0.54 -11.31
N ALA B 129 3.90 0.68 -9.99
CA ALA B 129 5.08 0.32 -9.23
C ALA B 129 5.21 -1.21 -9.19
N CYS B 130 4.16 -1.84 -8.68
CA CYS B 130 4.14 -3.29 -8.57
C CYS B 130 4.46 -3.87 -9.94
N SER B 131 3.65 -3.51 -10.91
CA SER B 131 3.83 -3.99 -12.28
C SER B 131 5.32 -3.94 -12.65
N GLY B 132 5.80 -2.71 -12.88
CA GLY B 132 7.19 -2.51 -13.24
C GLY B 132 7.35 -2.40 -14.76
N PRO B 133 8.57 -1.97 -15.19
CA PRO B 133 8.86 -1.82 -16.60
C PRO B 133 9.08 -3.19 -17.26
N SER B 134 8.49 -3.34 -18.43
CA SER B 134 8.61 -4.58 -19.18
C SER B 134 8.31 -4.33 -20.66
N SER B 135 9.38 -4.14 -21.41
CA SER B 135 9.25 -3.89 -22.84
C SER B 135 8.35 -2.69 -23.09
N GLY B 136 8.93 -1.51 -22.95
CA GLY B 136 8.20 -0.28 -23.15
C GLY B 136 8.93 0.91 -22.53
N ASP A 1 -24.54 8.72 -16.79
CA ASP A 1 -23.24 9.12 -17.31
C ASP A 1 -22.71 8.02 -18.23
N ALA A 2 -22.93 8.21 -19.51
CA ALA A 2 -22.48 7.25 -20.50
C ALA A 2 -20.95 7.16 -20.47
N ALA A 3 -20.32 8.29 -20.76
CA ALA A 3 -18.88 8.36 -20.76
C ALA A 3 -18.36 8.19 -19.33
N VAL A 4 -17.98 6.96 -19.02
CA VAL A 4 -17.46 6.65 -17.69
C VAL A 4 -16.03 7.19 -17.57
N THR A 5 -15.67 7.50 -16.33
CA THR A 5 -14.34 8.02 -16.05
C THR A 5 -13.31 6.89 -16.00
N PRO A 6 -12.10 7.20 -16.51
CA PRO A 6 -11.02 6.22 -16.53
C PRO A 6 -10.43 6.04 -15.13
N GLU A 7 -10.05 7.15 -14.53
CA GLU A 7 -9.47 7.12 -13.20
C GLU A 7 -10.37 6.36 -12.24
N GLU A 8 -11.65 6.73 -12.25
CA GLU A 8 -12.62 6.08 -11.39
C GLU A 8 -12.56 4.56 -11.57
N ARG A 9 -12.74 4.13 -12.81
CA ARG A 9 -12.71 2.71 -13.12
C ARG A 9 -11.56 2.03 -12.37
N HIS A 10 -10.40 2.64 -12.46
CA HIS A 10 -9.21 2.11 -11.81
C HIS A 10 -9.51 1.89 -10.32
N LEU A 11 -10.23 2.82 -9.74
CA LEU A 11 -10.59 2.74 -8.34
C LEU A 11 -11.79 1.80 -8.18
N SER A 12 -12.92 2.24 -8.72
CA SER A 12 -14.14 1.45 -8.64
C SER A 12 -13.81 -0.03 -8.82
N LYS A 13 -12.76 -0.28 -9.59
CA LYS A 13 -12.33 -1.65 -9.85
C LYS A 13 -11.63 -2.20 -8.61
N MET A 14 -10.46 -1.65 -8.34
CA MET A 14 -9.68 -2.07 -7.19
C MET A 14 -10.56 -2.30 -5.97
N GLN A 15 -11.58 -1.47 -5.86
CA GLN A 15 -12.52 -1.57 -4.75
C GLN A 15 -12.90 -3.03 -4.51
N GLN A 16 -13.55 -3.61 -5.51
CA GLN A 16 -13.98 -4.99 -5.43
C GLN A 16 -12.94 -5.91 -6.07
N ASN A 17 -12.81 -5.77 -7.38
CA ASN A 17 -11.86 -6.58 -8.12
C ASN A 17 -10.52 -6.62 -7.38
N GLY A 18 -9.92 -5.45 -7.25
CA GLY A 18 -8.65 -5.33 -6.55
C GLY A 18 -7.49 -5.69 -7.49
N TYR A 19 -6.30 -5.75 -6.90
CA TYR A 19 -5.10 -6.07 -7.65
C TYR A 19 -4.11 -6.86 -6.80
N GLU A 20 -3.58 -7.92 -7.40
CA GLU A 20 -2.62 -8.77 -6.71
C GLU A 20 -1.27 -8.75 -7.44
N ASN A 21 -0.32 -8.06 -6.83
CA ASN A 21 1.01 -7.95 -7.40
C ASN A 21 1.42 -9.30 -7.99
N PRO A 22 1.33 -9.38 -9.34
CA PRO A 22 1.69 -10.60 -10.04
C PRO A 22 3.20 -10.78 -10.10
N THR A 23 3.78 -11.07 -8.93
CA THR A 23 5.21 -11.27 -8.84
C THR A 23 5.57 -11.92 -7.50
N TYR A 24 4.93 -11.43 -6.45
CA TYR A 24 5.17 -11.94 -5.11
C TYR A 24 5.20 -13.48 -5.12
N LYS A 25 5.62 -14.03 -3.99
CA LYS A 25 5.71 -15.48 -3.85
C LYS A 25 5.99 -15.83 -2.39
N PHE A 26 5.77 -17.10 -2.07
CA PHE A 26 6.01 -17.57 -0.72
C PHE A 26 5.88 -19.10 -0.64
N PHE A 27 6.29 -19.64 0.49
CA PHE A 27 6.23 -21.08 0.70
C PHE A 27 5.50 -21.42 2.01
N GLU A 28 5.34 -22.70 2.23
CA GLU A 28 4.66 -23.17 3.44
C GLU A 28 5.70 -23.65 4.46
N GLN A 29 5.39 -23.39 5.73
CA GLN A 29 6.27 -23.79 6.81
C GLN A 29 5.55 -24.75 7.76
N MET A 30 6.31 -25.27 8.71
CA MET A 30 5.76 -26.20 9.68
C MET A 30 6.42 -26.03 11.05
N GLN A 31 5.66 -26.37 12.08
CA GLN A 31 6.17 -26.26 13.44
C GLN A 31 6.61 -24.82 13.73
N ASN A 32 5.68 -24.06 14.30
CA ASN A 32 5.96 -22.67 14.63
C ASN A 32 6.69 -22.01 13.47
N GLY B 1 23.71 -16.57 18.97
CA GLY B 1 24.41 -16.90 17.74
C GLY B 1 23.45 -16.86 16.54
N SER B 2 23.16 -15.64 16.11
CA SER B 2 22.27 -15.46 14.97
C SER B 2 22.18 -13.98 14.62
N SER B 3 22.87 -13.61 13.55
CA SER B 3 22.87 -12.22 13.09
C SER B 3 23.05 -12.17 11.58
N GLY B 4 22.31 -11.27 10.95
CA GLY B 4 22.38 -11.11 9.51
C GLY B 4 21.67 -9.83 9.07
N SER B 5 22.44 -8.77 8.93
CA SER B 5 21.89 -7.49 8.52
C SER B 5 22.93 -6.70 7.72
N SER B 6 22.55 -6.35 6.49
CA SER B 6 23.45 -5.60 5.62
C SER B 6 22.68 -4.47 4.93
N GLY B 7 22.72 -3.31 5.55
CA GLY B 7 22.03 -2.15 5.00
C GLY B 7 22.71 -1.65 3.73
N PRO B 8 21.88 -1.45 2.68
CA PRO B 8 22.39 -0.98 1.40
C PRO B 8 22.73 0.51 1.46
N THR B 9 23.82 0.86 0.78
CA THR B 9 24.25 2.24 0.75
C THR B 9 23.11 3.16 0.32
N PRO B 10 23.27 4.48 0.64
CA PRO B 10 22.25 5.46 0.30
C PRO B 10 22.30 5.79 -1.19
N LYS B 11 21.28 6.49 -1.64
CA LYS B 11 21.19 6.88 -3.04
C LYS B 11 19.96 7.77 -3.24
N THR B 12 20.19 8.91 -3.88
CA THR B 12 19.13 9.85 -4.14
C THR B 12 18.60 9.68 -5.57
N GLU B 13 17.30 9.93 -5.71
CA GLU B 13 16.66 9.80 -7.01
C GLU B 13 15.33 10.58 -7.02
N LEU B 14 14.66 10.50 -8.16
CA LEU B 14 13.39 11.18 -8.32
C LEU B 14 12.26 10.28 -7.83
N VAL B 15 11.71 10.64 -6.67
CA VAL B 15 10.63 9.87 -6.09
C VAL B 15 9.31 10.62 -6.28
N GLN B 16 8.26 9.86 -6.55
CA GLN B 16 6.95 10.43 -6.77
C GLN B 16 6.48 11.15 -5.50
N LYS B 17 6.44 10.40 -4.41
CA LYS B 17 6.01 10.94 -3.14
C LYS B 17 4.52 11.25 -3.19
N PHE B 18 3.87 11.10 -2.05
CA PHE B 18 2.44 11.36 -1.95
C PHE B 18 2.03 11.67 -0.51
N ARG B 19 2.01 12.95 -0.20
CA ARG B 19 1.65 13.39 1.14
C ARG B 19 0.19 13.03 1.43
N VAL B 20 0.02 11.94 2.18
CA VAL B 20 -1.32 11.48 2.53
C VAL B 20 -1.39 11.27 4.04
N GLN B 21 -2.44 10.57 4.46
CA GLN B 21 -2.64 10.30 5.86
C GLN B 21 -2.29 8.84 6.18
N TYR B 22 -2.26 8.53 7.47
CA TYR B 22 -1.95 7.19 7.91
C TYR B 22 -3.01 6.67 8.89
N LEU B 23 -3.87 5.81 8.37
CA LEU B 23 -4.94 5.24 9.19
C LEU B 23 -4.31 4.42 10.32
N GLY B 24 -3.26 3.69 9.97
CA GLY B 24 -2.57 2.86 10.94
C GLY B 24 -2.30 1.47 10.37
N MET B 25 -1.84 0.59 11.24
CA MET B 25 -1.54 -0.78 10.84
C MET B 25 -2.55 -1.77 11.42
N LEU B 26 -3.14 -2.55 10.53
CA LEU B 26 -4.12 -3.53 10.94
C LEU B 26 -3.59 -4.94 10.66
N PRO B 27 -3.75 -5.82 11.67
CA PRO B 27 -3.29 -7.20 11.56
C PRO B 27 -4.21 -8.01 10.65
N VAL B 28 -3.61 -8.93 9.92
CA VAL B 28 -4.38 -9.78 9.02
C VAL B 28 -3.93 -11.24 9.20
N ASP B 29 -4.41 -12.07 8.29
CA ASP B 29 -4.07 -13.49 8.34
C ASP B 29 -3.54 -13.93 6.96
N ARG B 30 -4.34 -13.65 5.94
CA ARG B 30 -3.96 -14.00 4.59
C ARG B 30 -3.13 -12.89 3.95
N PRO B 31 -2.25 -13.29 2.99
CA PRO B 31 -1.40 -12.34 2.31
C PRO B 31 -2.19 -11.52 1.29
N VAL B 32 -3.22 -12.15 0.74
CA VAL B 32 -4.06 -11.50 -0.24
C VAL B 32 -5.53 -11.66 0.15
N GLY B 33 -6.39 -10.95 -0.56
CA GLY B 33 -7.81 -11.01 -0.29
C GLY B 33 -8.39 -9.61 -0.08
N MET B 34 -9.51 -9.36 -0.75
CA MET B 34 -10.17 -8.07 -0.65
C MET B 34 -11.04 -8.00 0.61
N ASP B 35 -11.39 -9.17 1.12
CA ASP B 35 -12.21 -9.25 2.32
C ASP B 35 -11.33 -9.06 3.56
N THR B 36 -10.04 -9.33 3.38
CA THR B 36 -9.09 -9.19 4.46
C THR B 36 -8.60 -7.75 4.56
N LEU B 37 -8.32 -7.17 3.40
CA LEU B 37 -7.84 -5.80 3.34
C LEU B 37 -8.91 -4.87 3.90
N ASN B 38 -10.06 -4.89 3.25
CA ASN B 38 -11.18 -4.05 3.67
C ASN B 38 -11.34 -4.14 5.19
N SER B 39 -11.33 -5.38 5.68
CA SER B 39 -11.47 -5.62 7.10
C SER B 39 -10.64 -4.60 7.89
N ALA B 40 -9.39 -4.45 7.47
CA ALA B 40 -8.49 -3.52 8.13
C ALA B 40 -9.08 -2.11 8.07
N ILE B 41 -9.20 -1.61 6.84
CA ILE B 41 -9.74 -0.28 6.63
C ILE B 41 -10.93 -0.06 7.57
N GLU B 42 -11.80 -1.08 7.63
CA GLU B 42 -12.97 -1.01 8.47
C GLU B 42 -12.55 -0.92 9.94
N ASN B 43 -11.64 -1.78 10.32
CA ASN B 43 -11.15 -1.81 11.70
C ASN B 43 -10.58 -0.44 12.05
N LEU B 44 -9.57 -0.04 11.30
CA LEU B 44 -8.92 1.24 11.52
C LEU B 44 -9.98 2.34 11.50
N MET B 45 -10.79 2.34 10.45
CA MET B 45 -11.83 3.34 10.30
C MET B 45 -12.46 3.67 11.66
N THR B 46 -12.80 2.62 12.39
CA THR B 46 -13.41 2.79 13.70
C THR B 46 -12.33 2.92 14.78
N SER B 47 -11.27 2.15 14.59
CA SER B 47 -10.16 2.16 15.53
C SER B 47 -9.91 3.58 16.04
N SER B 48 -9.40 4.40 15.15
CA SER B 48 -9.11 5.79 15.49
C SER B 48 -10.01 6.72 14.69
N SER B 49 -9.78 8.02 14.87
CA SER B 49 -10.57 9.02 14.16
C SER B 49 -9.84 9.46 12.89
N LYS B 50 -10.43 10.43 12.22
CA LYS B 50 -9.85 10.95 10.99
C LYS B 50 -8.71 11.91 11.33
N GLU B 51 -8.91 12.67 12.39
CA GLU B 51 -7.91 13.63 12.83
C GLU B 51 -6.69 12.89 13.40
N ASP B 52 -6.94 11.72 13.93
CA ASP B 52 -5.88 10.90 14.51
C ASP B 52 -4.86 10.55 13.41
N TRP B 53 -5.40 10.18 12.26
CA TRP B 53 -4.55 9.81 11.13
C TRP B 53 -3.56 10.94 10.90
N PRO B 54 -2.27 10.66 11.24
CA PRO B 54 -1.21 11.64 11.07
C PRO B 54 -0.83 11.79 9.60
N SER B 55 -0.22 12.92 9.29
CA SER B 55 0.22 13.19 7.93
C SER B 55 1.57 12.54 7.66
N VAL B 56 1.64 11.85 6.54
CA VAL B 56 2.88 11.17 6.15
C VAL B 56 3.11 11.37 4.66
N ASN B 57 4.31 10.99 4.23
CA ASN B 57 4.68 11.12 2.83
C ASN B 57 4.90 9.73 2.23
N MET B 58 3.98 9.34 1.37
CA MET B 58 4.07 8.03 0.72
C MET B 58 5.01 8.08 -0.48
N ASN B 59 6.21 7.58 -0.27
CA ASN B 59 7.21 7.56 -1.31
C ASN B 59 6.89 6.42 -2.30
N VAL B 60 6.94 6.76 -3.57
CA VAL B 60 6.65 5.77 -4.61
C VAL B 60 7.68 5.92 -5.74
N ALA B 61 8.69 5.06 -5.69
CA ALA B 61 9.74 5.09 -6.70
C ALA B 61 9.48 3.99 -7.72
N ASP B 62 10.55 3.55 -8.36
CA ASP B 62 10.46 2.50 -9.37
C ASP B 62 9.48 1.43 -8.89
N ALA B 63 9.94 0.61 -7.95
CA ALA B 63 9.11 -0.45 -7.40
C ALA B 63 9.30 -0.51 -5.89
N THR B 64 8.88 0.57 -5.23
CA THR B 64 8.98 0.65 -3.78
C THR B 64 7.96 1.65 -3.23
N VAL B 65 7.44 1.31 -2.06
CA VAL B 65 6.45 2.16 -1.42
C VAL B 65 6.85 2.38 0.05
N THR B 66 7.52 3.51 0.27
CA THR B 66 7.97 3.84 1.62
C THR B 66 7.12 4.99 2.18
N VAL B 67 7.01 5.00 3.50
CA VAL B 67 6.24 6.03 4.18
C VAL B 67 7.15 6.80 5.13
N ILE B 68 7.57 7.98 4.67
CA ILE B 68 8.44 8.82 5.46
C ILE B 68 7.61 9.91 6.16
N SER B 69 8.07 10.30 7.33
CA SER B 69 7.38 11.32 8.11
C SER B 69 7.23 12.60 7.28
N GLU B 70 6.02 13.15 7.30
CA GLU B 70 5.74 14.35 6.56
C GLU B 70 6.84 15.39 6.79
N LYS B 71 7.12 15.63 8.06
CA LYS B 71 8.14 16.60 8.43
C LYS B 71 9.52 16.05 8.04
N ASN B 72 10.04 15.18 8.89
CA ASN B 72 11.34 14.59 8.66
C ASN B 72 11.29 13.79 7.35
N GLU B 73 12.14 14.19 6.42
CA GLU B 73 12.22 13.53 5.13
C GLU B 73 13.21 12.37 5.18
N GLU B 74 13.88 12.25 6.32
CA GLU B 74 14.86 11.19 6.50
C GLU B 74 14.42 10.26 7.64
N GLU B 75 13.12 10.27 7.90
CA GLU B 75 12.56 9.44 8.96
C GLU B 75 11.53 8.47 8.38
N VAL B 76 12.04 7.31 7.95
CA VAL B 76 11.18 6.30 7.37
C VAL B 76 10.20 5.80 8.44
N LEU B 77 9.01 5.45 7.97
CA LEU B 77 7.97 4.95 8.88
C LEU B 77 7.60 3.52 8.48
N VAL B 78 7.25 3.36 7.21
CA VAL B 78 6.86 2.06 6.69
C VAL B 78 7.54 1.85 5.34
N GLU B 79 8.05 0.63 5.16
CA GLU B 79 8.71 0.28 3.92
C GLU B 79 7.96 -0.86 3.21
N CYS B 80 7.08 -0.45 2.30
CA CYS B 80 6.29 -1.41 1.56
C CYS B 80 6.97 -1.66 0.20
N ARG B 81 7.89 -2.60 0.20
CA ARG B 81 8.61 -2.93 -1.01
C ARG B 81 7.70 -3.64 -2.01
N VAL B 82 7.43 -2.95 -3.11
CA VAL B 82 6.57 -3.51 -4.14
C VAL B 82 6.87 -5.00 -4.30
N ARG B 83 8.15 -5.32 -4.25
CA ARG B 83 8.58 -6.70 -4.40
C ARG B 83 7.88 -7.59 -3.37
N PHE B 84 7.95 -7.16 -2.11
CA PHE B 84 7.34 -7.90 -1.03
C PHE B 84 5.82 -7.76 -1.08
N LEU B 85 5.36 -6.57 -1.41
CA LEU B 85 3.94 -6.29 -1.50
C LEU B 85 3.23 -7.50 -2.12
N SER B 86 2.12 -7.88 -1.50
CA SER B 86 1.35 -9.00 -1.99
C SER B 86 0.10 -8.50 -2.71
N PHE B 87 -0.72 -7.77 -1.98
CA PHE B 87 -1.95 -7.23 -2.54
C PHE B 87 -2.13 -5.76 -2.14
N MET B 88 -3.05 -5.10 -2.84
CA MET B 88 -3.34 -3.70 -2.57
C MET B 88 -4.62 -3.26 -3.28
N GLY B 89 -5.41 -2.48 -2.56
CA GLY B 89 -6.66 -1.99 -3.10
C GLY B 89 -7.28 -0.92 -2.19
N VAL B 90 -8.60 -0.82 -2.25
CA VAL B 90 -9.32 0.14 -1.43
C VAL B 90 -10.42 -0.57 -0.66
N GLY B 91 -11.00 0.15 0.30
CA GLY B 91 -12.07 -0.41 1.12
C GLY B 91 -13.44 0.02 0.59
N LYS B 92 -14.11 0.84 1.38
CA LYS B 92 -15.42 1.32 1.00
C LYS B 92 -15.27 2.61 0.18
N ASP B 93 -14.45 3.51 0.70
CA ASP B 93 -14.21 4.79 0.03
C ASP B 93 -12.81 4.77 -0.60
N VAL B 94 -12.79 4.87 -1.92
CA VAL B 94 -11.54 4.87 -2.65
C VAL B 94 -10.54 5.79 -1.94
N HIS B 95 -11.09 6.83 -1.32
CA HIS B 95 -10.26 7.80 -0.61
C HIS B 95 -9.26 7.05 0.29
N THR B 96 -9.65 5.84 0.65
CA THR B 96 -8.81 5.01 1.51
C THR B 96 -8.07 3.96 0.68
N PHE B 97 -6.77 3.86 0.93
CA PHE B 97 -5.94 2.90 0.22
C PHE B 97 -5.09 2.08 1.18
N ALA B 98 -5.28 0.77 1.12
CA ALA B 98 -4.53 -0.13 1.99
C ALA B 98 -3.68 -1.06 1.13
N PHE B 99 -2.78 -1.78 1.80
CA PHE B 99 -1.90 -2.70 1.11
C PHE B 99 -1.21 -3.64 2.11
N ILE B 100 -1.06 -4.89 1.69
CA ILE B 100 -0.41 -5.88 2.53
C ILE B 100 1.07 -5.98 2.16
N MET B 101 1.90 -6.02 3.19
CA MET B 101 3.34 -6.11 2.98
C MET B 101 3.95 -7.17 3.91
N ASP B 102 5.01 -7.78 3.41
CA ASP B 102 5.70 -8.81 4.18
C ASP B 102 6.75 -8.15 5.08
N THR B 103 6.63 -8.42 6.37
CA THR B 103 7.56 -7.87 7.34
C THR B 103 8.26 -8.99 8.12
N GLY B 104 7.45 -9.81 8.76
CA GLY B 104 7.98 -10.93 9.54
C GLY B 104 7.84 -12.24 8.77
N ASN B 105 8.07 -13.33 9.48
CA ASN B 105 7.98 -14.65 8.88
C ASN B 105 6.59 -14.85 8.28
N GLN B 106 6.46 -14.45 7.03
CA GLN B 106 5.20 -14.57 6.33
C GLN B 106 4.17 -13.60 6.91
N ARG B 107 4.65 -12.78 7.84
CA ARG B 107 3.79 -11.80 8.48
C ARG B 107 3.25 -10.81 7.45
N PHE B 108 1.99 -10.42 7.65
CA PHE B 108 1.35 -9.48 6.74
C PHE B 108 0.72 -8.32 7.52
N GLU B 109 1.07 -7.12 7.09
CA GLU B 109 0.55 -5.92 7.73
C GLU B 109 -0.24 -5.08 6.73
N CYS B 110 -1.41 -4.63 7.16
CA CYS B 110 -2.27 -3.83 6.31
C CYS B 110 -2.10 -2.36 6.71
N HIS B 111 -1.56 -1.58 5.78
CA HIS B 111 -1.34 -0.17 6.03
C HIS B 111 -2.34 0.66 5.21
N VAL B 112 -3.32 1.21 5.92
CA VAL B 112 -4.33 2.03 5.26
C VAL B 112 -3.87 3.48 5.24
N PHE B 113 -4.41 4.22 4.29
CA PHE B 113 -4.06 5.63 4.14
C PHE B 113 -5.25 6.43 3.61
N TRP B 114 -5.28 7.70 3.99
CA TRP B 114 -6.36 8.59 3.56
C TRP B 114 -5.78 9.56 2.53
N CYS B 115 -6.24 9.41 1.30
CA CYS B 115 -5.77 10.28 0.22
C CYS B 115 -6.86 11.32 -0.05
N GLU B 116 -6.46 12.37 -0.76
CA GLU B 116 -7.38 13.44 -1.10
C GLU B 116 -7.13 13.92 -2.53
N PRO B 117 -8.23 13.90 -3.33
CA PRO B 117 -9.52 13.45 -2.83
C PRO B 117 -9.55 11.93 -2.70
N ASN B 118 -9.47 11.25 -3.84
CA ASN B 118 -9.48 9.81 -3.86
C ASN B 118 -8.04 9.29 -3.90
N ALA B 119 -7.92 7.96 -3.95
CA ALA B 119 -6.62 7.33 -3.98
C ALA B 119 -6.37 6.75 -5.38
N ALA B 120 -6.67 7.56 -6.39
CA ALA B 120 -6.50 7.14 -7.77
C ALA B 120 -5.02 7.23 -8.14
N ASN B 121 -4.42 8.36 -7.79
CA ASN B 121 -3.01 8.58 -8.07
C ASN B 121 -2.16 7.72 -7.14
N VAL B 122 -2.66 7.58 -5.91
CA VAL B 122 -1.96 6.79 -4.92
C VAL B 122 -1.92 5.32 -5.36
N SER B 123 -3.11 4.75 -5.45
CA SER B 123 -3.23 3.36 -5.86
C SER B 123 -2.62 3.16 -7.25
N GLU B 124 -2.55 4.26 -7.98
CA GLU B 124 -1.99 4.22 -9.33
C GLU B 124 -0.46 4.22 -9.26
N ALA B 125 0.07 5.20 -8.55
CA ALA B 125 1.52 5.31 -8.41
C ALA B 125 2.06 4.02 -7.81
N VAL B 126 1.17 3.27 -7.18
CA VAL B 126 1.56 2.01 -6.56
C VAL B 126 1.30 0.86 -7.53
N GLN B 127 0.11 0.89 -8.13
CA GLN B 127 -0.26 -0.14 -9.09
C GLN B 127 0.71 -0.15 -10.27
N ALA B 128 1.30 1.02 -10.51
CA ALA B 128 2.25 1.15 -11.61
C ALA B 128 3.64 0.73 -11.13
N ALA B 129 3.81 0.78 -9.81
CA ALA B 129 5.08 0.40 -9.22
C ALA B 129 5.25 -1.12 -9.30
N CYS B 130 4.21 -1.82 -8.90
CA CYS B 130 4.23 -3.28 -8.92
C CYS B 130 4.69 -3.73 -10.30
N SER B 131 4.23 -3.00 -11.31
CA SER B 131 4.59 -3.33 -12.68
C SER B 131 4.00 -2.28 -13.64
N GLY B 132 2.67 -2.19 -13.61
CA GLY B 132 1.97 -1.23 -14.46
C GLY B 132 1.68 -1.85 -15.84
N PRO B 133 0.81 -1.13 -16.60
CA PRO B 133 0.43 -1.59 -17.93
C PRO B 133 1.56 -1.36 -18.93
N SER B 134 1.43 -2.01 -20.07
CA SER B 134 2.43 -1.88 -21.13
C SER B 134 2.29 -0.53 -21.83
N SER B 135 1.09 -0.30 -22.35
CA SER B 135 0.82 0.95 -23.04
C SER B 135 0.17 1.96 -22.08
N GLY B 136 0.68 3.18 -22.11
CA GLY B 136 0.16 4.23 -21.25
C GLY B 136 1.29 4.93 -20.50
N ASP A 1 -23.32 3.50 -15.88
CA ASP A 1 -24.48 3.40 -16.77
C ASP A 1 -24.02 2.99 -18.16
N ALA A 2 -23.09 3.77 -18.71
CA ALA A 2 -22.56 3.48 -20.03
C ALA A 2 -21.08 3.88 -20.07
N ALA A 3 -20.85 5.18 -20.00
CA ALA A 3 -19.49 5.71 -20.03
C ALA A 3 -19.28 6.61 -18.83
N VAL A 4 -18.83 6.01 -17.74
CA VAL A 4 -18.58 6.76 -16.52
C VAL A 4 -17.22 7.44 -16.61
N THR A 5 -16.52 7.50 -15.48
CA THR A 5 -15.22 8.12 -15.42
C THR A 5 -14.12 7.07 -15.62
N PRO A 6 -13.06 7.48 -16.37
CA PRO A 6 -11.94 6.59 -16.63
C PRO A 6 -11.05 6.45 -15.40
N GLU A 7 -11.25 7.36 -14.45
CA GLU A 7 -10.48 7.35 -13.22
C GLU A 7 -11.26 6.65 -12.12
N GLU A 8 -12.55 6.96 -12.05
CA GLU A 8 -13.41 6.37 -11.05
C GLU A 8 -13.48 4.85 -11.23
N ARG A 9 -13.32 4.43 -12.47
CA ARG A 9 -13.37 3.01 -12.79
C ARG A 9 -12.10 2.31 -12.29
N HIS A 10 -10.96 2.91 -12.60
CA HIS A 10 -9.68 2.36 -12.18
C HIS A 10 -9.72 2.08 -10.67
N LEU A 11 -10.62 2.78 -9.99
CA LEU A 11 -10.76 2.62 -8.56
C LEU A 11 -11.83 1.57 -8.26
N SER A 12 -12.94 1.70 -8.97
CA SER A 12 -14.06 0.77 -8.81
C SER A 12 -13.54 -0.67 -8.89
N LYS A 13 -12.41 -0.83 -9.55
CA LYS A 13 -11.81 -2.14 -9.69
C LYS A 13 -11.15 -2.55 -8.37
N MET A 14 -10.13 -1.81 -8.00
CA MET A 14 -9.40 -2.08 -6.77
C MET A 14 -10.38 -2.22 -5.59
N GLN A 15 -11.43 -1.43 -5.64
CA GLN A 15 -12.43 -1.45 -4.58
C GLN A 15 -12.69 -2.89 -4.13
N GLN A 16 -13.12 -3.71 -5.08
CA GLN A 16 -13.40 -5.10 -4.79
C GLN A 16 -12.40 -6.01 -5.51
N ASN A 17 -12.41 -5.92 -6.83
CA ASN A 17 -11.51 -6.72 -7.64
C ASN A 17 -10.09 -6.62 -7.07
N GLY A 18 -9.84 -5.52 -6.37
CA GLY A 18 -8.54 -5.30 -5.77
C GLY A 18 -7.42 -5.57 -6.77
N TYR A 19 -6.20 -5.60 -6.25
CA TYR A 19 -5.03 -5.86 -7.08
C TYR A 19 -4.03 -6.77 -6.36
N GLU A 20 -3.40 -7.63 -7.13
CA GLU A 20 -2.42 -8.55 -6.59
C GLU A 20 -1.19 -8.62 -7.49
N ASN A 21 -0.18 -7.84 -7.12
CA ASN A 21 1.05 -7.80 -7.89
C ASN A 21 1.68 -9.20 -7.91
N PRO A 22 2.09 -9.61 -9.14
CA PRO A 22 2.71 -10.92 -9.31
C PRO A 22 4.14 -10.93 -8.78
N THR A 23 4.76 -9.75 -8.79
CA THR A 23 6.12 -9.61 -8.32
C THR A 23 6.35 -10.51 -7.10
N TYR A 24 5.38 -10.49 -6.20
CA TYR A 24 5.48 -11.30 -4.99
C TYR A 24 5.66 -12.77 -5.33
N LYS A 25 5.71 -13.59 -4.28
CA LYS A 25 5.89 -15.01 -4.45
C LYS A 25 6.01 -15.67 -3.08
N PHE A 26 7.21 -15.64 -2.54
CA PHE A 26 7.47 -16.23 -1.24
C PHE A 26 7.05 -17.71 -1.21
N PHE A 27 7.98 -18.56 -1.58
CA PHE A 27 7.73 -19.99 -1.60
C PHE A 27 8.95 -20.78 -1.15
N GLU A 28 8.70 -21.97 -0.63
CA GLU A 28 9.77 -22.82 -0.16
C GLU A 28 10.59 -22.12 0.92
N GLN A 29 10.09 -22.21 2.15
CA GLN A 29 10.75 -21.58 3.27
C GLN A 29 10.01 -21.91 4.58
N MET A 30 10.22 -23.12 5.05
CA MET A 30 9.59 -23.58 6.27
C MET A 30 10.59 -24.32 7.17
N GLN A 31 11.19 -25.36 6.60
CA GLN A 31 12.16 -26.15 7.33
C GLN A 31 13.33 -26.53 6.42
N ASN A 32 13.00 -27.25 5.36
CA ASN A 32 14.00 -27.69 4.40
C ASN A 32 13.34 -28.55 3.33
N GLY B 1 30.14 -8.88 28.31
CA GLY B 1 29.15 -8.40 27.37
C GLY B 1 29.82 -7.64 26.22
N SER B 2 29.25 -7.78 25.03
CA SER B 2 29.78 -7.11 23.86
C SER B 2 28.88 -7.39 22.65
N SER B 3 28.94 -6.49 21.69
CA SER B 3 28.14 -6.62 20.48
C SER B 3 28.56 -5.56 19.45
N GLY B 4 28.08 -5.74 18.23
CA GLY B 4 28.39 -4.81 17.16
C GLY B 4 27.14 -4.09 16.67
N SER B 5 27.26 -3.46 15.51
CA SER B 5 26.15 -2.74 14.93
C SER B 5 26.55 -2.19 13.56
N SER B 6 25.68 -2.42 12.59
CA SER B 6 25.93 -1.96 11.23
C SER B 6 24.89 -0.90 10.83
N GLY B 7 25.11 -0.30 9.68
CA GLY B 7 24.21 0.72 9.19
C GLY B 7 24.30 0.84 7.66
N PRO B 8 23.16 1.24 7.04
CA PRO B 8 23.10 1.40 5.60
C PRO B 8 23.82 2.68 5.16
N THR B 9 23.64 3.02 3.89
CA THR B 9 24.26 4.21 3.34
C THR B 9 23.21 5.08 2.64
N PRO B 10 23.55 6.39 2.49
CA PRO B 10 22.66 7.32 1.84
C PRO B 10 22.65 7.13 0.33
N LYS B 11 21.67 7.73 -0.31
CA LYS B 11 21.53 7.63 -1.76
C LYS B 11 20.40 8.53 -2.23
N THR B 12 20.69 9.31 -3.26
CA THR B 12 19.69 10.21 -3.81
C THR B 12 19.08 9.63 -5.08
N GLU B 13 17.76 9.49 -5.06
CA GLU B 13 17.05 8.93 -6.19
C GLU B 13 15.81 9.79 -6.50
N LEU B 14 15.17 9.46 -7.61
CA LEU B 14 13.98 10.17 -8.03
C LEU B 14 12.74 9.43 -7.52
N VAL B 15 11.92 10.16 -6.77
CA VAL B 15 10.71 9.59 -6.22
C VAL B 15 9.52 10.50 -6.55
N GLN B 16 8.35 9.89 -6.63
CA GLN B 16 7.14 10.63 -6.93
C GLN B 16 6.56 11.25 -5.66
N LYS B 17 6.71 10.51 -4.57
CA LYS B 17 6.20 10.98 -3.28
C LYS B 17 4.68 11.12 -3.35
N PHE B 18 4.05 11.03 -2.19
CA PHE B 18 2.61 11.14 -2.12
C PHE B 18 2.16 11.45 -0.69
N ARG B 19 1.98 12.73 -0.42
CA ARG B 19 1.55 13.18 0.89
C ARG B 19 0.09 12.78 1.14
N VAL B 20 -0.09 11.88 2.09
CA VAL B 20 -1.42 11.41 2.43
C VAL B 20 -1.52 11.23 3.94
N GLN B 21 -2.58 10.54 4.36
CA GLN B 21 -2.79 10.29 5.77
C GLN B 21 -2.48 8.83 6.12
N TYR B 22 -2.37 8.58 7.41
CA TYR B 22 -2.07 7.23 7.88
C TYR B 22 -3.16 6.74 8.84
N LEU B 23 -3.92 5.76 8.35
CA LEU B 23 -5.00 5.19 9.16
C LEU B 23 -4.39 4.35 10.28
N GLY B 24 -3.23 3.78 9.99
CA GLY B 24 -2.54 2.94 10.97
C GLY B 24 -2.31 1.53 10.42
N MET B 25 -1.74 0.69 11.27
CA MET B 25 -1.46 -0.69 10.88
C MET B 25 -2.52 -1.64 11.43
N LEU B 26 -3.04 -2.46 10.55
CA LEU B 26 -4.06 -3.43 10.93
C LEU B 26 -3.56 -4.85 10.64
N PRO B 27 -3.75 -5.74 11.63
CA PRO B 27 -3.32 -7.13 11.49
C PRO B 27 -4.26 -7.90 10.56
N VAL B 28 -3.68 -8.84 9.82
CA VAL B 28 -4.45 -9.65 8.90
C VAL B 28 -4.06 -11.13 9.07
N ASP B 29 -4.35 -11.91 8.05
CA ASP B 29 -4.04 -13.33 8.08
C ASP B 29 -3.45 -13.74 6.72
N ARG B 30 -4.29 -13.68 5.70
CA ARG B 30 -3.86 -14.05 4.36
C ARG B 30 -3.05 -12.90 3.74
N PRO B 31 -2.11 -13.29 2.84
CA PRO B 31 -1.27 -12.32 2.15
C PRO B 31 -2.05 -11.58 1.07
N VAL B 32 -3.19 -12.16 0.71
CA VAL B 32 -4.04 -11.57 -0.31
C VAL B 32 -5.50 -11.91 -0.02
N GLY B 33 -6.36 -10.93 -0.22
CA GLY B 33 -7.78 -11.11 0.01
C GLY B 33 -8.49 -9.77 0.20
N MET B 34 -9.64 -9.64 -0.44
CA MET B 34 -10.42 -8.42 -0.34
C MET B 34 -10.99 -8.23 1.05
N ASP B 35 -11.63 -9.28 1.54
CA ASP B 35 -12.22 -9.26 2.87
C ASP B 35 -11.12 -9.10 3.91
N THR B 36 -9.89 -9.29 3.47
CA THR B 36 -8.74 -9.18 4.36
C THR B 36 -8.31 -7.72 4.47
N LEU B 37 -8.41 -7.01 3.35
CA LEU B 37 -8.03 -5.61 3.30
C LEU B 37 -9.11 -4.78 3.99
N ASN B 38 -10.29 -4.78 3.39
CA ASN B 38 -11.42 -4.03 3.92
C ASN B 38 -11.44 -4.16 5.45
N SER B 39 -11.42 -5.41 5.90
CA SER B 39 -11.43 -5.69 7.32
C SER B 39 -10.56 -4.67 8.06
N ALA B 40 -9.44 -4.34 7.44
CA ALA B 40 -8.52 -3.38 8.03
C ALA B 40 -9.11 -1.98 7.94
N ILE B 41 -9.25 -1.51 6.71
CA ILE B 41 -9.80 -0.19 6.47
C ILE B 41 -10.99 0.04 7.40
N GLU B 42 -11.79 -1.00 7.56
CA GLU B 42 -12.96 -0.93 8.42
C GLU B 42 -12.53 -0.85 9.88
N ASN B 43 -11.57 -1.68 10.24
CA ASN B 43 -11.07 -1.70 11.60
C ASN B 43 -10.47 -0.33 11.95
N LEU B 44 -9.45 0.04 11.20
CA LEU B 44 -8.80 1.32 11.42
C LEU B 44 -9.84 2.43 11.40
N MET B 45 -10.67 2.42 10.37
CA MET B 45 -11.70 3.42 10.22
C MET B 45 -12.32 3.77 11.58
N THR B 46 -12.85 2.75 12.24
CA THR B 46 -13.47 2.94 13.54
C THR B 46 -12.40 3.03 14.62
N SER B 47 -11.33 2.26 14.43
CA SER B 47 -10.24 2.25 15.38
C SER B 47 -9.98 3.66 15.92
N SER B 48 -9.50 4.52 15.03
CA SER B 48 -9.21 5.90 15.40
C SER B 48 -10.10 6.84 14.60
N SER B 49 -9.92 8.13 14.85
CA SER B 49 -10.70 9.14 14.17
C SER B 49 -9.98 9.58 12.88
N LYS B 50 -10.58 10.55 12.21
CA LYS B 50 -10.02 11.06 10.98
C LYS B 50 -8.91 12.06 11.30
N GLU B 51 -9.13 12.82 12.36
CA GLU B 51 -8.16 13.82 12.78
C GLU B 51 -6.96 13.14 13.43
N ASP B 52 -7.17 11.89 13.81
CA ASP B 52 -6.09 11.12 14.45
C ASP B 52 -5.08 10.72 13.38
N TRP B 53 -5.58 10.36 12.21
CA TRP B 53 -4.73 9.94 11.12
C TRP B 53 -3.71 11.06 10.87
N PRO B 54 -2.43 10.75 11.20
CA PRO B 54 -1.35 11.71 11.02
C PRO B 54 -0.97 11.84 9.55
N SER B 55 -0.34 12.95 9.22
CA SER B 55 0.09 13.20 7.85
C SER B 55 1.46 12.57 7.61
N VAL B 56 1.50 11.69 6.62
CA VAL B 56 2.74 11.01 6.27
C VAL B 56 3.05 11.26 4.79
N ASN B 57 4.22 10.80 4.38
CA ASN B 57 4.65 10.96 3.01
C ASN B 57 4.90 9.58 2.38
N MET B 58 4.05 9.26 1.40
CA MET B 58 4.17 7.98 0.72
C MET B 58 5.12 8.07 -0.47
N ASN B 59 6.35 7.61 -0.23
CA ASN B 59 7.36 7.65 -1.27
C ASN B 59 7.08 6.53 -2.27
N VAL B 60 6.96 6.93 -3.54
CA VAL B 60 6.70 5.98 -4.60
C VAL B 60 7.75 6.14 -5.70
N ALA B 61 8.67 5.19 -5.75
CA ALA B 61 9.73 5.23 -6.74
C ALA B 61 9.46 4.15 -7.79
N ASP B 62 10.53 3.73 -8.45
CA ASP B 62 10.43 2.71 -9.48
C ASP B 62 9.46 1.62 -9.01
N ALA B 63 9.87 0.92 -7.97
CA ALA B 63 9.04 -0.15 -7.42
C ALA B 63 9.28 -0.25 -5.92
N THR B 64 8.80 0.78 -5.21
CA THR B 64 8.96 0.82 -3.77
C THR B 64 7.96 1.81 -3.16
N VAL B 65 7.39 1.40 -2.04
CA VAL B 65 6.41 2.23 -1.34
C VAL B 65 6.84 2.40 0.11
N THR B 66 7.47 3.54 0.38
CA THR B 66 7.94 3.84 1.71
C THR B 66 7.19 5.04 2.28
N VAL B 67 6.78 4.91 3.54
CA VAL B 67 6.05 5.97 4.21
C VAL B 67 7.01 6.76 5.11
N ILE B 68 7.37 7.94 4.65
CA ILE B 68 8.27 8.80 5.40
C ILE B 68 7.47 9.85 6.16
N SER B 69 7.99 10.23 7.32
CA SER B 69 7.33 11.22 8.15
C SER B 69 7.29 12.57 7.43
N GLU B 70 6.10 13.13 7.34
CA GLU B 70 5.91 14.41 6.68
C GLU B 70 6.85 15.45 7.30
N LYS B 71 6.68 15.65 8.59
CA LYS B 71 7.49 16.62 9.32
C LYS B 71 8.85 15.99 9.65
N ASN B 72 9.72 15.95 8.65
CA ASN B 72 11.04 15.39 8.82
C ASN B 72 11.66 15.12 7.45
N GLU B 73 11.11 14.13 6.77
CA GLU B 73 11.60 13.77 5.44
C GLU B 73 12.71 12.73 5.55
N GLU B 74 13.52 12.89 6.60
CA GLU B 74 14.63 11.98 6.82
C GLU B 74 14.26 10.96 7.90
N GLU B 75 13.02 10.50 7.82
CA GLU B 75 12.52 9.52 8.78
C GLU B 75 11.54 8.56 8.11
N VAL B 76 11.94 7.29 8.08
CA VAL B 76 11.11 6.26 7.47
C VAL B 76 10.11 5.74 8.49
N LEU B 77 8.91 5.45 8.01
CA LEU B 77 7.85 4.94 8.88
C LEU B 77 7.51 3.50 8.47
N VAL B 78 7.21 3.35 7.19
CA VAL B 78 6.87 2.04 6.66
C VAL B 78 7.55 1.84 5.31
N GLU B 79 7.95 0.60 5.06
CA GLU B 79 8.62 0.27 3.81
C GLU B 79 7.92 -0.90 3.13
N CYS B 80 7.01 -0.57 2.22
CA CYS B 80 6.26 -1.58 1.50
C CYS B 80 6.94 -1.79 0.14
N ARG B 81 7.88 -2.72 0.12
CA ARG B 81 8.61 -3.03 -1.10
C ARG B 81 7.66 -3.64 -2.14
N VAL B 82 7.47 -2.92 -3.23
CA VAL B 82 6.60 -3.38 -4.30
C VAL B 82 6.89 -4.87 -4.57
N ARG B 83 8.12 -5.26 -4.28
CA ARG B 83 8.53 -6.63 -4.50
C ARG B 83 7.88 -7.55 -3.46
N PHE B 84 7.91 -7.09 -2.22
CA PHE B 84 7.33 -7.86 -1.12
C PHE B 84 5.80 -7.73 -1.12
N LEU B 85 5.34 -6.55 -1.49
CA LEU B 85 3.90 -6.28 -1.53
C LEU B 85 3.17 -7.51 -2.07
N SER B 86 2.01 -7.76 -1.50
CA SER B 86 1.20 -8.90 -1.92
C SER B 86 -0.10 -8.42 -2.57
N PHE B 87 -0.90 -7.72 -1.77
CA PHE B 87 -2.17 -7.20 -2.24
C PHE B 87 -2.35 -5.74 -1.83
N MET B 88 -3.09 -5.02 -2.66
CA MET B 88 -3.34 -3.61 -2.40
C MET B 88 -4.61 -3.15 -3.12
N GLY B 89 -5.46 -2.47 -2.36
CA GLY B 89 -6.72 -1.96 -2.91
C GLY B 89 -7.36 -0.95 -1.96
N VAL B 90 -8.68 -0.86 -2.06
CA VAL B 90 -9.42 0.06 -1.22
C VAL B 90 -10.54 -0.71 -0.50
N GLY B 91 -11.19 -0.01 0.43
CA GLY B 91 -12.27 -0.60 1.19
C GLY B 91 -13.63 -0.32 0.55
N LYS B 92 -14.32 0.66 1.12
CA LYS B 92 -15.63 1.05 0.62
C LYS B 92 -15.51 2.39 -0.10
N ASP B 93 -14.59 3.21 0.38
CA ASP B 93 -14.37 4.52 -0.20
C ASP B 93 -13.10 4.49 -1.05
N VAL B 94 -13.15 5.22 -2.16
CA VAL B 94 -12.01 5.28 -3.06
C VAL B 94 -11.00 6.29 -2.53
N HIS B 95 -11.32 6.85 -1.37
CA HIS B 95 -10.45 7.81 -0.74
C HIS B 95 -9.39 7.10 0.11
N THR B 96 -9.71 5.87 0.47
CA THR B 96 -8.80 5.07 1.28
C THR B 96 -7.99 4.13 0.38
N PHE B 97 -6.85 3.70 0.92
CA PHE B 97 -5.98 2.79 0.18
C PHE B 97 -5.07 2.02 1.13
N ALA B 98 -5.30 0.72 1.19
CA ALA B 98 -4.52 -0.15 2.05
C ALA B 98 -3.73 -1.15 1.19
N PHE B 99 -2.71 -1.74 1.80
CA PHE B 99 -1.89 -2.71 1.10
C PHE B 99 -1.26 -3.70 2.09
N ILE B 100 -1.16 -4.93 1.65
CA ILE B 100 -0.59 -5.99 2.47
C ILE B 100 0.89 -6.15 2.12
N MET B 101 1.72 -6.15 3.16
CA MET B 101 3.15 -6.30 2.98
C MET B 101 3.70 -7.42 3.86
N ASP B 102 4.74 -8.08 3.36
CA ASP B 102 5.37 -9.16 4.10
C ASP B 102 6.60 -8.63 4.83
N THR B 103 6.63 -8.86 6.13
CA THR B 103 7.74 -8.41 6.96
C THR B 103 8.55 -9.61 7.44
N GLY B 104 7.87 -10.50 8.16
CA GLY B 104 8.51 -11.69 8.69
C GLY B 104 8.30 -12.89 7.77
N ASN B 105 8.60 -14.06 8.30
CA ASN B 105 8.43 -15.29 7.55
C ASN B 105 7.14 -15.23 6.73
N GLN B 106 6.03 -15.50 7.41
CA GLN B 106 4.74 -15.47 6.77
C GLN B 106 3.88 -14.34 7.37
N ARG B 107 4.47 -13.60 8.28
CA ARG B 107 3.78 -12.50 8.92
C ARG B 107 3.53 -11.38 7.91
N PHE B 108 2.28 -10.92 7.90
CA PHE B 108 1.88 -9.85 7.00
C PHE B 108 1.31 -8.67 7.77
N GLU B 109 1.33 -7.51 7.11
CA GLU B 109 0.82 -6.30 7.72
C GLU B 109 -0.01 -5.50 6.71
N CYS B 110 -0.99 -4.78 7.23
CA CYS B 110 -1.86 -3.98 6.39
C CYS B 110 -1.71 -2.51 6.80
N HIS B 111 -1.41 -1.68 5.81
CA HIS B 111 -1.23 -0.26 6.05
C HIS B 111 -2.24 0.53 5.21
N VAL B 112 -3.20 1.11 5.91
CA VAL B 112 -4.23 1.90 5.24
C VAL B 112 -3.78 3.36 5.16
N PHE B 113 -4.47 4.11 4.31
CA PHE B 113 -4.15 5.51 4.13
C PHE B 113 -5.35 6.29 3.60
N TRP B 114 -5.35 7.59 3.85
CA TRP B 114 -6.43 8.45 3.41
C TRP B 114 -5.88 9.37 2.32
N CYS B 115 -6.40 9.19 1.11
CA CYS B 115 -5.96 10.01 -0.02
C CYS B 115 -7.13 10.91 -0.43
N GLU B 116 -6.78 12.08 -0.95
CA GLU B 116 -7.78 13.03 -1.39
C GLU B 116 -7.44 13.56 -2.78
N PRO B 117 -8.48 13.62 -3.66
CA PRO B 117 -9.81 13.20 -3.26
C PRO B 117 -9.91 11.67 -3.18
N ASN B 118 -9.58 11.04 -4.29
CA ASN B 118 -9.62 9.59 -4.38
C ASN B 118 -8.20 9.03 -4.39
N ALA B 119 -8.10 7.72 -4.35
CA ALA B 119 -6.81 7.05 -4.35
C ALA B 119 -6.48 6.59 -5.77
N ALA B 120 -6.77 7.47 -6.73
CA ALA B 120 -6.51 7.17 -8.12
C ALA B 120 -5.05 7.47 -8.44
N ASN B 121 -4.48 8.38 -7.66
CA ASN B 121 -3.10 8.76 -7.84
C ASN B 121 -2.21 7.90 -6.96
N VAL B 122 -2.66 7.71 -5.73
CA VAL B 122 -1.91 6.90 -4.78
C VAL B 122 -1.85 5.45 -5.27
N SER B 123 -3.03 4.86 -5.37
CA SER B 123 -3.14 3.47 -5.83
C SER B 123 -2.41 3.32 -7.16
N GLU B 124 -2.52 4.34 -7.99
CA GLU B 124 -1.89 4.33 -9.30
C GLU B 124 -0.37 4.26 -9.15
N ALA B 125 0.17 5.23 -8.43
CA ALA B 125 1.61 5.28 -8.20
C ALA B 125 2.07 3.95 -7.62
N VAL B 126 1.13 3.22 -7.06
CA VAL B 126 1.44 1.93 -6.46
C VAL B 126 1.20 0.82 -7.49
N GLN B 127 0.22 1.06 -8.35
CA GLN B 127 -0.12 0.10 -9.39
C GLN B 127 0.99 0.06 -10.44
N ALA B 128 1.45 1.24 -10.83
CA ALA B 128 2.50 1.35 -11.82
C ALA B 128 3.84 0.98 -11.18
N ALA B 129 3.87 1.07 -9.86
CA ALA B 129 5.08 0.75 -9.12
C ALA B 129 5.36 -0.75 -9.20
N CYS B 130 4.28 -1.51 -9.07
CA CYS B 130 4.39 -2.97 -9.14
C CYS B 130 4.83 -3.36 -10.54
N SER B 131 4.14 -2.79 -11.52
CA SER B 131 4.44 -3.07 -12.92
C SER B 131 3.56 -2.20 -13.83
N GLY B 132 4.06 -1.00 -14.09
CA GLY B 132 3.33 -0.06 -14.94
C GLY B 132 3.31 -0.55 -16.38
N PRO B 133 3.57 0.39 -17.32
CA PRO B 133 3.58 0.07 -18.73
C PRO B 133 4.84 -0.70 -19.11
N SER B 134 4.86 -1.16 -20.36
CA SER B 134 6.00 -1.92 -20.86
C SER B 134 7.19 -0.98 -21.09
N SER B 135 8.05 -0.91 -20.08
CA SER B 135 9.23 -0.07 -20.15
C SER B 135 10.43 -0.88 -20.62
N GLY B 136 11.36 -0.19 -21.26
CA GLY B 136 12.56 -0.83 -21.76
C GLY B 136 12.50 -1.04 -23.28
N ASP A 1 -24.50 -0.39 -17.38
CA ASP A 1 -23.25 -0.23 -18.09
C ASP A 1 -23.24 1.13 -18.81
N ALA A 2 -22.24 1.93 -18.47
CA ALA A 2 -22.11 3.25 -19.06
C ALA A 2 -20.63 3.65 -19.09
N ALA A 3 -20.36 4.78 -19.72
CA ALA A 3 -19.00 5.28 -19.82
C ALA A 3 -18.75 6.30 -18.71
N VAL A 4 -18.83 5.82 -17.48
CA VAL A 4 -18.62 6.68 -16.33
C VAL A 4 -17.20 7.25 -16.38
N THR A 5 -16.79 7.85 -15.27
CA THR A 5 -15.46 8.44 -15.18
C THR A 5 -14.39 7.35 -15.33
N PRO A 6 -13.25 7.76 -15.94
CA PRO A 6 -12.15 6.84 -16.15
C PRO A 6 -11.39 6.58 -14.85
N GLU A 7 -11.06 7.68 -14.17
CA GLU A 7 -10.34 7.59 -12.91
C GLU A 7 -11.13 6.77 -11.90
N GLU A 8 -12.39 7.16 -11.72
CA GLU A 8 -13.26 6.47 -10.79
C GLU A 8 -13.25 4.96 -11.06
N ARG A 9 -13.39 4.61 -12.33
CA ARG A 9 -13.40 3.22 -12.73
C ARG A 9 -12.23 2.48 -12.07
N HIS A 10 -11.03 2.89 -12.42
CA HIS A 10 -9.83 2.29 -11.87
C HIS A 10 -10.04 2.01 -10.38
N LEU A 11 -10.53 3.02 -9.68
CA LEU A 11 -10.78 2.90 -8.26
C LEU A 11 -11.90 1.88 -8.02
N SER A 12 -13.02 2.13 -8.69
CA SER A 12 -14.16 1.25 -8.56
C SER A 12 -13.73 -0.22 -8.67
N LYS A 13 -12.60 -0.41 -9.34
CA LYS A 13 -12.07 -1.75 -9.54
C LYS A 13 -11.43 -2.22 -8.22
N MET A 14 -10.41 -1.50 -7.80
CA MET A 14 -9.72 -1.84 -6.57
C MET A 14 -10.64 -1.70 -5.36
N GLN A 15 -11.80 -1.12 -5.61
CA GLN A 15 -12.79 -0.92 -4.56
C GLN A 15 -13.37 -2.26 -4.11
N GLN A 16 -13.36 -3.21 -5.04
CA GLN A 16 -13.88 -4.54 -4.75
C GLN A 16 -13.01 -5.61 -5.41
N ASN A 17 -12.65 -5.34 -6.67
CA ASN A 17 -11.82 -6.26 -7.42
C ASN A 17 -10.40 -6.25 -6.85
N GLY A 18 -10.05 -5.13 -6.23
CA GLY A 18 -8.74 -4.97 -5.65
C GLY A 18 -7.64 -5.20 -6.69
N TYR A 19 -6.46 -5.55 -6.19
CA TYR A 19 -5.32 -5.80 -7.07
C TYR A 19 -4.33 -6.76 -6.42
N GLU A 20 -3.86 -7.70 -7.23
CA GLU A 20 -2.91 -8.69 -6.74
C GLU A 20 -1.52 -8.42 -7.33
N ASN A 21 -0.71 -7.70 -6.58
CA ASN A 21 0.63 -7.37 -7.01
C ASN A 21 1.41 -8.66 -7.28
N PRO A 22 1.99 -8.75 -8.50
CA PRO A 22 2.76 -9.91 -8.89
C PRO A 22 4.13 -9.92 -8.21
N THR A 23 5.03 -10.72 -8.77
CA THR A 23 6.37 -10.83 -8.23
C THR A 23 6.35 -11.58 -6.90
N TYR A 24 5.57 -11.05 -5.96
CA TYR A 24 5.45 -11.66 -4.65
C TYR A 24 5.48 -13.18 -4.75
N LYS A 25 4.72 -13.70 -5.71
CA LYS A 25 4.66 -15.13 -5.93
C LYS A 25 3.98 -15.79 -4.72
N PHE A 26 3.29 -16.89 -4.99
CA PHE A 26 2.61 -17.63 -3.93
C PHE A 26 1.98 -18.91 -4.47
N PHE A 27 1.70 -19.83 -3.55
CA PHE A 27 1.10 -21.09 -3.92
C PHE A 27 1.92 -21.78 -5.02
N GLU A 28 2.92 -22.52 -4.59
CA GLU A 28 3.78 -23.24 -5.52
C GLU A 28 3.00 -24.36 -6.21
N GLN A 29 3.23 -24.49 -7.51
CA GLN A 29 2.57 -25.52 -8.29
C GLN A 29 2.77 -26.90 -7.65
N MET A 30 4.04 -27.26 -7.52
CA MET A 30 4.39 -28.55 -6.93
C MET A 30 3.89 -28.63 -5.48
N GLN A 31 4.30 -27.66 -4.69
CA GLN A 31 3.90 -27.62 -3.28
C GLN A 31 4.49 -26.37 -2.61
N ASN A 32 3.80 -25.94 -1.56
CA ASN A 32 4.23 -24.77 -0.82
C ASN A 32 5.49 -25.11 -0.02
N GLY B 1 21.27 7.40 20.05
CA GLY B 1 22.06 6.54 19.18
C GLY B 1 21.76 6.83 17.70
N SER B 2 22.66 7.56 17.07
CA SER B 2 22.50 7.91 15.67
C SER B 2 23.79 8.51 15.13
N SER B 3 24.34 7.84 14.12
CA SER B 3 25.58 8.30 13.51
C SER B 3 25.78 7.62 12.16
N GLY B 4 26.65 8.21 11.35
CA GLY B 4 26.93 7.68 10.03
C GLY B 4 27.28 8.79 9.05
N SER B 5 28.50 8.72 8.53
CA SER B 5 28.98 9.72 7.59
C SER B 5 30.19 9.18 6.82
N SER B 6 29.91 8.67 5.63
CA SER B 6 30.97 8.12 4.79
C SER B 6 30.39 7.70 3.44
N GLY B 7 31.06 8.13 2.38
CA GLY B 7 30.64 7.80 1.03
C GLY B 7 29.75 8.91 0.46
N PRO B 8 29.86 9.08 -0.89
CA PRO B 8 29.08 10.11 -1.57
C PRO B 8 27.62 9.68 -1.70
N THR B 9 26.81 10.59 -2.25
CA THR B 9 25.40 10.32 -2.44
C THR B 9 24.97 10.67 -3.86
N PRO B 10 24.07 9.83 -4.42
CA PRO B 10 23.58 10.04 -5.78
C PRO B 10 22.57 11.19 -5.81
N LYS B 11 22.28 11.63 -7.03
CA LYS B 11 21.33 12.72 -7.21
C LYS B 11 20.14 12.21 -8.02
N THR B 12 19.43 11.25 -7.44
CA THR B 12 18.27 10.68 -8.09
C THR B 12 17.13 11.71 -8.15
N GLU B 13 16.46 11.72 -9.30
CA GLU B 13 15.35 12.65 -9.51
C GLU B 13 14.34 12.53 -8.36
N LEU B 14 13.61 13.61 -8.16
CA LEU B 14 12.61 13.64 -7.10
C LEU B 14 11.55 12.57 -7.38
N VAL B 15 11.42 11.65 -6.46
CA VAL B 15 10.46 10.57 -6.58
C VAL B 15 9.05 11.17 -6.72
N GLN B 16 8.09 10.28 -6.89
CA GLN B 16 6.70 10.70 -7.04
C GLN B 16 6.20 11.32 -5.73
N LYS B 17 6.29 10.53 -4.68
CA LYS B 17 5.85 10.99 -3.37
C LYS B 17 4.34 11.27 -3.41
N PHE B 18 3.71 11.10 -2.26
CA PHE B 18 2.27 11.34 -2.16
C PHE B 18 1.88 11.63 -0.71
N ARG B 19 1.44 12.87 -0.49
CA ARG B 19 1.04 13.30 0.83
C ARG B 19 -0.37 12.77 1.15
N VAL B 20 -0.45 11.99 2.22
CA VAL B 20 -1.71 11.42 2.64
C VAL B 20 -1.72 11.25 4.16
N GLN B 21 -2.64 10.43 4.63
CA GLN B 21 -2.77 10.17 6.05
C GLN B 21 -2.39 8.71 6.35
N TYR B 22 -2.28 8.43 7.64
CA TYR B 22 -1.94 7.08 8.08
C TYR B 22 -2.97 6.55 9.09
N LEU B 23 -3.85 5.71 8.58
CA LEU B 23 -4.89 5.13 9.42
C LEU B 23 -4.24 4.28 10.52
N GLY B 24 -3.17 3.59 10.12
CA GLY B 24 -2.45 2.74 11.06
C GLY B 24 -2.22 1.35 10.47
N MET B 25 -1.74 0.45 11.32
CA MET B 25 -1.47 -0.92 10.89
C MET B 25 -2.55 -1.87 11.43
N LEU B 26 -3.05 -2.70 10.52
CA LEU B 26 -4.08 -3.67 10.88
C LEU B 26 -3.54 -5.07 10.66
N PRO B 27 -3.72 -5.93 11.70
CA PRO B 27 -3.26 -7.32 11.62
C PRO B 27 -4.18 -8.15 10.74
N VAL B 28 -3.57 -8.84 9.79
CA VAL B 28 -4.32 -9.68 8.86
C VAL B 28 -3.88 -11.14 9.05
N ASP B 29 -4.33 -11.97 8.12
CA ASP B 29 -3.99 -13.38 8.15
C ASP B 29 -3.49 -13.82 6.77
N ARG B 30 -4.31 -13.52 5.77
CA ARG B 30 -3.96 -13.88 4.40
C ARG B 30 -3.25 -12.72 3.71
N PRO B 31 -2.36 -13.10 2.74
CA PRO B 31 -1.60 -12.09 2.01
C PRO B 31 -2.48 -11.39 0.98
N VAL B 32 -3.45 -12.13 0.46
CA VAL B 32 -4.36 -11.59 -0.53
C VAL B 32 -5.80 -11.92 -0.12
N GLY B 33 -6.66 -10.90 -0.21
CA GLY B 33 -8.05 -11.07 0.14
C GLY B 33 -8.74 -9.71 0.33
N MET B 34 -9.63 -9.42 -0.61
CA MET B 34 -10.37 -8.17 -0.57
C MET B 34 -11.27 -8.09 0.66
N ASP B 35 -11.38 -9.23 1.34
CA ASP B 35 -12.22 -9.30 2.53
C ASP B 35 -11.36 -8.99 3.76
N THR B 36 -10.10 -9.38 3.68
CA THR B 36 -9.18 -9.14 4.78
C THR B 36 -8.68 -7.69 4.76
N LEU B 37 -8.52 -7.18 3.55
CA LEU B 37 -8.06 -5.80 3.39
C LEU B 37 -9.12 -4.85 3.95
N ASN B 38 -10.28 -4.84 3.31
CA ASN B 38 -11.37 -3.98 3.74
C ASN B 38 -11.46 -4.01 5.27
N SER B 39 -11.51 -5.23 5.80
CA SER B 39 -11.60 -5.40 7.25
C SER B 39 -10.71 -4.38 7.96
N ALA B 40 -9.49 -4.26 7.46
CA ALA B 40 -8.53 -3.33 8.04
C ALA B 40 -9.10 -1.91 7.95
N ILE B 41 -9.25 -1.44 6.72
CA ILE B 41 -9.78 -0.11 6.48
C ILE B 41 -10.97 0.13 7.42
N GLU B 42 -11.80 -0.88 7.53
CA GLU B 42 -12.98 -0.79 8.39
C GLU B 42 -12.56 -0.71 9.86
N ASN B 43 -11.65 -1.60 10.23
CA ASN B 43 -11.16 -1.63 11.60
C ASN B 43 -10.56 -0.27 11.96
N LEU B 44 -9.44 0.03 11.32
CA LEU B 44 -8.76 1.29 11.56
C LEU B 44 -9.78 2.42 11.56
N MET B 45 -10.57 2.46 10.50
CA MET B 45 -11.59 3.49 10.36
C MET B 45 -12.23 3.80 11.72
N THR B 46 -12.63 2.74 12.40
CA THR B 46 -13.26 2.88 13.70
C THR B 46 -12.20 2.92 14.81
N SER B 47 -11.15 2.15 14.60
CA SER B 47 -10.07 2.08 15.57
C SER B 47 -9.79 3.47 16.15
N SER B 48 -9.25 4.33 15.29
CA SER B 48 -8.94 5.69 15.69
C SER B 48 -9.86 6.68 14.98
N SER B 49 -9.60 7.96 15.22
CA SER B 49 -10.39 9.01 14.59
C SER B 49 -9.77 9.41 13.26
N LYS B 50 -10.37 10.42 12.64
CA LYS B 50 -9.89 10.91 11.36
C LYS B 50 -8.76 11.91 11.59
N GLU B 51 -8.88 12.66 12.68
CA GLU B 51 -7.88 13.64 13.03
C GLU B 51 -6.65 12.97 13.65
N ASP B 52 -6.88 11.78 14.16
CA ASP B 52 -5.81 11.01 14.79
C ASP B 52 -4.81 10.57 13.72
N TRP B 53 -5.35 10.25 12.55
CA TRP B 53 -4.52 9.81 11.44
C TRP B 53 -3.49 10.91 11.15
N PRO B 54 -2.21 10.59 11.46
CA PRO B 54 -1.13 11.53 11.24
C PRO B 54 -0.79 11.65 9.76
N SER B 55 -0.23 12.79 9.39
CA SER B 55 0.15 13.04 8.01
C SER B 55 1.49 12.37 7.71
N VAL B 56 1.50 11.62 6.61
CA VAL B 56 2.70 10.92 6.18
C VAL B 56 2.99 11.24 4.72
N ASN B 57 4.13 10.76 4.26
CA ASN B 57 4.54 10.99 2.88
C ASN B 57 4.89 9.65 2.23
N MET B 58 4.00 9.22 1.35
CA MET B 58 4.19 7.96 0.64
C MET B 58 5.12 8.14 -0.56
N ASN B 59 6.33 7.60 -0.41
CA ASN B 59 7.32 7.69 -1.48
C ASN B 59 7.22 6.45 -2.36
N VAL B 60 6.98 6.70 -3.65
CA VAL B 60 6.87 5.61 -4.61
C VAL B 60 7.92 5.79 -5.71
N ALA B 61 8.92 4.92 -5.69
CA ALA B 61 9.98 4.98 -6.67
C ALA B 61 10.73 3.65 -6.69
N ASP B 62 11.53 3.47 -7.73
CA ASP B 62 12.31 2.25 -7.87
C ASP B 62 11.44 1.05 -7.47
N ALA B 63 10.14 1.22 -7.68
CA ALA B 63 9.20 0.15 -7.35
C ALA B 63 9.25 -0.12 -5.84
N THR B 64 9.16 0.96 -5.08
CA THR B 64 9.19 0.85 -3.63
C THR B 64 8.29 1.90 -2.99
N VAL B 65 7.44 1.43 -2.09
CA VAL B 65 6.51 2.32 -1.41
C VAL B 65 6.97 2.51 0.04
N THR B 66 7.53 3.70 0.30
CA THR B 66 8.02 4.02 1.62
C THR B 66 7.23 5.20 2.20
N VAL B 67 6.80 5.03 3.44
CA VAL B 67 6.05 6.07 4.12
C VAL B 67 6.97 6.83 5.07
N ILE B 68 7.40 7.99 4.63
CA ILE B 68 8.29 8.83 5.43
C ILE B 68 7.46 9.84 6.22
N SER B 69 8.03 10.30 7.33
CA SER B 69 7.36 11.26 8.17
C SER B 69 7.21 12.59 7.44
N GLU B 70 5.96 12.99 7.23
CA GLU B 70 5.67 14.24 6.55
C GLU B 70 6.68 15.31 6.96
N LYS B 71 6.89 15.43 8.27
CA LYS B 71 7.82 16.41 8.80
C LYS B 71 9.22 16.10 8.28
N ASN B 72 9.93 15.28 9.04
CA ASN B 72 11.28 14.89 8.67
C ASN B 72 11.24 13.95 7.47
N GLU B 73 11.96 14.34 6.42
CA GLU B 73 12.01 13.54 5.21
C GLU B 73 13.02 12.41 5.37
N GLU B 74 13.75 12.44 6.47
CA GLU B 74 14.74 11.43 6.75
C GLU B 74 14.29 10.55 7.92
N GLU B 75 12.98 10.42 8.06
CA GLU B 75 12.40 9.62 9.12
C GLU B 75 11.37 8.64 8.55
N VAL B 76 11.88 7.55 7.99
CA VAL B 76 11.02 6.53 7.41
C VAL B 76 10.05 6.03 8.47
N LEU B 77 8.91 5.55 8.01
CA LEU B 77 7.88 5.04 8.91
C LEU B 77 7.52 3.61 8.50
N VAL B 78 7.17 3.45 7.22
CA VAL B 78 6.81 2.16 6.70
C VAL B 78 7.48 1.95 5.34
N GLU B 79 8.02 0.75 5.16
CA GLU B 79 8.70 0.42 3.91
C GLU B 79 7.98 -0.75 3.22
N CYS B 80 7.08 -0.39 2.31
CA CYS B 80 6.32 -1.39 1.58
C CYS B 80 7.00 -1.61 0.23
N ARG B 81 7.89 -2.59 0.20
CA ARG B 81 8.62 -2.91 -1.02
C ARG B 81 7.69 -3.57 -2.03
N VAL B 82 7.49 -2.88 -3.15
CA VAL B 82 6.63 -3.38 -4.20
C VAL B 82 6.98 -4.86 -4.47
N ARG B 83 8.21 -5.21 -4.15
CA ARG B 83 8.67 -6.57 -4.35
C ARG B 83 8.02 -7.51 -3.31
N PHE B 84 7.97 -7.03 -2.09
CA PHE B 84 7.39 -7.82 -1.00
C PHE B 84 5.86 -7.71 -1.02
N LEU B 85 5.39 -6.54 -1.42
CA LEU B 85 3.96 -6.30 -1.48
C LEU B 85 3.26 -7.54 -2.04
N SER B 86 2.00 -7.69 -1.65
CA SER B 86 1.21 -8.83 -2.11
C SER B 86 -0.10 -8.34 -2.72
N PHE B 87 -0.88 -7.63 -1.90
CA PHE B 87 -2.16 -7.10 -2.35
C PHE B 87 -2.29 -5.62 -1.98
N MET B 88 -3.22 -4.96 -2.66
CA MET B 88 -3.47 -3.55 -2.42
C MET B 88 -4.74 -3.09 -3.12
N GLY B 89 -5.51 -2.28 -2.41
CA GLY B 89 -6.75 -1.76 -2.95
C GLY B 89 -7.39 -0.74 -1.99
N VAL B 90 -8.72 -0.68 -2.05
CA VAL B 90 -9.45 0.24 -1.19
C VAL B 90 -10.61 -0.51 -0.54
N GLY B 91 -11.21 0.14 0.45
CA GLY B 91 -12.33 -0.45 1.17
C GLY B 91 -13.67 0.00 0.57
N LYS B 92 -14.31 0.90 1.30
CA LYS B 92 -15.59 1.44 0.85
C LYS B 92 -15.37 2.79 0.17
N ASP B 93 -14.48 3.57 0.76
CA ASP B 93 -14.17 4.88 0.22
C ASP B 93 -12.91 4.79 -0.64
N VAL B 94 -12.90 5.57 -1.72
CA VAL B 94 -11.77 5.58 -2.63
C VAL B 94 -10.66 6.44 -2.03
N HIS B 95 -11.05 7.35 -1.16
CA HIS B 95 -10.09 8.23 -0.51
C HIS B 95 -9.13 7.41 0.34
N THR B 96 -9.52 6.17 0.58
CA THR B 96 -8.71 5.26 1.38
C THR B 96 -7.90 4.33 0.48
N PHE B 97 -6.76 3.89 1.00
CA PHE B 97 -5.90 2.99 0.25
C PHE B 97 -5.00 2.19 1.19
N ALA B 98 -5.24 0.88 1.21
CA ALA B 98 -4.47 -0.01 2.05
C ALA B 98 -3.69 -1.00 1.18
N PHE B 99 -2.72 -1.66 1.80
CA PHE B 99 -1.90 -2.62 1.09
C PHE B 99 -1.26 -3.62 2.06
N ILE B 100 -1.17 -4.86 1.60
CA ILE B 100 -0.59 -5.91 2.42
C ILE B 100 0.89 -6.05 2.07
N MET B 101 1.72 -5.98 3.11
CA MET B 101 3.16 -6.11 2.92
C MET B 101 3.72 -7.27 3.74
N ASP B 102 4.69 -7.95 3.16
CA ASP B 102 5.31 -9.08 3.82
C ASP B 102 6.57 -8.62 4.55
N THR B 103 6.52 -8.71 5.87
CA THR B 103 7.64 -8.30 6.69
C THR B 103 8.69 -9.43 6.78
N GLY B 104 8.19 -10.64 6.94
CA GLY B 104 9.06 -11.80 7.03
C GLY B 104 8.26 -13.10 6.85
N ASN B 105 7.94 -13.71 7.99
CA ASN B 105 7.17 -14.95 7.97
C ASN B 105 5.79 -14.69 7.38
N GLN B 106 5.02 -15.76 7.27
CA GLN B 106 3.67 -15.66 6.73
C GLN B 106 3.00 -14.36 7.18
N ARG B 107 3.10 -14.11 8.49
CA ARG B 107 2.51 -12.91 9.06
C ARG B 107 2.60 -11.75 8.06
N PHE B 108 1.49 -11.05 7.93
CA PHE B 108 1.42 -9.92 7.02
C PHE B 108 0.86 -8.68 7.72
N GLU B 109 1.22 -7.52 7.18
CA GLU B 109 0.77 -6.25 7.74
C GLU B 109 0.05 -5.43 6.67
N CYS B 110 -1.04 -4.82 7.09
CA CYS B 110 -1.82 -3.99 6.18
C CYS B 110 -1.75 -2.54 6.67
N HIS B 111 -1.32 -1.67 5.76
CA HIS B 111 -1.19 -0.25 6.09
C HIS B 111 -2.21 0.55 5.27
N VAL B 112 -3.19 1.09 5.98
CA VAL B 112 -4.23 1.87 5.34
C VAL B 112 -3.81 3.35 5.32
N PHE B 113 -4.47 4.11 4.47
CA PHE B 113 -4.18 5.53 4.36
C PHE B 113 -5.40 6.31 3.88
N TRP B 114 -5.32 7.63 4.01
CA TRP B 114 -6.42 8.48 3.60
C TRP B 114 -5.86 9.51 2.60
N CYS B 115 -6.00 9.19 1.33
CA CYS B 115 -5.51 10.08 0.28
C CYS B 115 -6.64 11.05 -0.08
N GLU B 116 -6.25 12.13 -0.75
CA GLU B 116 -7.21 13.14 -1.15
C GLU B 116 -6.88 13.65 -2.56
N PRO B 117 -7.95 13.73 -3.40
CA PRO B 117 -9.28 13.37 -2.97
C PRO B 117 -9.43 11.85 -2.88
N ASN B 118 -9.18 11.19 -4.01
CA ASN B 118 -9.27 9.75 -4.07
C ASN B 118 -7.87 9.14 -4.08
N ALA B 119 -7.83 7.82 -4.11
CA ALA B 119 -6.56 7.10 -4.11
C ALA B 119 -6.30 6.58 -5.52
N ALA B 120 -6.61 7.41 -6.51
CA ALA B 120 -6.41 7.04 -7.90
C ALA B 120 -4.93 7.18 -8.24
N ASN B 121 -4.36 8.31 -7.87
CA ASN B 121 -2.96 8.57 -8.14
C ASN B 121 -2.10 7.67 -7.24
N VAL B 122 -2.46 7.63 -5.97
CA VAL B 122 -1.74 6.82 -5.01
C VAL B 122 -1.71 5.36 -5.50
N SER B 123 -2.89 4.74 -5.47
CA SER B 123 -3.01 3.36 -5.91
C SER B 123 -2.35 3.18 -7.27
N GLU B 124 -2.44 4.21 -8.09
CA GLU B 124 -1.85 4.18 -9.42
C GLU B 124 -0.33 4.12 -9.32
N ALA B 125 0.23 5.12 -8.64
CA ALA B 125 1.67 5.19 -8.47
C ALA B 125 2.18 3.86 -7.91
N VAL B 126 1.26 3.14 -7.27
CA VAL B 126 1.61 1.85 -6.68
C VAL B 126 1.30 0.74 -7.69
N GLN B 127 0.32 1.01 -8.54
CA GLN B 127 -0.08 0.05 -9.55
C GLN B 127 0.97 -0.04 -10.65
N ALA B 128 1.57 1.10 -10.95
CA ALA B 128 2.60 1.17 -11.97
C ALA B 128 3.94 0.74 -11.38
N ALA B 129 4.02 0.85 -10.06
CA ALA B 129 5.24 0.47 -9.36
C ALA B 129 5.36 -1.05 -9.32
N CYS B 130 4.24 -1.68 -8.97
CA CYS B 130 4.20 -3.13 -8.88
C CYS B 130 4.83 -3.71 -10.15
N SER B 131 4.37 -3.19 -11.28
CA SER B 131 4.86 -3.63 -12.57
C SER B 131 4.56 -2.59 -13.64
N GLY B 132 3.28 -2.26 -13.75
CA GLY B 132 2.83 -1.28 -14.73
C GLY B 132 2.83 -1.87 -16.14
N PRO B 133 2.19 -1.13 -17.08
CA PRO B 133 2.11 -1.57 -18.46
C PRO B 133 3.45 -1.39 -19.17
N SER B 134 3.60 -2.11 -20.28
CA SER B 134 4.81 -2.04 -21.06
C SER B 134 4.48 -1.71 -22.51
N SER B 135 5.40 -0.99 -23.15
CA SER B 135 5.23 -0.61 -24.54
C SER B 135 6.49 -0.92 -25.34
N GLY B 136 6.30 -1.08 -26.64
CA GLY B 136 7.42 -1.39 -27.52
C GLY B 136 7.76 -0.20 -28.40
#